data_8TOB
#
_entry.id   8TOB
#
_cell.length_a   1.00
_cell.length_b   1.00
_cell.length_c   1.00
_cell.angle_alpha   90.00
_cell.angle_beta   90.00
_cell.angle_gamma   90.00
#
_symmetry.space_group_name_H-M   'P 1'
#
loop_
_entity.id
_entity.type
_entity.pdbx_description
1 polymer 'Fimbrial protein'
2 polymer 'Fimbrial protein'
#
loop_
_entity_poly.entity_id
_entity_poly.type
_entity_poly.pdbx_seq_one_letter_code
_entity_poly.pdbx_strand_id
1 'polypeptide(L)' TLIELMIVVAIIGILAAIAIPQYQNYIAKSQVSRVMSETGSLKTVIETCILDGKTAANCELGWTNSNLLG GA,HA,IA,JA,KA,LA,MA,NA,OA,PA,QA,RA,SA,TA,UA,VA,AA,BA,CA,DA,EA,FA
2 'polypeptide(L)' STAAVTGQTGLTITYPASATESAAIQGTFGNSAAIKIKNQTLTWTRTPEGAWSCATTVEAKFKPAGCAS GB,HB,IB,JB,KB,LB,MB,NB,OB,PB,QB,RB,SB,TB,UB,VB,AB,BB,CB,DB,EB,FB
#
# COMPACT_ATOMS: atom_id res chain seq x y z
N THR A 1 -66.92 -32.20 65.84
CA THR A 1 -67.93 -31.21 66.24
C THR A 1 -68.29 -30.29 65.08
N LEU A 2 -69.46 -29.68 65.15
CA LEU A 2 -69.96 -28.86 64.05
C LEU A 2 -69.13 -27.60 63.87
N ILE A 3 -68.69 -26.99 64.98
CA ILE A 3 -67.99 -25.71 64.90
C ILE A 3 -66.65 -25.90 64.19
N GLU A 4 -65.99 -27.04 64.40
CA GLU A 4 -64.73 -27.31 63.70
C GLU A 4 -64.94 -27.41 62.21
N LEU A 5 -66.00 -28.10 61.78
CA LEU A 5 -66.29 -28.20 60.34
C LEU A 5 -66.65 -26.84 59.76
N MET A 6 -67.38 -26.02 60.52
CA MET A 6 -67.69 -24.67 60.05
C MET A 6 -66.43 -23.83 59.91
N ILE A 7 -65.49 -23.97 60.85
CA ILE A 7 -64.22 -23.26 60.73
C ILE A 7 -63.45 -23.74 59.51
N VAL A 8 -63.49 -25.04 59.24
CA VAL A 8 -62.84 -25.58 58.04
C VAL A 8 -63.46 -24.99 56.78
N VAL A 9 -64.79 -24.90 56.75
CA VAL A 9 -65.48 -24.33 55.59
C VAL A 9 -65.11 -22.86 55.43
N ALA A 10 -65.03 -22.12 56.54
CA ALA A 10 -64.64 -20.72 56.48
C ALA A 10 -63.23 -20.56 55.94
N ILE A 11 -62.31 -21.43 56.37
CA ILE A 11 -60.94 -21.38 55.89
C ILE A 11 -60.90 -21.69 54.40
N ILE A 12 -61.68 -22.67 53.95
CA ILE A 12 -61.74 -22.99 52.53
C ILE A 12 -62.25 -21.80 51.73
N GLY A 13 -63.29 -21.14 52.23
CA GLY A 13 -63.81 -19.96 51.55
C GLY A 13 -62.80 -18.83 51.51
N ILE A 14 -62.05 -18.65 52.59
CA ILE A 14 -61.02 -17.61 52.63
C ILE A 14 -59.93 -17.91 51.59
N LEU A 15 -59.50 -19.17 51.53
CA LEU A 15 -58.43 -19.53 50.59
C LEU A 15 -58.89 -19.41 49.15
N ALA A 16 -60.14 -19.79 48.87
CA ALA A 16 -60.64 -19.74 47.50
C ALA A 16 -60.82 -18.31 46.99
N ALA A 17 -60.94 -17.33 47.89
CA ALA A 17 -61.18 -15.94 47.52
C ALA A 17 -59.90 -15.12 47.45
N ILE A 18 -58.76 -15.76 47.18
CA ILE A 18 -57.50 -15.03 47.10
C ILE A 18 -57.50 -14.12 45.88
N ALA A 19 -56.90 -12.94 46.03
CA ALA A 19 -56.85 -11.98 44.94
C ALA A 19 -55.85 -12.44 43.88
N ILE A 20 -56.29 -12.45 42.63
CA ILE A 20 -55.48 -12.90 41.51
C ILE A 20 -54.94 -11.68 40.79
N PRO A 21 -53.62 -11.48 40.72
CA PRO A 21 -53.08 -10.34 39.97
C PRO A 21 -53.33 -10.49 38.48
N GLN A 22 -53.32 -9.36 37.79
CA GLN A 22 -53.53 -9.34 36.35
C GLN A 22 -52.28 -9.87 35.67
N TYR A 23 -52.21 -11.20 35.55
CA TYR A 23 -51.05 -11.84 34.93
C TYR A 23 -50.96 -11.58 33.44
N GLN A 24 -52.00 -11.01 32.83
CA GLN A 24 -51.95 -10.69 31.40
C GLN A 24 -50.81 -9.73 31.09
N ASN A 25 -50.50 -8.81 32.02
CA ASN A 25 -49.45 -7.84 31.78
C ASN A 25 -48.09 -8.51 31.58
N TYR A 26 -47.76 -9.49 32.43
CA TYR A 26 -46.46 -10.15 32.33
C TYR A 26 -46.32 -10.89 31.01
N ILE A 27 -47.34 -11.67 30.65
CA ILE A 27 -47.29 -12.43 29.40
C ILE A 27 -47.20 -11.51 28.20
N ALA A 28 -48.02 -10.45 28.19
CA ALA A 28 -48.00 -9.51 27.08
C ALA A 28 -46.64 -8.83 26.96
N LYS A 29 -46.07 -8.40 28.08
CA LYS A 29 -44.78 -7.74 28.03
C LYS A 29 -43.69 -8.68 27.54
N SER A 30 -43.71 -9.93 28.01
CA SER A 30 -42.71 -10.90 27.55
C SER A 30 -42.84 -11.18 26.07
N GLN A 31 -44.06 -11.34 25.57
CA GLN A 31 -44.27 -11.58 24.14
C GLN A 31 -43.82 -10.39 23.31
N VAL A 32 -44.13 -9.17 23.76
CA VAL A 32 -43.72 -7.98 23.03
C VAL A 32 -42.21 -7.85 23.02
N SER A 33 -41.54 -8.18 24.14
CA SER A 33 -40.08 -8.13 24.17
C SER A 33 -39.48 -9.17 23.23
N ARG A 34 -40.05 -10.37 23.19
CA ARG A 34 -39.56 -11.39 22.28
C ARG A 34 -39.69 -10.96 20.83
N VAL A 35 -40.84 -10.38 20.48
CA VAL A 35 -41.03 -9.87 19.12
C VAL A 35 -40.08 -8.73 18.83
N MET A 36 -39.83 -7.87 19.83
CA MET A 36 -38.84 -6.81 19.71
C MET A 36 -37.48 -7.37 19.31
N SER A 37 -37.00 -8.36 20.05
CA SER A 37 -35.70 -8.95 19.75
C SER A 37 -35.70 -9.61 18.38
N GLU A 38 -36.76 -10.36 18.06
CA GLU A 38 -36.81 -11.07 16.79
C GLU A 38 -36.77 -10.10 15.61
N THR A 39 -37.54 -9.01 15.69
CA THR A 39 -37.58 -8.06 14.60
C THR A 39 -36.30 -7.21 14.54
N GLY A 40 -35.68 -6.95 15.69
CA GLY A 40 -34.43 -6.21 15.69
C GLY A 40 -33.26 -7.02 15.18
N SER A 41 -33.36 -8.35 15.23
CA SER A 41 -32.30 -9.17 14.65
C SER A 41 -32.15 -8.95 13.15
N LEU A 42 -33.22 -8.54 12.47
CA LEU A 42 -33.17 -8.32 11.03
C LEU A 42 -32.55 -6.98 10.65
N LYS A 43 -32.30 -6.10 11.63
CA LYS A 43 -31.71 -4.80 11.32
C LYS A 43 -30.34 -4.96 10.68
N THR A 44 -29.55 -5.94 11.12
CA THR A 44 -28.22 -6.14 10.56
C THR A 44 -28.30 -6.44 9.07
N VAL A 45 -29.12 -7.42 8.68
CA VAL A 45 -29.19 -7.80 7.26
C VAL A 45 -29.82 -6.69 6.45
N ILE A 46 -30.82 -6.00 6.98
CA ILE A 46 -31.44 -4.90 6.23
C ILE A 46 -30.43 -3.78 6.00
N GLU A 47 -29.67 -3.41 7.03
CA GLU A 47 -28.70 -2.34 6.89
C GLU A 47 -27.59 -2.73 5.92
N THR A 48 -27.12 -3.98 5.99
CA THR A 48 -26.09 -4.41 5.06
C THR A 48 -26.61 -4.40 3.62
N CYS A 49 -27.85 -4.84 3.40
CA CYS A 49 -28.43 -4.78 2.07
C CYS A 49 -28.53 -3.34 1.57
N ILE A 50 -28.98 -2.43 2.42
CA ILE A 50 -29.15 -1.04 2.01
C ILE A 50 -27.80 -0.42 1.67
N LEU A 51 -26.80 -0.65 2.52
CA LEU A 51 -25.48 -0.08 2.29
C LEU A 51 -24.73 -0.75 1.15
N ASP A 52 -25.14 -1.96 0.75
CA ASP A 52 -24.54 -2.63 -0.39
C ASP A 52 -25.18 -2.22 -1.71
N GLY A 53 -26.33 -1.55 -1.68
CA GLY A 53 -26.99 -1.13 -2.89
C GLY A 53 -27.90 -2.15 -3.53
N LYS A 54 -28.17 -3.27 -2.85
CA LYS A 54 -29.01 -4.30 -3.41
C LYS A 54 -30.48 -3.85 -3.43
N THR A 55 -31.25 -4.46 -4.32
CA THR A 55 -32.67 -4.19 -4.41
C THR A 55 -33.43 -5.00 -3.37
N ALA A 56 -34.74 -4.79 -3.30
CA ALA A 56 -35.56 -5.51 -2.33
C ALA A 56 -35.57 -7.01 -2.61
N ALA A 57 -35.66 -7.39 -3.89
CA ALA A 57 -35.71 -8.81 -4.24
C ALA A 57 -34.36 -9.50 -4.08
N ASN A 58 -33.27 -8.75 -4.08
CA ASN A 58 -31.94 -9.32 -3.99
C ASN A 58 -31.43 -9.41 -2.55
N CYS A 59 -32.19 -8.91 -1.58
CA CYS A 59 -31.79 -8.97 -0.18
C CYS A 59 -32.30 -10.28 0.42
N GLU A 60 -31.37 -11.14 0.84
CA GLU A 60 -31.71 -12.45 1.38
C GLU A 60 -31.87 -12.34 2.89
N LEU A 61 -33.09 -12.55 3.37
CA LEU A 61 -33.33 -12.56 4.80
C LEU A 61 -33.20 -13.97 5.36
N GLY A 62 -32.49 -14.10 6.47
CA GLY A 62 -32.38 -15.38 7.15
C GLY A 62 -33.51 -15.56 8.14
N TRP A 63 -34.72 -15.15 7.74
CA TRP A 63 -35.86 -15.17 8.64
C TRP A 63 -36.42 -16.58 8.80
N THR A 64 -36.71 -16.94 10.04
CA THR A 64 -37.40 -18.19 10.37
C THR A 64 -38.76 -17.83 10.96
N ASN A 65 -39.78 -18.62 10.63
CA ASN A 65 -41.12 -18.31 11.08
C ASN A 65 -41.20 -18.24 12.59
N SER A 66 -41.88 -17.21 13.08
CA SER A 66 -42.07 -16.98 14.52
C SER A 66 -43.50 -17.34 14.88
N ASN A 67 -43.67 -18.08 15.97
CA ASN A 67 -45.01 -18.49 16.38
C ASN A 67 -45.88 -17.35 16.87
N LEU A 68 -45.31 -16.17 17.08
CA LEU A 68 -46.07 -14.99 17.44
C LEU A 68 -46.42 -14.13 16.23
N LEU A 69 -46.08 -14.58 15.02
CA LEU A 69 -46.25 -13.85 13.77
C LEU A 69 -45.50 -12.52 13.75
N GLY A 70 -44.60 -12.27 14.69
CA GLY A 70 -43.86 -11.04 14.73
C GLY A 70 -42.72 -11.00 13.72
N THR B 1 34.45 21.29 -31.64
CA THR B 1 33.10 21.27 -32.19
C THR B 1 33.13 20.83 -33.65
N LEU B 2 31.99 20.34 -34.14
CA LEU B 2 31.91 19.89 -35.52
C LEU B 2 32.01 21.05 -36.50
N ILE B 3 31.47 22.21 -36.12
CA ILE B 3 31.47 23.36 -37.03
C ILE B 3 32.90 23.83 -37.30
N GLU B 4 33.76 23.79 -36.27
CA GLU B 4 35.15 24.18 -36.47
C GLU B 4 35.85 23.24 -37.45
N LEU B 5 35.63 21.93 -37.29
CA LEU B 5 36.24 20.98 -38.20
C LEU B 5 35.73 21.15 -39.62
N MET B 6 34.44 21.43 -39.77
CA MET B 6 33.90 21.67 -41.10
C MET B 6 34.46 22.95 -41.73
N ILE B 7 34.69 23.98 -40.91
CA ILE B 7 35.33 25.18 -41.40
C ILE B 7 36.76 24.88 -41.85
N VAL B 8 37.47 24.04 -41.10
CA VAL B 8 38.82 23.63 -41.49
C VAL B 8 38.77 22.88 -42.82
N VAL B 9 37.80 22.00 -42.98
CA VAL B 9 37.66 21.26 -44.24
C VAL B 9 37.37 22.22 -45.40
N ALA B 10 36.52 23.22 -45.16
CA ALA B 10 36.22 24.20 -46.19
C ALA B 10 37.46 24.99 -46.57
N ILE B 11 38.27 25.37 -45.58
CA ILE B 11 39.50 26.10 -45.87
C ILE B 11 40.46 25.23 -46.68
N ILE B 12 40.55 23.94 -46.33
CA ILE B 12 41.40 23.03 -47.09
C ILE B 12 40.93 22.94 -48.53
N GLY B 13 39.62 22.82 -48.74
CA GLY B 13 39.08 22.76 -50.09
C GLY B 13 39.33 24.05 -50.86
N ILE B 14 39.22 25.20 -50.19
CA ILE B 14 39.49 26.47 -50.85
C ILE B 14 40.95 26.55 -51.29
N LEU B 15 41.86 26.16 -50.40
CA LEU B 15 43.28 26.23 -50.72
C LEU B 15 43.65 25.25 -51.84
N ALA B 16 43.05 24.07 -51.83
CA ALA B 16 43.36 23.08 -52.86
C ALA B 16 42.87 23.52 -54.24
N ALA B 17 41.86 24.38 -54.29
CA ALA B 17 41.25 24.80 -55.54
C ALA B 17 41.91 26.04 -56.14
N ILE B 18 43.18 26.29 -55.81
CA ILE B 18 43.88 27.45 -56.36
C ILE B 18 44.08 27.26 -57.86
N ALA B 19 44.23 28.38 -58.57
CA ALA B 19 44.36 28.35 -60.02
C ALA B 19 45.83 28.40 -60.42
N ILE B 20 46.24 27.43 -61.24
CA ILE B 20 47.60 27.37 -61.75
C ILE B 20 47.68 28.27 -62.97
N PRO B 21 48.57 29.26 -63.01
CA PRO B 21 48.55 30.23 -64.10
C PRO B 21 49.30 29.79 -65.36
N GLN B 22 49.11 28.54 -65.78
CA GLN B 22 49.58 28.05 -67.07
C GLN B 22 51.07 28.33 -67.26
N TYR B 23 51.88 27.67 -66.42
CA TYR B 23 53.31 27.89 -66.42
C TYR B 23 54.00 27.43 -67.70
N GLN B 24 53.33 26.62 -68.53
CA GLN B 24 53.95 26.13 -69.76
C GLN B 24 54.39 27.27 -70.66
N ASN B 25 53.69 28.41 -70.61
CA ASN B 25 54.07 29.55 -71.43
C ASN B 25 55.45 30.07 -71.06
N TYR B 26 55.79 30.03 -69.77
CA TYR B 26 57.08 30.58 -69.34
C TYR B 26 58.24 29.68 -69.77
N ILE B 27 58.28 28.45 -69.26
CA ILE B 27 59.46 27.60 -69.41
C ILE B 27 59.80 27.41 -70.89
N ALA B 28 58.81 27.01 -71.69
CA ALA B 28 59.05 26.84 -73.12
C ALA B 28 59.67 28.08 -73.72
N LYS B 29 59.09 29.25 -73.43
CA LYS B 29 59.66 30.51 -73.92
C LYS B 29 61.13 30.60 -73.55
N SER B 30 61.45 30.39 -72.27
CA SER B 30 62.84 30.44 -71.84
C SER B 30 63.69 29.48 -72.66
N GLN B 31 63.22 28.24 -72.84
CA GLN B 31 63.96 27.29 -73.64
C GLN B 31 64.24 27.85 -75.03
N VAL B 32 63.22 28.39 -75.68
CA VAL B 32 63.41 28.98 -77.00
C VAL B 32 64.48 30.05 -76.93
N SER B 33 64.39 30.94 -75.94
CA SER B 33 65.38 31.99 -75.79
C SER B 33 66.78 31.40 -75.70
N ARG B 34 66.95 30.33 -74.92
CA ARG B 34 68.25 29.70 -74.81
C ARG B 34 68.77 29.29 -76.19
N VAL B 35 67.93 28.64 -76.98
CA VAL B 35 68.35 28.24 -78.32
C VAL B 35 68.73 29.47 -79.13
N MET B 36 67.94 30.55 -79.01
CA MET B 36 68.26 31.77 -79.74
C MET B 36 69.67 32.25 -79.42
N SER B 37 70.11 32.06 -78.19
CA SER B 37 71.50 32.40 -77.85
C SER B 37 72.47 31.42 -78.49
N GLU B 38 72.21 30.11 -78.35
CA GLU B 38 73.19 29.12 -78.76
C GLU B 38 73.47 29.19 -80.25
N THR B 39 72.40 29.15 -81.06
CA THR B 39 72.57 29.32 -82.50
C THR B 39 73.25 30.65 -82.82
N GLY B 40 72.94 31.68 -82.03
CA GLY B 40 73.63 32.95 -82.20
C GLY B 40 75.13 32.85 -82.01
N SER B 41 75.58 32.00 -81.09
CA SER B 41 77.01 31.80 -80.90
C SER B 41 77.68 31.21 -82.13
N LEU B 42 76.90 30.66 -83.06
CA LEU B 42 77.43 30.11 -84.30
C LEU B 42 77.48 31.13 -85.43
N LYS B 43 77.11 32.39 -85.17
CA LYS B 43 77.15 33.40 -86.21
C LYS B 43 78.57 33.60 -86.74
N THR B 44 79.45 34.13 -85.88
CA THR B 44 80.77 34.59 -86.35
C THR B 44 81.54 33.45 -87.00
N VAL B 45 81.53 32.26 -86.38
CA VAL B 45 82.28 31.14 -86.92
C VAL B 45 81.81 30.81 -88.33
N ILE B 46 80.51 30.93 -88.59
CA ILE B 46 80.03 30.78 -89.96
C ILE B 46 80.44 31.99 -90.80
N GLU B 47 80.25 33.20 -90.25
CA GLU B 47 80.44 34.42 -91.04
C GLU B 47 81.87 34.50 -91.57
N THR B 48 82.85 34.30 -90.69
CA THR B 48 84.24 34.29 -91.14
C THR B 48 84.47 33.23 -92.20
N CYS B 49 83.89 32.04 -92.01
CA CYS B 49 84.01 30.98 -93.00
C CYS B 49 83.44 31.42 -94.34
N ILE B 50 82.40 32.28 -94.31
CA ILE B 50 81.87 32.83 -95.54
C ILE B 50 82.84 33.84 -96.15
N LEU B 51 83.47 34.66 -95.29
CA LEU B 51 84.29 35.76 -95.79
C LEU B 51 85.59 35.27 -96.41
N ASP B 52 86.28 34.34 -95.72
CA ASP B 52 87.56 33.86 -96.22
C ASP B 52 87.42 32.87 -97.35
N GLY B 53 86.20 32.40 -97.64
CA GLY B 53 85.98 31.46 -98.71
C GLY B 53 86.20 30.01 -98.35
N LYS B 54 86.33 29.70 -97.06
CA LYS B 54 86.55 28.32 -96.64
C LYS B 54 85.32 27.48 -96.95
N THR B 55 85.56 26.24 -97.38
CA THR B 55 84.47 25.36 -97.77
C THR B 55 83.76 24.81 -96.53
N ALA B 56 82.60 24.19 -96.78
CA ALA B 56 81.80 23.66 -95.68
C ALA B 56 82.51 22.51 -94.96
N ALA B 57 83.18 21.65 -95.73
CA ALA B 57 83.78 20.45 -95.14
C ALA B 57 84.87 20.79 -94.14
N ASN B 58 85.74 21.74 -94.48
CA ASN B 58 86.88 22.07 -93.64
C ASN B 58 86.64 23.26 -92.72
N CYS B 59 85.43 23.84 -92.73
CA CYS B 59 85.10 24.93 -91.80
C CYS B 59 84.70 24.31 -90.46
N GLU B 60 85.64 24.29 -89.53
CA GLU B 60 85.40 23.67 -88.23
C GLU B 60 84.58 24.60 -87.34
N LEU B 61 83.73 23.99 -86.51
CA LEU B 61 82.91 24.71 -85.56
C LEU B 61 83.26 24.28 -84.14
N GLY B 62 83.10 25.21 -83.20
CA GLY B 62 83.33 24.92 -81.80
C GLY B 62 82.06 24.48 -81.10
N TRP B 63 81.09 24.02 -81.89
CA TRP B 63 79.79 23.64 -81.33
C TRP B 63 79.94 22.47 -80.37
N THR B 64 79.19 22.54 -79.27
CA THR B 64 79.15 21.49 -78.26
C THR B 64 77.72 20.96 -78.17
N ASN B 65 77.59 19.66 -77.90
CA ASN B 65 76.28 19.03 -77.81
C ASN B 65 75.42 19.74 -76.79
N SER B 66 74.31 20.32 -77.23
CA SER B 66 73.42 21.06 -76.36
C SER B 66 72.41 20.14 -75.70
N ASN B 67 71.98 20.52 -74.49
CA ASN B 67 70.96 19.75 -73.79
C ASN B 67 69.67 19.70 -74.59
N LEU B 68 69.25 20.83 -75.13
CA LEU B 68 68.17 20.85 -76.10
C LEU B 68 68.70 20.49 -77.47
N LEU B 69 67.93 19.70 -78.23
CA LEU B 69 68.38 19.26 -79.54
C LEU B 69 68.55 20.41 -80.53
N GLY B 70 67.98 21.57 -80.25
CA GLY B 70 68.12 22.72 -81.14
C GLY B 70 69.53 23.29 -81.19
N THR C 1 24.80 13.51 -27.45
CA THR C 1 25.43 13.83 -28.72
C THR C 1 26.82 13.20 -28.82
N LEU C 2 26.91 11.93 -28.39
CA LEU C 2 28.18 11.23 -28.48
C LEU C 2 28.57 10.94 -29.93
N ILE C 3 27.58 10.71 -30.79
CA ILE C 3 27.87 10.40 -32.19
C ILE C 3 28.52 11.59 -32.88
N GLU C 4 28.12 12.81 -32.53
CA GLU C 4 28.76 14.00 -33.11
C GLU C 4 30.22 14.08 -32.71
N LEU C 5 30.53 13.82 -31.44
CA LEU C 5 31.91 13.85 -30.99
C LEU C 5 32.73 12.75 -31.65
N MET C 6 32.13 11.57 -31.84
CA MET C 6 32.84 10.49 -32.54
C MET C 6 33.10 10.85 -34.00
N ILE C 7 32.15 11.53 -34.64
CA ILE C 7 32.37 11.99 -36.01
C ILE C 7 33.49 13.02 -36.05
N VAL C 8 33.55 13.90 -35.05
CA VAL C 8 34.64 14.87 -34.98
C VAL C 8 35.98 14.15 -34.83
N VAL C 9 36.03 13.12 -33.98
CA VAL C 9 37.26 12.36 -33.79
C VAL C 9 37.65 11.66 -35.09
N ALA C 10 36.67 11.12 -35.81
CA ALA C 10 36.96 10.48 -37.09
C ALA C 10 37.52 11.47 -38.10
N ILE C 11 36.95 12.68 -38.14
CA ILE C 11 37.47 13.70 -39.06
C ILE C 11 38.89 14.09 -38.68
N ILE C 12 39.17 14.20 -37.38
CA ILE C 12 40.52 14.52 -36.93
C ILE C 12 41.49 13.44 -37.37
N GLY C 13 41.10 12.17 -37.19
CA GLY C 13 41.95 11.06 -37.62
C GLY C 13 42.17 11.06 -39.12
N ILE C 14 41.13 11.37 -39.89
CA ILE C 14 41.27 11.42 -41.35
C ILE C 14 42.25 12.51 -41.75
N LEU C 15 42.11 13.70 -41.15
CA LEU C 15 43.00 14.81 -41.49
C LEU C 15 44.44 14.52 -41.08
N ALA C 16 44.63 13.91 -39.92
CA ALA C 16 45.99 13.64 -39.45
C ALA C 16 46.69 12.59 -40.32
N ALA C 17 45.92 11.76 -41.03
CA ALA C 17 46.48 10.69 -41.84
C ALA C 17 46.69 11.09 -43.30
N ILE C 18 46.93 12.38 -43.56
CA ILE C 18 47.14 12.82 -44.93
C ILE C 18 48.47 12.26 -45.45
N ALA C 19 48.52 12.02 -46.76
CA ALA C 19 49.71 11.46 -47.39
C ALA C 19 50.71 12.58 -47.67
N ILE C 20 51.86 12.52 -47.01
CA ILE C 20 52.90 13.54 -47.16
C ILE C 20 53.78 13.13 -48.34
N PRO C 21 53.92 13.97 -49.36
CA PRO C 21 54.81 13.64 -50.47
C PRO C 21 56.27 13.68 -50.05
N GLN C 22 57.11 13.02 -50.84
CA GLN C 22 58.55 12.98 -50.58
C GLN C 22 59.14 14.34 -50.97
N TYR C 23 59.07 15.28 -50.03
CA TYR C 23 59.58 16.62 -50.27
C TYR C 23 61.10 16.68 -50.36
N GLN C 24 61.79 15.59 -50.01
CA GLN C 24 63.25 15.57 -50.12
C GLN C 24 63.71 15.80 -51.55
N ASN C 25 62.93 15.33 -52.54
CA ASN C 25 63.34 15.46 -53.92
C ASN C 25 63.43 16.92 -54.34
N TYR C 26 62.45 17.74 -53.96
CA TYR C 26 62.45 19.15 -54.35
C TYR C 26 63.66 19.88 -53.77
N ILE C 27 63.90 19.71 -52.48
CA ILE C 27 65.00 20.41 -51.83
C ILE C 27 66.34 19.94 -52.39
N ALA C 28 66.49 18.63 -52.59
CA ALA C 28 67.73 18.10 -53.14
C ALA C 28 67.97 18.64 -54.54
N LYS C 29 66.94 18.66 -55.39
CA LYS C 29 67.10 19.17 -56.74
C LYS C 29 67.44 20.67 -56.73
N SER C 30 66.80 21.44 -55.86
CA SER C 30 67.10 22.86 -55.78
C SER C 30 68.53 23.10 -55.33
N GLN C 31 68.99 22.35 -54.33
CA GLN C 31 70.37 22.50 -53.85
C GLN C 31 71.36 22.12 -54.94
N VAL C 32 71.10 21.03 -55.66
CA VAL C 32 71.99 20.61 -56.73
C VAL C 32 72.04 21.66 -57.84
N SER C 33 70.89 22.24 -58.18
CA SER C 33 70.86 23.30 -59.20
C SER C 33 71.62 24.53 -58.74
N ARG C 34 71.48 24.90 -57.48
CA ARG C 34 72.22 26.05 -56.95
C ARG C 34 73.72 25.80 -57.00
N VAL C 35 74.15 24.59 -56.62
CA VAL C 35 75.58 24.26 -56.69
C VAL C 35 76.05 24.24 -58.14
N MET C 36 75.21 23.76 -59.06
CA MET C 36 75.52 23.84 -60.48
C MET C 36 75.79 25.27 -60.91
N SER C 37 74.89 26.20 -60.54
CA SER C 37 75.08 27.59 -60.93
C SER C 37 76.33 28.19 -60.31
N GLU C 38 76.58 27.90 -59.03
CA GLU C 38 77.76 28.44 -58.37
C GLU C 38 79.04 27.93 -59.01
N THR C 39 79.08 26.64 -59.34
CA THR C 39 80.27 26.07 -59.97
C THR C 39 80.45 26.61 -61.38
N GLY C 40 79.36 26.76 -62.13
CA GLY C 40 79.44 27.31 -63.47
C GLY C 40 79.79 28.78 -63.51
N SER C 41 79.62 29.48 -62.38
CA SER C 41 80.05 30.87 -62.33
C SER C 41 81.56 31.04 -62.50
N LEU C 42 82.34 29.98 -62.31
CA LEU C 42 83.80 30.04 -62.42
C LEU C 42 84.31 29.71 -63.83
N LYS C 43 83.40 29.43 -64.77
CA LYS C 43 83.81 29.06 -66.12
C LYS C 43 84.63 30.16 -66.77
N THR C 44 84.16 31.41 -66.65
CA THR C 44 84.87 32.51 -67.31
C THR C 44 86.29 32.68 -66.78
N VAL C 45 86.45 32.67 -65.45
CA VAL C 45 87.78 32.88 -64.88
C VAL C 45 88.69 31.70 -65.21
N ILE C 46 88.19 30.46 -65.14
CA ILE C 46 89.04 29.32 -65.45
C ILE C 46 89.44 29.33 -66.92
N GLU C 47 88.49 29.61 -67.82
CA GLU C 47 88.81 29.64 -69.24
C GLU C 47 89.81 30.75 -69.56
N THR C 48 89.63 31.93 -68.97
CA THR C 48 90.59 33.01 -69.20
C THR C 48 91.97 32.64 -68.70
N CYS C 49 92.05 32.03 -67.51
CA CYS C 49 93.34 31.63 -66.97
C CYS C 49 94.02 30.60 -67.87
N ILE C 50 93.25 29.64 -68.39
CA ILE C 50 93.84 28.64 -69.28
C ILE C 50 94.30 29.26 -70.59
N LEU C 51 93.50 30.18 -71.14
CA LEU C 51 93.82 30.74 -72.45
C LEU C 51 95.03 31.67 -72.39
N ASP C 52 95.11 32.53 -71.37
CA ASP C 52 96.19 33.52 -71.35
C ASP C 52 97.50 32.95 -70.79
N GLY C 53 97.50 31.71 -70.33
CA GLY C 53 98.74 31.05 -69.96
C GLY C 53 99.19 31.21 -68.53
N LYS C 54 98.34 31.73 -67.65
CA LYS C 54 98.72 31.87 -66.25
C LYS C 54 98.72 30.51 -65.56
N THR C 55 99.54 30.41 -64.51
CA THR C 55 99.63 29.18 -63.74
C THR C 55 98.49 29.09 -62.73
N ALA C 56 98.39 27.92 -62.08
CA ALA C 56 97.33 27.71 -61.10
C ALA C 56 97.47 28.67 -59.92
N ALA C 57 98.70 28.87 -59.43
CA ALA C 57 98.91 29.76 -58.30
C ALA C 57 98.59 31.21 -58.68
N ASN C 58 98.95 31.63 -59.89
CA ASN C 58 98.74 33.00 -60.32
C ASN C 58 97.31 33.28 -60.76
N CYS C 59 96.49 32.25 -60.94
CA CYS C 59 95.12 32.44 -61.43
C CYS C 59 94.24 32.90 -60.28
N GLU C 60 94.15 34.21 -60.10
CA GLU C 60 93.28 34.76 -59.07
C GLU C 60 91.81 34.61 -59.48
N LEU C 61 90.99 34.14 -58.54
CA LEU C 61 89.56 33.96 -58.78
C LEU C 61 88.80 34.42 -57.55
N GLY C 62 87.68 35.11 -57.79
CA GLY C 62 86.92 35.71 -56.71
C GLY C 62 85.83 34.83 -56.15
N TRP C 63 86.19 33.60 -55.78
CA TRP C 63 85.22 32.69 -55.18
C TRP C 63 84.90 33.11 -53.75
N THR C 64 83.62 33.11 -53.42
CA THR C 64 83.15 33.38 -52.06
C THR C 64 82.61 32.09 -51.45
N ASN C 65 82.63 32.04 -50.12
CA ASN C 65 82.22 30.82 -49.42
C ASN C 65 80.74 30.53 -49.69
N SER C 66 80.45 29.26 -49.98
CA SER C 66 79.10 28.80 -50.23
C SER C 66 78.64 27.92 -49.08
N ASN C 67 77.45 28.18 -48.57
CA ASN C 67 76.94 27.43 -47.42
C ASN C 67 76.63 25.98 -47.76
N LEU C 68 76.60 25.62 -49.04
CA LEU C 68 76.41 24.23 -49.45
C LEU C 68 77.73 23.52 -49.72
N LEU C 69 78.86 24.20 -49.49
CA LEU C 69 80.20 23.68 -49.75
C LEU C 69 80.41 23.32 -51.22
N GLY C 70 79.61 23.88 -52.11
CA GLY C 70 79.72 23.59 -53.53
C GLY C 70 80.97 24.19 -54.16
N THR D 1 21.58 8.60 -20.83
CA THR D 1 22.13 8.33 -19.51
C THR D 1 23.16 9.38 -19.11
N LEU D 2 23.39 9.52 -17.80
CA LEU D 2 24.36 10.51 -17.33
C LEU D 2 25.78 10.13 -17.70
N ILE D 3 26.10 8.84 -17.74
CA ILE D 3 27.46 8.41 -18.04
C ILE D 3 27.83 8.79 -19.46
N GLU D 4 26.88 8.71 -20.40
CA GLU D 4 27.16 9.10 -21.77
C GLU D 4 27.49 10.59 -21.86
N LEU D 5 26.73 11.43 -21.16
CA LEU D 5 27.01 12.86 -21.17
C LEU D 5 28.35 13.16 -20.51
N MET D 6 28.68 12.44 -19.45
CA MET D 6 29.99 12.64 -18.81
C MET D 6 31.13 12.21 -19.73
N ILE D 7 30.94 11.14 -20.50
CA ILE D 7 31.94 10.74 -21.48
C ILE D 7 32.09 11.80 -22.56
N VAL D 8 30.96 12.40 -22.98
CA VAL D 8 31.02 13.48 -23.97
C VAL D 8 31.81 14.66 -23.40
N VAL D 9 31.56 15.01 -22.14
CA VAL D 9 32.27 16.11 -21.50
C VAL D 9 33.77 15.80 -21.42
N ALA D 10 34.10 14.56 -21.08
CA ALA D 10 35.50 14.16 -21.01
C ALA D 10 36.17 14.26 -22.38
N ILE D 11 35.48 13.84 -23.44
CA ILE D 11 36.04 13.94 -24.77
C ILE D 11 36.24 15.40 -25.17
N ILE D 12 35.27 16.26 -24.80
CA ILE D 12 35.41 17.68 -25.09
C ILE D 12 36.63 18.26 -24.38
N GLY D 13 36.81 17.89 -23.11
CA GLY D 13 37.98 18.36 -22.38
C GLY D 13 39.28 17.85 -22.97
N ILE D 14 39.29 16.61 -23.45
CA ILE D 14 40.48 16.05 -24.07
C ILE D 14 40.82 16.82 -25.35
N LEU D 15 39.80 17.10 -26.18
CA LEU D 15 40.04 17.80 -27.44
C LEU D 15 40.48 19.24 -27.18
N ALA D 16 39.90 19.89 -26.17
CA ALA D 16 40.27 21.28 -25.89
C ALA D 16 41.68 21.42 -25.34
N ALA D 17 42.26 20.33 -24.83
CA ALA D 17 43.58 20.38 -24.22
C ALA D 17 44.70 20.00 -25.18
N ILE D 18 44.49 20.20 -26.48
CA ILE D 18 45.54 19.88 -27.45
C ILE D 18 46.72 20.83 -27.29
N ALA D 19 47.88 20.39 -27.76
CA ALA D 19 49.11 21.15 -27.61
C ALA D 19 49.39 21.97 -28.87
N ILE D 20 49.66 23.25 -28.69
CA ILE D 20 49.99 24.15 -29.78
C ILE D 20 51.51 24.16 -29.95
N PRO D 21 52.04 23.78 -31.11
CA PRO D 21 53.48 23.61 -31.28
C PRO D 21 54.25 24.88 -31.66
N GLN D 22 53.98 25.96 -30.93
CA GLN D 22 54.75 27.21 -31.03
C GLN D 22 54.90 27.68 -32.47
N TYR D 23 53.76 28.07 -33.05
CA TYR D 23 53.71 28.49 -34.44
C TYR D 23 54.49 29.78 -34.71
N GLN D 24 54.91 30.49 -33.66
CA GLN D 24 55.65 31.73 -33.85
C GLN D 24 56.93 31.51 -34.66
N ASN D 25 57.57 30.35 -34.50
CA ASN D 25 58.84 30.11 -35.18
C ASN D 25 58.67 30.13 -36.70
N TYR D 26 57.61 29.50 -37.20
CA TYR D 26 57.40 29.43 -38.65
C TYR D 26 57.20 30.82 -39.24
N ILE D 27 56.33 31.62 -38.62
CA ILE D 27 56.03 32.96 -39.13
C ILE D 27 57.27 33.84 -39.05
N ALA D 28 58.01 33.76 -37.94
CA ALA D 28 59.22 34.56 -37.81
C ALA D 28 60.24 34.19 -38.87
N LYS D 29 60.44 32.89 -39.10
CA LYS D 29 61.40 32.46 -40.11
C LYS D 29 60.96 32.89 -41.51
N SER D 30 59.67 32.79 -41.81
CA SER D 30 59.18 33.21 -43.12
C SER D 30 59.38 34.71 -43.33
N GLN D 31 59.08 35.51 -42.30
CA GLN D 31 59.26 36.95 -42.43
C GLN D 31 60.74 37.30 -42.59
N VAL D 32 61.62 36.64 -41.84
CA VAL D 32 63.05 36.91 -41.97
C VAL D 32 63.54 36.52 -43.36
N SER D 33 63.05 35.40 -43.90
CA SER D 33 63.46 34.99 -45.24
C SER D 33 62.96 35.99 -46.29
N ARG D 34 61.73 36.47 -46.14
CA ARG D 34 61.20 37.45 -47.09
C ARG D 34 62.03 38.74 -47.05
N VAL D 35 62.38 39.21 -45.85
CA VAL D 35 63.20 40.41 -45.73
C VAL D 35 64.59 40.15 -46.31
N MET D 36 65.12 38.94 -46.10
CA MET D 36 66.38 38.55 -46.72
C MET D 36 66.34 38.72 -48.22
N SER D 37 65.31 38.15 -48.87
CA SER D 37 65.20 38.23 -50.31
C SER D 37 65.02 39.68 -50.78
N GLU D 38 64.18 40.45 -50.09
CA GLU D 38 63.93 41.83 -50.48
C GLU D 38 65.20 42.66 -50.39
N THR D 39 65.97 42.49 -49.31
CA THR D 39 67.20 43.25 -49.16
C THR D 39 68.27 42.78 -50.13
N GLY D 40 68.34 41.48 -50.41
CA GLY D 40 69.32 40.99 -51.36
C GLY D 40 69.01 41.38 -52.78
N SER D 41 67.75 41.71 -53.07
CA SER D 41 67.40 42.18 -54.40
C SER D 41 68.09 43.49 -54.79
N LEU D 42 68.63 44.23 -53.84
CA LEU D 42 69.33 45.48 -54.11
C LEU D 42 70.80 45.27 -54.43
N LYS D 43 71.27 44.02 -54.43
CA LYS D 43 72.68 43.74 -54.69
C LYS D 43 73.10 44.27 -56.05
N THR D 44 72.28 44.02 -57.08
CA THR D 44 72.64 44.41 -58.43
C THR D 44 72.77 45.92 -58.56
N VAL D 45 71.79 46.65 -58.03
CA VAL D 45 71.83 48.11 -58.17
C VAL D 45 72.98 48.70 -57.37
N ILE D 46 73.23 48.18 -56.16
CA ILE D 46 74.32 48.70 -55.35
C ILE D 46 75.67 48.44 -56.03
N GLU D 47 75.85 47.21 -56.53
CA GLU D 47 77.11 46.87 -57.18
C GLU D 47 77.33 47.69 -58.45
N THR D 48 76.26 47.88 -59.24
CA THR D 48 76.40 48.68 -60.45
C THR D 48 76.73 50.13 -60.11
N CYS D 49 76.10 50.67 -59.08
CA CYS D 49 76.42 52.04 -58.67
C CYS D 49 77.86 52.17 -58.22
N ILE D 50 78.36 51.19 -57.45
CA ILE D 50 79.72 51.26 -56.95
C ILE D 50 80.72 51.11 -58.10
N LEU D 51 80.51 50.13 -58.98
CA LEU D 51 81.46 49.89 -60.07
C LEU D 51 81.45 51.04 -61.07
N ASP D 52 80.28 51.63 -61.34
CA ASP D 52 80.21 52.74 -62.27
C ASP D 52 80.96 53.96 -61.73
N GLY D 53 80.92 54.16 -60.42
CA GLY D 53 81.54 55.30 -59.80
C GLY D 53 80.60 56.39 -59.33
N LYS D 54 79.29 56.15 -59.36
CA LYS D 54 78.33 57.14 -58.93
C LYS D 54 78.37 57.33 -57.42
N THR D 55 77.92 58.50 -56.97
CA THR D 55 77.84 58.79 -55.55
C THR D 55 76.53 58.24 -54.98
N ALA D 56 76.33 58.43 -53.68
CA ALA D 56 75.11 57.95 -53.04
C ALA D 56 73.88 58.66 -53.58
N ALA D 57 73.97 59.97 -53.80
CA ALA D 57 72.82 60.72 -54.29
C ALA D 57 72.50 60.39 -55.74
N ASN D 58 73.51 60.07 -56.55
CA ASN D 58 73.32 59.79 -57.97
C ASN D 58 72.94 58.35 -58.24
N CYS D 59 72.84 57.51 -57.21
CA CYS D 59 72.50 56.09 -57.39
C CYS D 59 70.99 55.96 -57.48
N GLU D 60 70.48 55.81 -58.70
CA GLU D 60 69.06 55.58 -58.90
C GLU D 60 68.68 54.21 -58.35
N LEU D 61 68.03 54.19 -57.18
CA LEU D 61 67.74 52.96 -56.46
C LEU D 61 66.22 52.78 -56.41
N GLY D 62 65.71 51.82 -57.20
CA GLY D 62 64.29 51.61 -57.31
C GLY D 62 63.71 50.71 -56.23
N TRP D 63 63.51 51.26 -55.03
CA TRP D 63 62.98 50.51 -53.91
C TRP D 63 61.51 50.86 -53.70
N THR D 64 60.69 49.83 -53.54
CA THR D 64 59.28 49.99 -53.18
C THR D 64 59.10 49.69 -51.70
N ASN D 65 58.11 50.33 -51.10
CA ASN D 65 57.88 50.18 -49.67
C ASN D 65 57.55 48.74 -49.33
N SER D 66 58.16 48.24 -48.27
CA SER D 66 57.93 46.88 -47.79
C SER D 66 57.16 46.95 -46.47
N ASN D 67 56.09 46.15 -46.37
CA ASN D 67 55.24 46.20 -45.19
C ASN D 67 55.92 45.62 -43.95
N LEU D 68 57.05 44.95 -44.10
CA LEU D 68 57.81 44.45 -42.96
C LEU D 68 58.91 45.43 -42.53
N LEU D 69 58.97 46.61 -43.13
CA LEU D 69 59.97 47.64 -42.88
C LEU D 69 61.39 47.18 -43.20
N GLY D 70 61.55 46.07 -43.91
CA GLY D 70 62.87 45.57 -44.24
C GLY D 70 63.57 46.39 -45.30
N THR E 1 16.28 7.90 -11.20
CA THR E 1 15.62 8.99 -10.49
C THR E 1 15.35 10.16 -11.43
N LEU E 2 14.39 11.00 -11.06
CA LEU E 2 14.04 12.14 -11.90
C LEU E 2 15.13 13.20 -11.87
N ILE E 3 15.82 13.34 -10.74
CA ILE E 3 16.85 14.36 -10.62
C ILE E 3 18.02 14.07 -11.57
N GLU E 4 18.34 12.79 -11.77
CA GLU E 4 19.40 12.44 -12.71
C GLU E 4 19.04 12.83 -14.13
N LEU E 5 17.80 12.55 -14.53
CA LEU E 5 17.35 12.93 -15.87
C LEU E 5 17.33 14.44 -16.03
N MET E 6 16.92 15.17 -14.98
CA MET E 6 16.95 16.63 -15.06
C MET E 6 18.38 17.16 -15.17
N ILE E 7 19.33 16.53 -14.47
CA ILE E 7 20.73 16.93 -14.61
C ILE E 7 21.22 16.65 -16.02
N VAL E 8 20.80 15.52 -16.61
CA VAL E 8 21.16 15.22 -17.99
C VAL E 8 20.60 16.28 -18.94
N VAL E 9 19.34 16.68 -18.73
CA VAL E 9 18.74 17.70 -19.57
C VAL E 9 19.48 19.03 -19.41
N ALA E 10 19.87 19.37 -18.18
CA ALA E 10 20.64 20.59 -17.96
C ALA E 10 21.98 20.55 -18.67
N ILE E 11 22.65 19.39 -18.65
CA ILE E 11 23.93 19.26 -19.34
C ILE E 11 23.73 19.41 -20.84
N ILE E 12 22.65 18.81 -21.37
CA ILE E 12 22.36 18.95 -22.80
C ILE E 12 22.14 20.40 -23.16
N GLY E 13 21.36 21.12 -22.34
CA GLY E 13 21.13 22.53 -22.60
C GLY E 13 22.39 23.36 -22.52
N ILE E 14 23.28 23.03 -21.58
CA ILE E 14 24.55 23.74 -21.46
C ILE E 14 25.41 23.51 -22.69
N LEU E 15 25.50 22.27 -23.15
CA LEU E 15 26.32 21.97 -24.32
C LEU E 15 25.75 22.61 -25.58
N ALA E 16 24.42 22.61 -25.73
CA ALA E 16 23.81 23.18 -26.92
C ALA E 16 23.96 24.69 -26.98
N ALA E 17 24.19 25.35 -25.85
CA ALA E 17 24.30 26.80 -25.79
C ALA E 17 25.74 27.28 -25.88
N ILE E 18 26.63 26.52 -26.52
CA ILE E 18 28.02 26.93 -26.65
C ILE E 18 28.11 28.14 -27.56
N ALA E 19 29.05 29.04 -27.25
CA ALA E 19 29.22 30.25 -28.02
C ALA E 19 30.00 29.95 -29.30
N ILE E 20 29.39 30.25 -30.45
CA ILE E 20 30.00 29.99 -31.74
C ILE E 20 30.73 31.25 -32.18
N PRO E 21 32.04 31.21 -32.38
CA PRO E 21 32.75 32.39 -32.88
C PRO E 21 32.39 32.68 -34.33
N GLN E 22 32.63 33.92 -34.74
CA GLN E 22 32.31 34.34 -36.09
C GLN E 22 33.30 33.75 -37.09
N TYR E 23 33.01 32.54 -37.56
CA TYR E 23 33.89 31.86 -38.51
C TYR E 23 33.91 32.52 -39.87
N GLN E 24 33.01 33.46 -40.13
CA GLN E 24 33.01 34.17 -41.41
C GLN E 24 34.33 34.88 -41.65
N ASN E 25 34.97 35.37 -40.59
CA ASN E 25 36.22 36.11 -40.74
C ASN E 25 37.31 35.24 -41.34
N TYR E 26 37.44 34.01 -40.84
CA TYR E 26 38.50 33.12 -41.33
C TYR E 26 38.31 32.79 -42.80
N ILE E 27 37.09 32.41 -43.18
CA ILE E 27 36.81 32.05 -44.58
C ILE E 27 37.01 33.25 -45.49
N ALA E 28 36.52 34.42 -45.08
CA ALA E 28 36.67 35.60 -45.91
C ALA E 28 38.14 35.96 -46.08
N LYS E 29 38.92 35.90 -44.99
CA LYS E 29 40.35 36.22 -45.09
C LYS E 29 41.08 35.24 -45.99
N SER E 30 40.77 33.94 -45.88
CA SER E 30 41.42 32.95 -46.72
C SER E 30 41.06 33.16 -48.20
N GLN E 31 39.79 33.44 -48.49
CA GLN E 31 39.38 33.67 -49.87
C GLN E 31 40.05 34.92 -50.43
N VAL E 32 40.12 35.99 -49.64
CA VAL E 32 40.76 37.22 -50.12
C VAL E 32 42.25 36.98 -50.35
N SER E 33 42.91 36.23 -49.46
CA SER E 33 44.32 35.94 -49.66
C SER E 33 44.54 35.10 -50.93
N ARG E 34 43.68 34.11 -51.17
CA ARG E 34 43.82 33.30 -52.37
C ARG E 34 43.62 34.15 -53.63
N VAL E 35 42.62 35.03 -53.62
CA VAL E 35 42.40 35.90 -54.77
C VAL E 35 43.58 36.84 -54.95
N MET E 36 44.15 37.33 -53.85
CA MET E 36 45.34 38.16 -53.92
C MET E 36 46.49 37.43 -54.60
N SER E 37 46.73 36.18 -54.20
CA SER E 37 47.80 35.41 -54.82
C SER E 37 47.54 35.16 -56.30
N GLU E 38 46.30 34.80 -56.65
CA GLU E 38 45.98 34.54 -58.05
C GLU E 38 46.17 35.79 -58.90
N THR E 39 45.72 36.94 -58.39
CA THR E 39 45.87 38.17 -59.15
C THR E 39 47.33 38.60 -59.24
N GLY E 40 48.10 38.43 -58.16
CA GLY E 40 49.51 38.78 -58.20
C GLY E 40 50.35 37.87 -59.06
N SER E 41 49.87 36.65 -59.34
CA SER E 41 50.59 35.78 -60.26
C SER E 41 50.66 36.35 -61.67
N LEU E 42 49.76 37.28 -62.02
CA LEU E 42 49.74 37.87 -63.35
C LEU E 42 50.65 39.09 -63.49
N LYS E 43 51.25 39.56 -62.38
CA LYS E 43 52.11 40.72 -62.44
C LYS E 43 53.31 40.47 -63.35
N THR E 44 53.87 39.27 -63.31
CA THR E 44 55.02 38.96 -64.14
C THR E 44 54.69 39.06 -65.63
N VAL E 45 53.58 38.45 -66.04
CA VAL E 45 53.23 38.48 -67.46
C VAL E 45 52.85 39.88 -67.90
N ILE E 46 52.15 40.63 -67.03
CA ILE E 46 51.81 42.01 -67.39
C ILE E 46 53.06 42.86 -67.55
N GLU E 47 54.01 42.72 -66.62
CA GLU E 47 55.24 43.50 -66.70
C GLU E 47 56.05 43.12 -67.94
N THR E 48 56.13 41.83 -68.25
CA THR E 48 56.86 41.41 -69.45
C THR E 48 56.20 41.95 -70.71
N CYS E 49 54.87 41.95 -70.75
CA CYS E 49 54.17 42.54 -71.90
C CYS E 49 54.45 44.02 -72.02
N ILE E 50 54.41 44.74 -70.90
CA ILE E 50 54.59 46.19 -70.94
C ILE E 50 56.01 46.54 -71.36
N LEU E 51 57.01 45.87 -70.77
CA LEU E 51 58.40 46.20 -71.06
C LEU E 51 58.79 45.84 -72.49
N ASP E 52 58.03 44.97 -73.16
CA ASP E 52 58.32 44.59 -74.54
C ASP E 52 57.58 45.48 -75.55
N GLY E 53 56.76 46.41 -75.09
CA GLY E 53 56.03 47.27 -76.01
C GLY E 53 54.85 46.62 -76.67
N LYS E 54 54.40 45.47 -76.17
CA LYS E 54 53.26 44.79 -76.77
C LYS E 54 51.96 45.50 -76.43
N THR E 55 50.96 45.33 -77.30
CA THR E 55 49.65 45.89 -77.07
C THR E 55 48.82 44.96 -76.19
N ALA E 56 47.63 45.44 -75.80
CA ALA E 56 46.74 44.63 -74.97
C ALA E 56 46.29 43.38 -75.71
N ALA E 57 45.95 43.51 -76.99
CA ALA E 57 45.49 42.36 -77.75
C ALA E 57 46.61 41.34 -77.97
N ASN E 58 47.84 41.82 -78.20
CA ASN E 58 48.96 40.95 -78.47
C ASN E 58 49.58 40.34 -77.22
N CYS E 59 49.15 40.77 -76.04
CA CYS E 59 49.70 40.26 -74.78
C CYS E 59 48.99 38.95 -74.42
N GLU E 60 49.55 37.84 -74.89
CA GLU E 60 49.03 36.54 -74.50
C GLU E 60 49.22 36.34 -73.00
N LEU E 61 48.15 35.88 -72.34
CA LEU E 61 48.13 35.79 -70.89
C LEU E 61 47.44 34.48 -70.50
N GLY E 62 48.20 33.57 -69.90
CA GLY E 62 47.67 32.26 -69.56
C GLY E 62 46.87 32.23 -68.27
N TRP E 63 45.65 32.71 -68.32
CA TRP E 63 44.76 32.73 -67.17
C TRP E 63 43.79 31.57 -67.22
N THR E 64 43.60 30.91 -66.08
CA THR E 64 42.61 29.85 -65.92
C THR E 64 41.52 30.32 -64.96
N ASN E 65 40.30 29.88 -65.21
CA ASN E 65 39.17 30.33 -64.41
C ASN E 65 39.31 29.88 -62.97
N SER E 66 38.90 30.74 -62.05
CA SER E 66 38.95 30.48 -60.62
C SER E 66 37.54 30.32 -60.08
N ASN E 67 37.36 29.38 -59.14
CA ASN E 67 36.03 29.17 -58.57
C ASN E 67 35.54 30.42 -57.86
N LEU E 68 36.42 31.13 -57.16
CA LEU E 68 36.12 32.49 -56.75
C LEU E 68 36.17 33.39 -57.97
N LEU E 69 35.15 34.25 -58.13
CA LEU E 69 35.01 35.02 -59.36
C LEU E 69 36.20 35.94 -59.58
N GLY E 70 36.88 36.34 -58.51
CA GLY E 70 38.05 37.20 -58.63
C GLY E 70 39.23 36.52 -59.28
N THR F 1 4.37 6.97 -6.07
CA THR F 1 5.29 7.72 -6.91
C THR F 1 5.43 7.08 -8.29
N LEU F 2 4.38 6.37 -8.72
CA LEU F 2 4.39 5.75 -10.04
C LEU F 2 4.42 6.78 -11.14
N ILE F 3 3.75 7.91 -10.95
CA ILE F 3 3.73 8.95 -11.96
C ILE F 3 5.13 9.52 -12.19
N GLU F 4 5.94 9.62 -11.13
CA GLU F 4 7.30 10.10 -11.31
C GLU F 4 8.12 9.13 -12.16
N LEU F 5 7.98 7.83 -11.91
CA LEU F 5 8.69 6.85 -12.73
C LEU F 5 8.22 6.87 -14.17
N MET F 6 6.91 7.06 -14.39
CA MET F 6 6.42 7.14 -15.76
C MET F 6 6.92 8.41 -16.45
N ILE F 7 7.05 9.51 -15.72
CA ILE F 7 7.63 10.72 -16.29
C ILE F 7 9.09 10.49 -16.65
N VAL F 8 9.82 9.76 -15.80
CA VAL F 8 11.21 9.42 -16.10
C VAL F 8 11.29 8.58 -17.37
N VAL F 9 10.38 7.61 -17.51
CA VAL F 9 10.35 6.76 -18.70
C VAL F 9 10.05 7.60 -19.94
N ALA F 10 9.11 8.54 -19.82
CA ALA F 10 8.79 9.41 -20.94
C ALA F 10 9.99 10.27 -21.33
N ILE F 11 10.72 10.79 -20.35
CA ILE F 11 11.91 11.58 -20.65
C ILE F 11 12.97 10.72 -21.34
N ILE F 12 13.14 9.49 -20.87
CA ILE F 12 14.10 8.59 -21.52
C ILE F 12 13.71 8.33 -22.96
N GLY F 13 12.41 8.09 -23.21
CA GLY F 13 11.96 7.87 -24.57
C GLY F 13 12.14 9.11 -25.44
N ILE F 14 11.93 10.29 -24.88
CA ILE F 14 12.12 11.53 -25.63
C ILE F 14 13.59 11.69 -26.01
N LEU F 15 14.49 11.45 -25.06
CA LEU F 15 15.92 11.60 -25.34
C LEU F 15 16.39 10.56 -26.35
N ALA F 16 15.90 9.33 -26.25
CA ALA F 16 16.34 8.29 -27.17
C ALA F 16 15.88 8.54 -28.60
N ALA F 17 14.82 9.34 -28.78
CA ALA F 17 14.25 9.59 -30.09
C ALA F 17 14.83 10.83 -30.77
N ILE F 18 16.05 11.21 -30.42
CA ILE F 18 16.66 12.38 -31.05
C ILE F 18 16.97 12.09 -32.52
N ALA F 19 16.94 13.13 -33.33
CA ALA F 19 17.13 13.00 -34.78
C ALA F 19 18.61 13.13 -35.12
N ILE F 20 19.17 12.10 -35.73
CA ILE F 20 20.57 12.11 -36.17
C ILE F 20 20.65 12.88 -37.48
N PRO F 21 21.48 13.92 -37.56
CA PRO F 21 21.50 14.81 -38.72
C PRO F 21 22.37 14.33 -39.88
N GLN F 22 22.26 13.06 -40.23
CA GLN F 22 22.82 12.49 -41.46
C GLN F 22 24.30 12.86 -41.62
N TYR F 23 25.11 12.34 -40.70
CA TYR F 23 26.52 12.68 -40.66
C TYR F 23 27.32 12.18 -41.86
N GLN F 24 26.75 11.26 -42.65
CA GLN F 24 27.48 10.73 -43.80
C GLN F 24 27.88 11.82 -44.77
N ASN F 25 27.09 12.89 -44.87
CA ASN F 25 27.42 13.99 -45.78
C ASN F 25 28.72 14.67 -45.37
N TYR F 26 29.03 14.69 -44.08
CA TYR F 26 30.26 15.34 -43.63
C TYR F 26 31.48 14.50 -43.97
N ILE F 27 31.57 13.31 -43.37
CA ILE F 27 32.77 12.49 -43.46
C ILE F 27 33.21 12.33 -44.91
N ALA F 28 32.34 11.78 -45.76
CA ALA F 28 32.68 11.56 -47.15
C ALA F 28 33.24 12.83 -47.78
N LYS F 29 32.55 13.96 -47.59
CA LYS F 29 33.03 15.22 -48.16
C LYS F 29 34.47 15.48 -47.74
N SER F 30 34.74 15.41 -46.44
CA SER F 30 36.10 15.62 -45.97
C SER F 30 37.06 14.66 -46.66
N GLN F 31 36.70 13.39 -46.73
CA GLN F 31 37.55 12.41 -47.41
C GLN F 31 37.85 12.87 -48.83
N VAL F 32 36.80 13.26 -49.57
CA VAL F 32 37.02 13.74 -50.94
C VAL F 32 37.99 14.91 -50.93
N SER F 33 37.76 15.86 -50.03
CA SER F 33 38.66 17.01 -49.95
C SER F 33 40.10 16.56 -49.76
N ARG F 34 40.31 15.58 -48.88
CA ARG F 34 41.67 15.11 -48.64
C ARG F 34 42.29 14.60 -49.93
N VAL F 35 41.53 13.80 -50.69
CA VAL F 35 42.04 13.32 -51.97
C VAL F 35 42.34 14.50 -52.88
N MET F 36 41.43 15.49 -52.90
CA MET F 36 41.65 16.68 -53.73
C MET F 36 42.97 17.34 -53.40
N SER F 37 43.43 17.21 -52.15
CA SER F 37 44.75 17.71 -51.81
C SER F 37 45.84 16.80 -52.35
N GLU F 38 45.78 15.51 -52.01
CA GLU F 38 46.91 14.62 -52.25
C GLU F 38 47.23 14.52 -53.74
N THR F 39 46.23 14.20 -54.55
CA THR F 39 46.44 14.16 -55.99
C THR F 39 46.93 15.50 -56.52
N GLY F 40 46.43 16.60 -55.94
CA GLY F 40 46.90 17.91 -56.34
C GLY F 40 48.39 18.08 -56.13
N SER F 41 48.93 17.51 -55.05
CA SER F 41 50.36 17.61 -54.80
C SER F 41 51.18 16.94 -55.88
N LEU F 42 50.58 16.03 -56.65
CA LEU F 42 51.30 15.41 -57.76
C LEU F 42 51.44 16.32 -58.96
N LYS F 43 50.57 17.33 -59.09
CA LYS F 43 50.59 18.20 -60.26
C LYS F 43 51.97 18.82 -60.47
N THR F 44 52.54 19.40 -59.41
CA THR F 44 53.82 20.08 -59.53
C THR F 44 54.91 19.13 -60.00
N VAL F 45 54.73 17.82 -59.80
CA VAL F 45 55.67 16.87 -60.36
C VAL F 45 55.44 16.70 -61.85
N ILE F 46 54.19 16.39 -62.24
CA ILE F 46 53.91 15.99 -63.62
C ILE F 46 54.28 17.11 -64.58
N GLU F 47 53.87 18.34 -64.27
CA GLU F 47 54.25 19.48 -65.10
C GLU F 47 55.76 19.55 -65.26
N THR F 48 56.50 19.44 -64.15
CA THR F 48 57.97 19.52 -64.24
C THR F 48 58.52 18.41 -65.11
N CYS F 49 57.83 17.26 -65.15
CA CYS F 49 58.24 16.21 -66.08
C CYS F 49 57.89 16.61 -67.51
N ILE F 50 56.66 17.08 -67.73
CA ILE F 50 56.21 17.34 -69.09
C ILE F 50 57.02 18.47 -69.71
N LEU F 51 57.25 19.53 -68.95
CA LEU F 51 58.07 20.63 -69.44
C LEU F 51 59.53 20.24 -69.61
N ASP F 52 59.95 19.11 -69.03
CA ASP F 52 61.32 18.64 -69.19
C ASP F 52 61.48 17.70 -70.37
N GLY F 53 60.39 17.12 -70.86
CA GLY F 53 60.46 16.18 -71.96
C GLY F 53 60.74 14.75 -71.55
N LYS F 54 60.72 14.44 -70.26
CA LYS F 54 60.95 13.08 -69.81
C LYS F 54 59.76 12.19 -70.15
N THR F 55 60.03 10.89 -70.25
CA THR F 55 59.00 9.91 -70.52
C THR F 55 58.29 9.51 -69.23
N ALA F 56 57.28 8.65 -69.35
CA ALA F 56 56.54 8.20 -68.17
C ALA F 56 57.43 7.40 -67.23
N ALA F 57 58.28 6.54 -67.80
CA ALA F 57 59.17 5.73 -66.96
C ALA F 57 60.20 6.59 -66.24
N ASN F 58 60.71 7.63 -66.92
CA ASN F 58 61.73 8.48 -66.33
C ASN F 58 61.17 9.51 -65.36
N CYS F 59 59.86 9.72 -65.34
CA CYS F 59 59.23 10.68 -64.42
C CYS F 59 59.08 10.01 -63.06
N GLU F 60 59.82 10.51 -62.06
CA GLU F 60 59.82 9.93 -60.74
C GLU F 60 58.77 10.61 -59.88
N LEU F 61 57.88 9.82 -59.28
CA LEU F 61 56.85 10.34 -58.41
C LEU F 61 57.26 10.16 -56.95
N GLY F 62 57.11 11.22 -56.16
CA GLY F 62 57.37 11.12 -54.74
C GLY F 62 56.13 10.67 -53.99
N TRP F 63 55.35 9.80 -54.61
CA TRP F 63 54.08 9.38 -54.05
C TRP F 63 54.26 8.34 -52.96
N THR F 64 53.49 8.48 -51.88
CA THR F 64 53.42 7.50 -50.82
C THR F 64 51.99 6.98 -50.72
N ASN F 65 51.87 5.72 -50.30
CA ASN F 65 50.55 5.09 -50.24
C ASN F 65 49.64 5.82 -49.27
N SER F 66 48.39 6.00 -49.68
CA SER F 66 47.37 6.67 -48.88
C SER F 66 46.34 5.65 -48.41
N ASN F 67 45.90 5.80 -47.16
CA ASN F 67 44.91 4.88 -46.61
C ASN F 67 43.60 4.93 -47.38
N LEU F 68 43.36 6.00 -48.13
CA LEU F 68 42.33 6.03 -49.15
C LEU F 68 42.99 5.74 -50.49
N LEU F 69 42.43 4.78 -51.23
CA LEU F 69 43.05 4.36 -52.49
C LEU F 69 43.16 5.51 -53.49
N GLY F 70 42.34 6.55 -53.34
CA GLY F 70 42.41 7.70 -54.22
C GLY F 70 43.60 8.58 -53.97
N THR G 1 -1.78 1.37 -2.92
CA THR G 1 -1.83 -0.09 -2.85
C THR G 1 -0.43 -0.68 -2.90
N LEU G 2 -0.29 -1.91 -2.41
CA LEU G 2 1.02 -2.56 -2.38
C LEU G 2 1.49 -2.93 -3.77
N ILE G 3 0.56 -3.30 -4.66
CA ILE G 3 0.94 -3.70 -6.01
C ILE G 3 1.54 -2.54 -6.77
N GLU G 4 1.04 -1.32 -6.55
CA GLU G 4 1.62 -0.16 -7.21
C GLU G 4 3.05 0.08 -6.76
N LEU G 5 3.32 -0.03 -5.46
CA LEU G 5 4.67 0.14 -4.96
C LEU G 5 5.60 -0.97 -5.49
N MET G 6 5.09 -2.19 -5.58
CA MET G 6 5.91 -3.26 -6.15
C MET G 6 6.20 -3.04 -7.62
N ILE G 7 5.23 -2.50 -8.37
CA ILE G 7 5.49 -2.14 -9.77
C ILE G 7 6.53 -1.04 -9.85
N VAL G 8 6.48 -0.07 -8.94
CA VAL G 8 7.49 0.99 -8.92
C VAL G 8 8.87 0.39 -8.64
N VAL G 9 8.95 -0.54 -7.71
CA VAL G 9 10.22 -1.19 -7.39
C VAL G 9 10.74 -1.96 -8.61
N ALA G 10 9.84 -2.65 -9.31
CA ALA G 10 10.24 -3.38 -10.50
C ALA G 10 10.76 -2.43 -11.58
N ILE G 11 10.11 -1.28 -11.76
CA ILE G 11 10.56 -0.31 -12.74
C ILE G 11 11.93 0.23 -12.36
N ILE G 12 12.14 0.50 -11.06
CA ILE G 12 13.44 0.98 -10.60
C ILE G 12 14.52 -0.06 -10.89
N GLY G 13 14.22 -1.34 -10.61
CA GLY G 13 15.18 -2.39 -10.91
C GLY G 13 15.47 -2.52 -12.39
N ILE G 14 14.44 -2.34 -13.23
CA ILE G 14 14.64 -2.40 -14.67
C ILE G 14 15.55 -1.27 -15.13
N LEU G 15 15.30 -0.06 -14.64
CA LEU G 15 16.11 1.08 -15.04
C LEU G 15 17.55 0.95 -14.55
N ALA G 16 17.74 0.45 -13.33
CA ALA G 16 19.08 0.33 -12.77
C ALA G 16 19.92 -0.72 -13.50
N ALA G 17 19.28 -1.65 -14.22
CA ALA G 17 19.99 -2.73 -14.90
C ALA G 17 20.21 -2.47 -16.37
N ILE G 18 20.30 -1.19 -16.77
CA ILE G 18 20.52 -0.87 -18.17
C ILE G 18 21.93 -1.29 -18.58
N ALA G 19 22.06 -1.76 -19.82
CA ALA G 19 23.34 -2.23 -20.33
C ALA G 19 24.24 -1.04 -20.65
N ILE G 20 25.41 -0.98 -20.04
CA ILE G 20 26.36 0.11 -20.23
C ILE G 20 27.35 -0.33 -21.30
N PRO G 21 27.44 0.37 -22.43
CA PRO G 21 28.44 0.01 -23.44
C PRO G 21 29.85 0.32 -22.97
N GLN G 22 30.82 -0.32 -23.63
CA GLN G 22 32.21 -0.12 -23.28
C GLN G 22 32.71 1.24 -23.75
N TYR G 23 32.53 2.26 -22.92
CA TYR G 23 32.95 3.62 -23.26
C TYR G 23 34.46 3.77 -23.30
N GLN G 24 35.21 2.78 -22.82
CA GLN G 24 36.67 2.85 -22.87
C GLN G 24 37.17 2.99 -24.30
N ASN G 25 36.49 2.37 -25.26
CA ASN G 25 36.93 2.43 -26.65
C ASN G 25 36.93 3.86 -27.18
N TYR G 26 35.87 4.61 -26.90
CA TYR G 26 35.78 5.98 -27.40
C TYR G 26 36.90 6.84 -26.84
N ILE G 27 37.10 6.79 -25.53
CA ILE G 27 38.12 7.62 -24.88
C ILE G 27 39.50 7.24 -25.38
N ALA G 28 39.77 5.93 -25.47
CA ALA G 28 41.08 5.49 -25.94
C ALA G 28 41.33 5.93 -27.37
N LYS G 29 40.33 5.79 -28.25
CA LYS G 29 40.48 6.21 -29.63
C LYS G 29 40.72 7.70 -29.74
N SER G 30 39.98 8.50 -28.96
CA SER G 30 40.16 9.95 -29.00
C SER G 30 41.55 10.34 -28.52
N GLN G 31 42.03 9.71 -27.44
CA GLN G 31 43.36 10.03 -26.94
C GLN G 31 44.44 9.62 -27.94
N VAL G 32 44.29 8.46 -28.58
CA VAL G 32 45.27 8.03 -29.57
C VAL G 32 45.26 8.97 -30.77
N SER G 33 44.09 9.43 -31.20
CA SER G 33 44.03 10.38 -32.30
C SER G 33 44.68 11.71 -31.93
N ARG G 34 44.45 12.17 -30.70
CA ARG G 34 45.10 13.40 -30.25
C ARG G 34 46.61 13.26 -30.25
N VAL G 35 47.13 12.13 -29.76
CA VAL G 35 48.57 11.91 -29.77
C VAL G 35 49.08 11.80 -31.20
N MET G 36 48.31 11.17 -32.09
CA MET G 36 48.65 11.13 -33.50
C MET G 36 48.86 12.53 -34.06
N SER G 37 47.88 13.41 -33.84
CA SER G 37 47.97 14.77 -34.36
C SER G 37 49.16 15.52 -33.76
N GLU G 38 49.34 15.42 -32.44
CA GLU G 38 50.41 16.15 -31.79
C GLU G 38 51.78 15.68 -32.28
N THR G 39 51.96 14.37 -32.43
CA THR G 39 53.24 13.86 -32.89
C THR G 39 53.48 14.15 -34.37
N GLY G 40 52.42 14.12 -35.18
CA GLY G 40 52.57 14.46 -36.59
C GLY G 40 52.82 15.92 -36.84
N SER G 41 52.45 16.79 -35.89
CA SER G 41 52.77 18.20 -36.03
C SER G 41 54.29 18.45 -36.05
N LEU G 42 55.08 17.55 -35.49
CA LEU G 42 56.54 17.71 -35.46
C LEU G 42 57.22 17.24 -36.73
N LYS G 43 56.49 16.61 -37.65
CA LYS G 43 57.09 16.13 -38.88
C LYS G 43 57.66 17.27 -39.71
N THR G 44 56.97 18.42 -39.72
CA THR G 44 57.49 19.56 -40.47
C THR G 44 58.85 20.01 -39.94
N VAL G 45 58.96 20.15 -38.62
CA VAL G 45 60.22 20.58 -38.03
C VAL G 45 61.31 19.55 -38.30
N ILE G 46 61.01 18.27 -38.12
CA ILE G 46 62.02 17.24 -38.34
C ILE G 46 62.48 17.22 -39.78
N GLU G 47 61.54 17.32 -40.73
CA GLU G 47 61.90 17.31 -42.14
C GLU G 47 62.73 18.52 -42.52
N THR G 48 62.37 19.71 -42.04
CA THR G 48 63.16 20.89 -42.33
C THR G 48 64.56 20.78 -41.73
N CYS G 49 64.67 20.25 -40.52
CA CYS G 49 65.98 20.08 -39.90
C CYS G 49 66.84 19.11 -40.71
N ILE G 50 66.25 17.98 -41.12
CA ILE G 50 67.02 16.98 -41.86
C ILE G 50 67.45 17.52 -43.22
N LEU G 51 66.53 18.18 -43.93
CA LEU G 51 66.86 18.68 -45.26
C LEU G 51 67.80 19.89 -45.20
N ASP G 52 67.82 20.60 -44.08
CA ASP G 52 68.75 21.72 -43.91
C ASP G 52 70.16 21.25 -43.54
N GLY G 53 70.29 20.02 -43.05
CA GLY G 53 71.58 19.52 -42.64
C GLY G 53 71.93 19.78 -41.19
N LYS G 54 70.95 20.15 -40.37
CA LYS G 54 71.21 20.42 -38.96
C LYS G 54 71.51 19.13 -38.21
N THR G 55 72.15 19.27 -37.06
CA THR G 55 72.39 18.15 -36.16
C THR G 55 71.23 18.02 -35.18
N ALA G 56 71.28 16.98 -34.35
CA ALA G 56 70.22 16.76 -33.36
C ALA G 56 70.14 17.91 -32.37
N ALA G 57 71.30 18.39 -31.91
CA ALA G 57 71.31 19.45 -30.91
C ALA G 57 70.91 20.79 -31.52
N ASN G 58 71.14 20.99 -32.82
CA ASN G 58 70.85 22.26 -33.47
C ASN G 58 69.41 22.35 -33.99
N CYS G 59 68.65 21.27 -33.93
CA CYS G 59 67.26 21.27 -34.38
C CYS G 59 66.37 21.72 -33.23
N GLU G 60 65.85 22.95 -33.32
CA GLU G 60 65.01 23.50 -32.28
C GLU G 60 63.56 23.11 -32.51
N LEU G 61 62.91 22.58 -31.48
CA LEU G 61 61.52 22.19 -31.55
C LEU G 61 60.62 23.25 -30.95
N GLY G 62 59.40 23.33 -31.46
CA GLY G 62 58.39 24.19 -30.87
C GLY G 62 57.49 23.40 -29.95
N TRP G 63 57.99 22.24 -29.50
CA TRP G 63 57.18 21.33 -28.72
C TRP G 63 56.83 21.92 -27.35
N THR G 64 55.59 21.71 -26.94
CA THR G 64 55.12 22.04 -25.60
C THR G 64 54.60 20.77 -24.94
N ASN G 65 54.62 20.78 -23.61
CA ASN G 65 54.25 19.58 -22.86
C ASN G 65 52.80 19.18 -23.15
N SER G 66 52.61 17.89 -23.37
CA SER G 66 51.29 17.31 -23.62
C SER G 66 50.87 16.49 -22.41
N ASN G 67 49.64 16.70 -21.95
CA ASN G 67 49.17 16.02 -20.74
C ASN G 67 48.98 14.53 -20.93
N LEU G 68 49.03 14.03 -22.16
CA LEU G 68 48.98 12.60 -22.43
C LEU G 68 50.36 11.99 -22.62
N LEU G 69 51.42 12.77 -22.42
CA LEU G 69 52.82 12.35 -22.62
C LEU G 69 53.11 11.89 -24.04
N GLY G 70 52.26 12.24 -24.99
CA GLY G 70 52.46 11.85 -26.38
C GLY G 70 53.63 12.57 -27.03
N THR H 1 -5.46 -6.18 7.58
CA THR H 1 -4.96 -5.53 6.37
C THR H 1 -4.18 -4.27 6.71
N LEU H 2 -4.11 -3.95 8.00
CA LEU H 2 -3.33 -2.80 8.45
C LEU H 2 -1.84 -3.02 8.25
N ILE H 3 -1.36 -4.26 8.39
CA ILE H 3 0.05 -4.56 8.19
C ILE H 3 0.46 -4.29 6.75
N GLU H 4 -0.44 -4.53 5.81
CA GLU H 4 -0.14 -4.22 4.41
C GLU H 4 0.06 -2.72 4.20
N LEU H 5 -0.81 -1.90 4.79
CA LEU H 5 -0.65 -0.46 4.67
C LEU H 5 0.62 0.03 5.36
N MET H 6 0.95 -0.57 6.51
CA MET H 6 2.20 -0.19 7.17
C MET H 6 3.42 -0.58 6.35
N ILE H 7 3.37 -1.73 5.67
CA ILE H 7 4.46 -2.12 4.78
C ILE H 7 4.54 -1.15 3.61
N VAL H 8 3.40 -0.69 3.09
CA VAL H 8 3.41 0.31 2.02
C VAL H 8 4.06 1.60 2.51
N VAL H 9 3.73 2.03 3.72
CA VAL H 9 4.32 3.24 4.28
C VAL H 9 5.82 3.06 4.46
N ALA H 10 6.25 1.89 4.91
CA ALA H 10 7.68 1.62 5.06
C ALA H 10 8.39 1.67 3.72
N ILE H 11 7.76 1.12 2.67
CA ILE H 11 8.37 1.16 1.34
C ILE H 11 8.48 2.60 0.83
N ILE H 12 7.44 3.41 1.08
CA ILE H 12 7.49 4.81 0.69
C ILE H 12 8.62 5.53 1.41
N GLY H 13 8.76 5.26 2.71
CA GLY H 13 9.86 5.87 3.46
C GLY H 13 11.22 5.44 2.97
N ILE H 14 11.35 4.16 2.58
CA ILE H 14 12.62 3.67 2.05
C ILE H 14 12.95 4.36 0.74
N LEU H 15 11.95 4.48 -0.14
CA LEU H 15 12.20 5.12 -1.43
C LEU H 15 12.52 6.61 -1.27
N ALA H 16 11.86 7.28 -0.33
CA ALA H 16 12.10 8.70 -0.11
C ALA H 16 13.50 8.96 0.45
N ALA H 17 14.13 7.97 1.06
CA ALA H 17 15.46 8.12 1.64
C ALA H 17 16.57 7.81 0.64
N ILE H 18 16.32 7.98 -0.65
CA ILE H 18 17.36 7.75 -1.65
C ILE H 18 18.51 8.72 -1.43
N ALA H 19 19.72 8.26 -1.74
CA ALA H 19 20.93 9.05 -1.56
C ALA H 19 21.25 9.79 -2.86
N ILE H 20 21.27 11.11 -2.80
CA ILE H 20 21.59 11.95 -3.96
C ILE H 20 23.11 12.01 -4.10
N PRO H 21 23.67 11.58 -5.23
CA PRO H 21 25.12 11.51 -5.33
C PRO H 21 25.81 12.81 -5.73
N GLN H 22 25.41 13.92 -5.12
CA GLN H 22 26.14 15.18 -5.21
C GLN H 22 26.40 15.59 -6.66
N TYR H 23 25.30 15.89 -7.37
CA TYR H 23 25.39 16.20 -8.78
C TYR H 23 26.11 17.51 -9.07
N GLN H 24 26.35 18.35 -8.06
CA GLN H 24 27.04 19.62 -8.28
C GLN H 24 28.41 19.41 -8.90
N ASN H 25 29.06 18.29 -8.59
CA ASN H 25 30.37 18.02 -9.17
C ASN H 25 30.29 17.86 -10.68
N TYR H 26 29.19 17.32 -11.19
CA TYR H 26 29.06 17.13 -12.63
C TYR H 26 28.86 18.47 -13.34
N ILE H 27 27.73 19.13 -13.06
CA ILE H 27 27.32 20.32 -13.81
C ILE H 27 28.46 21.33 -13.90
N ALA H 28 28.95 21.78 -12.75
CA ALA H 28 30.02 22.78 -12.73
C ALA H 28 31.18 22.35 -13.62
N LYS H 29 31.63 21.09 -13.46
CA LYS H 29 32.73 20.60 -14.29
C LYS H 29 32.43 20.81 -15.76
N SER H 30 31.26 20.34 -16.22
CA SER H 30 30.90 20.54 -17.61
C SER H 30 30.95 22.01 -17.99
N GLN H 31 30.37 22.87 -17.14
CA GLN H 31 30.41 24.30 -17.42
C GLN H 31 31.84 24.77 -17.61
N VAL H 32 32.74 24.40 -16.68
CA VAL H 32 34.13 24.80 -16.81
C VAL H 32 34.69 24.30 -18.13
N SER H 33 34.43 23.04 -18.47
CA SER H 33 34.92 22.50 -19.73
C SER H 33 34.45 23.34 -20.90
N ARG H 34 33.17 23.74 -20.88
CA ARG H 34 32.65 24.55 -21.98
C ARG H 34 33.45 25.84 -22.10
N VAL H 35 33.70 26.51 -20.98
CA VAL H 35 34.50 27.73 -21.03
C VAL H 35 35.89 27.42 -21.56
N MET H 36 36.47 26.29 -21.12
CA MET H 36 37.79 25.89 -21.60
C MET H 36 37.81 25.82 -23.12
N SER H 37 36.68 25.47 -23.73
CA SER H 37 36.61 25.46 -25.19
C SER H 37 36.51 26.87 -25.74
N GLU H 38 35.57 27.66 -25.22
CA GLU H 38 35.25 28.95 -25.84
C GLU H 38 36.44 29.88 -25.84
N THR H 39 37.05 30.10 -24.67
CA THR H 39 38.25 30.91 -24.60
C THR H 39 39.34 30.36 -25.50
N GLY H 40 39.45 29.03 -25.60
CA GLY H 40 40.42 28.44 -26.50
C GLY H 40 40.23 28.85 -27.94
N SER H 41 38.97 28.98 -28.38
CA SER H 41 38.72 29.43 -29.75
C SER H 41 39.27 30.82 -30.01
N LEU H 42 39.52 31.61 -28.97
CA LEU H 42 40.12 32.92 -29.15
C LEU H 42 41.61 32.87 -29.44
N LYS H 43 42.30 31.79 -29.02
CA LYS H 43 43.74 31.74 -29.20
C LYS H 43 44.13 31.90 -30.66
N THR H 44 43.46 31.18 -31.56
CA THR H 44 43.81 31.24 -32.98
C THR H 44 43.68 32.65 -33.53
N VAL H 45 42.89 33.49 -32.87
CA VAL H 45 42.86 34.90 -33.25
C VAL H 45 44.07 35.62 -32.70
N ILE H 46 44.28 35.54 -31.39
CA ILE H 46 45.27 36.40 -30.74
C ILE H 46 46.66 36.16 -31.32
N GLU H 47 47.05 34.89 -31.47
CA GLU H 47 48.32 34.57 -32.08
C GLU H 47 48.46 35.23 -33.44
N THR H 48 47.44 35.08 -34.30
CA THR H 48 47.52 35.67 -35.63
C THR H 48 47.63 37.18 -35.56
N CYS H 49 47.07 37.80 -34.51
CA CYS H 49 47.29 39.22 -34.30
C CYS H 49 48.73 39.49 -33.88
N ILE H 50 49.21 38.73 -32.89
CA ILE H 50 50.54 39.00 -32.33
C ILE H 50 51.61 38.77 -33.38
N LEU H 51 51.51 37.68 -34.13
CA LEU H 51 52.46 37.39 -35.19
C LEU H 51 52.33 38.37 -36.35
N ASP H 52 51.23 39.13 -36.42
CA ASP H 52 51.08 40.12 -37.48
C ASP H 52 51.66 41.46 -37.05
N GLY H 53 51.64 41.76 -35.76
CA GLY H 53 52.08 43.04 -35.26
C GLY H 53 50.98 44.04 -35.01
N LYS H 54 49.73 43.62 -35.07
CA LYS H 54 48.61 44.53 -34.83
C LYS H 54 48.58 44.96 -33.37
N THR H 55 48.01 46.14 -33.13
CA THR H 55 47.83 46.63 -31.78
C THR H 55 46.57 46.01 -31.16
N ALA H 56 46.35 46.29 -29.88
CA ALA H 56 45.18 45.74 -29.19
C ALA H 56 43.89 46.26 -29.81
N ALA H 57 43.84 47.56 -30.15
CA ALA H 57 42.64 48.12 -30.73
C ALA H 57 42.41 47.63 -32.16
N ASN H 58 43.49 47.35 -32.90
CA ASN H 58 43.38 46.92 -34.28
C ASN H 58 43.15 45.42 -34.44
N CYS H 59 43.20 44.66 -33.35
CA CYS H 59 43.01 43.21 -33.42
C CYS H 59 41.53 42.91 -33.33
N GLU H 60 40.90 42.66 -34.48
CA GLU H 60 39.49 42.35 -34.50
C GLU H 60 39.23 40.99 -33.87
N LEU H 61 38.25 40.93 -32.96
CA LEU H 61 37.91 39.73 -32.22
C LEU H 61 36.51 39.29 -32.62
N GLY H 62 36.38 38.04 -33.05
CA GLY H 62 35.09 37.51 -33.44
C GLY H 62 34.33 36.90 -32.28
N TRP H 63 34.44 37.51 -31.11
CA TRP H 63 33.82 36.98 -29.90
C TRP H 63 32.31 37.17 -29.92
N THR H 64 31.59 36.19 -29.39
CA THR H 64 30.15 36.26 -29.20
C THR H 64 29.84 36.00 -27.73
N ASN H 65 28.83 36.68 -27.21
CA ASN H 65 28.52 36.58 -25.79
C ASN H 65 28.11 35.16 -25.42
N SER H 66 28.54 34.73 -24.24
CA SER H 66 28.23 33.40 -23.72
C SER H 66 27.35 33.53 -22.49
N ASN H 67 26.38 32.61 -22.36
CA ASN H 67 25.48 32.66 -21.21
C ASN H 67 26.26 32.50 -19.91
N LEU H 68 27.23 31.60 -19.88
CA LEU H 68 28.23 31.63 -18.82
C LEU H 68 29.10 32.86 -19.01
N LEU H 69 29.29 33.64 -17.94
CA LEU H 69 29.97 34.92 -18.07
C LEU H 69 31.41 34.78 -18.53
N GLY H 70 32.01 33.60 -18.36
CA GLY H 70 33.37 33.38 -18.79
C GLY H 70 33.52 33.29 -20.30
N THR I 1 -11.41 -5.33 14.50
CA THR I 1 -12.24 -4.30 15.09
C THR I 1 -12.55 -3.20 14.08
N LEU I 2 -13.63 -2.44 14.35
CA LEU I 2 -14.02 -1.38 13.43
C LEU I 2 -12.99 -0.26 13.40
N ILE I 3 -12.37 0.04 14.54
CA ILE I 3 -11.41 1.13 14.60
C ILE I 3 -10.19 0.84 13.74
N GLU I 4 -9.76 -0.42 13.67
CA GLU I 4 -8.63 -0.76 12.82
C GLU I 4 -8.95 -0.54 11.34
N LEU I 5 -10.15 -0.95 10.91
CA LEU I 5 -10.54 -0.75 9.53
C LEU I 5 -10.69 0.74 9.22
N MET I 6 -11.19 1.52 10.17
CA MET I 6 -11.30 2.96 9.95
C MET I 6 -9.92 3.62 9.87
N ILE I 7 -8.96 3.13 10.66
CA ILE I 7 -7.59 3.63 10.55
C ILE I 7 -7.02 3.28 9.19
N VAL I 8 -7.32 2.07 8.70
CA VAL I 8 -6.87 1.68 7.36
C VAL I 8 -7.46 2.61 6.30
N VAL I 9 -8.74 2.92 6.43
CA VAL I 9 -9.40 3.83 5.48
C VAL I 9 -8.77 5.21 5.54
N ALA I 10 -8.46 5.68 6.76
CA ALA I 10 -7.81 6.97 6.90
C ALA I 10 -6.44 6.99 6.24
N ILE I 11 -5.68 5.91 6.41
CA ILE I 11 -4.36 5.82 5.77
C ILE I 11 -4.51 5.83 4.25
N ILE I 12 -5.50 5.09 3.73
CA ILE I 12 -5.74 5.06 2.29
C ILE I 12 -6.07 6.46 1.79
N GLY I 13 -6.94 7.18 2.50
CA GLY I 13 -7.27 8.54 2.11
C GLY I 13 -6.08 9.48 2.17
N ILE I 14 -5.21 9.30 3.17
CA ILE I 14 -4.01 10.13 3.28
C ILE I 14 -3.09 9.88 2.09
N LEU I 15 -2.89 8.60 1.74
CA LEU I 15 -2.00 8.28 0.64
C LEU I 15 -2.56 8.73 -0.70
N ALA I 16 -3.89 8.66 -0.86
CA ALA I 16 -4.49 9.04 -2.14
C ALA I 16 -4.42 10.54 -2.36
N ALA I 17 -4.35 11.33 -1.29
CA ALA I 17 -4.35 12.79 -1.39
C ALA I 17 -2.95 13.38 -1.45
N ILE I 18 -1.97 12.62 -1.94
CA ILE I 18 -0.61 13.14 -2.03
C ILE I 18 -0.54 14.25 -3.07
N ALA I 19 0.29 15.25 -2.79
CA ALA I 19 0.43 16.40 -3.68
C ALA I 19 1.30 16.03 -4.87
N ILE I 20 0.75 16.17 -6.07
CA ILE I 20 1.46 15.85 -7.31
C ILE I 20 2.08 17.13 -7.85
N PRO I 21 3.40 17.20 -8.00
CA PRO I 21 4.01 18.40 -8.58
C PRO I 21 3.69 18.52 -10.07
N GLN I 22 3.85 19.74 -10.57
CA GLN I 22 3.55 20.01 -11.98
C GLN I 22 4.64 19.42 -12.87
N TYR I 23 4.48 18.15 -13.25
CA TYR I 23 5.46 17.47 -14.09
C TYR I 23 5.49 18.02 -15.52
N GLN I 24 4.51 18.84 -15.90
CA GLN I 24 4.52 19.42 -17.23
C GLN I 24 5.77 20.24 -17.49
N ASN I 25 6.30 20.89 -16.45
CA ASN I 25 7.50 21.71 -16.62
C ASN I 25 8.68 20.87 -17.08
N TYR I 26 8.89 19.70 -16.46
CA TYR I 26 10.02 18.87 -16.81
C TYR I 26 9.93 18.39 -18.26
N ILE I 27 8.77 17.88 -18.66
CA ILE I 27 8.60 17.37 -20.02
C ILE I 27 8.76 18.48 -21.03
N ALA I 28 8.15 19.64 -20.77
CA ALA I 28 8.26 20.75 -21.70
C ALA I 28 9.70 21.23 -21.83
N LYS I 29 10.41 21.33 -20.72
CA LYS I 29 11.80 21.77 -20.77
C LYS I 29 12.67 20.77 -21.53
N SER I 30 12.46 19.47 -21.29
CA SER I 30 13.23 18.46 -22.02
C SER I 30 12.95 18.51 -23.51
N GLN I 31 11.69 18.66 -23.89
CA GLN I 31 11.35 18.73 -25.31
C GLN I 31 11.95 19.97 -25.96
N VAL I 32 11.89 21.11 -25.27
CA VAL I 32 12.47 22.33 -25.82
C VAL I 32 13.98 22.21 -25.95
N SER I 33 14.64 21.57 -24.98
CA SER I 33 16.08 21.37 -25.09
C SER I 33 16.43 20.45 -26.24
N ARG I 34 15.65 19.39 -26.44
CA ARG I 34 15.90 18.49 -27.57
C ARG I 34 15.72 19.22 -28.89
N VAL I 35 14.68 20.05 -29.00
CA VAL I 35 14.48 20.82 -30.22
C VAL I 35 15.62 21.83 -30.41
N MET I 36 16.09 22.43 -29.32
CA MET I 36 17.27 23.28 -29.38
C MET I 36 18.45 22.56 -30.01
N SER I 37 18.76 21.37 -29.50
CA SER I 37 19.91 20.63 -30.02
C SER I 37 19.71 20.25 -31.48
N GLU I 38 18.52 19.74 -31.83
CA GLU I 38 18.28 19.31 -33.20
C GLU I 38 18.37 20.49 -34.17
N THR I 39 17.80 21.64 -33.80
CA THR I 39 17.82 22.79 -34.68
C THR I 39 19.21 23.39 -34.78
N GLY I 40 19.96 23.43 -33.67
CA GLY I 40 21.32 23.94 -33.70
C GLY I 40 22.28 23.05 -34.45
N SER I 41 21.95 21.77 -34.61
CA SER I 41 22.78 20.90 -35.42
C SER I 41 22.86 21.35 -36.88
N LEU I 42 21.88 22.13 -37.35
CA LEU I 42 21.86 22.58 -38.74
C LEU I 42 22.67 23.86 -38.97
N LYS I 43 23.16 24.50 -37.91
CA LYS I 43 23.95 25.71 -38.07
C LYS I 43 25.22 25.46 -38.87
N THR I 44 25.83 24.29 -38.69
CA THR I 44 27.03 23.95 -39.46
C THR I 44 26.73 23.94 -40.95
N VAL I 45 25.66 23.25 -41.36
CA VAL I 45 25.32 23.18 -42.77
C VAL I 45 24.97 24.56 -43.31
N ILE I 46 24.21 25.34 -42.54
CA ILE I 46 23.79 26.65 -43.02
C ILE I 46 25.01 27.57 -43.20
N GLU I 47 25.92 27.58 -42.22
CA GLU I 47 27.09 28.42 -42.31
C GLU I 47 28.00 27.97 -43.45
N THR I 48 28.17 26.67 -43.64
CA THR I 48 28.99 26.18 -44.74
C THR I 48 28.39 26.57 -46.08
N CYS I 49 27.06 26.48 -46.22
CA CYS I 49 26.42 26.88 -47.46
C CYS I 49 26.59 28.38 -47.71
N ILE I 50 26.39 29.19 -46.67
CA ILE I 50 26.46 30.64 -46.84
C ILE I 50 27.87 31.07 -47.20
N LEU I 51 28.86 30.54 -46.50
CA LEU I 51 30.25 30.94 -46.75
C LEU I 51 30.78 30.47 -48.08
N ASP I 52 30.12 29.50 -48.73
CA ASP I 52 30.51 29.05 -50.05
C ASP I 52 29.74 29.74 -51.17
N GLY I 53 28.83 30.64 -50.84
CA GLY I 53 28.07 31.35 -51.85
C GLY I 53 27.01 30.54 -52.55
N LYS I 54 26.60 29.42 -51.97
CA LYS I 54 25.57 28.59 -52.57
C LYS I 54 24.19 29.23 -52.39
N THR I 55 23.28 28.89 -53.28
CA THR I 55 21.91 29.36 -53.21
C THR I 55 21.10 28.47 -52.27
N ALA I 56 19.85 28.89 -52.01
CA ALA I 56 18.98 28.14 -51.11
C ALA I 56 18.68 26.75 -51.67
N ALA I 57 18.43 26.67 -52.98
CA ALA I 57 18.10 25.39 -53.60
C ALA I 57 19.31 24.46 -53.69
N ASN I 58 20.52 25.02 -53.71
CA ASN I 58 21.73 24.22 -53.84
C ASN I 58 22.32 23.81 -52.49
N CYS I 59 21.70 24.20 -51.39
CA CYS I 59 22.19 23.85 -50.05
C CYS I 59 21.54 22.55 -49.62
N GLU I 60 22.30 21.47 -49.64
CA GLU I 60 21.79 20.16 -49.25
C GLU I 60 21.77 20.04 -47.74
N LEU I 61 20.61 19.77 -47.17
CA LEU I 61 20.44 19.61 -45.73
C LEU I 61 20.33 18.13 -45.39
N GLY I 62 21.19 17.67 -44.48
CA GLY I 62 21.09 16.31 -44.00
C GLY I 62 20.10 16.21 -42.85
N TRP I 63 18.86 16.62 -43.10
CA TRP I 63 17.85 16.72 -42.06
C TRP I 63 16.96 15.47 -42.07
N THR I 64 16.74 14.90 -40.90
CA THR I 64 15.82 13.80 -40.71
C THR I 64 14.61 14.29 -39.90
N ASN I 65 13.43 13.79 -40.26
CA ASN I 65 12.20 14.26 -39.63
C ASN I 65 12.22 13.99 -38.13
N SER I 66 11.81 15.00 -37.36
CA SER I 66 11.76 14.94 -35.92
C SER I 66 10.31 14.79 -35.46
N ASN I 67 10.08 13.90 -34.50
CA ASN I 67 8.72 13.64 -34.04
C ASN I 67 8.14 14.81 -33.24
N LEU I 68 8.96 15.79 -32.86
CA LEU I 68 8.47 17.00 -32.21
C LEU I 68 8.25 18.15 -33.19
N LEU I 69 8.44 17.90 -34.49
CA LEU I 69 8.34 18.89 -35.55
C LEU I 69 9.31 20.05 -35.39
N GLY I 70 10.37 19.87 -34.60
CA GLY I 70 11.35 20.92 -34.41
C GLY I 70 12.16 21.22 -35.66
N THR J 1 -22.01 -7.34 19.05
CA THR J 1 -23.29 -6.77 18.68
C THR J 1 -23.75 -7.29 17.32
N LEU J 2 -22.80 -7.86 16.57
CA LEU J 2 -23.04 -8.58 15.32
C LEU J 2 -23.41 -7.63 14.18
N ILE J 3 -23.62 -6.35 14.49
CA ILE J 3 -23.81 -5.37 13.42
C ILE J 3 -22.49 -4.70 13.09
N GLU J 4 -21.68 -4.41 14.13
CA GLU J 4 -20.34 -3.89 13.91
C GLU J 4 -19.48 -4.91 13.17
N LEU J 5 -19.59 -6.18 13.53
CA LEU J 5 -18.80 -7.21 12.85
C LEU J 5 -19.21 -7.34 11.39
N MET J 6 -20.50 -7.27 11.09
CA MET J 6 -20.92 -7.34 9.69
C MET J 6 -20.50 -6.09 8.92
N ILE J 7 -20.50 -4.93 9.58
CA ILE J 7 -19.98 -3.72 8.93
C ILE J 7 -18.50 -3.89 8.62
N VAL J 8 -17.75 -4.50 9.55
CA VAL J 8 -16.32 -4.75 9.32
C VAL J 8 -16.14 -5.70 8.14
N VAL J 9 -16.96 -6.76 8.07
CA VAL J 9 -16.87 -7.70 6.97
C VAL J 9 -17.18 -7.02 5.65
N ALA J 10 -18.20 -6.16 5.63
CA ALA J 10 -18.53 -5.42 4.43
C ALA J 10 -17.39 -4.50 4.00
N ILE J 11 -16.73 -3.85 4.97
CA ILE J 11 -15.60 -2.98 4.65
C ILE J 11 -14.46 -3.79 4.08
N ILE J 12 -14.18 -4.97 4.65
CA ILE J 12 -13.14 -5.84 4.11
C ILE J 12 -13.46 -6.25 2.68
N GLY J 13 -14.72 -6.62 2.43
CA GLY J 13 -15.12 -6.98 1.08
C GLY J 13 -14.98 -5.83 0.10
N ILE J 14 -15.30 -4.61 0.56
CA ILE J 14 -15.16 -3.43 -0.29
C ILE J 14 -13.69 -3.20 -0.63
N LEU J 15 -12.82 -3.28 0.37
CA LEU J 15 -11.40 -3.04 0.16
C LEU J 15 -10.79 -4.10 -0.75
N ALA J 16 -11.17 -5.36 -0.57
CA ALA J 16 -10.61 -6.43 -1.38
C ALA J 16 -11.04 -6.35 -2.83
N ALA J 17 -12.14 -5.67 -3.13
CA ALA J 17 -12.67 -5.56 -4.48
C ALA J 17 -12.20 -4.31 -5.21
N ILE J 18 -11.06 -3.75 -4.82
CA ILE J 18 -10.56 -2.55 -5.47
C ILE J 18 -10.16 -2.87 -6.91
N ALA J 19 -10.40 -1.93 -7.81
CA ALA J 19 -10.11 -2.13 -9.22
C ALA J 19 -8.61 -1.95 -9.46
N ILE J 20 -7.97 -3.00 -9.97
CA ILE J 20 -6.53 -2.98 -10.24
C ILE J 20 -6.35 -2.59 -11.70
N PRO J 21 -5.64 -1.49 -11.98
CA PRO J 21 -5.38 -1.13 -13.38
C PRO J 21 -4.38 -2.09 -14.03
N GLN J 22 -4.38 -2.09 -15.35
CA GLN J 22 -3.49 -2.97 -16.10
C GLN J 22 -2.06 -2.46 -16.02
N TYR J 23 -1.32 -2.88 -14.98
CA TYR J 23 0.05 -2.46 -14.80
C TYR J 23 1.00 -3.05 -15.84
N GLN J 24 0.54 -4.01 -16.64
CA GLN J 24 1.36 -4.58 -17.69
C GLN J 24 1.82 -3.52 -18.68
N ASN J 25 0.97 -2.50 -18.92
CA ASN J 25 1.32 -1.46 -19.88
C ASN J 25 2.56 -0.69 -19.44
N TYR J 26 2.62 -0.32 -18.16
CA TYR J 26 3.77 0.45 -17.67
C TYR J 26 5.06 -0.34 -17.80
N ILE J 27 5.05 -1.60 -17.35
CA ILE J 27 6.25 -2.42 -17.39
C ILE J 27 6.70 -2.65 -18.83
N ALA J 28 5.75 -2.97 -19.71
CA ALA J 28 6.08 -3.21 -21.11
C ALA J 28 6.65 -1.96 -21.76
N LYS J 29 6.05 -0.79 -21.51
CA LYS J 29 6.55 0.44 -22.09
C LYS J 29 7.95 0.77 -21.58
N SER J 30 8.19 0.59 -20.28
CA SER J 30 9.51 0.86 -19.73
C SER J 30 10.56 -0.08 -20.32
N GLN J 31 10.23 -1.37 -20.44
CA GLN J 31 11.18 -2.32 -21.01
C GLN J 31 11.47 -2.00 -22.47
N VAL J 32 10.44 -1.65 -23.24
CA VAL J 32 10.65 -1.31 -24.64
C VAL J 32 11.49 -0.05 -24.77
N SER J 33 11.26 0.95 -23.91
CA SER J 33 12.06 2.16 -23.95
C SER J 33 13.52 1.88 -23.61
N ARG J 34 13.76 1.03 -22.61
CA ARG J 34 15.13 0.69 -22.24
C ARG J 34 15.83 -0.04 -23.39
N VAL J 35 15.13 -0.99 -24.02
CA VAL J 35 15.70 -1.70 -25.16
C VAL J 35 15.98 -0.74 -26.31
N MET J 36 15.07 0.22 -26.53
CA MET J 36 15.30 1.25 -27.53
C MET J 36 16.59 2.02 -27.25
N SER J 37 16.80 2.41 -25.99
CA SER J 37 18.01 3.16 -25.65
C SER J 37 19.27 2.32 -25.87
N GLU J 38 19.28 1.08 -25.40
CA GLU J 38 20.46 0.24 -25.56
C GLU J 38 20.76 -0.02 -27.03
N THR J 39 19.73 -0.30 -27.83
CA THR J 39 19.96 -0.55 -29.25
C THR J 39 20.41 0.71 -29.98
N GLY J 40 19.87 1.87 -29.60
CA GLY J 40 20.31 3.10 -30.23
C GLY J 40 21.70 3.51 -29.83
N SER J 41 22.19 3.02 -28.69
CA SER J 41 23.56 3.31 -28.29
C SER J 41 24.59 2.75 -29.27
N LEU J 42 24.24 1.73 -30.05
CA LEU J 42 25.16 1.15 -31.03
C LEU J 42 25.17 1.88 -32.36
N LYS J 43 24.30 2.88 -32.53
CA LYS J 43 24.23 3.59 -33.80
C LYS J 43 25.54 4.32 -34.10
N THR J 44 26.16 4.91 -33.09
CA THR J 44 27.43 5.59 -33.30
C THR J 44 28.52 4.63 -33.76
N VAL J 45 28.60 3.44 -33.15
CA VAL J 45 29.61 2.47 -33.56
C VAL J 45 29.35 2.00 -34.99
N ILE J 46 28.10 1.71 -35.32
CA ILE J 46 27.79 1.25 -36.67
C ILE J 46 28.09 2.34 -37.69
N GLU J 47 27.74 3.59 -37.39
CA GLU J 47 28.01 4.69 -38.31
C GLU J 47 29.50 4.89 -38.51
N THR J 48 30.27 4.85 -37.43
CA THR J 48 31.72 5.00 -37.57
C THR J 48 32.33 3.87 -38.38
N CYS J 49 31.87 2.64 -38.14
CA CYS J 49 32.37 1.50 -38.91
C CYS J 49 32.05 1.65 -40.39
N ILE J 50 30.81 2.05 -40.71
CA ILE J 50 30.40 2.17 -42.11
C ILE J 50 31.18 3.28 -42.80
N LEU J 51 31.28 4.44 -42.15
CA LEU J 51 31.99 5.56 -42.74
C LEU J 51 33.50 5.35 -42.80
N ASP J 52 34.04 4.44 -41.99
CA ASP J 52 35.45 4.10 -42.04
C ASP J 52 35.76 3.07 -43.11
N GLY J 53 34.74 2.41 -43.67
CA GLY J 53 34.97 1.40 -44.68
C GLY J 53 35.31 0.03 -44.15
N LYS J 54 35.16 -0.18 -42.85
CA LYS J 54 35.49 -1.47 -42.27
C LYS J 54 34.44 -2.52 -42.64
N THR J 55 34.86 -3.78 -42.62
CA THR J 55 33.96 -4.88 -42.88
C THR J 55 33.18 -5.25 -41.62
N ALA J 56 32.24 -6.19 -41.77
CA ALA J 56 31.44 -6.61 -40.63
C ALA J 56 32.29 -7.27 -39.56
N ALA J 57 33.24 -8.10 -39.96
CA ALA J 57 34.10 -8.80 -39.00
C ALA J 57 35.08 -7.86 -38.30
N ASN J 58 35.43 -6.75 -38.93
CA ASN J 58 36.40 -5.81 -38.38
C ASN J 58 35.77 -4.71 -37.55
N CYS J 59 34.45 -4.69 -37.43
CA CYS J 59 33.75 -3.67 -36.66
C CYS J 59 33.61 -4.16 -35.22
N GLU J 60 34.39 -3.56 -34.32
CA GLU J 60 34.37 -3.96 -32.92
C GLU J 60 33.21 -3.25 -32.20
N LEU J 61 32.44 -4.01 -31.44
CA LEU J 61 31.33 -3.49 -30.67
C LEU J 61 31.67 -3.46 -29.19
N GLY J 62 31.30 -2.37 -28.52
CA GLY J 62 31.43 -2.30 -27.09
C GLY J 62 30.18 -2.81 -26.40
N TRP J 63 29.62 -3.89 -26.95
CA TRP J 63 28.33 -4.41 -26.49
C TRP J 63 28.53 -5.34 -25.30
N THR J 64 27.71 -5.15 -24.28
CA THR J 64 27.64 -6.05 -23.13
C THR J 64 26.26 -6.68 -23.09
N ASN J 65 26.19 -7.92 -22.60
CA ASN J 65 24.93 -8.65 -22.58
C ASN J 65 23.90 -7.94 -21.70
N SER J 66 22.67 -7.90 -22.19
CA SER J 66 21.56 -7.28 -21.49
C SER J 66 20.56 -8.34 -21.06
N ASN J 67 20.03 -8.20 -19.85
CA ASN J 67 19.03 -9.15 -19.37
C ASN J 67 17.79 -9.15 -20.25
N LEU J 68 17.55 -8.06 -20.98
CA LEU J 68 16.60 -8.06 -22.08
C LEU J 68 17.39 -8.22 -23.38
N LEU J 69 17.21 -9.36 -24.07
CA LEU J 69 18.04 -9.64 -25.23
C LEU J 69 17.84 -8.62 -26.34
N GLY J 70 16.76 -7.84 -26.30
CA GLY J 70 16.53 -6.81 -27.30
C GLY J 70 17.47 -5.63 -27.18
N THR K 1 -30.05 -14.74 23.67
CA THR K 1 -29.19 -14.24 22.59
C THR K 1 -27.75 -14.67 22.80
N LEU K 2 -27.54 -15.79 23.50
CA LEU K 2 -26.20 -16.30 23.70
C LEU K 2 -25.59 -16.79 22.39
N ILE K 3 -26.42 -17.35 21.50
CA ILE K 3 -25.92 -17.81 20.22
C ILE K 3 -25.41 -16.64 19.39
N GLU K 4 -26.04 -15.47 19.52
CA GLU K 4 -25.54 -14.29 18.80
C GLU K 4 -24.14 -13.90 19.27
N LEU K 5 -23.92 -13.90 20.58
CA LEU K 5 -22.60 -13.58 21.11
C LEU K 5 -21.58 -14.63 20.71
N MET K 6 -21.97 -15.90 20.70
CA MET K 6 -21.04 -16.94 20.27
C MET K 6 -20.70 -16.81 18.79
N ILE K 7 -21.67 -16.42 17.95
CA ILE K 7 -21.39 -16.17 16.55
C ILE K 7 -20.44 -14.98 16.41
N VAL K 8 -20.62 -13.95 17.23
CA VAL K 8 -19.70 -12.80 17.20
C VAL K 8 -18.29 -13.25 17.57
N VAL K 9 -18.17 -14.09 18.60
CA VAL K 9 -16.86 -14.59 19.00
C VAL K 9 -16.24 -15.43 17.88
N ALA K 10 -17.05 -16.24 17.20
CA ALA K 10 -16.55 -17.03 16.08
C ALA K 10 -16.05 -16.14 14.96
N ILE K 11 -16.76 -15.06 14.66
CA ILE K 11 -16.31 -14.14 13.62
C ILE K 11 -15.01 -13.46 14.02
N ILE K 12 -14.89 -13.08 15.28
CA ILE K 12 -13.65 -12.47 15.76
C ILE K 12 -12.50 -13.46 15.61
N GLY K 13 -12.72 -14.71 15.99
CA GLY K 13 -11.67 -15.72 15.83
C GLY K 13 -11.30 -15.95 14.38
N ILE K 14 -12.29 -15.93 13.49
CA ILE K 14 -12.02 -16.10 12.07
C ILE K 14 -11.18 -14.96 11.54
N LEU K 15 -11.53 -13.73 11.91
CA LEU K 15 -10.80 -12.56 11.43
C LEU K 15 -9.39 -12.52 11.99
N ALA K 16 -9.21 -12.90 13.26
CA ALA K 16 -7.88 -12.86 13.85
C ALA K 16 -6.93 -13.88 13.23
N ALA K 17 -7.46 -14.94 12.64
CA ALA K 17 -6.65 -16.02 12.08
C ALA K 17 -6.38 -15.83 10.59
N ILE K 18 -6.40 -14.58 10.10
CA ILE K 18 -6.13 -14.34 8.69
C ILE K 18 -4.68 -14.64 8.38
N ALA K 19 -4.44 -15.28 7.23
CA ALA K 19 -3.08 -15.63 6.84
C ALA K 19 -2.30 -14.38 6.44
N ILE K 20 -1.10 -14.24 7.00
CA ILE K 20 -0.26 -13.08 6.75
C ILE K 20 0.81 -13.48 5.73
N PRO K 21 0.89 -12.82 4.58
CA PRO K 21 1.94 -13.13 3.62
C PRO K 21 3.31 -12.72 4.16
N GLN K 22 4.34 -13.37 3.61
CA GLN K 22 5.71 -13.08 4.02
C GLN K 22 6.14 -11.73 3.44
N TYR K 23 5.81 -10.65 4.14
CA TYR K 23 6.14 -9.30 3.68
C TYR K 23 7.63 -9.01 3.71
N GLN K 24 8.43 -9.87 4.34
CA GLN K 24 9.88 -9.66 4.35
C GLN K 24 10.46 -9.64 2.95
N ASN K 25 9.88 -10.42 2.04
CA ASN K 25 10.39 -10.45 0.67
C ASN K 25 10.27 -9.09 -0.01
N TYR K 26 9.14 -8.42 0.16
CA TYR K 26 8.93 -7.12 -0.48
C TYR K 26 9.94 -6.09 0.03
N ILE K 27 10.08 -5.99 1.35
CA ILE K 27 10.99 -5.01 1.93
C ILE K 27 12.42 -5.31 1.53
N ALA K 28 12.82 -6.58 1.59
CA ALA K 28 14.18 -6.94 1.23
C ALA K 28 14.47 -6.62 -0.23
N LYS K 29 13.53 -6.95 -1.13
CA LYS K 29 13.73 -6.67 -2.54
C LYS K 29 13.82 -5.17 -2.81
N SER K 30 12.95 -4.39 -2.15
CA SER K 30 13.00 -2.94 -2.33
C SER K 30 14.32 -2.36 -1.84
N GLN K 31 14.78 -2.81 -0.67
CA GLN K 31 16.05 -2.32 -0.15
C GLN K 31 17.22 -2.70 -1.05
N VAL K 32 17.22 -3.93 -1.58
CA VAL K 32 18.30 -4.36 -2.46
C VAL K 32 18.27 -3.57 -3.76
N SER K 33 17.08 -3.28 -4.28
CA SER K 33 16.99 -2.47 -5.49
C SER K 33 17.49 -1.05 -5.26
N ARG K 34 17.14 -0.47 -4.10
CA ARG K 34 17.63 0.87 -3.79
C ARG K 34 19.15 0.89 -3.66
N VAL K 35 19.71 -0.14 -3.03
CA VAL K 35 21.16 -0.23 -2.92
C VAL K 35 21.80 -0.43 -4.30
N MET K 36 21.15 -1.21 -5.16
CA MET K 36 21.59 -1.33 -6.55
C MET K 36 21.69 0.04 -7.21
N SER K 37 20.64 0.84 -7.11
CA SER K 37 20.65 2.15 -7.76
C SER K 37 21.72 3.05 -7.16
N GLU K 38 21.82 3.09 -5.84
CA GLU K 38 22.79 3.96 -5.17
C GLU K 38 24.21 3.58 -5.55
N THR K 39 24.52 2.28 -5.57
CA THR K 39 25.87 1.84 -5.89
C THR K 39 26.18 2.04 -7.36
N GLY K 40 25.21 1.79 -8.24
CA GLY K 40 25.42 1.99 -9.66
C GLY K 40 25.55 3.44 -10.06
N SER K 41 25.05 4.36 -9.23
CA SER K 41 25.26 5.77 -9.51
C SER K 41 26.74 6.17 -9.50
N LEU K 42 27.60 5.39 -8.82
CA LEU K 42 29.01 5.70 -8.74
C LEU K 42 29.80 5.16 -9.93
N LYS K 43 29.16 4.38 -10.81
CA LYS K 43 29.86 3.84 -11.98
C LYS K 43 30.37 4.94 -12.88
N THR K 44 29.60 6.02 -13.03
CA THR K 44 30.05 7.14 -13.86
C THR K 44 31.33 7.74 -13.33
N VAL K 45 31.37 8.01 -12.02
CA VAL K 45 32.57 8.60 -11.42
C VAL K 45 33.76 7.66 -11.55
N ILE K 46 33.55 6.38 -11.27
CA ILE K 46 34.66 5.42 -11.34
C ILE K 46 35.18 5.31 -12.77
N GLU K 47 34.28 5.22 -13.75
CA GLU K 47 34.71 5.12 -15.14
C GLU K 47 35.46 6.37 -15.59
N THR K 48 34.95 7.55 -15.23
CA THR K 48 35.65 8.77 -15.61
C THR K 48 37.02 8.86 -14.96
N CYS K 49 37.13 8.46 -13.69
CA CYS K 49 38.42 8.48 -13.02
C CYS K 49 39.39 7.52 -13.69
N ILE K 50 38.92 6.31 -14.04
CA ILE K 50 39.81 5.32 -14.65
C ILE K 50 40.26 5.79 -16.02
N LEU K 51 39.33 6.29 -16.84
CA LEU K 51 39.69 6.73 -18.18
C LEU K 51 40.51 8.00 -18.18
N ASP K 52 40.41 8.81 -17.12
CA ASP K 52 41.26 9.99 -17.01
C ASP K 52 42.66 9.64 -16.54
N GLY K 53 42.84 8.48 -15.92
CA GLY K 53 44.16 8.06 -15.45
C GLY K 53 44.52 8.51 -14.06
N LYS K 54 43.57 9.03 -13.29
CA LYS K 54 43.87 9.47 -11.94
C LYS K 54 44.05 8.27 -11.01
N THR K 55 44.72 8.51 -9.88
CA THR K 55 44.91 7.49 -8.88
C THR K 55 43.68 7.39 -7.98
N ALA K 56 43.71 6.41 -7.07
CA ALA K 56 42.58 6.21 -6.17
C ALA K 56 42.40 7.40 -5.24
N ALA K 57 43.50 7.94 -4.72
CA ALA K 57 43.40 9.07 -3.81
C ALA K 57 42.96 10.35 -4.50
N ASN K 58 43.22 10.46 -5.80
CA ASN K 58 42.88 11.66 -6.56
C ASN K 58 41.49 11.58 -7.19
N CYS K 59 40.77 10.48 -7.02
CA CYS K 59 39.43 10.32 -7.59
C CYS K 59 38.42 10.89 -6.61
N GLU K 60 37.90 12.07 -6.91
CA GLU K 60 36.89 12.68 -6.08
C GLU K 60 35.57 11.93 -6.23
N LEU K 61 35.03 11.45 -5.11
CA LEU K 61 33.81 10.68 -5.08
C LEU K 61 32.70 11.51 -4.46
N GLY K 62 31.63 11.74 -5.21
CA GLY K 62 30.51 12.50 -4.69
C GLY K 62 29.52 11.63 -3.95
N TRP K 63 30.00 10.87 -2.96
CA TRP K 63 29.17 9.94 -2.23
C TRP K 63 28.54 10.59 -1.01
N THR K 64 27.26 10.31 -0.81
CA THR K 64 26.52 10.77 0.36
C THR K 64 26.14 9.56 1.20
N ASN K 65 26.15 9.74 2.52
CA ASN K 65 25.86 8.66 3.44
C ASN K 65 24.49 8.04 3.15
N SER K 66 24.44 6.72 3.15
CA SER K 66 23.21 5.97 2.92
C SER K 66 22.85 5.21 4.18
N ASN K 67 21.57 5.29 4.58
CA ASN K 67 21.14 4.67 5.82
C ASN K 67 21.08 3.15 5.73
N LEU K 68 21.23 2.56 4.55
CA LEU K 68 21.31 1.12 4.39
C LEU K 68 22.75 0.62 4.36
N LEU K 69 23.73 1.51 4.56
CA LEU K 69 25.16 1.21 4.50
C LEU K 69 25.59 0.68 3.14
N GLY K 70 24.76 0.79 2.12
CA GLY K 70 25.10 0.31 0.79
C GLY K 70 26.20 1.12 0.14
N THR L 1 -33.15 -18.56 31.33
CA THR L 1 -32.66 -18.55 32.71
C THR L 1 -31.82 -17.30 32.98
N LEU L 2 -31.70 -16.93 34.26
CA LEU L 2 -30.92 -15.76 34.62
C LEU L 2 -29.43 -15.98 34.37
N ILE L 3 -28.94 -17.21 34.54
CA ILE L 3 -27.51 -17.46 34.40
C ILE L 3 -27.07 -17.25 32.95
N GLU L 4 -27.90 -17.63 31.98
CA GLU L 4 -27.54 -17.43 30.59
C GLU L 4 -27.46 -15.95 30.25
N LEU L 5 -28.42 -15.15 30.71
CA LEU L 5 -28.38 -13.72 30.46
C LEU L 5 -27.19 -13.07 31.15
N MET L 6 -26.85 -13.53 32.36
CA MET L 6 -25.69 -12.99 33.04
C MET L 6 -24.39 -13.36 32.33
N ILE L 7 -24.32 -14.56 31.76
CA ILE L 7 -23.17 -14.94 30.96
C ILE L 7 -23.08 -14.06 29.71
N VAL L 8 -24.22 -13.77 29.09
CA VAL L 8 -24.25 -12.87 27.94
C VAL L 8 -23.73 -11.49 28.32
N VAL L 9 -24.17 -10.97 29.47
CA VAL L 9 -23.70 -9.68 29.95
C VAL L 9 -22.19 -9.70 30.20
N ALA L 10 -21.70 -10.80 30.77
CA ALA L 10 -20.27 -10.93 31.01
C ALA L 10 -19.49 -10.93 29.70
N ILE L 11 -20.00 -11.62 28.68
CA ILE L 11 -19.33 -11.63 27.38
C ILE L 11 -19.33 -10.24 26.76
N ILE L 12 -20.44 -9.52 26.89
CA ILE L 12 -20.49 -8.14 26.38
C ILE L 12 -19.47 -7.28 27.08
N GLY L 13 -19.36 -7.40 28.41
CA GLY L 13 -18.38 -6.64 29.14
C GLY L 13 -16.95 -7.00 28.75
N ILE L 14 -16.69 -8.28 28.50
CA ILE L 14 -15.37 -8.71 28.06
C ILE L 14 -15.03 -8.11 26.70
N LEU L 15 -15.99 -8.15 25.78
CA LEU L 15 -15.73 -7.65 24.44
C LEU L 15 -15.55 -6.14 24.44
N ALA L 16 -16.31 -5.43 25.26
CA ALA L 16 -16.23 -3.97 25.30
C ALA L 16 -14.91 -3.47 25.88
N ALA L 17 -14.17 -4.32 26.59
CA ALA L 17 -12.94 -3.92 27.26
C ALA L 17 -11.69 -4.34 26.50
N ILE L 18 -11.78 -4.47 25.18
CA ILE L 18 -10.62 -4.85 24.38
C ILE L 18 -9.60 -3.71 24.37
N ALA L 19 -8.32 -4.08 24.40
CA ALA L 19 -7.26 -3.08 24.45
C ALA L 19 -7.09 -2.40 23.10
N ILE L 20 -6.98 -1.07 23.11
CA ILE L 20 -6.78 -0.29 21.90
C ILE L 20 -5.28 -0.19 21.63
N PRO L 21 -4.83 -0.51 20.41
CA PRO L 21 -3.39 -0.57 20.14
C PRO L 21 -2.71 0.79 19.96
N GLN L 22 -3.36 1.90 20.33
CA GLN L 22 -2.75 3.23 20.25
C GLN L 22 -2.33 3.57 18.82
N TYR L 23 -3.34 3.69 17.97
CA TYR L 23 -3.13 3.86 16.53
C TYR L 23 -2.50 5.20 16.17
N GLN L 24 -2.40 6.14 17.10
CA GLN L 24 -1.82 7.45 16.80
C GLN L 24 -0.39 7.31 16.28
N ASN L 25 0.35 6.30 16.74
CA ASN L 25 1.71 6.09 16.26
C ASN L 25 1.74 5.78 14.77
N TYR L 26 0.71 5.09 14.27
CA TYR L 26 0.68 4.74 12.85
C TYR L 26 0.36 5.97 12.00
N ILE L 27 -0.84 6.53 12.19
CA ILE L 27 -1.34 7.59 11.32
C ILE L 27 -0.31 8.69 11.17
N ALA L 28 0.09 9.31 12.29
CA ALA L 28 1.06 10.40 12.24
C ALA L 28 2.29 10.00 11.44
N LYS L 29 2.84 8.81 11.73
CA LYS L 29 4.02 8.35 11.00
C LYS L 29 3.78 8.41 9.50
N SER L 30 2.68 7.81 9.03
CA SER L 30 2.37 7.85 7.61
C SER L 30 2.32 9.28 7.12
N GLN L 31 1.63 10.16 7.86
CA GLN L 31 1.57 11.56 7.47
C GLN L 31 2.97 12.14 7.30
N VAL L 32 3.84 11.91 8.29
CA VAL L 32 5.20 12.42 8.17
C VAL L 32 5.86 11.86 6.93
N SER L 33 5.72 10.55 6.70
CA SER L 33 6.30 9.95 5.52
C SER L 33 5.81 10.63 4.26
N ARG L 34 4.51 10.95 4.21
CA ARG L 34 3.98 11.62 3.02
C ARG L 34 4.68 12.94 2.80
N VAL L 35 4.88 13.72 3.87
CA VAL L 35 5.60 14.98 3.73
C VAL L 35 7.01 14.72 3.23
N MET L 36 7.67 13.68 3.78
CA MET L 36 9.00 13.32 3.34
C MET L 36 9.06 13.13 1.84
N SER L 37 7.96 12.67 1.24
CA SER L 37 7.92 12.56 -0.21
C SER L 37 7.78 13.94 -0.86
N GLU L 38 6.76 14.69 -0.46
CA GLU L 38 6.38 15.89 -1.22
C GLU L 38 7.51 16.92 -1.22
N THR L 39 8.00 17.27 -0.03
CA THR L 39 9.13 18.20 0.05
C THR L 39 10.33 17.64 -0.70
N GLY L 40 10.53 16.32 -0.63
CA GLY L 40 11.61 15.71 -1.38
C GLY L 40 11.49 15.93 -2.88
N SER L 41 10.27 15.94 -3.41
CA SER L 41 10.08 16.19 -4.83
C SER L 41 10.56 17.58 -5.23
N LEU L 42 10.67 18.51 -4.28
CA LEU L 42 11.20 19.83 -4.58
C LEU L 42 12.71 19.83 -4.78
N LYS L 43 13.41 18.84 -4.22
CA LYS L 43 14.87 18.82 -4.31
C LYS L 43 15.33 18.83 -5.76
N THR L 44 14.49 18.34 -6.68
CA THR L 44 14.84 18.36 -8.09
C THR L 44 14.96 19.79 -8.62
N VAL L 45 13.96 20.64 -8.33
CA VAL L 45 13.95 21.96 -8.96
C VAL L 45 14.99 22.87 -8.31
N ILE L 46 15.06 22.87 -6.97
CA ILE L 46 15.94 23.79 -6.28
C ILE L 46 17.38 23.58 -6.72
N GLU L 47 17.85 22.33 -6.70
CA GLU L 47 19.17 22.02 -7.23
C GLU L 47 19.30 22.53 -8.66
N THR L 48 18.33 22.23 -9.51
CA THR L 48 18.38 22.68 -10.90
C THR L 48 18.48 24.19 -10.98
N CYS L 49 17.85 24.90 -10.04
CA CYS L 49 18.00 26.35 -10.01
C CYS L 49 19.40 26.75 -9.56
N ILE L 50 19.90 26.12 -8.49
CA ILE L 50 21.18 26.54 -7.90
C ILE L 50 22.31 26.31 -8.89
N LEU L 51 22.31 25.14 -9.55
CA LEU L 51 23.33 24.85 -10.54
C LEU L 51 23.17 25.70 -11.79
N ASP L 52 22.02 26.36 -11.97
CA ASP L 52 21.81 27.23 -13.12
C ASP L 52 22.22 28.67 -12.82
N GLY L 53 22.12 29.09 -11.56
CA GLY L 53 22.47 30.44 -11.18
C GLY L 53 21.31 31.40 -11.08
N LYS L 54 20.08 30.91 -11.15
CA LYS L 54 18.92 31.78 -11.04
C LYS L 54 18.76 32.29 -9.60
N THR L 55 18.08 33.42 -9.46
CA THR L 55 17.77 33.97 -8.15
C THR L 55 16.55 33.28 -7.56
N ALA L 56 16.23 33.63 -6.32
CA ALA L 56 15.07 33.03 -5.65
C ALA L 56 13.77 33.38 -6.38
N ALA L 57 13.65 34.61 -6.84
CA ALA L 57 12.43 35.03 -7.52
C ALA L 57 12.30 34.40 -8.90
N ASN L 58 13.42 34.05 -9.53
CA ASN L 58 13.41 33.46 -10.86
C ASN L 58 13.34 31.95 -10.85
N CYS L 59 13.33 31.32 -9.68
CA CYS L 59 13.25 29.85 -9.58
C CYS L 59 11.77 29.46 -9.55
N GLU L 60 11.30 28.80 -10.61
CA GLU L 60 9.92 28.39 -10.72
C GLU L 60 9.71 27.08 -9.98
N LEU L 61 8.72 27.06 -9.08
CA LEU L 61 8.36 25.88 -8.31
C LEU L 61 7.03 25.33 -8.81
N GLY L 62 7.03 24.06 -9.21
CA GLY L 62 5.80 23.41 -9.60
C GLY L 62 5.08 22.83 -8.40
N TRP L 63 4.87 23.67 -7.38
CA TRP L 63 4.32 23.21 -6.11
C TRP L 63 2.81 23.32 -6.10
N THR L 64 2.15 22.26 -5.66
CA THR L 64 0.71 22.23 -5.45
C THR L 64 0.43 22.12 -3.95
N ASN L 65 -0.61 22.83 -3.50
CA ASN L 65 -0.90 22.90 -2.08
C ASN L 65 -1.18 21.51 -1.51
N SER L 66 -0.59 21.24 -0.35
CA SER L 66 -0.77 19.97 0.34
C SER L 66 -1.65 20.17 1.57
N ASN L 67 -2.58 19.24 1.78
CA ASN L 67 -3.52 19.37 2.88
C ASN L 67 -2.87 19.21 4.24
N LEU L 68 -1.62 18.77 4.30
CA LEU L 68 -0.86 18.72 5.55
C LEU L 68 -0.02 19.96 5.76
N LEU L 69 -0.33 21.05 5.05
CA LEU L 69 0.43 22.30 5.13
C LEU L 69 1.90 22.09 4.79
N GLY L 70 2.16 21.20 3.84
CA GLY L 70 3.52 20.92 3.42
C GLY L 70 4.36 20.25 4.49
N THR M 1 -39.19 -18.67 40.32
CA THR M 1 -40.13 -17.64 40.76
C THR M 1 -40.47 -16.68 39.62
N LEU M 2 -41.59 -15.97 39.76
CA LEU M 2 -42.00 -15.04 38.72
C LEU M 2 -41.08 -13.83 38.64
N ILE M 3 -40.54 -13.38 39.78
CA ILE M 3 -39.70 -12.19 39.79
C ILE M 3 -38.41 -12.45 39.01
N GLU M 4 -37.86 -13.67 39.10
CA GLU M 4 -36.67 -14.00 38.33
C GLU M 4 -36.94 -13.94 36.83
N LEU M 5 -38.07 -14.50 36.39
CA LEU M 5 -38.40 -14.48 34.97
C LEU M 5 -38.65 -13.06 34.49
N MET M 6 -39.29 -12.23 35.32
CA MET M 6 -39.49 -10.84 34.92
C MET M 6 -38.18 -10.07 34.88
N ILE M 7 -37.23 -10.39 35.76
CA ILE M 7 -35.91 -9.78 35.66
C ILE M 7 -35.23 -10.21 34.37
N VAL M 8 -35.39 -11.48 33.98
CA VAL M 8 -34.85 -11.94 32.70
C VAL M 8 -35.46 -11.17 31.55
N VAL M 9 -36.78 -10.96 31.59
CA VAL M 9 -37.46 -10.21 30.54
C VAL M 9 -36.95 -8.78 30.49
N ALA M 10 -36.74 -8.17 31.66
CA ALA M 10 -36.22 -6.81 31.71
C ALA M 10 -34.83 -6.74 31.11
N ILE M 11 -33.98 -7.72 31.41
CA ILE M 11 -32.63 -7.73 30.83
C ILE M 11 -32.70 -7.89 29.31
N ILE M 12 -33.60 -8.74 28.83
CA ILE M 12 -33.77 -8.90 27.39
C ILE M 12 -34.19 -7.58 26.76
N GLY M 13 -35.16 -6.90 27.38
CA GLY M 13 -35.59 -5.61 26.85
C GLY M 13 -34.49 -4.57 26.86
N ILE M 14 -33.66 -4.57 27.91
CA ILE M 14 -32.55 -3.64 27.98
C ILE M 14 -31.56 -3.91 26.87
N LEU M 15 -31.22 -5.19 26.66
CA LEU M 15 -30.25 -5.54 25.63
C LEU M 15 -30.77 -5.24 24.23
N ALA M 16 -32.06 -5.47 23.99
CA ALA M 16 -32.62 -5.24 22.67
C ALA M 16 -32.68 -3.77 22.29
N ALA M 17 -32.59 -2.86 23.26
CA ALA M 17 -32.72 -1.43 23.02
C ALA M 17 -31.37 -0.73 22.93
N ILE M 18 -30.32 -1.44 22.55
CA ILE M 18 -29.00 -0.83 22.42
C ILE M 18 -28.98 0.09 21.21
N ALA M 19 -28.39 1.27 21.37
CA ALA M 19 -28.37 2.25 20.31
C ALA M 19 -27.39 1.84 19.20
N ILE M 20 -27.83 1.97 17.96
CA ILE M 20 -26.99 1.68 16.80
C ILE M 20 -26.31 2.97 16.36
N PRO M 21 -24.97 3.02 16.31
CA PRO M 21 -24.26 4.28 16.08
C PRO M 21 -24.10 4.66 14.61
N GLN M 22 -25.18 4.56 13.84
CA GLN M 22 -25.29 5.13 12.50
C GLN M 22 -24.11 4.71 11.61
N TYR M 23 -24.08 3.41 11.32
CA TYR M 23 -22.97 2.81 10.61
C TYR M 23 -22.87 3.23 9.15
N GLN M 24 -23.87 3.94 8.62
CA GLN M 24 -23.84 4.35 7.22
C GLN M 24 -22.62 5.22 6.90
N ASN M 25 -22.19 6.05 7.86
CA ASN M 25 -21.10 6.97 7.61
C ASN M 25 -19.81 6.23 7.27
N TYR M 26 -19.49 5.17 8.01
CA TYR M 26 -18.26 4.44 7.78
C TYR M 26 -18.24 3.82 6.39
N ILE M 27 -19.34 3.15 6.01
CA ILE M 27 -19.40 2.50 4.70
C ILE M 27 -19.31 3.52 3.58
N ALA M 28 -20.05 4.63 3.71
CA ALA M 28 -20.01 5.65 2.67
C ALA M 28 -18.61 6.25 2.54
N LYS M 29 -17.96 6.54 3.66
CA LYS M 29 -16.62 7.10 3.60
C LYS M 29 -15.63 6.13 2.98
N SER M 30 -15.72 4.84 3.34
CA SER M 30 -14.82 3.85 2.75
C SER M 30 -15.04 3.73 1.26
N GLN M 31 -16.30 3.71 0.81
CA GLN M 31 -16.58 3.61 -0.62
C GLN M 31 -16.07 4.83 -1.37
N VAL M 32 -16.26 6.03 -0.80
CA VAL M 32 -15.78 7.24 -1.45
C VAL M 32 -14.26 7.24 -1.52
N SER M 33 -13.59 6.77 -0.46
CA SER M 33 -12.12 6.70 -0.49
C SER M 33 -11.64 5.72 -1.54
N ARG M 34 -12.30 4.57 -1.66
CA ARG M 34 -11.91 3.60 -2.68
C ARG M 34 -12.09 4.17 -4.08
N VAL M 35 -13.20 4.86 -4.31
CA VAL M 35 -13.41 5.48 -5.63
C VAL M 35 -12.37 6.57 -5.87
N MET M 36 -12.03 7.33 -4.82
CA MET M 36 -10.97 8.32 -4.92
C MET M 36 -9.68 7.70 -5.40
N SER M 37 -9.24 6.62 -4.76
CA SER M 37 -8.01 5.97 -5.15
C SER M 37 -8.09 5.42 -6.58
N GLU M 38 -9.21 4.78 -6.92
CA GLU M 38 -9.35 4.18 -8.24
C GLU M 38 -9.29 5.23 -9.33
N THR M 39 -9.97 6.36 -9.14
CA THR M 39 -9.95 7.41 -10.14
C THR M 39 -8.62 8.16 -10.17
N GLY M 40 -7.95 8.28 -9.03
CA GLY M 40 -6.65 8.92 -9.02
C GLY M 40 -5.58 8.08 -9.66
N SER M 41 -5.79 6.76 -9.72
CA SER M 41 -4.84 5.90 -10.42
C SER M 41 -4.73 6.22 -11.91
N LEU M 42 -5.76 6.83 -12.50
CA LEU M 42 -5.74 7.16 -13.93
C LEU M 42 -5.03 8.48 -14.23
N LYS M 43 -4.64 9.24 -13.19
CA LYS M 43 -3.96 10.50 -13.41
C LYS M 43 -2.64 10.30 -14.15
N THR M 44 -1.93 9.22 -13.84
CA THR M 44 -0.67 8.95 -14.53
C THR M 44 -0.88 8.78 -16.03
N VAL M 45 -1.87 7.97 -16.41
CA VAL M 45 -2.13 7.75 -17.83
C VAL M 45 -2.58 9.04 -18.51
N ILE M 46 -3.46 9.79 -17.86
CA ILE M 46 -3.96 11.02 -18.47
C ILE M 46 -2.83 12.02 -18.66
N GLU M 47 -1.98 12.19 -17.64
CA GLU M 47 -0.87 13.13 -17.75
C GLU M 47 0.13 12.69 -18.81
N THR M 48 0.43 11.40 -18.87
CA THR M 48 1.35 10.91 -19.90
C THR M 48 0.79 11.15 -21.30
N CYS M 49 -0.50 10.88 -21.49
CA CYS M 49 -1.11 11.12 -22.79
C CYS M 49 -1.08 12.59 -23.16
N ILE M 50 -1.40 13.48 -22.20
CA ILE M 50 -1.43 14.91 -22.49
C ILE M 50 -0.04 15.42 -22.83
N LEU M 51 0.96 15.04 -22.03
CA LEU M 51 2.32 15.52 -22.26
C LEU M 51 2.94 14.89 -23.50
N ASP M 52 2.45 13.72 -23.93
CA ASP M 52 2.92 13.11 -25.16
C ASP M 52 2.32 13.75 -26.40
N GLY M 53 1.13 14.35 -26.28
CA GLY M 53 0.46 14.95 -27.41
C GLY M 53 -0.56 14.09 -28.11
N LYS M 54 -0.90 12.94 -27.54
CA LYS M 54 -1.88 12.06 -28.15
C LYS M 54 -3.28 12.66 -28.08
N THR M 55 -4.15 12.21 -28.98
CA THR M 55 -5.54 12.63 -28.97
C THR M 55 -6.33 11.79 -27.97
N ALA M 56 -7.61 12.13 -27.81
CA ALA M 56 -8.45 11.39 -26.87
C ALA M 56 -8.61 9.93 -27.29
N ALA M 57 -8.80 9.69 -28.59
CA ALA M 57 -8.98 8.32 -29.06
C ALA M 57 -7.69 7.52 -29.05
N ASN M 58 -6.53 8.17 -29.05
CA ASN M 58 -5.25 7.49 -29.07
C ASN M 58 -4.68 7.25 -27.68
N CYS M 59 -5.37 7.69 -26.63
CA CYS M 59 -4.91 7.46 -25.26
C CYS M 59 -5.46 6.13 -24.76
N GLU M 60 -4.57 5.19 -24.46
CA GLU M 60 -4.95 3.87 -24.01
C GLU M 60 -5.08 3.87 -22.50
N LEU M 61 -6.30 3.61 -22.01
CA LEU M 61 -6.56 3.53 -20.58
C LEU M 61 -6.53 2.07 -20.14
N GLY M 62 -5.73 1.79 -19.12
CA GLY M 62 -5.71 0.46 -18.54
C GLY M 62 -6.77 0.31 -17.48
N TRP M 63 -8.00 0.69 -17.82
CA TRP M 63 -9.09 0.75 -16.85
C TRP M 63 -9.82 -0.59 -16.78
N THR M 64 -10.05 -1.04 -15.56
CA THR M 64 -10.85 -2.23 -15.28
C THR M 64 -12.13 -1.80 -14.58
N ASN M 65 -13.24 -2.44 -14.95
CA ASN M 65 -14.54 -2.04 -14.43
C ASN M 65 -14.58 -2.15 -12.91
N SER M 66 -15.16 -1.12 -12.28
CA SER M 66 -15.28 -1.04 -10.84
C SER M 66 -16.73 -1.29 -10.43
N ASN M 67 -16.92 -2.10 -9.39
CA ASN M 67 -18.26 -2.43 -8.95
C ASN M 67 -18.98 -1.27 -8.29
N LEU M 68 -18.28 -0.17 -8.00
CA LEU M 68 -18.90 1.03 -7.48
C LEU M 68 -19.22 2.04 -8.58
N LEU M 69 -19.02 1.68 -9.84
CA LEU M 69 -19.19 2.55 -11.00
C LEU M 69 -18.31 3.79 -10.96
N GLY M 70 -17.31 3.83 -10.11
CA GLY M 70 -16.43 4.97 -10.00
C GLY M 70 -15.53 5.15 -11.21
N THR N 1 -51.26 -20.77 44.69
CA THR N 1 -50.38 -20.04 43.80
C THR N 1 -50.00 -20.88 42.59
N LEU N 2 -50.88 -21.82 42.21
CA LEU N 2 -50.61 -22.65 41.04
C LEU N 2 -50.64 -21.83 39.76
N ILE N 3 -51.51 -20.81 39.72
CA ILE N 3 -51.59 -19.97 38.53
C ILE N 3 -50.28 -19.22 38.31
N GLU N 4 -49.61 -18.80 39.39
CA GLU N 4 -48.33 -18.13 39.24
C GLU N 4 -47.28 -19.06 38.64
N LEU N 5 -47.23 -20.31 39.12
CA LEU N 5 -46.26 -21.26 38.58
C LEU N 5 -46.56 -21.59 37.13
N MET N 6 -47.84 -21.69 36.78
CA MET N 6 -48.19 -21.94 35.38
C MET N 6 -47.86 -20.75 34.49
N ILE N 7 -48.01 -19.53 35.01
CA ILE N 7 -47.58 -18.36 34.25
C ILE N 7 -46.07 -18.39 34.05
N VAL N 8 -45.32 -18.81 35.08
CA VAL N 8 -43.87 -18.94 34.94
C VAL N 8 -43.53 -19.97 33.87
N VAL N 9 -44.24 -21.10 33.87
CA VAL N 9 -43.99 -22.14 32.86
C VAL N 9 -44.31 -21.61 31.47
N ALA N 10 -45.40 -20.86 31.33
CA ALA N 10 -45.75 -20.29 30.04
C ALA N 10 -44.69 -19.30 29.57
N ILE N 11 -44.15 -18.49 30.48
CA ILE N 11 -43.11 -17.54 30.12
C ILE N 11 -41.85 -18.29 29.68
N ILE N 12 -41.51 -19.37 30.38
CA ILE N 12 -40.34 -20.18 29.98
C ILE N 12 -40.55 -20.76 28.58
N GLY N 13 -41.77 -21.27 28.32
CA GLY N 13 -42.05 -21.80 27.00
C GLY N 13 -41.97 -20.74 25.92
N ILE N 14 -42.44 -19.53 26.23
CA ILE N 14 -42.37 -18.42 25.27
C ILE N 14 -40.92 -18.08 24.96
N LEU N 15 -40.10 -17.98 26.01
CA LEU N 15 -38.71 -17.61 25.82
C LEU N 15 -37.94 -18.67 25.06
N ALA N 16 -38.20 -19.96 25.36
CA ALA N 16 -37.48 -21.03 24.70
C ALA N 16 -37.82 -21.14 23.21
N ALA N 17 -38.97 -20.62 22.79
CA ALA N 17 -39.42 -20.72 21.41
C ALA N 17 -39.04 -19.51 20.56
N ILE N 18 -37.99 -18.78 20.96
CA ILE N 18 -37.57 -17.60 20.20
C ILE N 18 -37.07 -18.03 18.83
N ALA N 19 -37.36 -17.23 17.82
CA ALA N 19 -36.94 -17.55 16.46
C ALA N 19 -35.45 -17.28 16.30
N ILE N 20 -34.73 -18.27 15.79
CA ILE N 20 -33.28 -18.18 15.59
C ILE N 20 -33.03 -17.86 14.12
N PRO N 21 -32.43 -16.72 13.79
CA PRO N 21 -32.10 -16.43 12.40
C PRO N 21 -31.00 -17.33 11.89
N GLN N 22 -30.93 -17.46 10.57
CA GLN N 22 -29.95 -18.33 9.95
C GLN N 22 -28.55 -17.70 10.03
N TYR N 23 -27.83 -17.98 11.12
CA TYR N 23 -26.50 -17.43 11.31
C TYR N 23 -25.47 -18.02 10.37
N GLN N 24 -25.82 -19.09 9.64
CA GLN N 24 -24.90 -19.68 8.69
C GLN N 24 -24.49 -18.67 7.61
N ASN N 25 -25.41 -17.78 7.23
CA ASN N 25 -25.11 -16.81 6.19
C ASN N 25 -23.97 -15.89 6.61
N TYR N 26 -23.99 -15.39 7.85
CA TYR N 26 -22.96 -14.47 8.30
C TYR N 26 -21.59 -15.15 8.32
N ILE N 27 -21.52 -16.35 8.89
CA ILE N 27 -20.25 -17.06 8.98
C ILE N 27 -19.72 -17.38 7.58
N ALA N 28 -20.60 -17.85 6.69
CA ALA N 28 -20.16 -18.17 5.33
C ALA N 28 -19.66 -16.93 4.61
N LYS N 29 -20.37 -15.81 4.74
CA LYS N 29 -19.94 -14.58 4.09
C LYS N 29 -18.59 -14.11 4.63
N SER N 30 -18.40 -14.17 5.94
CA SER N 30 -17.13 -13.76 6.53
C SER N 30 -15.98 -14.65 6.05
N GLN N 31 -16.21 -15.96 6.02
CA GLN N 31 -15.17 -16.88 5.57
C GLN N 31 -14.82 -16.65 4.11
N VAL N 32 -15.84 -16.45 3.26
CA VAL N 32 -15.59 -16.22 1.85
C VAL N 32 -14.85 -14.91 1.65
N SER N 33 -15.20 -13.87 2.41
CA SER N 33 -14.49 -12.60 2.31
C SER N 33 -13.03 -12.74 2.73
N ARG N 34 -12.78 -13.48 3.81
CA ARG N 34 -11.41 -13.70 4.25
C ARG N 34 -10.60 -14.45 3.20
N VAL N 35 -11.19 -15.49 2.60
CA VAL N 35 -10.50 -16.23 1.55
C VAL N 35 -10.25 -15.33 0.35
N MET N 36 -11.22 -14.48 0.02
CA MET N 36 -11.05 -13.50 -1.05
C MET N 36 -9.83 -12.62 -0.79
N SER N 37 -9.72 -12.08 0.41
CA SER N 37 -8.59 -11.20 0.73
C SER N 37 -7.27 -11.95 0.66
N GLU N 38 -7.21 -13.16 1.24
CA GLU N 38 -5.95 -13.91 1.23
C GLU N 38 -5.52 -14.28 -0.18
N THR N 39 -6.47 -14.72 -1.01
CA THR N 39 -6.11 -15.08 -2.38
C THR N 39 -5.77 -13.86 -3.22
N GLY N 40 -6.42 -12.73 -2.97
CA GLY N 40 -6.08 -11.52 -3.70
C GLY N 40 -4.73 -10.94 -3.29
N SER N 41 -4.27 -11.28 -2.09
CA SER N 41 -2.94 -10.85 -1.67
C SER N 41 -1.83 -11.43 -2.56
N LEU N 42 -2.08 -12.55 -3.22
CA LEU N 42 -1.08 -13.18 -4.08
C LEU N 42 -1.04 -12.57 -5.48
N LYS N 43 -1.99 -11.69 -5.81
CA LYS N 43 -2.00 -11.08 -7.13
C LYS N 43 -0.75 -10.27 -7.38
N THR N 44 -0.24 -9.59 -6.36
CA THR N 44 0.98 -8.81 -6.52
C THR N 44 2.15 -9.71 -6.93
N VAL N 45 2.34 -10.82 -6.23
CA VAL N 45 3.44 -11.73 -6.54
C VAL N 45 3.28 -12.31 -7.94
N ILE N 46 2.05 -12.73 -8.27
CA ILE N 46 1.82 -13.35 -9.58
C ILE N 46 2.08 -12.34 -10.70
N GLU N 47 1.58 -11.12 -10.54
CA GLU N 47 1.79 -10.09 -11.56
C GLU N 47 3.26 -9.75 -11.71
N THR N 48 3.98 -9.62 -10.59
CA THR N 48 5.41 -9.33 -10.66
C THR N 48 6.17 -10.45 -11.36
N CYS N 49 5.84 -11.70 -11.04
CA CYS N 49 6.49 -12.83 -11.71
C CYS N 49 6.21 -12.84 -13.20
N ILE N 50 4.96 -12.60 -13.59
CA ILE N 50 4.61 -12.62 -15.01
C ILE N 50 5.30 -11.50 -15.76
N LEU N 51 5.29 -10.29 -15.20
CA LEU N 51 5.92 -9.17 -15.86
C LEU N 51 7.45 -9.24 -15.84
N ASP N 52 8.02 -10.01 -14.92
CA ASP N 52 9.47 -10.21 -14.89
C ASP N 52 9.90 -11.28 -15.89
N GLY N 53 9.01 -12.18 -16.27
CA GLY N 53 9.34 -13.24 -17.20
C GLY N 53 9.78 -14.53 -16.57
N LYS N 54 9.62 -14.68 -15.25
CA LYS N 54 10.03 -15.89 -14.58
C LYS N 54 9.10 -17.05 -14.92
N THR N 55 9.61 -18.26 -14.77
CA THR N 55 8.82 -19.46 -14.98
C THR N 55 8.00 -19.76 -13.73
N ALA N 56 7.15 -20.80 -13.82
CA ALA N 56 6.30 -21.15 -12.69
C ALA N 56 7.13 -21.62 -11.50
N ALA N 57 8.18 -22.40 -11.75
CA ALA N 57 9.01 -22.91 -10.66
C ALA N 57 9.89 -21.84 -10.05
N ASN N 58 10.18 -20.76 -10.78
CA ASN N 58 11.04 -19.69 -10.29
C ASN N 58 10.27 -18.56 -9.59
N CYS N 59 8.94 -18.65 -9.55
CA CYS N 59 8.13 -17.64 -8.87
C CYS N 59 8.02 -18.02 -7.40
N GLU N 60 8.71 -17.28 -6.54
CA GLU N 60 8.72 -17.57 -5.11
C GLU N 60 7.49 -16.95 -4.46
N LEU N 61 6.54 -17.79 -4.07
CA LEU N 61 5.36 -17.32 -3.37
C LEU N 61 5.66 -17.09 -1.90
N GLY N 62 5.14 -16.00 -1.36
CA GLY N 62 5.27 -15.71 0.06
C GLY N 62 4.14 -16.32 0.84
N TRP N 63 3.43 -17.27 0.22
CA TRP N 63 2.25 -17.86 0.82
C TRP N 63 2.62 -18.64 2.08
N THR N 64 1.83 -18.45 3.13
CA THR N 64 1.95 -19.22 4.36
C THR N 64 0.70 -20.09 4.53
N ASN N 65 0.88 -21.25 5.12
CA ASN N 65 -0.24 -22.17 5.31
C ASN N 65 -1.34 -21.51 6.12
N SER N 66 -2.57 -21.66 5.66
CA SER N 66 -3.72 -20.98 6.24
C SER N 66 -4.75 -21.99 6.70
N ASN N 67 -5.44 -21.68 7.79
CA ASN N 67 -6.65 -22.42 8.15
C ASN N 67 -7.68 -22.16 7.06
N LEU N 68 -8.87 -22.73 7.19
CA LEU N 68 -9.76 -22.89 6.03
C LEU N 68 -8.95 -23.74 5.04
N LEU N 69 -9.04 -23.50 3.74
CA LEU N 69 -8.07 -24.11 2.82
C LEU N 69 -7.69 -23.15 1.70
N GLY N 70 -7.73 -21.85 1.95
CA GLY N 70 -7.35 -20.87 0.96
C GLY N 70 -8.32 -20.79 -0.20
N THR O 1 -56.77 -26.76 48.60
CA THR O 1 -56.58 -28.18 48.88
C THR O 1 -55.10 -28.53 48.97
N LEU O 2 -54.79 -29.62 49.68
CA LEU O 2 -53.40 -29.99 49.89
C LEU O 2 -52.74 -30.49 48.61
N ILE O 3 -53.50 -31.18 47.76
CA ILE O 3 -52.92 -31.75 46.54
C ILE O 3 -52.43 -30.64 45.61
N GLU O 4 -53.15 -29.51 45.55
CA GLU O 4 -52.69 -28.40 44.73
C GLU O 4 -51.37 -27.84 45.23
N LEU O 5 -51.24 -27.68 46.55
CA LEU O 5 -49.98 -27.18 47.10
C LEU O 5 -48.84 -28.16 46.87
N MET O 6 -49.11 -29.46 46.98
CA MET O 6 -48.07 -30.44 46.69
C MET O 6 -47.68 -30.43 45.22
N ILE O 7 -48.64 -30.22 44.32
CA ILE O 7 -48.31 -30.08 42.90
C ILE O 7 -47.44 -28.85 42.68
N VAL O 8 -47.76 -27.75 43.38
CA VAL O 8 -46.94 -26.54 43.28
C VAL O 8 -45.52 -26.82 43.75
N VAL O 9 -45.38 -27.54 44.87
CA VAL O 9 -44.06 -27.88 45.40
C VAL O 9 -43.30 -28.75 44.40
N ALA O 10 -43.99 -29.72 43.80
CA ALA O 10 -43.35 -30.57 42.80
C ALA O 10 -42.88 -29.76 41.60
N ILE O 11 -43.68 -28.80 41.15
CA ILE O 11 -43.29 -27.97 40.03
C ILE O 11 -42.07 -27.12 40.39
N ILE O 12 -42.05 -26.58 41.61
CA ILE O 12 -40.89 -25.81 42.06
C ILE O 12 -39.64 -26.69 42.07
N GLY O 13 -39.78 -27.92 42.57
CA GLY O 13 -38.64 -28.83 42.57
C GLY O 13 -38.17 -29.16 41.17
N ILE O 14 -39.11 -29.34 40.24
CA ILE O 14 -38.75 -29.61 38.85
C ILE O 14 -37.99 -28.44 38.25
N LEU O 15 -38.48 -27.22 38.48
CA LEU O 15 -37.84 -26.04 37.91
C LEU O 15 -36.46 -25.80 38.52
N ALA O 16 -36.31 -26.03 39.82
CA ALA O 16 -35.03 -25.79 40.47
C ALA O 16 -33.96 -26.77 40.01
N ALA O 17 -34.35 -27.94 39.53
CA ALA O 17 -33.42 -28.98 39.11
C ALA O 17 -33.10 -28.93 37.64
N ILE O 18 -33.19 -27.75 37.01
CA ILE O 18 -32.90 -27.65 35.58
C ILE O 18 -31.41 -27.86 35.35
N ALA O 19 -31.07 -28.51 34.24
CA ALA O 19 -29.69 -28.80 33.92
C ALA O 19 -28.98 -27.54 33.46
N ILE O 20 -27.83 -27.25 34.07
CA ILE O 20 -27.04 -26.06 33.77
C ILE O 20 -25.88 -26.48 32.87
N PRO O 21 -25.80 -26.00 31.64
CA PRO O 21 -24.67 -26.32 30.79
C PRO O 21 -23.38 -25.68 31.30
N GLN O 22 -22.25 -26.24 30.88
CA GLN O 22 -20.96 -25.73 31.30
C GLN O 22 -20.64 -24.41 30.61
N TYR O 23 -21.09 -23.30 31.20
CA TYR O 23 -20.87 -21.99 30.63
C TYR O 23 -19.41 -21.57 30.67
N GLN O 24 -18.56 -22.29 31.40
CA GLN O 24 -17.15 -21.95 31.46
C GLN O 24 -16.50 -22.00 30.08
N ASN O 25 -16.97 -22.91 29.21
CA ASN O 25 -16.38 -23.03 27.89
C ASN O 25 -16.55 -21.75 27.07
N TYR O 26 -17.75 -21.17 27.10
CA TYR O 26 -18.00 -19.96 26.32
C TYR O 26 -17.14 -18.80 26.79
N ILE O 27 -17.09 -18.59 28.12
CA ILE O 27 -16.31 -17.48 28.66
C ILE O 27 -14.83 -17.68 28.36
N ALA O 28 -14.32 -18.90 28.55
CA ALA O 28 -12.91 -19.15 28.28
C ALA O 28 -12.58 -18.95 26.80
N LYS O 29 -13.45 -19.43 25.91
CA LYS O 29 -13.21 -19.25 24.49
C LYS O 29 -13.22 -17.77 24.11
N SER O 30 -14.17 -17.00 24.64
CA SER O 30 -14.22 -15.58 24.33
C SER O 30 -12.98 -14.86 24.84
N GLN O 31 -12.53 -15.18 26.06
CA GLN O 31 -11.34 -14.54 26.60
C GLN O 31 -10.10 -14.89 25.79
N VAL O 32 -9.97 -16.16 25.39
CA VAL O 32 -8.82 -16.58 24.60
C VAL O 32 -8.84 -15.90 23.23
N SER O 33 -10.03 -15.76 22.62
CA SER O 33 -10.11 -15.07 21.34
C SER O 33 -9.74 -13.60 21.47
N ARG O 34 -10.19 -12.95 22.56
CA ARG O 34 -9.83 -11.55 22.76
C ARG O 34 -8.33 -11.39 22.95
N VAL O 35 -7.71 -12.28 23.71
CA VAL O 35 -6.26 -12.22 23.90
C VAL O 35 -5.54 -12.49 22.58
N MET O 36 -6.06 -13.43 21.78
CA MET O 36 -5.52 -13.68 20.45
C MET O 36 -5.51 -12.40 19.62
N SER O 37 -6.65 -11.70 19.56
CA SER O 37 -6.71 -10.47 18.77
C SER O 37 -5.76 -9.41 19.31
N GLU O 38 -5.74 -9.23 20.64
CA GLU O 38 -4.90 -8.21 21.24
C GLU O 38 -3.42 -8.47 20.95
N THR O 39 -2.99 -9.72 21.09
CA THR O 39 -1.58 -10.04 20.84
C THR O 39 -1.25 -10.00 19.35
N GLY O 40 -2.19 -10.38 18.48
CA GLY O 40 -1.93 -10.31 17.07
C GLY O 40 -1.88 -8.90 16.54
N SER O 41 -2.51 -7.95 17.25
CA SER O 41 -2.41 -6.55 16.85
C SER O 41 -0.98 -6.03 16.92
N LEU O 42 -0.10 -6.65 17.71
CA LEU O 42 1.29 -6.22 17.82
C LEU O 42 2.17 -6.78 16.73
N LYS O 43 1.67 -7.72 15.92
CA LYS O 43 2.47 -8.29 14.84
C LYS O 43 2.90 -7.22 13.86
N THR O 44 2.03 -6.25 13.58
CA THR O 44 2.36 -5.19 12.63
C THR O 44 3.60 -4.41 13.09
N VAL O 45 3.58 -3.93 14.34
CA VAL O 45 4.70 -3.12 14.82
C VAL O 45 5.95 -3.98 14.97
N ILE O 46 5.81 -5.24 15.40
CA ILE O 46 6.98 -6.09 15.55
C ILE O 46 7.63 -6.34 14.19
N GLU O 47 6.82 -6.65 13.17
CA GLU O 47 7.35 -6.89 11.84
C GLU O 47 7.98 -5.63 11.25
N THR O 48 7.35 -4.47 11.47
CA THR O 48 7.94 -3.22 11.00
C THR O 48 9.28 -2.95 11.65
N CYS O 49 9.38 -3.18 12.96
CA CYS O 49 10.65 -3.00 13.65
C CYS O 49 11.71 -3.95 13.12
N ILE O 50 11.35 -5.22 12.91
CA ILE O 50 12.32 -6.20 12.45
C ILE O 50 12.81 -5.85 11.04
N LEU O 51 11.88 -5.52 10.15
CA LEU O 51 12.26 -5.18 8.78
C LEU O 51 12.97 -3.84 8.67
N ASP O 52 12.80 -2.96 9.67
CA ASP O 52 13.52 -1.69 9.67
C ASP O 52 14.94 -1.83 10.19
N GLY O 53 15.22 -2.85 11.01
CA GLY O 53 16.54 -3.06 11.55
C GLY O 53 16.77 -2.51 12.93
N LYS O 54 15.73 -2.05 13.62
CA LYS O 54 15.89 -1.50 14.95
C LYS O 54 16.18 -2.60 15.96
N THR O 55 16.73 -2.19 17.10
CA THR O 55 17.00 -3.12 18.19
C THR O 55 15.74 -3.28 19.05
N ALA O 56 15.84 -4.15 20.06
CA ALA O 56 14.69 -4.38 20.94
C ALA O 56 14.33 -3.12 21.72
N ALA O 57 15.34 -2.39 22.21
CA ALA O 57 15.07 -1.19 22.99
C ALA O 57 14.58 -0.03 22.13
N ASN O 58 14.85 -0.05 20.84
CA ASN O 58 14.45 1.03 19.95
C ASN O 58 13.10 0.79 19.28
N CYS O 59 12.45 -0.34 19.54
CA CYS O 59 11.14 -0.63 18.98
C CYS O 59 10.08 -0.13 19.95
N GLU O 60 9.30 0.85 19.52
CA GLU O 60 8.27 1.46 20.35
C GLU O 60 6.94 0.77 20.09
N LEU O 61 6.35 0.20 21.14
CA LEU O 61 5.05 -0.45 21.04
C LEU O 61 3.95 0.52 21.41
N GLY O 62 2.81 0.41 20.73
CA GLY O 62 1.63 1.16 21.11
C GLY O 62 0.78 0.36 22.06
N TRP O 63 1.42 -0.46 22.89
CA TRP O 63 0.71 -1.36 23.79
C TRP O 63 0.14 -0.59 24.97
N THR O 64 -1.12 -0.83 25.27
CA THR O 64 -1.77 -0.30 26.46
C THR O 64 -2.11 -1.46 27.39
N ASN O 65 -2.14 -1.18 28.69
CA ASN O 65 -2.40 -2.21 29.67
C ASN O 65 -3.75 -2.85 29.41
N SER O 66 -3.79 -4.18 29.41
CA SER O 66 -5.00 -4.94 29.11
C SER O 66 -5.29 -5.89 30.26
N ASN O 67 -6.55 -5.94 30.69
CA ASN O 67 -6.96 -6.98 31.60
C ASN O 67 -6.83 -8.34 30.91
N LEU O 68 -7.03 -9.41 31.69
CA LEU O 68 -6.65 -10.77 31.35
C LEU O 68 -5.14 -10.94 31.24
N LEU O 69 -4.37 -9.93 31.66
CA LEU O 69 -2.91 -9.96 31.64
C LEU O 69 -2.34 -10.24 30.26
N GLY O 70 -3.03 -9.76 29.22
CA GLY O 70 -2.56 -9.93 27.86
C GLY O 70 -2.55 -11.36 27.39
N THR P 1 -60.47 -32.17 57.37
CA THR P 1 -59.98 -32.01 58.74
C THR P 1 -59.22 -30.69 58.88
N LEU P 2 -59.30 -30.10 60.07
CA LEU P 2 -58.65 -28.81 60.29
C LEU P 2 -57.13 -28.91 60.18
N ILE P 3 -56.56 -30.05 60.58
CA ILE P 3 -55.12 -30.21 60.52
C ILE P 3 -54.62 -30.15 59.08
N GLU P 4 -55.37 -30.71 58.14
CA GLU P 4 -54.96 -30.62 56.73
C GLU P 4 -55.01 -29.18 56.25
N LEU P 5 -56.05 -28.43 56.63
CA LEU P 5 -56.15 -27.04 56.21
C LEU P 5 -55.00 -26.21 56.76
N MET P 6 -54.60 -26.45 58.01
CA MET P 6 -53.45 -25.69 58.51
C MET P 6 -52.12 -26.22 58.01
N ILE P 7 -52.02 -27.47 57.58
CA ILE P 7 -50.84 -27.87 56.85
C ILE P 7 -50.74 -27.08 55.55
N VAL P 8 -51.88 -26.90 54.88
CA VAL P 8 -51.92 -26.07 53.68
C VAL P 8 -51.52 -24.64 54.00
N VAL P 9 -52.04 -24.09 55.10
CA VAL P 9 -51.73 -22.71 55.48
C VAL P 9 -50.24 -22.56 55.78
N ALA P 10 -49.67 -23.54 56.49
CA ALA P 10 -48.24 -23.50 56.78
C ALA P 10 -47.40 -23.59 55.51
N ILE P 11 -47.83 -24.41 54.55
CA ILE P 11 -47.10 -24.49 53.29
C ILE P 11 -47.17 -23.16 52.55
N ILE P 12 -48.34 -22.53 52.55
CA ILE P 12 -48.48 -21.22 51.92
C ILE P 12 -47.57 -20.20 52.59
N GLY P 13 -47.54 -20.20 53.92
CA GLY P 13 -46.67 -19.27 54.63
C GLY P 13 -45.21 -19.51 54.34
N ILE P 14 -44.81 -20.78 54.23
CA ILE P 14 -43.42 -21.12 53.89
C ILE P 14 -43.09 -20.61 52.49
N LEU P 15 -43.99 -20.83 51.54
CA LEU P 15 -43.73 -20.43 50.16
C LEU P 15 -43.68 -18.92 50.02
N ALA P 16 -44.54 -18.20 50.75
CA ALA P 16 -44.56 -16.75 50.65
C ALA P 16 -43.32 -16.10 51.27
N ALA P 17 -42.62 -16.81 52.15
CA ALA P 17 -41.44 -16.27 52.83
C ALA P 17 -40.15 -16.64 52.13
N ILE P 18 -40.18 -16.92 50.83
CA ILE P 18 -38.98 -17.28 50.10
C ILE P 18 -38.04 -16.09 50.04
N ALA P 19 -36.76 -16.33 50.31
CA ALA P 19 -35.76 -15.26 50.29
C ALA P 19 -35.56 -14.77 48.86
N ILE P 20 -35.63 -13.46 48.69
CA ILE P 20 -35.48 -12.83 47.37
C ILE P 20 -34.09 -12.25 47.28
N PRO P 21 -33.25 -12.70 46.35
CA PRO P 21 -31.92 -12.09 46.19
C PRO P 21 -32.02 -10.68 45.64
N GLN P 22 -30.97 -9.92 45.87
CA GLN P 22 -30.93 -8.53 45.42
C GLN P 22 -30.76 -8.47 43.91
N TYR P 23 -31.87 -8.49 43.18
CA TYR P 23 -31.83 -8.45 41.72
C TYR P 23 -31.38 -7.10 41.18
N GLN P 24 -31.29 -6.07 42.03
CA GLN P 24 -30.81 -4.77 41.59
C GLN P 24 -29.40 -4.85 41.01
N ASN P 25 -28.57 -5.74 41.55
CA ASN P 25 -27.19 -5.87 41.08
C ASN P 25 -27.13 -6.27 39.62
N TYR P 26 -27.94 -7.27 39.22
CA TYR P 26 -27.91 -7.74 37.84
C TYR P 26 -28.35 -6.66 36.87
N ILE P 27 -29.46 -5.98 37.18
CA ILE P 27 -29.97 -4.94 36.29
C ILE P 27 -28.98 -3.79 36.19
N ALA P 28 -28.42 -3.37 37.33
CA ALA P 28 -27.46 -2.27 37.31
C ALA P 28 -26.22 -2.64 36.50
N LYS P 29 -25.71 -3.86 36.69
CA LYS P 29 -24.52 -4.28 35.95
C LYS P 29 -24.81 -4.34 34.45
N SER P 30 -25.97 -4.88 34.07
CA SER P 30 -26.31 -4.95 32.65
C SER P 30 -26.44 -3.56 32.04
N GLN P 31 -27.09 -2.63 32.75
CA GLN P 31 -27.24 -1.27 32.23
C GLN P 31 -25.89 -0.58 32.10
N VAL P 32 -25.02 -0.75 33.09
CA VAL P 32 -23.71 -0.13 33.03
C VAL P 32 -22.88 -0.71 31.89
N SER P 33 -22.98 -2.03 31.68
CA SER P 33 -22.26 -2.64 30.56
C SER P 33 -22.78 -2.13 29.22
N ARG P 34 -24.09 -1.99 29.09
CA ARG P 34 -24.65 -1.46 27.85
C ARG P 34 -24.18 -0.04 27.59
N VAL P 35 -24.20 0.81 28.63
CA VAL P 35 -23.74 2.18 28.47
C VAL P 35 -22.26 2.21 28.13
N MET P 36 -21.47 1.31 28.74
CA MET P 36 -20.06 1.21 28.40
C MET P 36 -19.87 0.89 26.93
N SER P 37 -20.64 -0.08 26.41
CA SER P 37 -20.53 -0.43 25.00
C SER P 37 -20.90 0.74 24.09
N GLU P 38 -22.02 1.40 24.38
CA GLU P 38 -22.45 2.51 23.54
C GLU P 38 -21.44 3.66 23.56
N THR P 39 -20.91 3.99 24.74
CA THR P 39 -19.94 5.06 24.83
C THR P 39 -18.61 4.69 24.16
N GLY P 40 -18.20 3.42 24.26
CA GLY P 40 -16.99 3.01 23.59
C GLY P 40 -17.13 2.94 22.09
N SER P 41 -18.36 2.81 21.59
CA SER P 41 -18.58 2.83 20.16
C SER P 41 -18.21 4.18 19.52
N LEU P 42 -18.17 5.26 20.31
CA LEU P 42 -17.80 6.57 19.79
C LEU P 42 -16.31 6.81 19.76
N LYS P 43 -15.52 5.89 20.34
CA LYS P 43 -14.07 6.05 20.36
C LYS P 43 -13.50 6.09 18.94
N THR P 44 -14.07 5.28 18.03
CA THR P 44 -13.60 5.29 16.65
C THR P 44 -13.75 6.67 16.02
N VAL P 45 -14.95 7.26 16.14
CA VAL P 45 -15.19 8.56 15.54
C VAL P 45 -14.29 9.62 16.18
N ILE P 46 -14.16 9.60 17.51
CA ILE P 46 -13.34 10.60 18.19
C ILE P 46 -11.88 10.47 17.75
N GLU P 47 -11.37 9.24 17.69
CA GLU P 47 -9.97 9.03 17.31
C GLU P 47 -9.72 9.46 15.87
N THR P 48 -10.62 9.12 14.95
CA THR P 48 -10.45 9.55 13.56
C THR P 48 -10.50 11.07 13.45
N CYS P 49 -11.41 11.72 14.17
CA CYS P 49 -11.48 13.17 14.14
C CYS P 49 -10.19 13.80 14.67
N ILE P 50 -9.67 13.26 15.78
CA ILE P 50 -8.46 13.83 16.36
C ILE P 50 -7.27 13.63 15.42
N LEU P 51 -7.12 12.44 14.88
CA LEU P 51 -6.00 12.16 13.98
C LEU P 51 -6.13 12.85 12.64
N ASP P 52 -7.34 13.27 12.26
CA ASP P 52 -7.55 14.03 11.03
C ASP P 52 -7.28 15.51 11.21
N GLY P 53 -7.40 16.03 12.42
CA GLY P 53 -7.16 17.44 12.68
C GLY P 53 -8.39 18.31 12.69
N LYS P 54 -9.58 17.72 12.64
CA LYS P 54 -10.81 18.51 12.64
C LYS P 54 -11.05 19.13 14.02
N THR P 55 -11.83 20.20 14.04
CA THR P 55 -12.21 20.85 15.27
C THR P 55 -13.40 20.11 15.90
N ALA P 56 -13.83 20.60 17.07
CA ALA P 56 -14.96 19.98 17.76
C ALA P 56 -16.24 20.12 16.94
N ALA P 57 -16.46 21.29 16.33
CA ALA P 57 -17.67 21.52 15.57
C ALA P 57 -17.67 20.77 14.24
N ASN P 58 -16.50 20.43 13.71
CA ASN P 58 -16.41 19.75 12.42
C ASN P 58 -16.39 18.23 12.56
N CYS P 59 -16.40 17.70 13.78
CA CYS P 59 -16.46 16.27 14.01
C CYS P 59 -17.90 15.84 14.12
N GLU P 60 -18.36 15.03 13.16
CA GLU P 60 -19.75 14.58 13.10
C GLU P 60 -19.84 13.20 13.75
N LEU P 61 -20.63 13.09 14.81
CA LEU P 61 -20.87 11.82 15.47
C LEU P 61 -22.12 11.16 14.90
N GLY P 62 -22.08 9.85 14.76
CA GLY P 62 -23.24 9.10 14.36
C GLY P 62 -24.07 8.68 15.57
N TRP P 63 -24.13 9.56 16.56
CA TRP P 63 -24.79 9.23 17.81
C TRP P 63 -26.30 9.26 17.66
N THR P 64 -26.96 8.25 18.20
CA THR P 64 -28.42 8.20 18.29
C THR P 64 -28.81 8.18 19.76
N ASN P 65 -30.01 8.69 20.04
CA ASN P 65 -30.47 8.79 21.42
C ASN P 65 -30.56 7.42 22.06
N SER P 66 -30.15 7.34 23.33
CA SER P 66 -30.18 6.11 24.10
C SER P 66 -31.19 6.24 25.23
N ASN P 67 -32.01 5.20 25.43
CA ASN P 67 -33.03 5.26 26.47
C ASN P 67 -32.41 5.42 27.85
N LEU P 68 -31.21 4.88 28.06
CA LEU P 68 -30.39 5.25 29.21
C LEU P 68 -29.66 6.54 28.86
N LEU P 69 -29.74 7.52 29.75
CA LEU P 69 -29.22 8.85 29.45
C LEU P 69 -27.72 8.84 29.14
N GLY P 70 -27.00 7.82 29.61
CA GLY P 70 -25.58 7.72 29.33
C GLY P 70 -25.27 7.35 27.90
N THR Q 1 -79.53 -34.24 69.54
CA THR Q 1 -78.19 -33.86 69.11
C THR Q 1 -77.65 -34.82 68.06
N LEU Q 2 -78.43 -35.89 67.79
CA LEU Q 2 -78.04 -36.83 66.75
C LEU Q 2 -78.06 -36.17 65.37
N ILE Q 3 -79.01 -35.27 65.15
CA ILE Q 3 -79.09 -34.59 63.86
C ILE Q 3 -77.85 -33.73 63.62
N GLU Q 4 -77.28 -33.15 64.67
CA GLU Q 4 -76.05 -32.39 64.50
C GLU Q 4 -74.91 -33.28 64.04
N LEU Q 5 -74.78 -34.47 64.64
CA LEU Q 5 -73.74 -35.39 64.20
C LEU Q 5 -73.98 -35.86 62.77
N MET Q 6 -75.23 -36.09 62.41
CA MET Q 6 -75.54 -36.47 61.03
C MET Q 6 -75.18 -35.36 60.05
N ILE Q 7 -75.43 -34.11 60.43
CA ILE Q 7 -75.05 -32.98 59.59
C ILE Q 7 -73.52 -32.91 59.46
N VAL Q 8 -72.81 -33.17 60.56
CA VAL Q 8 -71.35 -33.20 60.50
C VAL Q 8 -70.86 -34.28 59.55
N VAL Q 9 -71.48 -35.46 59.62
CA VAL Q 9 -71.09 -36.56 58.73
C VAL Q 9 -71.38 -36.19 57.28
N ALA Q 10 -72.52 -35.54 57.02
CA ALA Q 10 -72.85 -35.11 55.66
C ALA Q 10 -71.84 -34.09 55.15
N ILE Q 11 -71.44 -33.15 56.01
CA ILE Q 11 -70.45 -32.16 55.60
C ILE Q 11 -69.10 -32.82 55.31
N ILE Q 12 -68.72 -33.80 56.12
CA ILE Q 12 -67.48 -34.54 55.88
C ILE Q 12 -67.55 -35.26 54.53
N GLY Q 13 -68.68 -35.90 54.24
CA GLY Q 13 -68.83 -36.56 52.96
C GLY Q 13 -68.80 -35.60 51.80
N ILE Q 14 -69.39 -34.41 51.97
CA ILE Q 14 -69.36 -33.39 50.92
C ILE Q 14 -67.92 -32.93 50.66
N LEU Q 15 -67.16 -32.68 51.73
CA LEU Q 15 -65.79 -32.22 51.57
C LEU Q 15 -64.91 -33.30 50.94
N ALA Q 16 -65.11 -34.57 51.34
CA ALA Q 16 -64.29 -35.64 50.81
C ALA Q 16 -64.55 -35.90 49.32
N ALA Q 17 -65.70 -35.46 48.80
CA ALA Q 17 -66.07 -35.70 47.41
C ALA Q 17 -65.74 -34.54 46.49
N ILE Q 18 -64.73 -33.74 46.83
CA ILE Q 18 -64.37 -32.60 45.99
C ILE Q 18 -63.79 -33.10 44.68
N ALA Q 19 -64.05 -32.37 43.59
CA ALA Q 19 -63.59 -32.76 42.28
C ALA Q 19 -62.11 -32.39 42.12
N ILE Q 20 -61.29 -33.38 41.83
CA ILE Q 20 -59.85 -33.19 41.68
C ILE Q 20 -59.56 -32.94 40.20
N PRO Q 21 -58.96 -31.80 39.84
CA PRO Q 21 -58.59 -31.57 38.44
C PRO Q 21 -57.47 -32.50 38.01
N GLN Q 22 -57.36 -32.69 36.70
CA GLN Q 22 -56.32 -33.55 36.13
C GLN Q 22 -55.00 -32.81 36.21
N TYR Q 23 -54.34 -32.94 37.37
CA TYR Q 23 -53.07 -32.29 37.62
C TYR Q 23 -51.94 -32.85 36.78
N GLN Q 24 -52.15 -34.00 36.12
CA GLN Q 24 -51.12 -34.56 35.26
C GLN Q 24 -50.73 -33.60 34.14
N ASN Q 25 -51.69 -32.82 33.65
CA ASN Q 25 -51.41 -31.92 32.53
C ASN Q 25 -50.37 -30.88 32.90
N TYR Q 26 -50.51 -30.27 34.09
CA TYR Q 26 -49.57 -29.24 34.51
C TYR Q 26 -48.15 -29.79 34.64
N ILE Q 27 -48.01 -30.92 35.33
CA ILE Q 27 -46.69 -31.50 35.54
C ILE Q 27 -46.07 -31.92 34.22
N ALA Q 28 -46.86 -32.55 33.35
CA ALA Q 28 -46.33 -32.98 32.05
C ALA Q 28 -45.89 -31.78 31.22
N LYS Q 29 -46.70 -30.72 31.20
CA LYS Q 29 -46.33 -29.53 30.43
C LYS Q 29 -45.07 -28.89 30.97
N SER Q 30 -44.94 -28.80 32.30
CA SER Q 30 -43.75 -28.21 32.88
C SER Q 30 -42.50 -29.03 32.56
N GLN Q 31 -42.62 -30.35 32.66
CA GLN Q 31 -41.47 -31.21 32.34
C GLN Q 31 -41.08 -31.10 30.88
N VAL Q 32 -42.07 -31.07 29.99
CA VAL Q 32 -41.78 -30.95 28.56
C VAL Q 32 -41.13 -29.60 28.26
N SER Q 33 -41.60 -28.52 28.90
CA SER Q 33 -41.00 -27.22 28.69
C SER Q 33 -39.57 -27.18 29.19
N ARG Q 34 -39.31 -27.80 30.36
CA ARG Q 34 -37.94 -27.83 30.87
C ARG Q 34 -37.02 -28.61 29.94
N VAL Q 35 -37.48 -29.76 29.44
CA VAL Q 35 -36.67 -30.53 28.50
C VAL Q 35 -36.45 -29.75 27.22
N MET Q 36 -37.48 -29.01 26.77
CA MET Q 36 -37.33 -28.14 25.62
C MET Q 36 -36.21 -27.14 25.83
N SER Q 37 -36.19 -26.47 26.98
CA SER Q 37 -35.15 -25.47 27.24
C SER Q 37 -33.77 -26.11 27.30
N GLU Q 38 -33.65 -27.25 28.00
CA GLU Q 38 -32.34 -27.90 28.12
C GLU Q 38 -31.82 -28.35 26.77
N THR Q 39 -32.70 -28.92 25.93
CA THR Q 39 -32.27 -29.38 24.61
C THR Q 39 -31.95 -28.21 23.69
N GLY Q 40 -32.71 -27.12 23.79
CA GLY Q 40 -32.42 -25.95 22.97
C GLY Q 40 -31.16 -25.21 23.38
N SER Q 41 -30.72 -25.38 24.63
CA SER Q 41 -29.45 -24.79 25.04
C SER Q 41 -28.27 -25.35 24.25
N LEU Q 42 -28.37 -26.58 23.74
CA LEU Q 42 -27.28 -27.18 22.98
C LEU Q 42 -27.22 -26.69 21.54
N LYS Q 43 -28.25 -25.96 21.08
CA LYS Q 43 -28.25 -25.47 19.70
C LYS Q 43 -27.07 -24.56 19.44
N THR Q 44 -26.67 -23.74 20.42
CA THR Q 44 -25.54 -22.84 20.24
C THR Q 44 -24.26 -23.61 19.93
N VAL Q 45 -23.93 -24.60 20.77
CA VAL Q 45 -22.69 -25.32 20.58
C VAL Q 45 -22.75 -26.17 19.32
N ILE Q 46 -23.91 -26.74 19.00
CA ILE Q 46 -24.04 -27.52 17.78
C ILE Q 46 -23.83 -26.64 16.54
N GLU Q 47 -24.44 -25.45 16.54
CA GLU Q 47 -24.29 -24.54 15.41
C GLU Q 47 -22.85 -24.07 15.26
N THR Q 48 -22.19 -23.75 16.38
CA THR Q 48 -20.79 -23.34 16.29
C THR Q 48 -19.91 -24.47 15.77
N CYS Q 49 -20.16 -25.70 16.23
CA CYS Q 49 -19.40 -26.84 15.72
C CYS Q 49 -19.61 -27.02 14.23
N ILE Q 50 -20.85 -26.92 13.76
CA ILE Q 50 -21.14 -27.13 12.34
C ILE Q 50 -20.51 -26.04 11.50
N LEU Q 51 -20.67 -24.77 11.90
CA LEU Q 51 -20.11 -23.66 11.15
C LEU Q 51 -18.60 -23.58 11.25
N ASP Q 52 -17.99 -24.22 12.25
CA ASP Q 52 -16.54 -24.27 12.35
C ASP Q 52 -15.94 -25.38 11.48
N GLY Q 53 -16.71 -26.44 11.21
CA GLY Q 53 -16.22 -27.53 10.40
C GLY Q 53 -15.72 -28.72 11.17
N LYS Q 54 -15.93 -28.76 12.48
CA LYS Q 54 -15.46 -29.88 13.28
C LYS Q 54 -16.29 -31.13 13.02
N THR Q 55 -15.68 -32.28 13.29
CA THR Q 55 -16.37 -33.55 13.16
C THR Q 55 -17.23 -33.81 14.40
N ALA Q 56 -17.98 -34.91 14.37
CA ALA Q 56 -18.84 -35.24 15.51
C ALA Q 56 -18.01 -35.52 16.75
N ALA Q 57 -16.89 -36.24 16.60
CA ALA Q 57 -16.06 -36.57 17.75
C ALA Q 57 -15.30 -35.37 18.29
N ASN Q 58 -15.07 -34.35 17.48
CA ASN Q 58 -14.33 -33.18 17.90
C ASN Q 58 -15.20 -32.07 18.46
N CYS Q 59 -16.52 -32.26 18.47
CA CYS Q 59 -17.44 -31.26 19.02
C CYS Q 59 -17.63 -31.53 20.51
N GLU Q 60 -17.16 -30.60 21.34
CA GLU Q 60 -17.25 -30.75 22.79
C GLU Q 60 -18.57 -30.15 23.26
N LEU Q 61 -19.39 -30.97 23.91
CA LEU Q 61 -20.65 -30.54 24.49
C LEU Q 61 -20.47 -30.26 25.97
N GLY Q 62 -20.96 -29.11 26.42
CA GLY Q 62 -20.97 -28.81 27.84
C GLY Q 62 -22.20 -29.38 28.51
N TRP Q 63 -22.59 -30.59 28.12
CA TRP Q 63 -23.82 -31.19 28.61
C TRP Q 63 -23.64 -31.76 30.00
N THR Q 64 -24.62 -31.49 30.86
CA THR Q 64 -24.68 -32.04 32.21
C THR Q 64 -25.88 -32.97 32.31
N ASN Q 65 -25.74 -34.04 33.09
CA ASN Q 65 -26.82 -35.01 33.22
C ASN Q 65 -28.08 -34.35 33.76
N SER Q 66 -29.22 -34.70 33.15
CA SER Q 66 -30.51 -34.15 33.52
C SER Q 66 -31.35 -35.24 34.18
N ASN Q 67 -31.95 -34.91 35.32
CA ASN Q 67 -32.77 -35.89 36.03
C ASN Q 67 -33.94 -36.37 35.18
N LEU Q 68 -34.40 -35.55 34.24
CA LEU Q 68 -35.27 -36.02 33.17
C LEU Q 68 -34.38 -36.53 32.05
N LEU Q 69 -34.63 -37.76 31.59
CA LEU Q 69 -33.72 -38.39 30.64
C LEU Q 69 -33.60 -37.59 29.34
N GLY Q 70 -34.59 -36.77 29.01
CA GLY Q 70 -34.54 -35.97 27.81
C GLY Q 70 -33.56 -34.81 27.91
N THR R 1 -84.01 -40.72 74.23
CA THR R 1 -83.78 -42.06 74.73
C THR R 1 -82.29 -42.34 74.93
N LEU R 2 -81.99 -43.32 75.77
CA LEU R 2 -80.59 -43.61 76.09
C LEU R 2 -79.83 -44.15 74.88
N ILE R 3 -80.48 -44.97 74.06
CA ILE R 3 -79.80 -45.59 72.93
C ILE R 3 -79.38 -44.53 71.92
N GLU R 4 -80.18 -43.47 71.74
CA GLU R 4 -79.80 -42.40 70.84
C GLU R 4 -78.54 -41.69 71.33
N LEU R 5 -78.47 -41.40 72.63
CA LEU R 5 -77.28 -40.77 73.19
C LEU R 5 -76.07 -41.67 73.07
N MET R 6 -76.24 -42.97 73.28
CA MET R 6 -75.12 -43.88 73.11
C MET R 6 -74.66 -43.95 71.66
N ILE R 7 -75.59 -43.89 70.71
CA ILE R 7 -75.22 -43.83 69.30
C ILE R 7 -74.43 -42.55 69.01
N VAL R 8 -74.87 -41.43 69.59
CA VAL R 8 -74.15 -40.18 69.42
C VAL R 8 -72.73 -40.30 69.98
N VAL R 9 -72.60 -40.90 71.16
CA VAL R 9 -71.27 -41.08 71.76
C VAL R 9 -70.40 -41.96 70.88
N ALA R 10 -70.98 -43.03 70.32
CA ALA R 10 -70.22 -43.90 69.43
C ALA R 10 -69.76 -43.15 68.19
N ILE R 11 -70.63 -42.33 67.61
CA ILE R 11 -70.25 -41.55 66.43
C ILE R 11 -69.14 -40.57 66.78
N ILE R 12 -69.20 -39.95 67.96
CA ILE R 12 -68.13 -39.07 68.40
C ILE R 12 -66.83 -39.85 68.52
N GLY R 13 -66.90 -41.06 69.06
CA GLY R 13 -65.69 -41.88 69.17
C GLY R 13 -65.09 -42.23 67.82
N ILE R 14 -65.94 -42.57 66.85
CA ILE R 14 -65.45 -42.87 65.50
C ILE R 14 -64.80 -41.64 64.88
N LEU R 15 -65.45 -40.47 65.03
CA LEU R 15 -64.91 -39.25 64.43
C LEU R 15 -63.58 -38.86 65.07
N ALA R 16 -63.46 -39.04 66.39
CA ALA R 16 -62.22 -38.66 67.07
C ALA R 16 -61.06 -39.60 66.74
N ALA R 17 -61.33 -40.79 66.23
CA ALA R 17 -60.30 -41.78 65.97
C ALA R 17 -59.85 -41.82 64.51
N ILE R 18 -59.95 -40.69 63.81
CA ILE R 18 -59.52 -40.65 62.42
C ILE R 18 -58.00 -40.80 62.33
N ALA R 19 -57.54 -41.35 61.21
CA ALA R 19 -56.12 -41.60 61.01
C ALA R 19 -55.42 -40.35 60.48
N ILE R 20 -54.36 -39.96 61.15
CA ILE R 20 -53.58 -38.79 60.72
C ILE R 20 -52.62 -39.21 59.61
N PRO R 21 -52.62 -38.52 58.47
CA PRO R 21 -51.81 -38.95 57.32
C PRO R 21 -50.32 -38.66 57.42
N GLN R 22 -49.79 -38.33 58.61
CA GLN R 22 -48.36 -38.11 58.82
C GLN R 22 -47.85 -36.98 57.93
N TYR R 23 -48.36 -35.78 58.24
CA TYR R 23 -48.11 -34.60 57.42
C TYR R 23 -46.68 -34.08 57.48
N GLN R 24 -45.83 -34.65 58.35
CA GLN R 24 -44.45 -34.17 58.46
C GLN R 24 -43.72 -34.24 57.12
N ASN R 25 -44.02 -35.25 56.31
CA ASN R 25 -43.32 -35.43 55.05
C ASN R 25 -43.55 -34.25 54.11
N TYR R 26 -44.78 -33.77 54.01
CA TYR R 26 -45.09 -32.67 53.11
C TYR R 26 -44.35 -31.39 53.52
N ILE R 27 -44.40 -31.06 54.81
CA ILE R 27 -43.74 -29.84 55.28
C ILE R 27 -42.24 -29.93 55.08
N ALA R 28 -41.65 -31.09 55.43
CA ALA R 28 -40.21 -31.25 55.26
C ALA R 28 -39.82 -31.14 53.79
N LYS R 29 -40.58 -31.76 52.90
CA LYS R 29 -40.26 -31.70 51.48
C LYS R 29 -40.37 -30.27 50.95
N SER R 30 -41.41 -29.55 51.36
CA SER R 30 -41.56 -28.16 50.90
C SER R 30 -40.42 -27.29 51.41
N GLN R 31 -40.04 -27.45 52.67
CA GLN R 31 -38.92 -26.66 53.19
C GLN R 31 -37.62 -26.98 52.48
N VAL R 32 -37.36 -28.27 52.22
CA VAL R 32 -36.14 -28.65 51.51
C VAL R 32 -36.16 -28.11 50.10
N SER R 33 -37.32 -28.12 49.44
CA SER R 33 -37.41 -27.59 48.08
C SER R 33 -37.15 -26.08 48.06
N ARG R 34 -37.68 -25.35 49.03
CA ARG R 34 -37.46 -23.91 49.03
C ARG R 34 -36.00 -23.58 49.35
N VAL R 35 -35.38 -24.37 50.23
CA VAL R 35 -33.95 -24.19 50.48
C VAL R 35 -33.15 -24.51 49.22
N MET R 36 -33.53 -25.56 48.50
CA MET R 36 -32.94 -25.86 47.20
C MET R 36 -32.97 -24.66 46.27
N SER R 37 -34.15 -24.06 46.13
CA SER R 37 -34.28 -22.91 45.23
C SER R 37 -33.44 -21.74 45.70
N GLU R 38 -33.47 -21.45 47.01
CA GLU R 38 -32.72 -20.31 47.54
C GLU R 38 -31.22 -20.48 47.32
N THR R 39 -30.70 -21.68 47.60
CA THR R 39 -29.27 -21.90 47.42
C THR R 39 -28.88 -21.97 45.94
N GLY R 40 -29.77 -22.48 45.09
CA GLY R 40 -29.47 -22.51 43.67
C GLY R 40 -29.51 -21.15 43.03
N SER R 41 -30.22 -20.21 43.63
CA SER R 41 -30.21 -18.84 43.12
C SER R 41 -28.82 -18.21 43.17
N LEU R 42 -27.94 -18.68 44.06
CA LEU R 42 -26.60 -18.12 44.18
C LEU R 42 -25.62 -18.69 43.15
N LYS R 43 -26.02 -19.72 42.41
CA LYS R 43 -25.12 -20.30 41.43
C LYS R 43 -24.73 -19.29 40.36
N THR R 44 -25.66 -18.41 39.97
CA THR R 44 -25.35 -17.41 38.96
C THR R 44 -24.22 -16.50 39.39
N VAL R 45 -24.34 -15.91 40.60
CA VAL R 45 -23.33 -14.98 41.06
C VAL R 45 -22.01 -15.70 41.33
N ILE R 46 -22.08 -16.92 41.87
CA ILE R 46 -20.84 -17.65 42.13
C ILE R 46 -20.12 -17.97 40.83
N GLU R 47 -20.85 -18.43 39.81
CA GLU R 47 -20.24 -18.75 38.54
C GLU R 47 -19.67 -17.52 37.85
N THR R 48 -20.39 -16.39 37.91
CA THR R 48 -19.86 -15.17 37.32
C THR R 48 -18.60 -14.71 38.03
N CYS R 49 -18.57 -14.80 39.36
CA CYS R 49 -17.37 -14.44 40.11
C CYS R 49 -16.20 -15.34 39.73
N ILE R 50 -16.44 -16.64 39.62
CA ILE R 50 -15.35 -17.57 39.30
C ILE R 50 -14.83 -17.32 37.90
N LEU R 51 -15.73 -17.16 36.93
CA LEU R 51 -15.31 -16.94 35.55
C LEU R 51 -14.71 -15.56 35.33
N ASP R 52 -15.00 -14.61 36.22
CA ASP R 52 -14.40 -13.29 36.14
C ASP R 52 -12.99 -13.25 36.74
N GLY R 53 -12.67 -14.17 37.64
CA GLY R 53 -11.37 -14.20 38.27
C GLY R 53 -11.28 -13.48 39.60
N LYS R 54 -12.40 -13.08 40.17
CA LYS R 54 -12.38 -12.38 41.45
C LYS R 54 -12.02 -13.35 42.58
N THR R 55 -11.52 -12.77 43.67
CA THR R 55 -11.20 -13.55 44.86
C THR R 55 -12.46 -13.75 45.69
N ALA R 56 -12.34 -14.51 46.78
CA ALA R 56 -13.48 -14.80 47.63
C ALA R 56 -14.03 -13.54 48.27
N ALA R 57 -13.15 -12.65 48.72
CA ALA R 57 -13.60 -11.43 49.40
C ALA R 57 -14.17 -10.41 48.42
N ASN R 58 -13.83 -10.48 47.15
CA ASN R 58 -14.30 -9.52 46.16
C ASN R 58 -15.56 -9.94 45.45
N CYS R 59 -16.13 -11.11 45.78
CA CYS R 59 -17.36 -11.58 45.18
C CYS R 59 -18.53 -11.06 46.00
N GLU R 60 -19.36 -10.22 45.41
CA GLU R 60 -20.48 -9.59 46.10
C GLU R 60 -21.72 -10.46 45.95
N LEU R 61 -22.26 -10.94 47.07
CA LEU R 61 -23.48 -11.71 47.04
C LEU R 61 -24.70 -10.79 47.16
N GLY R 62 -25.79 -11.23 46.56
CA GLY R 62 -27.07 -10.56 46.73
C GLY R 62 -27.90 -11.26 47.79
N TRP R 63 -27.23 -12.03 48.64
CA TRP R 63 -27.92 -12.88 49.60
C TRP R 63 -28.63 -12.06 50.66
N THR R 64 -29.84 -12.49 51.00
CA THR R 64 -30.60 -11.94 52.11
C THR R 64 -30.94 -13.07 53.09
N ASN R 65 -31.20 -12.69 54.34
CA ASN R 65 -31.46 -13.68 55.36
C ASN R 65 -32.69 -14.50 55.03
N SER R 66 -32.62 -15.81 55.31
CA SER R 66 -33.71 -16.74 55.06
C SER R 66 -34.23 -17.25 56.40
N ASN R 67 -35.56 -17.31 56.53
CA ASN R 67 -36.15 -17.75 57.79
C ASN R 67 -35.74 -19.19 58.11
N LEU R 68 -35.59 -20.04 57.11
CA LEU R 68 -34.89 -21.29 57.30
C LEU R 68 -33.39 -21.03 57.27
N LEU R 69 -32.67 -21.59 58.25
CA LEU R 69 -31.26 -21.26 58.41
C LEU R 69 -30.43 -21.63 57.18
N GLY R 70 -30.91 -22.54 56.35
CA GLY R 70 -30.20 -22.93 55.14
C GLY R 70 -30.30 -21.88 54.05
N THR S 1 -88.03 -45.79 83.20
CA THR S 1 -87.66 -45.48 84.57
C THR S 1 -87.02 -44.09 84.67
N LEU S 2 -87.07 -43.51 85.86
CA LEU S 2 -86.56 -42.15 86.04
C LEU S 2 -85.05 -42.10 85.95
N ILE S 3 -84.35 -43.11 86.45
CA ILE S 3 -82.89 -43.08 86.49
C ILE S 3 -82.32 -43.06 85.08
N GLU S 4 -82.96 -43.76 84.14
CA GLU S 4 -82.49 -43.72 82.76
C GLU S 4 -82.61 -42.32 82.17
N LEU S 5 -83.73 -41.65 82.43
CA LEU S 5 -83.90 -40.28 81.94
C LEU S 5 -82.89 -39.33 82.59
N MET S 6 -82.62 -39.52 83.87
CA MET S 6 -81.62 -38.69 84.54
C MET S 6 -80.23 -38.93 83.96
N ILE S 7 -79.89 -40.17 83.64
CA ILE S 7 -78.62 -40.46 82.98
C ILE S 7 -78.56 -39.81 81.62
N VAL S 8 -79.67 -39.82 80.88
CA VAL S 8 -79.72 -39.16 79.58
C VAL S 8 -79.48 -37.66 79.74
N VAL S 9 -80.11 -37.05 80.74
CA VAL S 9 -79.93 -35.62 81.00
C VAL S 9 -78.47 -35.33 81.36
N ALA S 10 -77.86 -36.20 82.18
CA ALA S 10 -76.46 -36.01 82.53
C ALA S 10 -75.56 -36.11 81.31
N ILE S 11 -75.84 -37.05 80.42
CA ILE S 11 -75.04 -37.19 79.20
C ILE S 11 -75.20 -35.96 78.33
N ILE S 12 -76.42 -35.43 78.23
CA ILE S 12 -76.66 -34.21 77.46
C ILE S 12 -75.86 -33.05 78.04
N GLY S 13 -75.87 -32.92 79.36
CA GLY S 13 -75.10 -31.87 80.00
C GLY S 13 -73.61 -32.02 79.77
N ILE S 14 -73.11 -33.26 79.81
CA ILE S 14 -71.69 -33.50 79.56
C ILE S 14 -71.33 -33.11 78.13
N LEU S 15 -72.15 -33.49 77.17
CA LEU S 15 -71.86 -33.18 75.77
C LEU S 15 -71.94 -31.68 75.52
N ALA S 16 -72.90 -31.00 76.16
CA ALA S 16 -73.06 -29.56 75.93
C ALA S 16 -71.89 -28.77 76.51
N ALA S 17 -71.19 -29.32 77.51
CA ALA S 17 -70.11 -28.62 78.18
C ALA S 17 -68.73 -28.96 77.60
N ILE S 18 -68.67 -29.30 76.32
CA ILE S 18 -67.40 -29.64 75.69
C ILE S 18 -66.51 -28.39 75.62
N ALA S 19 -65.22 -28.59 75.78
CA ALA S 19 -64.26 -27.50 75.74
C ALA S 19 -63.99 -27.09 74.29
N ILE S 20 -64.33 -25.86 73.96
CA ILE S 20 -64.15 -25.33 72.60
C ILE S 20 -62.82 -24.59 72.55
N PRO S 21 -61.88 -25.00 71.71
CA PRO S 21 -60.62 -24.25 71.59
C PRO S 21 -60.84 -22.89 70.95
N GLN S 22 -59.85 -22.02 71.13
CA GLN S 22 -59.92 -20.65 70.60
C GLN S 22 -59.69 -20.71 69.10
N TYR S 23 -60.78 -20.87 68.35
CA TYR S 23 -60.70 -20.95 66.90
C TYR S 23 -60.34 -19.62 66.25
N GLN S 24 -60.34 -18.53 67.01
CA GLN S 24 -59.97 -17.23 66.43
C GLN S 24 -58.54 -17.24 65.93
N ASN S 25 -57.64 -17.93 66.63
CA ASN S 25 -56.25 -17.99 66.21
C ASN S 25 -56.12 -18.60 64.82
N TYR S 26 -56.87 -19.67 64.55
CA TYR S 26 -56.76 -20.36 63.27
C TYR S 26 -57.15 -19.43 62.12
N ILE S 27 -58.33 -18.81 62.21
CA ILE S 27 -58.80 -17.93 61.15
C ILE S 27 -57.89 -16.72 61.00
N ALA S 28 -57.45 -16.15 62.13
CA ALA S 28 -56.57 -14.98 62.07
C ALA S 28 -55.27 -15.31 61.37
N LYS S 29 -54.66 -16.45 61.71
CA LYS S 29 -53.42 -16.85 61.05
C LYS S 29 -53.62 -17.08 59.57
N SER S 30 -54.73 -17.74 59.19
CA SER S 30 -54.98 -17.98 57.77
C SER S 30 -55.16 -16.67 57.01
N GLN S 31 -55.91 -15.73 57.58
CA GLN S 31 -56.14 -14.44 56.91
C GLN S 31 -54.83 -13.66 56.79
N VAL S 32 -54.01 -13.66 57.84
CA VAL S 32 -52.75 -12.94 57.79
C VAL S 32 -51.83 -13.56 56.74
N SER S 33 -51.79 -14.88 56.64
CA SER S 33 -50.98 -15.53 55.63
C SER S 33 -51.47 -15.18 54.21
N ARG S 34 -52.78 -15.16 54.02
CA ARG S 34 -53.32 -14.81 52.71
C ARG S 34 -52.97 -13.37 52.34
N VAL S 35 -53.08 -12.45 53.29
CA VAL S 35 -52.73 -11.06 53.02
C VAL S 35 -51.24 -10.93 52.74
N MET S 36 -50.42 -11.69 53.49
CA MET S 36 -48.99 -11.74 53.20
C MET S 36 -48.72 -12.13 51.75
N SER S 37 -49.36 -13.21 51.29
CA SER S 37 -49.13 -13.66 49.92
C SER S 37 -49.61 -12.61 48.90
N GLU S 38 -50.79 -12.03 49.14
CA GLU S 38 -51.34 -11.06 48.20
C GLU S 38 -50.44 -9.83 48.09
N THR S 39 -49.96 -9.33 49.23
CA THR S 39 -49.09 -8.15 49.18
C THR S 39 -47.71 -8.49 48.64
N GLY S 40 -47.21 -9.70 48.89
CA GLY S 40 -45.92 -10.07 48.35
C GLY S 40 -45.95 -10.29 46.85
N SER S 41 -47.13 -10.58 46.30
CA SER S 41 -47.26 -10.71 44.85
C SER S 41 -46.94 -9.41 44.12
N LEU S 42 -47.05 -8.26 44.79
CA LEU S 42 -46.77 -6.97 44.14
C LEU S 42 -45.29 -6.62 44.15
N LYS S 43 -44.46 -7.39 44.83
CA LYS S 43 -43.04 -7.09 44.88
C LYS S 43 -42.41 -7.15 43.49
N THR S 44 -42.87 -8.07 42.65
CA THR S 44 -42.33 -8.19 41.30
C THR S 44 -42.54 -6.90 40.51
N VAL S 45 -43.78 -6.41 40.47
CA VAL S 45 -44.06 -5.21 39.68
C VAL S 45 -43.39 -3.99 40.29
N ILE S 46 -43.36 -3.90 41.63
CA ILE S 46 -42.71 -2.76 42.26
C ILE S 46 -41.22 -2.75 41.95
N GLU S 47 -40.56 -3.90 42.05
CA GLU S 47 -39.13 -3.98 41.77
C GLU S 47 -38.83 -3.67 40.31
N THR S 48 -39.66 -4.18 39.39
CA THR S 48 -39.44 -3.88 37.97
C THR S 48 -39.62 -2.39 37.71
N CYS S 49 -40.63 -1.76 38.32
CA CYS S 49 -40.82 -0.33 38.16
C CYS S 49 -39.61 0.45 38.69
N ILE S 50 -39.12 0.07 39.87
CA ILE S 50 -38.00 0.79 40.47
C ILE S 50 -36.74 0.64 39.61
N LEU S 51 -36.44 -0.59 39.19
CA LEU S 51 -35.25 -0.83 38.38
C LEU S 51 -35.35 -0.26 36.98
N ASP S 52 -36.57 -0.07 36.46
CA ASP S 52 -36.76 0.56 35.16
C ASP S 52 -36.58 2.07 35.23
N GLY S 53 -36.81 2.68 36.39
CA GLY S 53 -36.70 4.11 36.53
C GLY S 53 -37.98 4.88 36.37
N LYS S 54 -39.13 4.20 36.37
CA LYS S 54 -40.41 4.87 36.22
C LYS S 54 -40.79 5.59 37.51
N THR S 55 -41.72 6.52 37.38
CA THR S 55 -42.24 7.25 38.53
C THR S 55 -43.42 6.50 39.14
N ALA S 56 -43.91 7.04 40.27
CA ALA S 56 -45.02 6.39 40.95
C ALA S 56 -46.28 6.38 40.08
N ALA S 57 -46.54 7.49 39.37
CA ALA S 57 -47.73 7.56 38.54
C ALA S 57 -47.61 6.67 37.30
N ASN S 58 -46.40 6.45 36.82
CA ASN S 58 -46.17 5.67 35.61
C ASN S 58 -46.02 4.18 35.87
N CYS S 59 -46.03 3.75 37.13
CA CYS S 59 -45.94 2.33 37.48
C CYS S 59 -47.34 1.75 37.50
N GLU S 60 -47.60 0.81 36.60
CA GLU S 60 -48.92 0.21 36.46
C GLU S 60 -48.99 -1.05 37.31
N LEU S 61 -49.85 -1.03 38.33
CA LEU S 61 -50.07 -2.19 39.17
C LEU S 61 -51.20 -3.04 38.61
N GLY S 62 -51.01 -4.36 38.65
CA GLY S 62 -52.07 -5.27 38.26
C GLY S 62 -52.91 -5.68 39.45
N TRP S 63 -53.09 -4.75 40.39
CA TRP S 63 -53.78 -5.05 41.63
C TRP S 63 -55.28 -5.23 41.39
N THR S 64 -55.85 -6.23 42.06
CA THR S 64 -57.28 -6.48 42.06
C THR S 64 -57.78 -6.37 43.49
N ASN S 65 -59.03 -5.94 43.63
CA ASN S 65 -59.61 -5.73 44.96
C ASN S 65 -59.62 -7.05 45.74
N SER S 66 -59.29 -6.95 47.03
CA SER S 66 -59.24 -8.11 47.92
C SER S 66 -60.34 -7.98 48.97
N ASN S 67 -61.08 -9.07 49.20
CA ASN S 67 -62.16 -9.04 50.18
C ASN S 67 -61.64 -8.72 51.57
N LEU S 68 -60.40 -9.12 51.88
CA LEU S 68 -59.69 -8.60 53.02
C LEU S 68 -59.08 -7.26 52.64
N LEU S 69 -59.32 -6.24 53.48
CA LEU S 69 -58.95 -4.88 53.10
C LEU S 69 -57.45 -4.72 52.86
N GLY S 70 -56.64 -5.61 53.41
CA GLY S 70 -55.19 -5.54 53.24
C GLY S 70 -54.74 -5.78 51.81
N THR T 1 -94.56 -45.34 91.64
CA THR T 1 -95.80 -44.60 91.82
C THR T 1 -96.16 -43.81 90.56
N LEU T 2 -97.38 -43.28 90.52
CA LEU T 2 -97.87 -42.62 89.30
C LEU T 2 -97.17 -41.30 89.06
N ILE T 3 -96.85 -40.56 90.12
CA ILE T 3 -96.26 -39.23 89.95
C ILE T 3 -94.88 -39.34 89.32
N GLU T 4 -94.12 -40.38 89.65
CA GLU T 4 -92.80 -40.55 89.05
C GLU T 4 -92.91 -40.85 87.57
N LEU T 5 -93.88 -41.68 87.17
CA LEU T 5 -94.10 -41.96 85.76
C LEU T 5 -94.55 -40.69 85.02
N MET T 6 -95.38 -39.87 85.66
CA MET T 6 -95.77 -38.61 85.04
C MET T 6 -94.59 -37.68 84.86
N ILE T 7 -93.68 -37.65 85.85
CA ILE T 7 -92.47 -36.84 85.71
C ILE T 7 -91.61 -37.35 84.56
N VAL T 8 -91.52 -38.69 84.42
CA VAL T 8 -90.76 -39.27 83.32
C VAL T 8 -91.38 -38.86 81.98
N VAL T 9 -92.71 -38.90 81.89
CA VAL T 9 -93.39 -38.51 80.65
C VAL T 9 -93.13 -37.03 80.36
N ALA T 10 -93.18 -36.19 81.39
CA ALA T 10 -92.91 -34.77 81.19
C ALA T 10 -91.49 -34.54 80.72
N ILE T 11 -90.52 -35.27 81.28
CA ILE T 11 -89.13 -35.14 80.85
C ILE T 11 -88.98 -35.57 79.40
N ILE T 12 -89.66 -36.65 79.02
CA ILE T 12 -89.64 -37.09 77.62
C ILE T 12 -90.20 -36.00 76.71
N GLY T 13 -91.30 -35.38 77.13
CA GLY T 13 -91.88 -34.31 76.34
C GLY T 13 -90.96 -33.12 76.19
N ILE T 14 -90.26 -32.75 77.27
CA ILE T 14 -89.30 -31.64 77.19
C ILE T 14 -88.16 -31.99 76.25
N LEU T 15 -87.64 -33.22 76.34
CA LEU T 15 -86.54 -33.62 75.48
C LEU T 15 -86.95 -33.64 74.01
N ALA T 16 -88.17 -34.12 73.73
CA ALA T 16 -88.64 -34.19 72.35
C ALA T 16 -88.89 -32.82 71.73
N ALA T 17 -89.07 -31.79 72.55
CA ALA T 17 -89.41 -30.46 72.08
C ALA T 17 -88.18 -29.57 71.90
N ILE T 18 -87.01 -30.15 71.63
CA ILE T 18 -85.81 -29.34 71.44
C ILE T 18 -85.92 -28.58 70.13
N ALA T 19 -85.16 -27.48 70.02
CA ALA T 19 -85.20 -26.61 68.85
C ALA T 19 -84.09 -26.98 67.88
N ILE T 20 -84.44 -27.17 66.62
CA ILE T 20 -83.48 -27.47 65.56
C ILE T 20 -83.04 -26.13 64.95
N PRO T 21 -81.74 -25.80 64.97
CA PRO T 21 -81.28 -24.47 64.57
C PRO T 21 -81.02 -24.32 63.06
N GLN T 22 -81.97 -24.77 62.24
CA GLN T 22 -81.96 -24.54 60.79
C GLN T 22 -80.63 -24.95 60.16
N TYR T 23 -80.38 -26.26 60.20
CA TYR T 23 -79.12 -26.81 59.71
C TYR T 23 -78.96 -26.66 58.21
N GLN T 24 -80.00 -26.28 57.48
CA GLN T 24 -79.90 -26.12 56.03
C GLN T 24 -78.83 -25.10 55.65
N ASN T 25 -78.66 -24.05 56.46
CA ASN T 25 -77.72 -22.99 56.12
C ASN T 25 -76.30 -23.51 56.04
N TYR T 26 -75.90 -24.35 57.00
CA TYR T 26 -74.53 -24.87 57.01
C TYR T 26 -74.26 -25.73 55.77
N ILE T 27 -75.17 -26.63 55.45
CA ILE T 27 -74.99 -27.51 54.29
C ILE T 27 -74.94 -26.69 53.01
N ALA T 28 -75.86 -25.72 52.87
CA ALA T 28 -75.88 -24.90 51.67
C ALA T 28 -74.59 -24.10 51.52
N LYS T 29 -74.11 -23.50 52.62
CA LYS T 29 -72.88 -22.72 52.56
C LYS T 29 -71.69 -23.59 52.21
N SER T 30 -71.61 -24.79 52.79
CA SER T 30 -70.51 -25.70 52.48
C SER T 30 -70.54 -26.11 51.01
N GLN T 31 -71.72 -26.44 50.49
CA GLN T 31 -71.82 -26.82 49.08
C GLN T 31 -71.45 -25.67 48.16
N VAL T 32 -71.89 -24.46 48.49
CA VAL T 32 -71.55 -23.30 47.65
C VAL T 32 -70.06 -23.04 47.69
N SER T 33 -69.43 -23.17 48.86
CA SER T 33 -67.99 -22.97 48.95
C SER T 33 -67.24 -24.02 48.14
N ARG T 34 -67.67 -25.28 48.20
CA ARG T 34 -67.03 -26.32 47.43
C ARG T 34 -67.15 -26.06 45.93
N VAL T 35 -68.34 -25.65 45.49
CA VAL T 35 -68.54 -25.34 44.08
C VAL T 35 -67.68 -24.15 43.67
N MET T 36 -67.58 -23.15 44.54
CA MET T 36 -66.71 -22.00 44.27
C MET T 36 -65.27 -22.43 44.08
N SER T 37 -64.77 -23.29 44.95
CA SER T 37 -63.39 -23.76 44.82
C SER T 37 -63.21 -24.57 43.53
N GLU T 38 -64.15 -25.47 43.23
CA GLU T 38 -64.04 -26.29 42.03
C GLU T 38 -64.02 -25.44 40.77
N THR T 39 -64.91 -24.44 40.70
CA THR T 39 -64.95 -23.58 39.52
C THR T 39 -63.72 -22.67 39.45
N GLY T 40 -63.22 -22.20 40.59
CA GLY T 40 -62.04 -21.37 40.58
C GLY T 40 -60.79 -22.14 40.20
N SER T 41 -60.81 -23.46 40.38
CA SER T 41 -59.67 -24.27 39.96
C SER T 41 -59.45 -24.21 38.44
N LEU T 42 -60.50 -23.91 37.66
CA LEU T 42 -60.37 -23.84 36.21
C LEU T 42 -59.84 -22.50 35.72
N LYS T 43 -59.68 -21.52 36.61
CA LYS T 43 -59.19 -20.21 36.21
C LYS T 43 -57.79 -20.29 35.63
N THR T 44 -56.94 -21.15 36.19
CA THR T 44 -55.59 -21.30 35.66
C THR T 44 -55.61 -21.76 34.21
N VAL T 45 -56.40 -22.80 33.92
CA VAL T 45 -56.47 -23.32 32.55
C VAL T 45 -57.04 -22.27 31.61
N ILE T 46 -58.11 -21.59 32.03
CA ILE T 46 -58.75 -20.60 31.16
C ILE T 46 -57.80 -19.45 30.87
N GLU T 47 -57.11 -18.96 31.91
CA GLU T 47 -56.19 -17.84 31.72
C GLU T 47 -55.01 -18.23 30.83
N THR T 48 -54.47 -19.44 31.03
CA THR T 48 -53.37 -19.88 30.18
C THR T 48 -53.82 -20.03 28.74
N CYS T 49 -55.01 -20.56 28.51
CA CYS T 49 -55.54 -20.68 27.15
C CYS T 49 -55.71 -19.30 26.51
N ILE T 50 -56.26 -18.35 27.26
CA ILE T 50 -56.49 -17.02 26.70
C ILE T 50 -55.18 -16.32 26.37
N LEU T 51 -54.22 -16.38 27.31
CA LEU T 51 -52.94 -15.71 27.09
C LEU T 51 -52.10 -16.42 26.04
N ASP T 52 -52.34 -17.71 25.79
CA ASP T 52 -51.65 -18.43 24.73
C ASP T 52 -52.22 -18.11 23.36
N GLY T 53 -53.50 -17.75 23.28
CA GLY T 53 -54.12 -17.46 22.00
C GLY T 53 -54.90 -18.61 21.40
N LYS T 54 -55.12 -19.68 22.14
CA LYS T 54 -55.86 -20.82 21.61
C LYS T 54 -57.35 -20.49 21.49
N THR T 55 -58.03 -21.26 20.65
CA THR T 55 -59.47 -21.13 20.49
C THR T 55 -60.20 -21.93 21.56
N ALA T 56 -61.53 -21.81 21.57
CA ALA T 56 -62.34 -22.52 22.56
C ALA T 56 -62.22 -24.02 22.40
N ALA T 57 -62.20 -24.51 21.15
CA ALA T 57 -62.12 -25.95 20.92
C ALA T 57 -60.73 -26.50 21.22
N ASN T 58 -59.70 -25.67 21.15
CA ASN T 58 -58.33 -26.11 21.37
C ASN T 58 -57.88 -25.98 22.82
N CYS T 59 -58.73 -25.45 23.70
CA CYS T 59 -58.39 -25.31 25.11
C CYS T 59 -58.79 -26.59 25.83
N GLU T 60 -57.79 -27.34 26.30
CA GLU T 60 -58.02 -28.63 26.96
C GLU T 60 -58.28 -28.38 28.44
N LEU T 61 -59.51 -28.65 28.88
CA LEU T 61 -59.86 -28.54 30.29
C LEU T 61 -59.61 -29.86 31.00
N GLY T 62 -58.95 -29.79 32.15
CA GLY T 62 -58.76 -30.97 32.97
C GLY T 62 -59.90 -31.18 33.92
N TRP T 63 -61.12 -30.96 33.45
CA TRP T 63 -62.29 -30.99 34.31
C TRP T 63 -62.74 -32.44 34.56
N THR T 64 -63.10 -32.71 35.80
CA THR T 64 -63.67 -33.99 36.20
C THR T 64 -65.08 -33.78 36.72
N ASN T 65 -65.94 -34.76 36.49
CA ASN T 65 -67.34 -34.65 36.89
C ASN T 65 -67.45 -34.44 38.40
N SER T 66 -68.36 -33.55 38.78
CA SER T 66 -68.60 -33.21 40.18
C SER T 66 -70.01 -33.65 40.56
N ASN T 67 -70.14 -34.30 41.71
CA ASN T 67 -71.46 -34.75 42.16
C ASN T 67 -72.41 -33.58 42.37
N LEU T 68 -71.89 -32.38 42.62
CA LEU T 68 -72.67 -31.16 42.52
C LEU T 68 -72.58 -30.66 41.09
N LEU T 69 -73.72 -30.42 40.46
CA LEU T 69 -73.74 -30.10 39.04
C LEU T 69 -72.96 -28.83 38.71
N GLY T 70 -72.72 -27.97 39.70
CA GLY T 70 -71.98 -26.74 39.47
C GLY T 70 -70.51 -26.97 39.17
N THR U 1 -106.78 -48.74 96.02
CA THR U 1 -106.10 -48.14 94.89
C THR U 1 -106.25 -49.02 93.65
N LEU U 2 -105.36 -50.00 93.52
CA LEU U 2 -105.42 -51.01 92.46
C LEU U 2 -105.30 -50.38 91.08
N ILE U 3 -106.36 -49.70 90.63
CA ILE U 3 -106.44 -49.23 89.25
C ILE U 3 -105.28 -48.31 88.91
N GLU U 4 -104.82 -47.48 89.87
CA GLU U 4 -103.70 -46.60 89.61
C GLU U 4 -102.44 -47.39 89.31
N LEU U 5 -102.22 -48.50 90.03
CA LEU U 5 -101.09 -49.36 89.72
C LEU U 5 -101.24 -49.97 88.34
N MET U 6 -102.47 -50.29 87.93
CA MET U 6 -102.70 -50.78 86.57
C MET U 6 -102.32 -49.73 85.53
N ILE U 7 -102.67 -48.46 85.76
CA ILE U 7 -102.26 -47.41 84.85
C ILE U 7 -100.74 -47.27 84.84
N VAL U 8 -100.11 -47.41 86.01
CA VAL U 8 -98.66 -47.28 86.09
C VAL U 8 -97.98 -48.38 85.25
N VAL U 9 -98.44 -49.62 85.40
CA VAL U 9 -97.81 -50.70 84.63
C VAL U 9 -98.15 -50.58 83.15
N ALA U 10 -99.33 -50.05 82.81
CA ALA U 10 -99.64 -49.81 81.40
C ALA U 10 -98.71 -48.76 80.80
N ILE U 11 -98.43 -47.70 81.54
CA ILE U 11 -97.48 -46.69 81.07
C ILE U 11 -96.08 -47.29 80.94
N ILE U 12 -95.68 -48.13 81.89
CA ILE U 12 -94.39 -48.80 81.79
C ILE U 12 -94.33 -49.64 80.52
N GLY U 13 -95.40 -50.40 80.24
CA GLY U 13 -95.42 -51.23 79.06
C GLY U 13 -95.36 -50.42 77.76
N ILE U 14 -96.13 -49.34 77.69
CA ILE U 14 -96.14 -48.57 76.45
C ILE U 14 -94.82 -47.83 76.26
N LEU U 15 -94.17 -47.40 77.34
CA LEU U 15 -92.84 -46.81 77.21
C LEU U 15 -91.81 -47.84 76.77
N ALA U 16 -91.90 -49.06 77.31
CA ALA U 16 -90.97 -50.11 76.92
C ALA U 16 -91.14 -50.55 75.47
N ALA U 17 -92.31 -50.28 74.87
CA ALA U 17 -92.60 -50.69 73.50
C ALA U 17 -92.33 -49.58 72.49
N ILE U 18 -91.40 -48.67 72.79
CA ILE U 18 -91.10 -47.58 71.87
C ILE U 18 -90.42 -48.13 70.63
N ALA U 19 -90.68 -47.50 69.48
CA ALA U 19 -90.11 -47.95 68.23
C ALA U 19 -88.63 -47.56 68.13
N ILE U 20 -87.80 -48.52 67.74
CA ILE U 20 -86.38 -48.28 67.55
C ILE U 20 -86.14 -47.78 66.14
N PRO U 21 -85.49 -46.62 65.96
CA PRO U 21 -85.34 -46.03 64.64
C PRO U 21 -84.29 -46.67 63.74
N GLN U 22 -83.79 -47.86 64.10
CA GLN U 22 -82.84 -48.60 63.26
C GLN U 22 -81.57 -47.77 63.02
N TYR U 23 -80.86 -47.53 64.12
CA TYR U 23 -79.71 -46.63 64.11
C TYR U 23 -78.54 -47.16 63.29
N GLN U 24 -78.53 -48.44 62.92
CA GLN U 24 -77.41 -48.99 62.15
C GLN U 24 -77.14 -48.19 60.89
N ASN U 25 -78.19 -47.80 60.17
CA ASN U 25 -78.02 -47.07 58.92
C ASN U 25 -77.21 -45.80 59.14
N TYR U 26 -77.28 -45.22 60.34
CA TYR U 26 -76.40 -44.10 60.65
C TYR U 26 -74.96 -44.57 60.82
N ILE U 27 -74.72 -45.46 61.78
CA ILE U 27 -73.37 -45.77 62.21
C ILE U 27 -72.50 -46.18 61.04
N ALA U 28 -72.89 -47.25 60.34
CA ALA U 28 -72.13 -47.73 59.20
C ALA U 28 -71.85 -46.60 58.22
N LYS U 29 -72.88 -45.79 57.91
CA LYS U 29 -72.68 -44.69 56.98
C LYS U 29 -71.52 -43.81 57.44
N SER U 30 -71.56 -43.36 58.69
CA SER U 30 -70.48 -42.53 59.21
C SER U 30 -69.14 -43.23 59.03
N GLN U 31 -69.07 -44.51 59.41
CA GLN U 31 -67.82 -45.25 59.25
C GLN U 31 -67.35 -45.21 57.81
N VAL U 32 -68.26 -45.49 56.86
CA VAL U 32 -67.87 -45.45 55.46
C VAL U 32 -67.33 -44.07 55.11
N SER U 33 -68.02 -43.02 55.54
CA SER U 33 -67.56 -41.68 55.26
C SER U 33 -66.14 -41.47 55.77
N ARG U 34 -65.86 -41.95 56.98
CA ARG U 34 -64.51 -41.80 57.52
C ARG U 34 -63.49 -42.48 56.62
N VAL U 35 -63.79 -43.70 56.18
CA VAL U 35 -62.89 -44.38 55.26
C VAL U 35 -62.74 -43.56 53.98
N MET U 36 -63.85 -43.02 53.48
CA MET U 36 -63.80 -42.19 52.29
C MET U 36 -62.82 -41.04 52.46
N SER U 37 -62.73 -40.49 53.67
CA SER U 37 -61.74 -39.46 53.92
C SER U 37 -60.34 -40.05 53.98
N GLU U 38 -60.16 -41.15 54.74
CA GLU U 38 -58.83 -41.64 55.04
C GLU U 38 -58.08 -42.03 53.77
N THR U 39 -58.63 -42.98 53.02
CA THR U 39 -58.04 -43.35 51.74
C THR U 39 -57.91 -42.14 50.82
N GLY U 40 -58.83 -41.19 50.92
CA GLY U 40 -58.73 -39.99 50.10
C GLY U 40 -57.45 -39.23 50.35
N SER U 41 -56.99 -39.18 51.60
CA SER U 41 -55.75 -38.49 51.92
C SER U 41 -54.55 -39.13 51.21
N LEU U 42 -54.66 -40.39 50.79
CA LEU U 42 -53.58 -41.01 50.05
C LEU U 42 -53.49 -40.52 48.62
N LYS U 43 -54.60 -40.01 48.05
CA LYS U 43 -54.58 -39.53 46.68
C LYS U 43 -53.52 -38.46 46.48
N THR U 44 -53.22 -37.68 47.52
CA THR U 44 -52.20 -36.65 47.42
C THR U 44 -50.82 -37.25 47.16
N VAL U 45 -50.48 -38.34 47.86
CA VAL U 45 -49.11 -38.85 47.76
C VAL U 45 -48.95 -39.72 46.51
N ILE U 46 -49.89 -40.63 46.27
CA ILE U 46 -49.77 -41.56 45.16
C ILE U 46 -49.61 -40.81 43.84
N GLU U 47 -50.45 -39.81 43.61
CA GLU U 47 -50.33 -39.00 42.40
C GLU U 47 -48.94 -38.38 42.30
N THR U 48 -48.45 -37.80 43.40
CA THR U 48 -47.14 -37.17 43.35
C THR U 48 -46.05 -38.20 43.06
N CYS U 49 -46.28 -39.47 43.42
CA CYS U 49 -45.36 -40.51 43.01
C CYS U 49 -45.45 -40.76 41.51
N ILE U 50 -46.67 -40.89 41.00
CA ILE U 50 -46.85 -41.27 39.60
C ILE U 50 -46.31 -40.17 38.69
N LEU U 51 -46.58 -38.91 39.01
CA LEU U 51 -46.07 -37.81 38.23
C LEU U 51 -44.56 -37.62 38.40
N ASP U 52 -43.96 -38.28 39.39
CA ASP U 52 -42.52 -38.20 39.59
C ASP U 52 -41.78 -39.31 38.87
N GLY U 53 -42.43 -40.44 38.63
CA GLY U 53 -41.80 -41.56 37.98
C GLY U 53 -41.23 -42.62 38.90
N LYS U 54 -41.51 -42.55 40.19
CA LYS U 54 -41.02 -43.55 41.13
C LYS U 54 -41.77 -44.86 40.96
N THR U 55 -41.15 -45.93 41.45
CA THR U 55 -41.77 -47.25 41.44
C THR U 55 -42.61 -47.44 42.70
N ALA U 56 -43.28 -48.60 42.79
CA ALA U 56 -44.10 -48.88 43.95
C ALA U 56 -43.26 -48.97 45.22
N ALA U 57 -42.08 -49.58 45.13
CA ALA U 57 -41.22 -49.72 46.31
C ALA U 57 -40.65 -48.38 46.74
N ASN U 58 -40.46 -47.44 45.82
CA ASN U 58 -39.88 -46.15 46.12
C ASN U 58 -40.90 -45.09 46.50
N CYS U 59 -42.19 -45.42 46.46
CA CYS U 59 -43.25 -44.47 46.82
C CYS U 59 -43.46 -44.55 48.32
N GLU U 60 -42.77 -43.70 49.06
CA GLU U 60 -42.86 -43.67 50.52
C GLU U 60 -44.08 -42.86 50.91
N LEU U 61 -45.17 -43.57 51.19
CA LEU U 61 -46.43 -42.95 51.62
C LEU U 61 -46.55 -43.07 53.14
N GLY U 62 -46.88 -41.95 53.79
CA GLY U 62 -46.96 -41.93 55.23
C GLY U 62 -48.30 -42.33 55.77
N TRP U 63 -48.65 -43.61 55.64
CA TRP U 63 -49.92 -44.12 56.13
C TRP U 63 -49.74 -44.68 57.52
N THR U 64 -50.44 -44.09 58.49
CA THR U 64 -50.45 -44.60 59.85
C THR U 64 -51.51 -45.68 59.99
N ASN U 65 -51.21 -46.70 60.77
CA ASN U 65 -52.16 -47.78 61.00
C ASN U 65 -53.42 -47.21 61.63
N SER U 66 -54.57 -47.63 61.11
CA SER U 66 -55.86 -47.11 61.52
C SER U 66 -56.74 -48.23 62.05
N ASN U 67 -57.65 -47.88 62.95
CA ASN U 67 -58.72 -48.80 63.31
C ASN U 67 -59.63 -48.95 62.10
N LEU U 68 -60.69 -49.75 62.22
CA LEU U 68 -61.39 -50.25 61.03
C LEU U 68 -60.33 -51.06 60.27
N LEU U 69 -60.35 -51.04 58.93
CA LEU U 69 -59.22 -51.54 58.18
C LEU U 69 -58.84 -50.70 56.97
N GLY U 70 -59.52 -49.58 56.72
CA GLY U 70 -59.18 -48.73 55.60
C GLY U 70 -60.19 -48.82 54.47
N THR V 1 -112.26 -55.61 101.69
CA THR V 1 -111.26 -56.08 100.73
C THR V 1 -109.86 -56.06 101.35
N LEU V 2 -109.30 -57.25 101.56
CA LEU V 2 -107.97 -57.37 102.14
C LEU V 2 -106.99 -57.91 101.10
N ILE V 3 -107.45 -58.84 100.26
CA ILE V 3 -106.61 -59.40 99.21
C ILE V 3 -106.23 -58.32 98.20
N GLU V 4 -107.11 -57.35 97.97
CA GLU V 4 -106.82 -56.27 97.04
C GLU V 4 -105.60 -55.47 97.48
N LEU V 5 -105.54 -55.11 98.76
CA LEU V 5 -104.39 -54.36 99.27
C LEU V 5 -103.13 -55.21 99.25
N MET V 6 -103.26 -56.51 99.51
CA MET V 6 -102.12 -57.41 99.41
C MET V 6 -101.56 -57.46 97.99
N ILE V 7 -102.44 -57.54 96.99
CA ILE V 7 -101.98 -57.53 95.61
C ILE V 7 -101.35 -56.18 95.28
N VAL V 8 -101.92 -55.09 95.79
CA VAL V 8 -101.36 -53.76 95.52
C VAL V 8 -99.95 -53.65 96.08
N VAL V 9 -99.75 -54.07 97.33
CA VAL V 9 -98.43 -53.97 97.93
C VAL V 9 -97.45 -54.94 97.27
N ALA V 10 -97.93 -56.10 96.83
CA ALA V 10 -97.07 -57.02 96.08
C ALA V 10 -96.61 -56.39 94.77
N ILE V 11 -97.51 -55.73 94.06
CA ILE V 11 -97.15 -55.05 92.82
C ILE V 11 -96.16 -53.94 93.10
N ILE V 12 -96.36 -53.21 94.19
CA ILE V 12 -95.42 -52.16 94.57
C ILE V 12 -94.04 -52.75 94.83
N GLY V 13 -93.98 -53.87 95.55
CA GLY V 13 -92.70 -54.50 95.81
C GLY V 13 -92.02 -55.00 94.55
N ILE V 14 -92.81 -55.54 93.62
CA ILE V 14 -92.25 -56.00 92.34
C ILE V 14 -91.68 -54.82 91.57
N LEU V 15 -92.41 -53.71 91.53
CA LEU V 15 -91.92 -52.53 90.82
C LEU V 15 -90.65 -51.97 91.47
N ALA V 16 -90.60 -51.96 92.79
CA ALA V 16 -89.44 -51.42 93.48
C ALA V 16 -88.21 -52.31 93.32
N ALA V 17 -88.40 -53.58 92.98
CA ALA V 17 -87.31 -54.53 92.85
C ALA V 17 -86.78 -54.64 91.43
N ILE V 18 -86.91 -53.58 90.63
CA ILE V 18 -86.43 -53.62 89.26
C ILE V 18 -84.91 -53.57 89.23
N ALA V 19 -84.32 -54.28 88.28
CA ALA V 19 -82.86 -54.33 88.16
C ALA V 19 -82.32 -53.03 87.60
N ILE V 20 -81.07 -52.75 87.94
CA ILE V 20 -80.35 -51.56 87.48
C ILE V 20 -79.25 -51.99 86.54
N PRO V 21 -79.18 -51.43 85.33
CA PRO V 21 -78.19 -51.91 84.34
C PRO V 21 -76.80 -51.33 84.52
N GLN V 22 -76.50 -50.75 85.69
CA GLN V 22 -75.18 -50.20 85.99
C GLN V 22 -74.81 -49.09 84.99
N TYR V 23 -75.56 -47.99 85.09
CA TYR V 23 -75.38 -46.88 84.16
C TYR V 23 -74.02 -46.21 84.27
N GLN V 24 -73.15 -46.65 85.19
CA GLN V 24 -71.83 -46.04 85.32
C GLN V 24 -71.01 -46.21 84.05
N ASN V 25 -71.17 -47.33 83.35
CA ASN V 25 -70.40 -47.57 82.14
C ASN V 25 -70.68 -46.52 81.07
N TYR V 26 -71.96 -46.16 80.89
CA TYR V 26 -72.31 -45.18 79.87
C TYR V 26 -71.70 -43.82 80.18
N ILE V 27 -71.81 -43.37 81.42
CA ILE V 27 -71.27 -42.07 81.81
C ILE V 27 -69.76 -42.06 81.65
N ALA V 28 -69.10 -43.12 82.11
CA ALA V 28 -67.64 -43.18 82.02
C ALA V 28 -67.19 -43.18 80.57
N LYS V 29 -67.86 -43.95 79.72
CA LYS V 29 -67.49 -43.99 78.31
C LYS V 29 -67.69 -42.63 77.64
N SER V 30 -68.81 -41.97 77.94
CA SER V 30 -69.05 -40.66 77.36
C SER V 30 -68.00 -39.65 77.81
N GLN V 31 -67.65 -39.65 79.10
CA GLN V 31 -66.64 -38.72 79.59
C GLN V 31 -65.28 -39.00 78.96
N VAL V 32 -64.91 -40.27 78.84
CA VAL V 32 -63.62 -40.61 78.23
C VAL V 32 -63.60 -40.19 76.76
N SER V 33 -64.71 -40.39 76.04
CA SER V 33 -64.76 -39.98 74.65
C SER V 33 -64.64 -38.46 74.52
N ARG V 34 -65.31 -37.72 75.40
CA ARG V 34 -65.21 -36.26 75.36
C ARG V 34 -63.79 -35.80 75.64
N VAL V 35 -63.13 -36.41 76.62
CA VAL V 35 -61.74 -36.06 76.92
C VAL V 35 -60.84 -36.41 75.75
N MET V 36 -61.10 -37.56 75.10
CA MET V 36 -60.35 -37.93 73.91
C MET V 36 -60.46 -36.87 72.83
N SER V 37 -61.68 -36.42 72.54
CA SER V 37 -61.87 -35.40 71.52
C SER V 37 -61.18 -34.09 71.90
N GLU V 38 -61.33 -33.67 73.16
CA GLU V 38 -60.73 -32.41 73.59
C GLU V 38 -59.21 -32.47 73.49
N THR V 39 -58.60 -33.58 73.89
CA THR V 39 -57.15 -33.71 73.82
C THR V 39 -56.68 -33.83 72.37
N GLY V 40 -57.45 -34.52 71.53
CA GLY V 40 -57.06 -34.64 70.13
C GLY V 40 -57.18 -33.34 69.37
N SER V 41 -58.02 -32.42 69.85
CA SER V 41 -58.12 -31.12 69.22
C SER V 41 -56.81 -30.33 69.27
N LEU V 42 -55.93 -30.65 70.23
CA LEU V 42 -54.65 -29.95 70.35
C LEU V 42 -53.58 -30.52 69.44
N LYS V 43 -53.86 -31.64 68.76
CA LYS V 43 -52.87 -32.22 67.86
C LYS V 43 -52.51 -31.28 66.74
N THR V 44 -53.47 -30.50 66.24
CA THR V 44 -53.19 -29.57 65.17
C THR V 44 -52.15 -28.53 65.58
N VAL V 45 -52.36 -27.88 66.72
CA VAL V 45 -51.43 -26.84 67.15
C VAL V 45 -50.09 -27.44 67.52
N ILE V 46 -50.09 -28.63 68.16
CA ILE V 46 -48.82 -29.24 68.52
C ILE V 46 -48.01 -29.59 67.28
N GLU V 47 -48.66 -30.20 66.27
CA GLU V 47 -47.97 -30.57 65.06
C GLU V 47 -47.46 -29.35 64.30
N THR V 48 -48.28 -28.29 64.23
CA THR V 48 -47.83 -27.08 63.55
C THR V 48 -46.64 -26.46 64.28
N CYS V 49 -46.66 -26.45 65.61
CA CYS V 49 -45.52 -25.93 66.36
C CYS V 49 -44.27 -26.76 66.11
N ILE V 50 -44.40 -28.09 66.11
CA ILE V 50 -43.24 -28.95 65.90
C ILE V 50 -42.67 -28.76 64.50
N LEU V 51 -43.53 -28.75 63.49
CA LEU V 51 -43.07 -28.59 62.12
C LEU V 51 -42.58 -27.19 61.81
N ASP V 52 -42.99 -26.18 62.59
CA ASP V 52 -42.51 -24.83 62.43
C ASP V 52 -41.13 -24.64 63.05
N GLY V 53 -40.82 -25.39 64.11
CA GLY V 53 -39.55 -25.24 64.79
C GLY V 53 -39.59 -24.40 66.04
N LYS V 54 -40.77 -24.04 66.52
CA LYS V 54 -40.90 -23.26 67.74
C LYS V 54 -40.53 -24.10 68.95
N THR V 55 -40.21 -23.41 70.05
CA THR V 55 -39.91 -24.07 71.31
C THR V 55 -41.20 -24.29 72.10
N ALA V 56 -41.07 -24.94 73.25
CA ALA V 56 -42.24 -25.20 74.09
C ALA V 56 -42.86 -23.90 74.59
N ALA V 57 -42.03 -22.94 74.98
CA ALA V 57 -42.55 -21.67 75.49
C ALA V 57 -43.18 -20.83 74.38
N ASN V 58 -42.68 -20.94 73.16
CA ASN V 58 -43.17 -20.13 72.05
C ASN V 58 -44.38 -20.74 71.35
N CYS V 59 -44.82 -21.93 71.76
CA CYS V 59 -45.98 -22.56 71.15
C CYS V 59 -47.23 -22.12 71.91
N GLU V 60 -48.10 -21.39 71.23
CA GLU V 60 -49.31 -20.85 71.85
C GLU V 60 -50.47 -21.81 71.61
N LEU V 61 -51.12 -22.24 72.68
CA LEU V 61 -52.29 -23.09 72.59
C LEU V 61 -53.56 -22.27 72.69
N GLY V 62 -54.63 -22.77 72.08
CA GLY V 62 -55.94 -22.16 72.22
C GLY V 62 -56.74 -22.89 73.28
N TRP V 63 -56.04 -23.60 74.16
CA TRP V 63 -56.69 -24.42 75.16
C TRP V 63 -57.49 -23.57 76.15
N THR V 64 -58.69 -24.05 76.48
CA THR V 64 -59.52 -23.45 77.51
C THR V 64 -59.82 -24.48 78.58
N ASN V 65 -60.12 -24.01 79.78
CA ASN V 65 -60.35 -24.91 80.90
C ASN V 65 -61.56 -25.79 80.63
N SER V 66 -61.45 -27.06 81.01
CA SER V 66 -62.51 -28.05 80.85
C SER V 66 -62.98 -28.51 82.21
N ASN V 67 -64.31 -28.67 82.36
CA ASN V 67 -64.87 -29.15 83.62
C ASN V 67 -64.39 -30.54 83.96
N LEU V 68 -63.91 -31.30 82.98
CA LEU V 68 -63.16 -32.52 83.20
C LEU V 68 -61.68 -32.17 83.18
N LEU V 69 -60.95 -32.58 84.22
CA LEU V 69 -59.55 -32.15 84.33
C LEU V 69 -58.69 -32.67 83.19
N GLY V 70 -59.14 -33.71 82.49
CA GLY V 70 -58.37 -34.24 81.37
C GLY V 70 -58.41 -33.37 80.14
N SER W 1 -36.59 -16.58 1.85
CA SER W 1 -37.21 -15.37 2.35
C SER W 1 -36.37 -14.13 2.00
N THR W 2 -36.97 -13.22 1.24
CA THR W 2 -36.31 -12.00 0.82
C THR W 2 -37.05 -10.79 1.39
N ALA W 3 -36.49 -9.61 1.12
CA ALA W 3 -37.16 -8.38 1.54
C ALA W 3 -38.43 -8.14 0.75
N ALA W 4 -38.44 -8.52 -0.53
CA ALA W 4 -39.63 -8.34 -1.35
C ALA W 4 -40.79 -9.21 -0.85
N VAL W 5 -40.53 -10.48 -0.59
CA VAL W 5 -41.53 -11.39 -0.05
C VAL W 5 -40.91 -12.19 1.09
N THR W 6 -41.59 -12.23 2.22
CA THR W 6 -41.08 -12.94 3.39
C THR W 6 -41.75 -14.30 3.53
N GLY W 7 -41.26 -15.08 4.50
CA GLY W 7 -41.80 -16.41 4.71
C GLY W 7 -43.23 -16.40 5.20
N GLN W 8 -43.55 -15.50 6.12
CA GLN W 8 -44.87 -15.44 6.74
C GLN W 8 -45.51 -14.08 6.50
N THR W 9 -46.85 -14.07 6.54
CA THR W 9 -47.60 -12.85 6.28
C THR W 9 -47.56 -11.88 7.45
N GLY W 10 -47.15 -12.33 8.64
CA GLY W 10 -47.10 -11.46 9.79
C GLY W 10 -45.92 -10.51 9.83
N LEU W 11 -44.99 -10.64 8.89
CA LEU W 11 -43.81 -9.80 8.84
C LEU W 11 -43.71 -9.14 7.47
N THR W 12 -43.58 -7.82 7.45
CA THR W 12 -43.47 -7.06 6.21
C THR W 12 -42.24 -6.16 6.26
N ILE W 13 -41.61 -5.99 5.12
CA ILE W 13 -40.42 -5.14 4.98
C ILE W 13 -40.72 -4.07 3.94
N THR W 14 -40.60 -2.82 4.35
CA THR W 14 -40.68 -1.68 3.45
C THR W 14 -39.24 -1.27 3.13
N TYR W 15 -38.80 -1.58 1.91
CA TYR W 15 -37.43 -1.37 1.44
C TYR W 15 -37.33 -0.06 0.68
N PRO W 16 -36.33 0.77 0.96
CA PRO W 16 -36.19 2.03 0.23
C PRO W 16 -35.68 1.82 -1.19
N ALA W 17 -36.29 2.52 -2.13
CA ALA W 17 -35.85 2.49 -3.52
C ALA W 17 -35.04 3.71 -3.91
N SER W 18 -35.10 4.78 -3.14
CA SER W 18 -34.34 5.99 -3.40
C SER W 18 -33.59 6.39 -2.13
N ALA W 19 -32.90 7.53 -2.19
CA ALA W 19 -32.09 8.01 -1.08
C ALA W 19 -32.84 8.95 -0.16
N THR W 20 -34.14 9.16 -0.39
CA THR W 20 -34.92 10.11 0.40
C THR W 20 -36.10 9.44 1.10
N GLU W 21 -36.09 8.12 1.22
CA GLU W 21 -37.18 7.41 1.88
C GLU W 21 -36.63 6.47 2.94
N SER W 22 -37.47 6.14 3.90
CA SER W 22 -37.09 5.37 5.08
C SER W 22 -37.40 3.90 4.89
N ALA W 23 -36.70 3.07 5.65
CA ALA W 23 -36.92 1.63 5.66
C ALA W 23 -37.73 1.23 6.89
N ALA W 24 -38.41 0.10 6.79
CA ALA W 24 -39.29 -0.32 7.87
C ALA W 24 -39.36 -1.85 7.96
N ILE W 25 -39.42 -2.35 9.18
CA ILE W 25 -39.65 -3.77 9.46
C ILE W 25 -40.84 -3.83 10.42
N GLN W 26 -41.96 -4.35 9.94
CA GLN W 26 -43.20 -4.34 10.71
C GLN W 26 -43.64 -5.76 10.98
N GLY W 27 -44.00 -6.05 12.23
CA GLY W 27 -44.50 -7.35 12.63
C GLY W 27 -45.85 -7.22 13.31
N THR W 28 -46.81 -8.01 12.86
CA THR W 28 -48.17 -8.01 13.40
C THR W 28 -48.35 -9.24 14.28
N PHE W 29 -48.81 -9.03 15.51
CA PHE W 29 -48.98 -10.12 16.44
C PHE W 29 -50.12 -11.03 16.00
N GLY W 30 -50.08 -12.26 16.46
CA GLY W 30 -51.10 -13.24 16.12
C GLY W 30 -50.64 -14.64 16.48
N ASN W 31 -51.41 -15.60 15.98
CA ASN W 31 -51.13 -17.02 16.19
C ASN W 31 -51.06 -17.36 17.67
N SER W 32 -49.85 -17.48 18.21
CA SER W 32 -49.65 -17.83 19.61
C SER W 32 -49.52 -16.61 20.51
N ALA W 33 -49.76 -15.41 19.99
CA ALA W 33 -49.75 -14.23 20.82
C ALA W 33 -51.02 -14.17 21.67
N ALA W 34 -50.99 -13.32 22.69
CA ALA W 34 -52.14 -13.13 23.54
C ALA W 34 -53.30 -12.53 22.75
N ILE W 35 -54.52 -12.87 23.19
CA ILE W 35 -55.71 -12.39 22.49
C ILE W 35 -55.81 -10.87 22.59
N LYS W 36 -55.39 -10.30 23.73
CA LYS W 36 -55.52 -8.87 23.94
C LYS W 36 -54.73 -8.06 22.90
N ILE W 37 -53.63 -8.62 22.39
CA ILE W 37 -52.79 -7.91 21.43
C ILE W 37 -52.80 -8.65 20.10
N LYS W 38 -53.92 -9.31 19.78
CA LYS W 38 -53.97 -10.22 18.65
C LYS W 38 -53.78 -9.53 17.30
N ASN W 39 -53.90 -8.20 17.23
CA ASN W 39 -53.77 -7.51 15.95
C ASN W 39 -52.93 -6.24 16.01
N GLN W 40 -52.17 -6.01 17.08
CA GLN W 40 -51.32 -4.84 17.13
C GLN W 40 -50.04 -5.08 16.33
N THR W 41 -49.27 -4.01 16.14
CA THR W 41 -48.06 -4.06 15.33
C THR W 41 -46.89 -3.48 16.09
N LEU W 42 -45.69 -3.99 15.78
CA LEU W 42 -44.44 -3.45 16.28
C LEU W 42 -43.52 -3.21 15.09
N THR W 43 -42.97 -2.00 14.99
CA THR W 43 -42.21 -1.61 13.81
C THR W 43 -40.86 -1.02 14.20
N TRP W 44 -39.84 -1.39 13.43
CA TRP W 44 -38.53 -0.77 13.47
C TRP W 44 -38.36 0.08 12.22
N THR W 45 -38.21 1.38 12.39
CA THR W 45 -38.07 2.30 11.27
C THR W 45 -36.68 2.90 11.24
N ARG W 46 -36.15 3.04 10.02
CA ARG W 46 -34.81 3.55 9.78
C ARG W 46 -34.90 4.76 8.87
N THR W 47 -34.46 5.91 9.39
CA THR W 47 -34.49 7.15 8.64
C THR W 47 -33.44 7.11 7.52
N PRO W 48 -33.58 7.97 6.50
CA PRO W 48 -32.58 7.99 5.43
C PRO W 48 -31.17 8.27 5.91
N GLU W 49 -31.01 8.99 7.02
CA GLU W 49 -29.69 9.22 7.60
C GLU W 49 -29.09 7.98 8.24
N GLY W 50 -29.88 6.94 8.46
CA GLY W 50 -29.39 5.71 9.04
C GLY W 50 -29.65 5.53 10.52
N ALA W 51 -30.69 6.15 11.06
CA ALA W 51 -31.02 6.06 12.48
C ALA W 51 -32.20 5.11 12.66
N TRP W 52 -32.02 4.10 13.51
CA TRP W 52 -33.05 3.11 13.78
C TRP W 52 -33.83 3.48 15.04
N SER W 53 -35.13 3.24 15.01
CA SER W 53 -35.97 3.48 16.17
C SER W 53 -37.13 2.50 16.15
N CYS W 54 -37.76 2.33 17.31
CA CYS W 54 -38.83 1.35 17.49
C CYS W 54 -40.12 2.04 17.91
N ALA W 55 -41.24 1.46 17.47
CA ALA W 55 -42.55 1.93 17.85
C ALA W 55 -43.51 0.75 17.89
N THR W 56 -44.61 0.93 18.62
CA THR W 56 -45.62 -0.12 18.72
C THR W 56 -46.96 0.51 19.07
N THR W 57 -48.04 -0.15 18.64
CA THR W 57 -49.39 0.29 18.91
C THR W 57 -50.00 -0.39 20.12
N VAL W 58 -49.25 -1.24 20.82
CA VAL W 58 -49.75 -1.89 22.02
C VAL W 58 -49.89 -0.85 23.13
N GLU W 59 -50.76 -1.14 24.10
CA GLU W 59 -50.98 -0.25 25.22
C GLU W 59 -49.68 0.00 25.98
N ALA W 60 -49.66 1.12 26.72
CA ALA W 60 -48.42 1.56 27.38
C ALA W 60 -47.95 0.56 28.43
N LYS W 61 -48.88 -0.04 29.18
CA LYS W 61 -48.50 -0.93 30.26
C LYS W 61 -47.87 -2.23 29.76
N PHE W 62 -47.94 -2.52 28.47
CA PHE W 62 -47.24 -3.66 27.90
C PHE W 62 -45.96 -3.28 27.16
N LYS W 63 -45.73 -1.99 26.96
CA LYS W 63 -44.58 -1.56 26.18
C LYS W 63 -43.29 -1.78 26.96
N PRO W 64 -42.24 -2.31 26.34
CA PRO W 64 -40.92 -2.33 26.98
C PRO W 64 -40.33 -0.92 27.00
N ALA W 65 -39.28 -0.76 27.82
CA ALA W 65 -38.65 0.54 27.96
C ALA W 65 -38.02 1.03 26.67
N GLY W 66 -37.72 0.13 25.73
CA GLY W 66 -37.05 0.52 24.50
C GLY W 66 -37.96 1.04 23.40
N CYS W 67 -39.25 0.72 23.45
CA CYS W 67 -40.19 1.14 22.42
C CYS W 67 -41.30 2.03 22.95
N ALA W 68 -41.02 2.79 24.01
CA ALA W 68 -42.00 3.70 24.59
C ALA W 68 -42.03 5.00 23.77
N SER W 69 -42.57 4.88 22.56
CA SER W 69 -42.65 6.01 21.65
C SER W 69 -43.96 6.00 20.87
N SER X 1 81.45 20.51 -84.62
CA SER X 1 82.24 19.78 -85.60
C SER X 1 82.55 20.65 -86.81
N THR X 2 81.98 20.30 -87.96
CA THR X 2 82.18 21.03 -89.19
C THR X 2 80.84 21.51 -89.74
N ALA X 3 80.90 22.38 -90.74
CA ALA X 3 79.67 22.85 -91.38
C ALA X 3 78.98 21.74 -92.14
N ALA X 4 79.75 20.87 -92.80
CA ALA X 4 79.16 19.79 -93.58
C ALA X 4 78.47 18.77 -92.68
N VAL X 5 79.15 18.33 -91.62
CA VAL X 5 78.59 17.38 -90.67
C VAL X 5 78.84 17.90 -89.26
N THR X 6 77.80 17.85 -88.43
CA THR X 6 77.87 18.32 -87.05
C THR X 6 77.75 17.14 -86.09
N GLY X 7 78.14 17.38 -84.84
CA GLY X 7 78.07 16.36 -83.82
C GLY X 7 76.71 16.12 -83.22
N GLN X 8 75.71 16.91 -83.62
CA GLN X 8 74.35 16.76 -83.10
C GLN X 8 73.38 16.61 -84.26
N THR X 9 72.44 15.67 -84.12
CA THR X 9 71.47 15.43 -85.18
C THR X 9 70.46 16.56 -85.30
N GLY X 10 70.17 17.25 -84.19
CA GLY X 10 69.20 18.33 -84.20
C GLY X 10 69.69 19.65 -84.74
N LEU X 11 70.96 19.76 -85.10
CA LEU X 11 71.53 20.99 -85.65
C LEU X 11 72.05 20.71 -87.05
N THR X 12 71.61 21.52 -88.01
CA THR X 12 72.04 21.40 -89.40
C THR X 12 72.52 22.75 -89.91
N ILE X 13 73.53 22.71 -90.76
CA ILE X 13 74.09 23.91 -91.38
C ILE X 13 73.94 23.78 -92.89
N THR X 14 73.24 24.74 -93.51
CA THR X 14 73.12 24.84 -94.95
C THR X 14 74.11 25.89 -95.40
N TYR X 15 75.27 25.46 -95.87
CA TYR X 15 76.40 26.29 -96.30
C TYR X 15 76.26 26.64 -97.77
N PRO X 16 76.39 27.91 -98.14
CA PRO X 16 76.28 28.30 -99.56
C PRO X 16 77.52 27.90 -100.32
N ALA X 17 77.31 27.27 -101.47
CA ALA X 17 78.40 26.91 -102.37
C ALA X 17 78.79 28.02 -103.33
N SER X 18 78.00 29.11 -103.37
CA SER X 18 78.29 30.24 -104.23
C SER X 18 77.68 31.48 -103.60
N ALA X 19 77.87 32.62 -104.26
CA ALA X 19 77.38 33.90 -103.76
C ALA X 19 75.93 34.18 -104.12
N THR X 20 75.27 33.28 -104.85
CA THR X 20 73.90 33.49 -105.32
C THR X 20 72.86 32.84 -104.41
N GLU X 21 73.27 32.23 -103.31
CA GLU X 21 72.36 31.56 -102.40
C GLU X 21 72.66 31.93 -100.96
N SER X 22 71.65 31.77 -100.11
CA SER X 22 71.74 32.17 -98.71
C SER X 22 72.39 31.07 -97.87
N ALA X 23 72.60 31.38 -96.59
CA ALA X 23 73.13 30.42 -95.62
C ALA X 23 72.11 30.21 -94.52
N ALA X 24 72.08 29.02 -93.95
CA ALA X 24 71.07 28.68 -92.95
C ALA X 24 71.69 27.91 -91.79
N ILE X 25 71.20 28.20 -90.59
CA ILE X 25 71.53 27.44 -89.39
C ILE X 25 70.21 27.01 -88.78
N GLN X 26 69.90 25.71 -88.85
CA GLN X 26 68.62 25.17 -88.43
C GLN X 26 68.80 24.32 -87.18
N GLY X 27 67.88 24.49 -86.22
CA GLY X 27 67.90 23.68 -85.03
C GLY X 27 66.52 23.20 -84.64
N THR X 28 66.36 21.88 -84.52
CA THR X 28 65.09 21.27 -84.16
C THR X 28 65.13 20.87 -82.68
N PHE X 29 64.10 21.25 -81.94
CA PHE X 29 64.06 20.97 -80.51
C PHE X 29 63.95 19.46 -80.27
N GLY X 30 64.04 19.09 -79.00
CA GLY X 30 63.96 17.70 -78.61
C GLY X 30 64.74 17.47 -77.34
N ASN X 31 64.92 16.18 -77.03
CA ASN X 31 65.66 15.74 -75.85
C ASN X 31 65.04 16.32 -74.57
N SER X 32 65.65 17.38 -74.05
CA SER X 32 65.16 18.02 -72.83
C SER X 32 64.16 19.13 -73.10
N ALA X 33 63.79 19.36 -74.34
CA ALA X 33 62.80 20.38 -74.66
C ALA X 33 61.41 19.93 -74.21
N ALA X 34 60.51 20.91 -74.11
CA ALA X 34 59.14 20.61 -73.71
C ALA X 34 58.43 19.80 -74.79
N ILE X 35 57.44 19.02 -74.36
CA ILE X 35 56.70 18.16 -75.29
C ILE X 35 55.93 19.02 -76.30
N LYS X 36 55.42 20.16 -75.86
CA LYS X 36 54.64 21.02 -76.76
C LYS X 36 55.49 21.51 -77.93
N ILE X 37 56.77 21.78 -77.70
CA ILE X 37 57.65 22.31 -78.73
C ILE X 37 58.64 21.24 -79.16
N LYS X 38 58.23 19.97 -79.05
CA LYS X 38 59.18 18.87 -79.22
C LYS X 38 59.79 18.86 -80.61
N ASN X 39 58.98 19.05 -81.66
CA ASN X 39 59.46 18.92 -83.02
C ASN X 39 59.49 20.25 -83.78
N GLN X 40 59.36 21.37 -83.09
CA GLN X 40 59.45 22.67 -83.75
C GLN X 40 60.90 22.97 -84.11
N THR X 41 61.08 23.97 -84.99
CA THR X 41 62.40 24.32 -85.50
C THR X 41 62.62 25.82 -85.40
N LEU X 42 63.87 26.20 -85.16
CA LEU X 42 64.29 27.61 -85.14
C LEU X 42 65.49 27.76 -86.06
N THR X 43 65.45 28.77 -86.93
CA THR X 43 66.47 28.94 -87.94
C THR X 43 66.99 30.37 -87.96
N TRP X 44 68.27 30.49 -88.29
CA TRP X 44 68.91 31.76 -88.61
C TRP X 44 69.29 31.75 -90.08
N THR X 45 68.81 32.75 -90.83
CA THR X 45 69.04 32.83 -92.26
C THR X 45 69.88 34.05 -92.58
N ARG X 46 70.95 33.84 -93.35
CA ARG X 46 71.84 34.91 -93.78
C ARG X 46 71.67 35.10 -95.29
N THR X 47 71.28 36.30 -95.68
CA THR X 47 71.12 36.64 -97.09
C THR X 47 72.48 36.68 -97.77
N PRO X 48 72.52 36.53 -99.10
CA PRO X 48 73.81 36.63 -99.80
C PRO X 48 74.53 37.95 -99.59
N GLU X 49 73.80 39.03 -99.30
CA GLU X 49 74.43 40.31 -99.02
C GLU X 49 74.93 40.46 -97.58
N GLY X 50 74.69 39.45 -96.73
CA GLY X 50 75.20 39.46 -95.38
C GLY X 50 74.22 39.87 -94.30
N ALA X 51 72.92 39.87 -94.59
CA ALA X 51 71.90 40.25 -93.62
C ALA X 51 71.39 39.00 -92.90
N TRP X 52 71.42 39.02 -91.57
CA TRP X 52 70.97 37.92 -90.76
C TRP X 52 69.55 38.17 -90.24
N SER X 53 68.79 37.09 -90.12
CA SER X 53 67.44 37.16 -89.59
C SER X 53 67.10 35.85 -88.90
N CYS X 54 66.10 35.89 -88.03
CA CYS X 54 65.68 34.73 -87.25
C CYS X 54 64.23 34.39 -87.55
N ALA X 55 63.93 33.09 -87.55
CA ALA X 55 62.58 32.61 -87.76
C ALA X 55 62.37 31.35 -86.94
N THR X 56 61.11 31.04 -86.68
CA THR X 56 60.78 29.84 -85.91
C THR X 56 59.35 29.43 -86.21
N THR X 57 59.10 28.12 -86.13
CA THR X 57 57.78 27.55 -86.36
C THR X 57 56.99 27.36 -85.07
N VAL X 58 57.54 27.76 -83.92
CA VAL X 58 56.84 27.62 -82.66
C VAL X 58 55.67 28.61 -82.62
N GLU X 59 54.75 28.38 -81.69
CA GLU X 59 53.60 29.26 -81.55
C GLU X 59 54.04 30.67 -81.17
N ALA X 60 53.16 31.64 -81.48
CA ALA X 60 53.53 33.05 -81.34
C ALA X 60 53.81 33.41 -79.88
N LYS X 61 53.02 32.87 -78.95
CA LYS X 61 53.19 33.25 -77.55
C LYS X 61 54.53 32.78 -77.00
N PHE X 62 55.10 31.72 -77.57
CA PHE X 62 56.41 31.24 -77.16
C PHE X 62 57.55 31.99 -77.85
N LYS X 63 57.26 32.75 -78.90
CA LYS X 63 58.30 33.44 -79.65
C LYS X 63 58.86 34.60 -78.83
N PRO X 64 60.17 34.73 -78.73
CA PRO X 64 60.75 35.95 -78.14
C PRO X 64 60.61 37.12 -79.10
N ALA X 65 60.82 38.33 -78.56
CA ALA X 65 60.66 39.54 -79.35
C ALA X 65 61.64 39.62 -80.50
N GLY X 66 62.80 38.96 -80.38
CA GLY X 66 63.79 39.03 -81.45
C GLY X 66 63.49 38.17 -82.64
N CYS X 67 62.70 37.10 -82.45
CA CYS X 67 62.39 36.16 -83.52
C CYS X 67 60.90 36.15 -83.86
N ALA X 68 60.17 37.21 -83.52
CA ALA X 68 58.74 37.29 -83.80
C ALA X 68 58.53 37.79 -85.23
N SER X 69 58.85 36.91 -86.18
CA SER X 69 58.71 37.23 -87.60
C SER X 69 57.96 36.12 -88.34
N SER Y 1 91.02 31.48 -53.21
CA SER Y 1 91.07 32.67 -54.08
C SER Y 1 91.88 32.39 -55.34
N THR Y 2 92.61 31.29 -55.34
CA THR Y 2 93.41 30.88 -56.48
C THR Y 2 93.04 29.45 -56.86
N ALA Y 3 93.56 29.00 -58.01
CA ALA Y 3 93.33 27.62 -58.42
C ALA Y 3 94.10 26.64 -57.55
N ALA Y 4 95.29 27.02 -57.09
CA ALA Y 4 96.09 26.13 -56.26
C ALA Y 4 95.43 25.91 -54.89
N VAL Y 5 95.02 27.00 -54.25
CA VAL Y 5 94.40 26.93 -52.93
C VAL Y 5 93.11 27.74 -52.95
N THR Y 6 92.04 27.17 -52.40
CA THR Y 6 90.74 27.81 -52.37
C THR Y 6 90.40 28.31 -50.97
N GLY Y 7 89.30 29.04 -50.87
CA GLY Y 7 88.85 29.54 -49.59
C GLY Y 7 88.17 28.52 -48.71
N GLN Y 8 87.73 27.40 -49.28
CA GLN Y 8 87.06 26.36 -48.53
C GLN Y 8 87.47 25.00 -49.05
N THR Y 9 87.37 23.99 -48.17
CA THR Y 9 87.76 22.63 -48.53
C THR Y 9 86.74 21.93 -49.40
N GLY Y 10 85.51 22.45 -49.47
CA GLY Y 10 84.47 21.81 -50.27
C GLY Y 10 84.61 22.02 -51.76
N LEU Y 11 85.50 22.91 -52.19
CA LEU Y 11 85.69 23.21 -53.60
C LEU Y 11 87.16 23.02 -53.97
N THR Y 12 87.40 22.29 -55.06
CA THR Y 12 88.75 22.07 -55.55
C THR Y 12 88.77 22.28 -57.06
N ILE Y 13 89.93 22.68 -57.57
CA ILE Y 13 90.15 22.88 -59.00
C ILE Y 13 91.39 22.12 -59.41
N THR Y 14 91.21 21.21 -60.38
CA THR Y 14 92.33 20.53 -61.02
C THR Y 14 92.72 21.36 -62.24
N TYR Y 15 93.83 22.09 -62.12
CA TYR Y 15 94.28 23.01 -63.15
C TYR Y 15 95.27 22.31 -64.07
N PRO Y 16 95.08 22.36 -65.39
CA PRO Y 16 96.00 21.68 -66.30
C PRO Y 16 97.38 22.32 -66.29
N ALA Y 17 98.40 21.47 -66.48
CA ALA Y 17 99.77 21.93 -66.60
C ALA Y 17 100.32 21.78 -68.01
N SER Y 18 99.65 21.01 -68.87
CA SER Y 18 100.07 20.83 -70.26
C SER Y 18 98.83 20.79 -71.14
N ALA Y 19 99.05 20.93 -72.44
CA ALA Y 19 97.96 20.95 -73.40
C ALA Y 19 97.30 19.59 -73.59
N THR Y 20 97.89 18.53 -73.04
CA THR Y 20 97.37 17.18 -73.22
C THR Y 20 96.54 16.68 -72.05
N GLU Y 21 96.24 17.55 -71.08
CA GLU Y 21 95.46 17.17 -69.91
C GLU Y 21 94.28 18.12 -69.75
N SER Y 22 93.25 17.63 -69.07
CA SER Y 22 91.99 18.33 -68.93
C SER Y 22 91.99 19.22 -67.68
N ALA Y 23 90.88 19.92 -67.47
CA ALA Y 23 90.68 20.75 -66.29
C ALA Y 23 89.41 20.35 -65.58
N ALA Y 24 89.37 20.56 -64.26
CA ALA Y 24 88.23 20.12 -63.48
C ALA Y 24 87.90 21.13 -62.39
N ILE Y 25 86.61 21.28 -62.11
CA ILE Y 25 86.11 22.08 -60.99
C ILE Y 25 85.14 21.20 -60.22
N GLN Y 26 85.54 20.74 -59.04
CA GLN Y 26 84.77 19.77 -58.27
C GLN Y 26 84.30 20.40 -56.97
N GLY Y 27 83.04 20.14 -56.61
CA GLY Y 27 82.49 20.61 -55.36
C GLY Y 27 81.77 19.51 -54.62
N THR Y 28 82.09 19.32 -53.34
CA THR Y 28 81.48 18.29 -52.52
C THR Y 28 80.45 18.92 -51.60
N PHE Y 29 79.26 18.35 -51.58
CA PHE Y 29 78.18 18.89 -50.76
C PHE Y 29 78.50 18.74 -49.28
N GLY Y 30 77.79 19.50 -48.45
CA GLY Y 30 77.97 19.44 -47.02
C GLY Y 30 77.43 20.69 -46.36
N ASN Y 31 77.77 20.84 -45.09
CA ASN Y 31 77.36 21.98 -44.29
C ASN Y 31 75.84 22.11 -44.26
N SER Y 32 75.29 23.01 -45.07
CA SER Y 32 73.86 23.24 -45.13
C SER Y 32 73.15 22.36 -46.15
N ALA Y 33 73.87 21.46 -46.81
CA ALA Y 33 73.25 20.55 -47.75
C ALA Y 33 72.45 19.47 -47.01
N ALA Y 34 71.58 18.79 -47.75
CA ALA Y 34 70.76 17.75 -47.18
C ALA Y 34 71.62 16.57 -46.74
N ILE Y 35 71.11 15.84 -45.74
CA ILE Y 35 71.85 14.69 -45.21
C ILE Y 35 71.98 13.60 -46.27
N LYS Y 36 70.95 13.45 -47.12
CA LYS Y 36 70.99 12.41 -48.15
C LYS Y 36 72.13 12.64 -49.12
N ILE Y 37 72.38 13.89 -49.51
CA ILE Y 37 73.42 14.22 -50.46
C ILE Y 37 74.65 14.79 -49.77
N LYS Y 38 74.83 14.51 -48.48
CA LYS Y 38 75.83 15.19 -47.67
C LYS Y 38 77.26 14.96 -48.15
N ASN Y 39 77.51 13.90 -48.89
CA ASN Y 39 78.88 13.58 -49.31
C ASN Y 39 79.05 13.39 -50.80
N GLN Y 40 78.03 13.65 -51.62
CA GLN Y 40 78.18 13.52 -53.06
C GLN Y 40 78.97 14.69 -53.62
N THR Y 41 79.37 14.57 -54.89
CA THR Y 41 80.17 15.58 -55.55
C THR Y 41 79.55 15.93 -56.90
N LEU Y 42 79.75 17.20 -57.30
CA LEU Y 42 79.34 17.68 -58.61
C LEU Y 42 80.56 18.33 -59.26
N THR Y 43 80.85 17.95 -60.50
CA THR Y 43 82.06 18.38 -61.17
C THR Y 43 81.77 18.92 -62.57
N TRP Y 44 82.54 19.93 -62.96
CA TRP Y 44 82.59 20.43 -64.32
C TRP Y 44 83.94 20.09 -64.91
N THR Y 45 83.92 19.38 -66.04
CA THR Y 45 85.14 18.91 -66.69
C THR Y 45 85.30 19.61 -68.03
N ARG Y 46 86.50 20.15 -68.26
CA ARG Y 46 86.85 20.81 -69.52
C ARG Y 46 87.90 19.97 -70.23
N THR Y 47 87.58 19.54 -71.44
CA THR Y 47 88.51 18.78 -72.25
C THR Y 47 89.64 19.68 -72.74
N PRO Y 48 90.78 19.09 -73.14
CA PRO Y 48 91.85 19.91 -73.71
C PRO Y 48 91.44 20.70 -74.94
N GLU Y 49 90.40 20.24 -75.64
CA GLU Y 49 89.88 20.96 -76.80
C GLU Y 49 88.97 22.13 -76.42
N GLY Y 50 88.67 22.31 -75.14
CA GLY Y 50 87.85 23.42 -74.69
C GLY Y 50 86.38 23.12 -74.49
N ALA Y 51 85.97 21.85 -74.49
CA ALA Y 51 84.58 21.50 -74.32
C ALA Y 51 84.27 21.24 -72.85
N TRP Y 52 83.23 21.89 -72.34
CA TRP Y 52 82.82 21.76 -70.95
C TRP Y 52 81.66 20.78 -70.83
N SER Y 53 81.63 20.06 -69.71
CA SER Y 53 80.55 19.13 -69.42
C SER Y 53 80.38 19.04 -67.92
N CYS Y 54 79.22 18.55 -67.49
CA CYS Y 54 78.89 18.43 -66.08
C CYS Y 54 78.61 16.98 -65.72
N ALA Y 55 78.99 16.60 -64.50
CA ALA Y 55 78.70 15.27 -63.99
C ALA Y 55 78.45 15.37 -62.48
N THR Y 56 77.77 14.37 -61.95
CA THR Y 56 77.50 14.33 -60.52
C THR Y 56 77.24 12.89 -60.10
N THR Y 57 77.58 12.60 -58.84
CA THR Y 57 77.37 11.28 -58.27
C THR Y 57 76.05 11.16 -57.52
N VAL Y 58 75.23 12.21 -57.53
CA VAL Y 58 73.95 12.16 -56.84
C VAL Y 58 72.99 11.23 -57.59
N GLU Y 59 71.90 10.87 -56.93
CA GLU Y 59 70.92 9.97 -57.52
C GLU Y 59 70.27 10.61 -58.74
N ALA Y 60 69.71 9.76 -59.60
CA ALA Y 60 69.15 10.24 -60.87
C ALA Y 60 67.98 11.18 -60.66
N LYS Y 61 67.11 10.87 -59.70
CA LYS Y 61 65.93 11.70 -59.47
C LYS Y 61 66.28 13.09 -58.95
N PHE Y 62 67.49 13.27 -58.39
CA PHE Y 62 67.96 14.58 -57.96
C PHE Y 62 68.72 15.33 -59.03
N LYS Y 63 69.14 14.65 -60.10
CA LYS Y 63 69.94 15.30 -61.13
C LYS Y 63 69.09 16.27 -61.94
N PRO Y 64 69.58 17.47 -62.21
CA PRO Y 64 68.90 18.35 -63.16
C PRO Y 64 69.16 17.89 -64.58
N ALA Y 65 68.39 18.47 -65.52
CA ALA Y 65 68.51 18.08 -66.92
C ALA Y 65 69.89 18.42 -67.49
N GLY Y 66 70.58 19.41 -66.92
CA GLY Y 66 71.88 19.81 -67.46
C GLY Y 66 73.02 18.89 -67.11
N CYS Y 67 72.88 18.08 -66.06
CA CYS Y 67 73.95 17.20 -65.60
C CYS Y 67 73.53 15.74 -65.62
N ALA Y 68 72.65 15.37 -66.55
CA ALA Y 68 72.24 13.97 -66.66
C ALA Y 68 73.41 13.08 -67.06
N SER Y 69 74.25 13.54 -67.98
CA SER Y 69 75.42 12.81 -68.44
C SER Y 69 75.06 11.43 -68.98
N SER Z 1 63.61 56.55 -55.06
CA SER Z 1 64.53 56.49 -53.92
C SER Z 1 65.98 56.48 -54.40
N THR Z 2 66.90 56.63 -53.46
CA THR Z 2 68.32 56.63 -53.77
C THR Z 2 69.10 56.11 -52.58
N ALA Z 3 70.41 55.97 -52.76
CA ALA Z 3 71.26 55.50 -51.66
C ALA Z 3 71.32 56.52 -50.54
N ALA Z 4 71.31 57.81 -50.87
CA ALA Z 4 71.38 58.84 -49.85
C ALA Z 4 70.14 58.82 -48.96
N VAL Z 5 68.96 58.79 -49.57
CA VAL Z 5 67.70 58.76 -48.83
C VAL Z 5 66.78 57.73 -49.49
N THR Z 6 66.16 56.88 -48.69
CA THR Z 6 65.26 55.85 -49.18
C THR Z 6 63.81 56.26 -48.91
N GLY Z 7 62.88 55.45 -49.43
CA GLY Z 7 61.47 55.75 -49.27
C GLY Z 7 60.91 55.51 -47.89
N GLN Z 8 61.57 54.66 -47.09
CA GLN Z 8 61.08 54.34 -45.76
C GLN Z 8 62.24 54.37 -44.78
N THR Z 9 61.90 54.62 -43.50
CA THR Z 9 62.91 54.71 -42.46
C THR Z 9 63.47 53.35 -42.06
N GLY Z 10 62.79 52.26 -42.42
CA GLY Z 10 63.25 50.94 -42.05
C GLY Z 10 64.40 50.40 -42.88
N LEU Z 11 64.79 51.11 -43.94
CA LEU Z 11 65.87 50.68 -44.82
C LEU Z 11 66.95 51.76 -44.82
N THR Z 12 68.19 51.35 -44.57
CA THR Z 12 69.33 52.25 -44.52
C THR Z 12 70.43 51.74 -45.43
N ILE Z 13 71.04 52.64 -46.19
CA ILE Z 13 72.12 52.32 -47.11
C ILE Z 13 73.37 53.05 -46.66
N THR Z 14 74.42 52.29 -46.36
CA THR Z 14 75.74 52.84 -46.06
C THR Z 14 76.57 52.70 -47.33
N TYR Z 15 76.74 53.82 -48.03
CA TYR Z 15 77.42 53.83 -49.32
C TYR Z 15 78.89 54.19 -49.11
N PRO Z 16 79.84 53.40 -49.61
CA PRO Z 16 81.25 53.75 -49.44
C PRO Z 16 81.62 55.00 -50.22
N ALA Z 17 82.56 55.77 -49.66
CA ALA Z 17 83.06 56.97 -50.30
C ALA Z 17 84.47 56.84 -50.83
N SER Z 18 85.24 55.85 -50.38
CA SER Z 18 86.59 55.61 -50.84
C SER Z 18 86.77 54.12 -51.11
N ALA Z 19 88.00 53.74 -51.45
CA ALA Z 19 88.30 52.36 -51.80
C ALA Z 19 88.52 51.46 -50.59
N THR Z 20 88.51 52.01 -49.38
CA THR Z 20 88.76 51.25 -48.16
C THR Z 20 87.56 51.23 -47.24
N GLU Z 21 86.35 51.25 -47.80
CA GLU Z 21 85.12 51.22 -47.03
C GLU Z 21 84.22 50.10 -47.52
N SER Z 22 83.37 49.61 -46.62
CA SER Z 22 82.48 48.50 -46.87
C SER Z 22 81.05 49.01 -47.01
N ALA Z 23 80.36 48.55 -48.04
CA ALA Z 23 78.98 48.95 -48.26
C ALA Z 23 78.04 48.16 -47.35
N ALA Z 24 76.88 48.74 -47.07
CA ALA Z 24 75.94 48.06 -46.18
C ALA Z 24 74.50 48.37 -46.59
N ILE Z 25 73.65 47.36 -46.47
CA ILE Z 25 72.21 47.49 -46.68
C ILE Z 25 71.54 46.90 -45.45
N GLN Z 26 70.94 47.74 -44.62
CA GLN Z 26 70.38 47.32 -43.34
C GLN Z 26 68.88 47.53 -43.33
N GLY Z 27 68.14 46.52 -42.90
CA GLY Z 27 66.70 46.61 -42.76
C GLY Z 27 66.27 46.28 -41.35
N THR Z 28 65.48 47.16 -40.75
CA THR Z 28 64.98 46.99 -39.40
C THR Z 28 63.53 46.54 -39.46
N PHE Z 29 63.22 45.44 -38.78
CA PHE Z 29 61.87 44.91 -38.80
C PHE Z 29 60.90 45.86 -38.10
N GLY Z 30 59.63 45.73 -38.45
CA GLY Z 30 58.61 46.55 -37.85
C GLY Z 30 57.34 46.51 -38.68
N ASN Z 31 56.42 47.42 -38.33
CA ASN Z 31 55.14 47.55 -39.01
C ASN Z 31 54.36 46.25 -38.95
N SER Z 32 54.43 45.45 -40.02
CA SER Z 32 53.71 44.19 -40.10
C SER Z 32 54.55 43.00 -39.66
N ALA Z 33 55.75 43.24 -39.11
CA ALA Z 33 56.56 42.16 -38.59
C ALA Z 33 56.02 41.68 -37.25
N ALA Z 34 56.50 40.51 -36.83
CA ALA Z 34 56.08 39.95 -35.55
C ALA Z 34 56.59 40.80 -34.39
N ILE Z 35 55.84 40.75 -33.28
CA ILE Z 35 56.22 41.53 -32.11
C ILE Z 35 57.55 41.07 -31.54
N LYS Z 36 57.82 39.76 -31.60
CA LYS Z 36 59.06 39.22 -31.04
C LYS Z 36 60.28 39.82 -31.72
N ILE Z 37 60.22 40.01 -33.04
CA ILE Z 37 61.35 40.51 -33.80
C ILE Z 37 61.09 41.95 -34.22
N LYS Z 38 60.29 42.67 -33.43
CA LYS Z 38 59.79 43.97 -33.85
C LYS Z 38 60.89 45.02 -34.02
N ASN Z 39 62.09 44.79 -33.48
CA ASN Z 39 63.14 45.81 -33.53
C ASN Z 39 64.49 45.26 -33.96
N GLN Z 40 64.58 43.99 -34.35
CA GLN Z 40 65.85 43.44 -34.79
C GLN Z 40 66.18 43.95 -36.20
N THR Z 41 67.43 43.71 -36.60
CA THR Z 41 67.92 44.18 -37.90
C THR Z 41 68.56 43.04 -38.67
N LEU Z 42 68.48 43.14 -40.00
CA LEU Z 42 69.16 42.21 -40.90
C LEU Z 42 69.97 43.04 -41.89
N THR Z 43 71.25 42.72 -42.02
CA THR Z 43 72.15 43.54 -42.82
C THR Z 43 72.92 42.69 -43.83
N TRP Z 44 73.08 43.23 -45.03
CA TRP Z 44 74.00 42.70 -46.03
C TRP Z 44 75.19 43.63 -46.11
N THR Z 45 76.38 43.10 -45.87
CA THR Z 45 77.60 43.88 -45.89
C THR Z 45 78.49 43.42 -47.05
N ARG Z 46 79.05 44.40 -47.76
CA ARG Z 46 79.93 44.16 -48.89
C ARG Z 46 81.32 44.66 -48.54
N THR Z 47 82.30 43.76 -48.60
CA THR Z 47 83.67 44.10 -48.31
C THR Z 47 84.25 44.98 -49.41
N PRO Z 48 85.35 45.69 -49.12
CA PRO Z 48 85.94 46.58 -50.14
C PRO Z 48 86.32 45.87 -51.43
N GLU Z 49 86.73 44.60 -51.37
CA GLU Z 49 87.12 43.88 -52.58
C GLU Z 49 85.97 43.14 -53.23
N GLY Z 50 84.74 43.30 -52.73
CA GLY Z 50 83.56 42.82 -53.42
C GLY Z 50 82.87 41.60 -52.83
N ALA Z 51 83.26 41.14 -51.65
CA ALA Z 51 82.62 39.98 -51.05
C ALA Z 51 81.37 40.39 -50.29
N TRP Z 52 80.25 39.73 -50.58
CA TRP Z 52 78.98 39.99 -49.93
C TRP Z 52 78.71 38.94 -48.86
N SER Z 53 78.12 39.38 -47.74
CA SER Z 53 77.74 38.46 -46.68
C SER Z 53 76.56 39.04 -45.93
N CYS Z 54 75.89 38.19 -45.16
CA CYS Z 54 74.69 38.58 -44.44
C CYS Z 54 74.84 38.31 -42.94
N ALA Z 55 74.16 39.13 -42.15
CA ALA Z 55 74.13 38.97 -40.71
C ALA Z 55 72.79 39.45 -40.18
N THR Z 56 72.44 39.01 -39.00
CA THR Z 56 71.19 39.41 -38.37
C THR Z 56 71.29 39.25 -36.86
N THR Z 57 70.52 40.07 -36.15
CA THR Z 57 70.48 40.04 -34.69
C THR Z 57 69.30 39.23 -34.16
N VAL Z 58 68.53 38.60 -35.04
CA VAL Z 58 67.40 37.79 -34.59
C VAL Z 58 67.93 36.51 -33.94
N GLU Z 59 67.09 35.90 -33.11
CA GLU Z 59 67.45 34.67 -32.42
C GLU Z 59 67.86 33.58 -33.42
N ALA Z 60 68.62 32.60 -32.91
CA ALA Z 60 69.17 31.57 -33.78
C ALA Z 60 68.08 30.73 -34.43
N LYS Z 61 67.03 30.39 -33.68
CA LYS Z 61 65.99 29.53 -34.21
C LYS Z 61 65.19 30.18 -35.34
N PHE Z 62 65.23 31.51 -35.47
CA PHE Z 62 64.58 32.18 -36.58
C PHE Z 62 65.51 32.45 -37.75
N LYS Z 63 66.81 32.22 -37.59
CA LYS Z 63 67.75 32.53 -38.65
C LYS Z 63 67.63 31.52 -39.78
N PRO Z 64 67.61 31.97 -41.04
CA PRO Z 64 67.72 31.04 -42.16
C PRO Z 64 69.16 30.54 -42.29
N ALA Z 65 69.32 29.49 -43.11
CA ALA Z 65 70.64 28.92 -43.31
C ALA Z 65 71.60 29.91 -43.96
N GLY Z 66 71.08 30.84 -44.77
CA GLY Z 66 71.94 31.79 -45.44
C GLY Z 66 72.62 32.76 -44.49
N CYS Z 67 71.89 33.28 -43.51
CA CYS Z 67 72.39 34.30 -42.60
C CYS Z 67 72.72 33.73 -41.22
N ALA Z 68 73.19 32.49 -41.16
CA ALA Z 68 73.58 31.88 -39.89
C ALA Z 68 75.06 32.17 -39.60
N SER Z 69 75.36 33.46 -39.48
CA SER Z 69 76.73 33.90 -39.23
C SER Z 69 76.74 35.21 -38.44
N SER AA 1 43.19 33.59 -73.61
CA SER AA 1 42.92 34.84 -72.91
C SER AA 1 44.04 35.84 -73.12
N THR AA 2 43.68 37.11 -73.34
CA THR AA 2 44.64 38.18 -73.53
C THR AA 2 44.34 39.31 -72.56
N ALA AA 3 45.18 40.34 -72.60
CA ALA AA 3 44.94 41.52 -71.77
C ALA AA 3 43.67 42.24 -72.21
N ALA AA 4 43.44 42.33 -73.52
CA ALA AA 4 42.25 43.02 -74.02
C ALA AA 4 40.98 42.30 -73.60
N VAL AA 5 40.93 40.98 -73.75
CA VAL AA 5 39.77 40.18 -73.39
C VAL AA 5 40.24 38.93 -72.67
N THR AA 6 39.62 38.62 -71.54
CA THR AA 6 39.93 37.43 -70.76
C THR AA 6 38.76 36.45 -70.80
N GLY AA 7 39.03 35.23 -70.36
CA GLY AA 7 38.02 34.20 -70.32
C GLY AA 7 37.08 34.25 -69.14
N GLN AA 8 37.27 35.20 -68.23
CA GLN AA 8 36.44 35.31 -67.04
C GLN AA 8 35.88 36.72 -66.95
N THR AA 9 34.58 36.82 -66.60
CA THR AA 9 33.96 38.13 -66.49
C THR AA 9 34.39 38.85 -65.22
N GLY AA 10 34.74 38.11 -64.18
CA GLY AA 10 35.14 38.70 -62.91
C GLY AA 10 36.54 39.26 -62.87
N LEU AA 11 37.33 39.05 -63.92
CA LEU AA 11 38.69 39.55 -64.00
C LEU AA 11 38.80 40.49 -65.19
N THR AA 12 39.29 41.70 -64.94
CA THR AA 12 39.49 42.70 -65.98
C THR AA 12 40.88 43.31 -65.86
N ILE AA 13 41.39 43.81 -66.98
CA ILE AA 13 42.73 44.37 -67.05
C ILE AA 13 42.66 45.72 -67.76
N THR AA 14 43.20 46.75 -67.10
CA THR AA 14 43.38 48.07 -67.71
C THR AA 14 44.83 48.15 -68.15
N TYR AA 15 45.06 48.11 -69.46
CA TYR AA 15 46.38 48.09 -70.07
C TYR AA 15 46.79 49.50 -70.47
N PRO AA 16 48.03 49.92 -70.19
CA PRO AA 16 48.46 51.26 -70.54
C PRO AA 16 48.82 51.36 -72.02
N ALA AA 17 48.19 52.29 -72.72
CA ALA AA 17 48.49 52.57 -74.12
C ALA AA 17 49.48 53.71 -74.29
N SER AA 18 49.94 54.30 -73.18
CA SER AA 18 50.89 55.40 -73.23
C SER AA 18 51.84 55.27 -72.05
N ALA AA 19 52.89 56.10 -72.06
CA ALA AA 19 53.90 56.08 -71.03
C ALA AA 19 53.55 56.91 -69.81
N THR AA 20 52.40 57.58 -69.81
CA THR AA 20 52.00 58.45 -68.72
C THR AA 20 50.73 57.97 -68.01
N GLU AA 21 50.38 56.70 -68.18
CA GLU AA 21 49.19 56.15 -67.54
C GLU AA 21 49.52 54.81 -66.89
N SER AA 22 48.75 54.47 -65.86
CA SER AA 22 49.01 53.31 -65.04
C SER AA 22 48.34 52.06 -65.59
N ALA AA 23 48.70 50.92 -65.03
CA ALA AA 23 48.10 49.64 -65.39
C ALA AA 23 47.36 49.07 -64.19
N ALA AA 24 46.37 48.23 -64.46
CA ALA AA 24 45.54 47.69 -63.38
C ALA AA 24 45.09 46.28 -63.70
N ILE AA 25 45.03 45.44 -62.66
CA ILE AA 25 44.46 44.11 -62.72
C ILE AA 25 43.40 44.03 -61.63
N GLN AA 26 42.14 43.99 -62.03
CA GLN AA 26 41.03 44.06 -61.09
C GLN AA 26 40.27 42.74 -61.09
N GLY AA 27 39.94 42.24 -59.91
CA GLY AA 27 39.16 41.03 -59.78
C GLY AA 27 37.98 41.22 -58.86
N THR AA 28 36.78 40.88 -59.34
CA THR AA 28 35.56 41.02 -58.57
C THR AA 28 35.14 39.67 -58.01
N PHE AA 29 34.83 39.64 -56.72
CA PHE AA 29 34.45 38.39 -56.08
C PHE AA 29 33.07 37.95 -56.55
N GLY AA 30 32.73 36.71 -56.23
CA GLY AA 30 31.45 36.16 -56.60
C GLY AA 30 31.57 34.65 -56.76
N ASN AA 31 30.56 34.07 -57.41
CA ASN AA 31 30.49 32.64 -57.66
C ASN AA 31 30.59 31.84 -56.37
N SER AA 32 31.76 31.27 -56.09
CA SER AA 32 31.97 30.46 -54.89
C SER AA 32 32.43 31.28 -53.69
N ALA AA 33 32.59 32.59 -53.85
CA ALA AA 33 32.97 33.43 -52.72
C ALA AA 33 31.82 33.58 -51.73
N ALA AA 34 32.15 34.07 -50.54
CA ALA AA 34 31.16 34.23 -49.50
C ALA AA 34 30.13 35.29 -49.88
N ILE AA 35 28.94 35.18 -49.28
CA ILE AA 35 27.86 36.13 -49.57
C ILE AA 35 28.24 37.53 -49.11
N LYS AA 36 28.97 37.63 -48.00
CA LYS AA 36 29.31 38.94 -47.46
C LYS AA 36 30.17 39.75 -48.42
N ILE AA 37 31.11 39.09 -49.10
CA ILE AA 37 32.04 39.78 -49.99
C ILE AA 37 31.69 39.48 -51.43
N LYS AA 38 30.42 39.18 -51.70
CA LYS AA 38 30.02 38.66 -53.01
C LYS AA 38 30.25 39.65 -54.14
N ASN AA 39 30.34 40.95 -53.85
CA ASN AA 39 30.48 41.95 -54.91
C ASN AA 39 31.64 42.90 -54.69
N GLN AA 40 32.52 42.65 -53.73
CA GLN AA 40 33.68 43.50 -53.53
C GLN AA 40 34.72 43.22 -54.62
N THR AA 41 35.81 43.99 -54.59
CA THR AA 41 36.83 43.89 -55.63
C THR AA 41 38.21 44.04 -55.01
N LEU AA 42 39.21 43.50 -55.72
CA LEU AA 42 40.61 43.60 -55.34
C LEU AA 42 41.42 43.98 -56.56
N THR AA 43 42.24 45.02 -56.44
CA THR AA 43 42.97 45.58 -57.57
C THR AA 43 44.47 45.63 -57.29
N TRP AA 44 45.25 45.14 -58.24
CA TRP AA 44 46.70 45.33 -58.27
C TRP AA 44 46.99 46.44 -59.29
N THR AA 45 47.51 47.55 -58.82
CA THR AA 45 47.77 48.71 -59.67
C THR AA 45 49.26 48.96 -59.80
N ARG AA 46 49.70 49.23 -61.02
CA ARG AA 46 51.09 49.50 -61.33
C ARG AA 46 51.21 50.94 -61.82
N THR AA 47 52.05 51.71 -61.14
CA THR AA 47 52.28 53.09 -61.50
C THR AA 47 53.07 53.18 -62.80
N PRO AA 48 53.03 54.33 -63.49
CA PRO AA 48 53.75 54.43 -64.78
C PRO AA 48 55.24 54.16 -64.69
N GLU AA 49 55.88 54.50 -63.57
CA GLU AA 49 57.33 54.27 -63.46
C GLU AA 49 57.68 52.88 -62.94
N GLY AA 50 56.69 52.05 -62.66
CA GLY AA 50 56.92 50.65 -62.36
C GLY AA 50 56.80 50.24 -60.92
N ALA AA 51 55.88 50.81 -60.16
CA ALA AA 51 55.65 50.44 -58.77
C ALA AA 51 54.30 49.74 -58.65
N TRP AA 52 54.31 48.54 -58.09
CA TRP AA 52 53.10 47.75 -57.92
C TRP AA 52 52.57 47.91 -56.50
N SER AA 53 51.24 47.91 -56.36
CA SER AA 53 50.60 47.99 -55.06
C SER AA 53 49.24 47.31 -55.15
N CYS AA 54 48.68 46.99 -53.99
CA CYS AA 54 47.42 46.29 -53.91
C CYS AA 54 46.41 47.08 -53.08
N ALA AA 55 45.14 46.97 -53.46
CA ALA AA 55 44.07 47.60 -52.72
C ALA AA 55 42.82 46.75 -52.84
N THR AA 56 41.88 46.95 -51.91
CA THR AA 56 40.65 46.19 -51.91
C THR AA 56 39.57 46.96 -51.17
N THR AA 57 38.32 46.73 -51.56
CA THR AA 57 37.17 47.39 -50.95
C THR AA 57 36.51 46.53 -49.88
N VAL AA 58 37.06 45.34 -49.60
CA VAL AA 58 36.50 44.51 -48.53
C VAL AA 58 36.74 45.19 -47.18
N GLU AA 59 35.94 44.79 -46.20
CA GLU AA 59 36.05 45.34 -44.85
C GLU AA 59 37.45 45.12 -44.28
N ALA AA 60 37.82 45.96 -43.33
CA ALA AA 60 39.19 45.96 -42.80
C ALA AA 60 39.52 44.63 -42.13
N LYS AA 61 38.57 44.06 -41.39
CA LYS AA 61 38.84 42.83 -40.66
C LYS AA 61 39.10 41.64 -41.58
N PHE AA 62 38.67 41.71 -42.84
CA PHE AA 62 38.96 40.66 -43.80
C PHE AA 62 40.21 40.94 -44.63
N LYS AA 63 40.79 42.13 -44.51
CA LYS AA 63 41.93 42.48 -45.33
C LYS AA 63 43.17 41.75 -44.85
N PRO AA 64 43.98 41.19 -45.75
CA PRO AA 64 45.29 40.67 -45.34
C PRO AA 64 46.26 41.81 -45.08
N ALA AA 65 47.37 41.47 -44.43
CA ALA AA 65 48.35 42.48 -44.05
C ALA AA 65 49.01 43.13 -45.26
N GLY AA 66 48.98 42.48 -46.42
CA GLY AA 66 49.65 43.01 -47.59
C GLY AA 66 48.82 43.98 -48.42
N CYS AA 67 47.51 44.01 -48.19
CA CYS AA 67 46.61 44.85 -48.96
C CYS AA 67 45.80 45.79 -48.07
N ALA AA 68 46.42 46.26 -46.98
CA ALA AA 68 45.78 47.19 -46.06
C ALA AA 68 46.25 48.59 -46.39
N SER AA 69 45.48 49.31 -47.21
CA SER AA 69 45.83 50.67 -47.60
C SER AA 69 44.61 51.59 -47.53
N SER BA 1 55.75 4.90 -57.82
CA SER BA 1 56.98 5.66 -57.67
C SER BA 1 57.34 6.40 -58.96
N THR BA 2 56.79 5.92 -60.08
CA THR BA 2 57.00 6.53 -61.38
C THR BA 2 55.64 6.79 -62.04
N ALA BA 3 55.67 7.61 -63.09
CA ALA BA 3 54.45 7.87 -63.84
C ALA BA 3 53.95 6.62 -64.55
N ALA BA 4 54.87 5.83 -65.09
CA ALA BA 4 54.48 4.61 -65.81
C ALA BA 4 53.83 3.60 -64.87
N VAL BA 5 54.42 3.38 -63.70
CA VAL BA 5 53.87 2.46 -62.71
C VAL BA 5 54.00 3.08 -61.34
N THR BA 6 52.92 3.03 -60.56
CA THR BA 6 52.91 3.56 -59.20
C THR BA 6 52.83 2.43 -58.19
N GLY BA 7 53.08 2.76 -56.93
CA GLY BA 7 53.01 1.79 -55.86
C GLY BA 7 51.62 1.51 -55.33
N GLN BA 8 50.61 2.18 -55.88
CA GLN BA 8 49.23 2.01 -55.43
C GLN BA 8 48.35 1.67 -56.61
N THR BA 9 47.45 0.71 -56.42
CA THR BA 9 46.55 0.31 -57.50
C THR BA 9 45.47 1.35 -57.73
N GLY BA 10 45.12 2.13 -56.71
CA GLY BA 10 44.08 3.12 -56.83
C GLY BA 10 44.50 4.44 -57.44
N LEU BA 11 45.77 4.58 -57.81
CA LEU BA 11 46.29 5.80 -58.43
C LEU BA 11 46.82 5.46 -59.81
N THR BA 12 46.34 6.19 -60.82
CA THR BA 12 46.73 5.97 -62.21
C THR BA 12 47.18 7.28 -62.82
N ILE BA 13 48.23 7.23 -63.64
CA ILE BA 13 48.76 8.40 -64.32
C ILE BA 13 48.70 8.15 -65.82
N THR BA 14 47.97 9.01 -66.53
CA THR BA 14 47.92 9.01 -67.99
C THR BA 14 48.89 10.08 -68.45
N TYR BA 15 50.08 9.66 -68.90
CA TYR BA 15 51.17 10.53 -69.29
C TYR BA 15 51.17 10.75 -70.79
N PRO BA 16 51.16 11.99 -71.26
CA PRO BA 16 51.14 12.24 -72.70
C PRO BA 16 52.44 11.81 -73.37
N ALA BA 17 52.31 11.35 -74.61
CA ALA BA 17 53.46 11.00 -75.43
C ALA BA 17 53.63 11.90 -76.64
N SER BA 18 52.65 12.74 -76.95
CA SER BA 18 52.72 13.69 -78.05
C SER BA 18 52.26 15.05 -77.56
N ALA BA 19 52.40 16.05 -78.43
CA ALA BA 19 52.05 17.42 -78.09
C ALA BA 19 50.56 17.71 -78.22
N THR BA 20 49.76 16.77 -78.72
CA THR BA 20 48.35 16.99 -78.98
C THR BA 20 47.43 16.18 -78.07
N GLU BA 21 47.95 15.63 -76.98
CA GLU BA 21 47.14 14.85 -76.06
C GLU BA 21 47.34 15.33 -74.63
N SER BA 22 46.33 15.07 -73.80
CA SER BA 22 46.25 15.62 -72.46
C SER BA 22 46.81 14.64 -71.43
N ALA BA 23 47.11 15.16 -70.25
CA ALA BA 23 47.60 14.38 -69.13
C ALA BA 23 46.51 14.21 -68.08
N ALA BA 24 46.61 13.14 -67.29
CA ALA BA 24 45.57 12.86 -66.31
C ALA BA 24 46.16 12.20 -65.07
N ILE BA 25 45.60 12.54 -63.92
CA ILE BA 25 45.93 11.90 -62.65
C ILE BA 25 44.61 11.44 -62.04
N GLN BA 26 44.38 10.14 -61.99
CA GLN BA 26 43.10 9.58 -61.57
C GLN BA 26 43.28 8.80 -60.28
N GLY BA 27 42.32 8.94 -59.37
CA GLY BA 27 42.34 8.20 -58.13
C GLY BA 27 40.98 7.63 -57.77
N THR BA 28 40.93 6.30 -57.60
CA THR BA 28 39.70 5.62 -57.20
C THR BA 28 39.73 5.37 -55.70
N PHE BA 29 38.60 5.61 -55.05
CA PHE BA 29 38.53 5.45 -53.61
C PHE BA 29 38.58 3.98 -53.21
N GLY BA 30 38.82 3.74 -51.93
CA GLY BA 30 38.87 2.37 -51.43
C GLY BA 30 39.45 2.32 -50.04
N ASN BA 31 39.54 1.09 -49.54
CA ASN BA 31 40.09 0.79 -48.22
C ASN BA 31 39.34 1.57 -47.14
N SER BA 32 39.93 2.66 -46.66
CA SER BA 32 39.36 3.41 -45.54
C SER BA 32 38.30 4.42 -45.98
N ALA BA 33 38.01 4.53 -47.27
CA ALA BA 33 36.97 5.42 -47.73
C ALA BA 33 35.60 4.90 -47.33
N ALA BA 34 34.62 5.79 -47.35
CA ALA BA 34 33.26 5.42 -47.00
C ALA BA 34 32.69 4.43 -48.01
N ILE BA 35 31.75 3.60 -47.54
CA ILE BA 35 31.16 2.59 -48.40
C ILE BA 35 30.37 3.24 -49.53
N LYS BA 36 29.72 4.37 -49.25
CA LYS BA 36 28.92 5.05 -50.26
C LYS BA 36 29.78 5.50 -51.44
N ILE BA 37 30.99 5.95 -51.18
CA ILE BA 37 31.86 6.49 -52.22
C ILE BA 37 32.98 5.51 -52.51
N LYS BA 38 32.73 4.22 -52.28
CA LYS BA 38 33.79 3.22 -52.30
C LYS BA 38 34.46 3.12 -53.66
N ASN BA 39 33.67 3.12 -54.74
CA ASN BA 39 34.21 2.87 -56.08
C ASN BA 39 34.17 4.10 -56.97
N GLN BA 40 33.91 5.28 -56.42
CA GLN BA 40 33.93 6.49 -57.23
C GLN BA 40 35.38 6.90 -57.51
N THR BA 41 35.54 7.92 -58.36
CA THR BA 41 36.87 8.34 -58.78
C THR BA 41 36.94 9.87 -58.83
N LEU BA 42 38.15 10.39 -58.66
CA LEU BA 42 38.44 11.81 -58.76
C LEU BA 42 39.65 11.99 -59.66
N THR BA 43 39.56 12.89 -60.64
CA THR BA 43 40.60 13.04 -61.64
C THR BA 43 41.02 14.50 -61.79
N TRP BA 44 42.30 14.69 -62.06
CA TRP BA 44 42.87 15.98 -62.46
C TRP BA 44 43.31 15.86 -63.91
N THR BA 45 42.79 16.74 -64.76
CA THR BA 45 43.06 16.70 -66.19
C THR BA 45 43.83 17.95 -66.59
N ARG BA 46 44.91 17.75 -67.35
CA ARG BA 46 45.73 18.84 -67.85
C ARG BA 46 45.65 18.85 -69.38
N THR BA 47 45.10 19.94 -69.92
CA THR BA 47 44.98 20.09 -71.35
C THR BA 47 46.36 20.27 -71.98
N PRO BA 48 46.50 20.00 -73.28
CA PRO BA 48 47.81 20.19 -73.92
C PRO BA 48 48.33 21.61 -73.86
N GLU BA 49 47.45 22.60 -73.67
CA GLU BA 49 47.89 23.98 -73.51
C GLU BA 49 48.43 24.27 -72.12
N GLY BA 50 48.26 23.35 -71.17
CA GLY BA 50 48.80 23.51 -69.83
C GLY BA 50 47.81 23.92 -68.76
N ALA BA 51 46.51 23.81 -69.03
CA ALA BA 51 45.48 24.20 -68.07
C ALA BA 51 45.02 22.97 -67.28
N TRP BA 52 45.02 23.09 -65.95
CA TRP BA 52 44.60 22.01 -65.07
C TRP BA 52 43.17 22.22 -64.61
N SER BA 53 42.46 21.11 -64.42
CA SER BA 53 41.09 21.14 -63.93
C SER BA 53 40.82 19.86 -63.16
N CYS BA 54 39.76 19.88 -62.35
CA CYS BA 54 39.41 18.75 -61.51
C CYS BA 54 37.99 18.30 -61.81
N ALA BA 55 37.76 17.00 -61.68
CA ALA BA 55 36.43 16.43 -61.87
C ALA BA 55 36.28 15.21 -60.97
N THR BA 56 35.04 14.84 -60.70
CA THR BA 56 34.76 13.68 -59.87
C THR BA 56 33.39 13.13 -60.20
N THR BA 57 33.23 11.82 -60.02
CA THR BA 57 31.97 11.13 -60.26
C THR BA 57 31.17 10.93 -58.98
N VAL BA 58 31.62 11.48 -57.87
CA VAL BA 58 30.93 11.36 -56.59
C VAL BA 58 29.65 12.19 -56.66
N GLU BA 59 28.74 11.98 -55.71
CA GLU BA 59 27.49 12.71 -55.69
C GLU BA 59 27.74 14.20 -55.50
N ALA BA 60 26.78 15.01 -55.96
CA ALA BA 60 26.95 16.46 -55.93
C ALA BA 60 27.10 16.99 -54.51
N LYS BA 61 26.31 16.46 -53.58
CA LYS BA 61 26.36 16.93 -52.19
C LYS BA 61 27.68 16.59 -51.50
N PHE BA 62 28.48 15.67 -52.06
CA PHE BA 62 29.80 15.39 -51.52
C PHE BA 62 30.91 16.16 -52.23
N LYS BA 63 30.61 16.85 -53.31
CA LYS BA 63 31.63 17.53 -54.10
C LYS BA 63 32.08 18.80 -53.39
N PRO BA 64 33.38 18.99 -53.22
CA PRO BA 64 33.87 20.30 -52.78
C PRO BA 64 33.69 21.35 -53.87
N ALA BA 65 33.74 22.61 -53.45
CA ALA BA 65 33.49 23.72 -54.38
C ALA BA 65 34.53 23.78 -55.50
N GLY BA 66 35.70 23.16 -55.32
CA GLY BA 66 36.73 23.24 -56.34
C GLY BA 66 36.56 22.26 -57.48
N CYS BA 67 35.84 21.16 -57.25
CA CYS BA 67 35.67 20.12 -58.25
C CYS BA 67 34.21 19.95 -58.64
N ALA BA 68 33.44 21.03 -58.62
CA ALA BA 68 32.03 21.00 -59.02
C ALA BA 68 31.90 21.19 -60.52
N SER BA 69 32.45 20.24 -61.27
CA SER BA 69 32.40 20.28 -62.73
C SER BA 69 31.68 19.06 -63.29
N SER CA 1 63.37 23.18 -26.11
CA SER CA 1 63.31 21.78 -26.51
C SER CA 1 63.96 21.58 -27.87
N THR CA 2 64.87 20.61 -27.95
CA THR CA 2 65.58 20.29 -29.18
C THR CA 2 65.37 18.82 -29.53
N ALA CA 3 65.86 18.44 -30.71
CA ALA CA 3 65.77 17.03 -31.11
C ALA CA 3 66.61 16.14 -30.21
N ALA CA 4 67.80 16.62 -29.81
CA ALA CA 4 68.66 15.82 -28.95
C ALA CA 4 68.04 15.60 -27.58
N VAL CA 5 67.49 16.65 -26.97
CA VAL CA 5 66.83 16.55 -25.68
C VAL CA 5 65.54 17.37 -25.71
N THR CA 6 64.45 16.76 -25.26
CA THR CA 6 63.15 17.43 -25.20
C THR CA 6 62.76 17.69 -23.76
N GLY CA 7 61.76 18.55 -23.59
CA GLY CA 7 61.29 18.88 -22.27
C GLY CA 7 60.33 17.88 -21.65
N GLN CA 8 59.98 16.83 -22.38
CA GLN CA 8 59.05 15.83 -21.90
C GLN CA 8 59.71 14.46 -21.94
N THR CA 9 59.55 13.69 -20.85
CA THR CA 9 60.14 12.36 -20.80
C THR CA 9 59.40 11.38 -21.70
N GLY CA 10 58.12 11.62 -21.95
CA GLY CA 10 57.32 10.73 -22.76
C GLY CA 10 57.48 10.90 -24.26
N LEU CA 11 58.32 11.82 -24.71
CA LEU CA 11 58.54 12.06 -26.13
C LEU CA 11 60.03 11.92 -26.42
N THR CA 12 60.38 11.04 -27.35
CA THR CA 12 61.75 10.85 -27.77
C THR CA 12 61.85 10.99 -29.28
N ILE CA 13 63.02 11.41 -29.75
CA ILE CA 13 63.27 11.58 -31.17
C ILE CA 13 64.59 10.90 -31.52
N THR CA 14 64.54 9.98 -32.47
CA THR CA 14 65.73 9.37 -33.04
C THR CA 14 66.07 10.13 -34.32
N TYR CA 15 67.11 10.96 -34.25
CA TYR CA 15 67.57 11.85 -35.31
C TYR CA 15 68.68 11.18 -36.09
N PRO CA 16 68.56 11.05 -37.41
CA PRO CA 16 69.61 10.39 -38.19
C PRO CA 16 70.89 11.21 -38.20
N ALA CA 17 72.01 10.49 -38.24
CA ALA CA 17 73.33 11.09 -38.38
C ALA CA 17 74.03 10.67 -39.66
N SER CA 18 73.40 9.84 -40.48
CA SER CA 18 73.97 9.39 -41.73
C SER CA 18 72.86 9.28 -42.77
N ALA CA 19 73.27 9.24 -44.05
CA ALA CA 19 72.31 9.21 -45.14
C ALA CA 19 71.60 7.87 -45.28
N THR CA 20 72.03 6.84 -44.55
CA THR CA 20 71.48 5.50 -44.72
C THR CA 20 70.69 5.01 -43.51
N GLU CA 21 70.24 5.91 -42.64
CA GLU CA 21 69.48 5.53 -41.46
C GLU CA 21 68.22 6.38 -41.35
N SER CA 22 67.21 5.82 -40.72
CA SER CA 22 65.88 6.41 -40.66
C SER CA 22 65.77 7.40 -39.49
N ALA CA 23 64.59 8.02 -39.39
CA ALA CA 23 64.29 8.94 -38.30
C ALA CA 23 63.02 8.49 -37.61
N ALA CA 24 62.87 8.86 -36.34
CA ALA CA 24 61.72 8.41 -35.57
C ALA CA 24 61.29 9.45 -34.57
N ILE CA 25 59.98 9.54 -34.36
CA ILE CA 25 59.37 10.37 -33.33
C ILE CA 25 58.45 9.46 -32.52
N GLN CA 26 58.84 9.13 -31.30
CA GLN CA 26 58.11 8.18 -30.48
C GLN CA 26 57.49 8.87 -29.28
N GLY CA 27 56.24 8.54 -28.99
CA GLY CA 27 55.57 9.07 -27.82
C GLY CA 27 54.92 7.96 -27.00
N THR CA 28 55.23 7.94 -25.71
CA THR CA 28 54.70 6.93 -24.79
C THR CA 28 53.59 7.57 -23.95
N PHE CA 29 52.45 6.88 -23.87
CA PHE CA 29 51.32 7.41 -23.14
C PHE CA 29 51.62 7.47 -21.65
N GLY CA 30 50.83 8.26 -20.94
CA GLY CA 30 50.99 8.39 -19.51
C GLY CA 30 50.22 9.58 -18.98
N ASN CA 31 50.40 9.83 -17.69
CA ASN CA 31 49.76 10.95 -17.00
C ASN CA 31 48.24 10.89 -17.11
N SER CA 32 47.68 11.69 -18.02
CA SER CA 32 46.24 11.77 -18.19
C SER CA 32 45.69 10.75 -19.17
N ALA CA 33 46.53 9.88 -19.71
CA ALA CA 33 46.04 8.83 -20.60
C ALA CA 33 45.29 7.77 -19.79
N ALA CA 34 44.52 6.95 -20.51
CA ALA CA 34 43.76 5.90 -19.87
C ALA CA 34 44.69 4.84 -19.27
N ILE CA 35 44.21 4.16 -18.24
CA ILE CA 35 45.01 3.14 -17.57
C ILE CA 35 45.29 1.98 -18.52
N LYS CA 36 44.33 1.65 -19.38
CA LYS CA 36 44.50 0.54 -20.31
C LYS CA 36 45.67 0.76 -21.26
N ILE CA 37 45.84 2.00 -21.73
CA ILE CA 37 46.88 2.32 -22.71
C ILE CA 37 48.01 3.07 -22.04
N LYS CA 38 48.17 2.87 -20.72
CA LYS CA 38 49.06 3.72 -19.93
C LYS CA 38 50.52 3.63 -20.36
N ASN CA 39 50.95 2.52 -20.97
CA ASN CA 39 52.36 2.35 -21.30
C ASN CA 39 52.61 2.00 -22.76
N GLN CA 40 51.61 2.12 -23.63
CA GLN CA 40 51.82 1.86 -25.03
C GLN CA 40 52.54 3.04 -25.69
N THR CA 41 52.98 2.84 -26.93
CA THR CA 41 53.73 3.84 -27.66
C THR CA 41 53.13 4.05 -29.05
N LEU CA 42 53.29 5.27 -29.56
CA LEU CA 42 52.92 5.60 -30.93
C LEU CA 42 54.11 6.28 -31.59
N THR CA 43 54.49 5.81 -32.77
CA THR CA 43 55.71 6.28 -33.41
C THR CA 43 55.43 6.70 -34.85
N TRP CA 44 56.06 7.81 -35.25
CA TRP CA 44 56.12 8.24 -36.64
C TRP CA 44 57.53 7.98 -37.15
N THR CA 45 57.66 7.12 -38.15
CA THR CA 45 58.97 6.76 -38.68
C THR CA 45 59.12 7.27 -40.10
N ARG CA 46 60.33 7.76 -40.40
CA ARG CA 46 60.65 8.34 -41.70
C ARG CA 46 61.80 7.54 -42.30
N THR CA 47 61.56 6.97 -43.48
CA THR CA 47 62.58 6.20 -44.17
C THR CA 47 63.66 7.13 -44.71
N PRO CA 48 64.85 6.59 -45.02
CA PRO CA 48 65.92 7.45 -45.56
C PRO CA 48 65.55 8.16 -46.85
N GLU CA 49 64.65 7.60 -47.65
CA GLU CA 49 64.22 8.26 -48.88
C GLU CA 49 63.17 9.33 -48.65
N GLY CA 50 62.67 9.49 -47.44
CA GLY CA 50 61.74 10.56 -47.12
C GLY CA 50 60.29 10.16 -46.95
N ALA CA 51 60.00 8.87 -46.80
CA ALA CA 51 58.62 8.40 -46.65
C ALA CA 51 58.27 8.31 -45.17
N TRP CA 52 57.15 8.92 -44.80
CA TRP CA 52 56.67 8.93 -43.43
C TRP CA 52 55.54 7.91 -43.26
N SER CA 53 55.51 7.29 -42.08
CA SER CA 53 54.45 6.34 -41.75
C SER CA 53 54.28 6.31 -40.23
N CYS CA 54 53.16 5.76 -39.80
CA CYS CA 54 52.83 5.70 -38.38
C CYS CA 54 52.61 4.26 -37.94
N ALA CA 55 52.93 4.00 -36.68
CA ALA CA 55 52.71 2.70 -36.08
C ALA CA 55 52.38 2.88 -34.60
N THR CA 56 51.72 1.88 -34.02
CA THR CA 56 51.37 1.95 -32.61
C THR CA 56 51.23 0.53 -32.07
N THR CA 57 51.53 0.38 -30.78
CA THR CA 57 51.43 -0.90 -30.09
C THR CA 57 50.12 -1.04 -29.33
N VAL CA 58 49.21 -0.08 -29.47
CA VAL CA 58 47.92 -0.12 -28.78
C VAL CA 58 47.07 -1.21 -29.41
N GLU CA 59 45.99 -1.60 -28.75
CA GLU CA 59 45.12 -2.63 -29.27
C GLU CA 59 44.46 -2.19 -30.58
N ALA CA 60 44.01 -3.17 -31.36
CA ALA CA 60 43.49 -2.89 -32.70
C ALA CA 60 42.25 -2.02 -32.63
N LYS CA 61 41.35 -2.29 -31.68
CA LYS CA 61 40.11 -1.52 -31.61
C LYS CA 61 40.33 -0.07 -31.25
N PHE CA 62 41.48 0.27 -30.65
CA PHE CA 62 41.80 1.66 -30.34
C PHE CA 62 42.57 2.35 -31.46
N LYS CA 63 42.98 1.62 -32.49
CA LYS CA 63 43.79 2.20 -33.55
C LYS CA 63 42.93 3.01 -34.51
N PRO CA 64 43.30 4.25 -34.80
CA PRO CA 64 42.63 4.98 -35.89
C PRO CA 64 43.05 4.40 -37.24
N ALA CA 65 42.27 4.76 -38.27
CA ALA CA 65 42.51 4.21 -39.60
C ALA CA 65 43.89 4.59 -40.13
N GLY CA 66 44.43 5.73 -39.70
CA GLY CA 66 45.72 6.16 -40.21
C GLY CA 66 46.88 5.28 -39.78
N CYS CA 67 46.89 4.85 -38.51
CA CYS CA 67 47.99 4.08 -37.95
C CYS CA 67 47.70 2.59 -37.87
N ALA CA 68 46.64 2.12 -38.53
CA ALA CA 68 46.29 0.70 -38.52
C ALA CA 68 47.14 -0.03 -39.56
N SER CA 69 48.42 -0.18 -39.22
CA SER CA 69 49.37 -0.85 -40.10
C SER CA 69 49.65 -2.27 -39.62
N SER DA 1 33.89 44.32 -31.24
CA SER DA 1 34.62 43.41 -30.37
C SER DA 1 36.08 43.32 -30.78
N THR DA 2 36.96 43.95 -30.00
CA THR DA 2 38.39 43.95 -30.25
C THR DA 2 39.11 43.45 -29.01
N ALA DA 3 40.44 43.33 -29.14
CA ALA DA 3 41.26 42.93 -27.99
C ALA DA 3 41.24 44.02 -26.91
N ALA DA 4 41.29 45.29 -27.32
CA ALA DA 4 41.30 46.38 -26.36
C ALA DA 4 40.01 46.42 -25.55
N VAL DA 5 38.87 46.31 -26.22
CA VAL DA 5 37.56 46.31 -25.55
C VAL DA 5 36.70 45.22 -26.17
N THR DA 6 36.08 44.39 -25.32
CA THR DA 6 35.20 43.34 -25.77
C THR DA 6 33.75 43.67 -25.40
N GLY DA 7 32.83 42.91 -26.00
CA GLY DA 7 31.43 43.12 -25.74
C GLY DA 7 30.90 42.49 -24.48
N GLN DA 8 31.74 41.78 -23.73
CA GLN DA 8 31.33 41.10 -22.51
C GLN DA 8 32.22 41.56 -21.36
N THR DA 9 31.60 41.82 -20.21
CA THR DA 9 32.36 42.25 -19.04
C THR DA 9 33.14 41.11 -18.42
N GLY DA 10 32.65 39.87 -18.55
CA GLY DA 10 33.30 38.72 -17.97
C GLY DA 10 34.49 38.19 -18.72
N LEU DA 11 34.83 38.78 -19.87
CA LEU DA 11 35.97 38.36 -20.66
C LEU DA 11 36.92 39.53 -20.85
N THR DA 12 38.20 39.31 -20.58
CA THR DA 12 39.21 40.35 -20.71
C THR DA 12 40.43 39.78 -21.43
N ILE DA 13 41.10 40.64 -22.19
CA ILE DA 13 42.28 40.29 -22.96
C ILE DA 13 43.42 41.20 -22.54
N THR DA 14 44.53 40.59 -22.12
CA THR DA 14 45.76 41.31 -21.83
C THR DA 14 46.70 41.10 -23.01
N TYR DA 15 46.88 42.13 -23.82
CA TYR DA 15 47.64 42.16 -25.06
C TYR DA 15 49.07 42.63 -24.80
N PRO DA 16 50.07 41.96 -25.39
CA PRO DA 16 51.46 42.38 -25.18
C PRO DA 16 51.81 43.59 -26.04
N ALA DA 17 52.30 44.64 -25.40
CA ALA DA 17 52.75 45.83 -26.10
C ALA DA 17 54.24 45.81 -26.41
N SER DA 18 54.96 44.78 -25.97
CA SER DA 18 56.38 44.64 -26.23
C SER DA 18 56.69 43.17 -26.46
N ALA DA 19 57.98 42.89 -26.70
CA ALA DA 19 58.42 41.54 -27.01
C ALA DA 19 58.84 40.75 -25.77
N THR DA 20 58.71 41.33 -24.57
CA THR DA 20 59.16 40.67 -23.35
C THR DA 20 58.03 40.46 -22.35
N GLU DA 21 56.79 40.57 -22.79
CA GLU DA 21 55.64 40.38 -21.90
C GLU DA 21 54.67 39.38 -22.51
N SER DA 22 53.93 38.72 -21.62
CA SER DA 22 53.04 37.63 -22.00
C SER DA 22 51.66 38.16 -22.40
N ALA DA 23 50.85 37.27 -22.96
CA ALA DA 23 49.48 37.58 -23.33
C ALA DA 23 48.52 36.72 -22.51
N ALA DA 24 47.31 37.22 -22.30
CA ALA DA 24 46.36 36.53 -21.44
C ALA DA 24 44.94 36.68 -21.96
N ILE DA 25 44.15 35.63 -21.81
CA ILE DA 25 42.72 35.63 -22.11
C ILE DA 25 42.04 35.10 -20.86
N GLN DA 26 41.36 35.97 -20.13
CA GLN DA 26 40.79 35.62 -18.83
C GLN DA 26 39.28 35.74 -18.87
N GLY DA 27 38.59 34.69 -18.43
CA GLY DA 27 37.15 34.71 -18.34
C GLY DA 27 36.66 34.44 -16.93
N THR DA 28 35.77 35.29 -16.44
CA THR DA 28 35.21 35.17 -15.10
C THR DA 28 33.80 34.64 -15.19
N PHE DA 29 33.52 33.60 -14.39
CA PHE DA 29 32.21 32.97 -14.43
C PHE DA 29 31.15 33.91 -13.87
N GLY DA 30 29.90 33.54 -14.11
CA GLY DA 30 28.78 34.32 -13.63
C GLY DA 30 27.55 34.09 -14.51
N ASN DA 31 26.55 34.93 -14.29
CA ASN DA 31 25.30 34.89 -15.05
C ASN DA 31 24.64 33.53 -14.93
N SER DA 32 24.84 32.66 -15.91
CA SER DA 32 24.23 31.34 -15.95
C SER DA 32 25.14 30.26 -15.37
N ALA DA 33 26.28 30.63 -14.81
CA ALA DA 33 27.15 29.67 -14.15
C ALA DA 33 26.58 29.26 -12.80
N ALA DA 34 27.13 28.19 -12.25
CA ALA DA 34 26.70 27.71 -10.95
C ALA DA 34 27.07 28.71 -9.86
N ILE DA 35 26.29 28.70 -8.77
CA ILE DA 35 26.52 29.62 -7.67
C ILE DA 35 27.87 29.34 -7.02
N LYS DA 36 28.26 28.07 -6.94
CA LYS DA 36 29.51 27.70 -6.28
C LYS DA 36 30.71 28.32 -6.98
N ILE DA 37 30.68 28.39 -8.30
CA ILE DA 37 31.82 28.88 -9.09
C ILE DA 37 31.49 30.25 -9.66
N LYS DA 38 30.62 30.99 -8.99
CA LYS DA 38 30.05 32.21 -9.56
C LYS DA 38 31.09 33.29 -9.81
N ASN DA 39 32.24 33.26 -9.14
CA ASN DA 39 33.22 34.32 -9.27
C ASN DA 39 34.64 33.83 -9.55
N GLN DA 40 34.82 32.55 -9.87
CA GLN DA 40 36.14 32.06 -10.21
C GLN DA 40 36.51 32.48 -11.63
N THR DA 41 37.79 32.33 -11.97
CA THR DA 41 38.30 32.73 -13.26
C THR DA 41 39.05 31.59 -13.92
N LEU DA 42 39.03 31.57 -15.25
CA LEU DA 42 39.80 30.64 -16.06
C LEU DA 42 40.61 31.45 -17.07
N THR DA 43 41.91 31.20 -17.13
CA THR DA 43 42.80 32.02 -17.94
C THR DA 43 43.65 31.16 -18.86
N TRP DA 44 43.89 31.67 -20.06
CA TRP DA 44 44.85 31.13 -21.00
C TRP DA 44 46.01 32.10 -21.11
N THR DA 45 47.22 31.63 -20.83
CA THR DA 45 48.41 32.46 -20.81
C THR DA 45 49.37 32.03 -21.91
N ARG DA 46 49.89 33.00 -22.65
CA ARG DA 46 50.85 32.78 -23.72
C ARG DA 46 52.16 33.46 -23.34
N THR DA 47 53.22 32.66 -23.19
CA THR DA 47 54.53 33.19 -22.88
C THR DA 47 55.10 33.92 -24.09
N PRO DA 48 56.10 34.79 -23.89
CA PRO DA 48 56.71 35.47 -25.04
C PRO DA 48 57.32 34.52 -26.06
N GLU DA 49 57.71 33.31 -25.64
CA GLU DA 49 58.22 32.33 -26.60
C GLU DA 49 57.12 31.76 -27.48
N GLY DA 50 55.86 31.95 -27.12
CA GLY DA 50 54.76 31.45 -27.91
C GLY DA 50 54.07 30.20 -27.39
N ALA DA 51 54.32 29.83 -26.14
CA ALA DA 51 53.72 28.63 -25.56
C ALA DA 51 52.47 28.98 -24.80
N TRP DA 52 51.38 28.27 -25.08
CA TRP DA 52 50.09 28.50 -24.44
C TRP DA 52 49.89 27.50 -23.30
N SER DA 53 49.20 27.96 -22.26
CA SER DA 53 48.87 27.12 -21.11
C SER DA 53 47.57 27.63 -20.51
N CYS DA 54 46.96 26.78 -19.69
CA CYS DA 54 45.69 27.10 -19.07
C CYS DA 54 45.79 26.99 -17.55
N ALA DA 55 45.01 27.83 -16.86
CA ALA DA 55 44.96 27.79 -15.41
C ALA DA 55 43.56 28.22 -14.97
N THR DA 56 43.21 27.84 -13.73
CA THR DA 56 41.91 28.19 -13.20
C THR DA 56 41.97 28.19 -11.67
N THR DA 57 41.16 29.05 -11.06
CA THR DA 57 41.08 29.16 -9.61
C THR DA 57 39.94 28.35 -9.02
N VAL DA 58 39.23 27.57 -9.83
CA VAL DA 58 38.13 26.74 -9.36
C VAL DA 58 38.70 25.60 -8.52
N GLU DA 59 37.85 24.92 -7.77
CA GLU DA 59 38.31 23.81 -6.94
C GLU DA 59 38.85 22.67 -7.78
N ALA DA 60 39.68 21.84 -7.15
CA ALA DA 60 40.37 20.77 -7.88
C ALA DA 60 39.40 19.78 -8.48
N LYS DA 61 38.33 19.44 -7.74
CA LYS DA 61 37.37 18.45 -8.22
C LYS DA 61 36.59 18.93 -9.44
N PHE DA 62 36.55 20.23 -9.71
CA PHE DA 62 35.89 20.76 -10.89
C PHE DA 62 36.83 20.98 -12.06
N LYS DA 63 38.13 20.85 -11.86
CA LYS DA 63 39.09 21.14 -12.92
C LYS DA 63 39.09 20.00 -13.94
N PRO DA 64 38.98 20.30 -15.23
CA PRO DA 64 39.26 19.28 -16.25
C PRO DA 64 40.74 18.96 -16.29
N ALA DA 65 41.07 17.81 -16.89
CA ALA DA 65 42.45 17.34 -16.90
C ALA DA 65 43.37 18.30 -17.63
N GLY DA 66 42.84 19.06 -18.59
CA GLY DA 66 43.68 19.98 -19.36
C GLY DA 66 44.22 21.13 -18.54
N CYS DA 67 43.39 21.70 -17.68
CA CYS DA 67 43.74 22.90 -16.93
C CYS DA 67 44.12 22.61 -15.49
N ALA DA 68 44.35 21.35 -15.14
CA ALA DA 68 44.74 20.99 -13.78
C ALA DA 68 46.23 21.27 -13.61
N SER DA 69 46.55 22.44 -13.08
CA SER DA 69 47.94 22.83 -12.85
C SER DA 69 48.11 23.50 -11.50
N SER EA 1 16.46 16.62 -48.66
CA SER EA 1 16.01 17.88 -48.09
C SER EA 1 17.01 19.00 -48.36
N THR EA 2 16.52 20.14 -48.84
CA THR EA 2 17.34 21.29 -49.13
C THR EA 2 16.87 22.49 -48.33
N ALA EA 3 17.66 23.57 -48.37
CA ALA EA 3 17.29 24.79 -47.65
C ALA EA 3 16.03 25.41 -48.24
N ALA EA 4 15.88 25.36 -49.57
CA ALA EA 4 14.71 25.95 -50.20
C ALA EA 4 13.43 25.25 -49.76
N VAL EA 5 13.43 23.92 -49.71
CA VAL EA 5 12.27 23.14 -49.28
C VAL EA 5 12.79 21.96 -48.45
N THR EA 6 12.32 21.86 -47.21
CA THR EA 6 12.69 20.76 -46.35
C THR EA 6 11.61 19.67 -46.41
N GLY EA 7 11.96 18.51 -45.87
CA GLY EA 7 11.03 17.41 -45.84
C GLY EA 7 10.02 17.44 -44.72
N GLN EA 8 10.07 18.45 -43.85
CA GLN EA 8 9.17 18.58 -42.72
C GLN EA 8 8.47 19.93 -42.77
N THR EA 9 7.17 19.92 -42.49
CA THR EA 9 6.41 21.16 -42.51
C THR EA 9 6.74 22.04 -41.31
N GLY EA 10 7.15 21.45 -40.20
CA GLY EA 10 7.46 22.19 -39.00
C GLY EA 10 8.82 22.85 -38.98
N LEU EA 11 9.62 22.67 -40.02
CA LEU EA 11 10.95 23.27 -40.10
C LEU EA 11 11.00 24.21 -41.29
N THR EA 12 11.47 25.43 -41.06
CA THR EA 12 11.54 26.46 -42.09
C THR EA 12 12.93 27.09 -42.08
N ILE EA 13 13.47 27.32 -43.27
CA ILE EA 13 14.78 27.94 -43.43
C ILE EA 13 14.61 29.24 -44.20
N THR EA 14 15.03 30.34 -43.59
CA THR EA 14 15.10 31.65 -44.24
C THR EA 14 16.55 31.87 -44.62
N TYR EA 15 16.86 31.67 -45.91
CA TYR EA 15 18.18 31.74 -46.48
C TYR EA 15 18.44 33.11 -47.06
N PRO EA 16 19.53 33.78 -46.68
CA PRO EA 16 19.80 35.12 -47.20
C PRO EA 16 20.12 35.08 -48.69
N ALA EA 17 19.73 36.15 -49.38
CA ALA EA 17 20.02 36.32 -50.79
C ALA EA 17 20.98 37.47 -51.07
N SER EA 18 21.30 38.29 -50.07
CA SER EA 18 22.23 39.39 -50.23
C SER EA 18 23.13 39.44 -49.00
N ALA EA 19 24.03 40.43 -48.97
CA ALA EA 19 24.98 40.57 -47.89
C ALA EA 19 24.44 41.39 -46.72
N THR EA 20 23.20 41.85 -46.79
CA THR EA 20 22.64 42.70 -45.75
C THR EA 20 21.47 42.09 -45.01
N GLU EA 21 21.11 40.85 -45.31
CA GLU EA 21 19.98 40.19 -44.65
C GLU EA 21 20.47 39.01 -43.82
N SER EA 22 19.67 38.64 -42.83
CA SER EA 22 20.00 37.62 -41.87
C SER EA 22 19.44 36.26 -42.28
N ALA EA 23 19.96 35.21 -41.66
CA ALA EA 23 19.50 33.85 -41.88
C ALA EA 23 18.73 33.36 -40.67
N ALA EA 24 17.84 32.40 -40.89
CA ALA EA 24 17.00 31.91 -39.80
C ALA EA 24 16.67 30.44 -39.99
N ILE EA 25 16.64 29.72 -38.88
CA ILE EA 25 16.18 28.33 -38.83
C ILE EA 25 15.08 28.27 -37.78
N GLN EA 26 13.85 28.01 -38.20
CA GLN EA 26 12.70 28.06 -37.31
C GLN EA 26 12.04 26.70 -37.23
N GLY EA 27 11.68 26.29 -36.02
CA GLY EA 27 10.97 25.05 -35.81
C GLY EA 27 9.72 25.25 -34.97
N THR EA 28 8.59 24.75 -35.47
CA THR EA 28 7.31 24.88 -34.79
C THR EA 28 6.94 23.52 -34.19
N PHE EA 29 6.59 23.50 -32.91
CA PHE EA 29 6.30 22.26 -32.23
C PHE EA 29 5.01 21.63 -32.78
N GLY EA 30 4.85 20.34 -32.52
CA GLY EA 30 3.69 19.62 -32.97
C GLY EA 30 3.89 18.13 -32.81
N ASN EA 31 2.90 17.38 -33.30
CA ASN EA 31 2.90 15.92 -33.28
C ASN EA 31 3.08 15.38 -31.86
N SER EA 32 4.30 15.00 -31.52
CA SER EA 32 4.59 14.39 -30.22
C SER EA 32 4.97 15.42 -29.16
N ALA EA 33 4.90 16.70 -29.48
CA ALA EA 33 5.15 17.73 -28.49
C ALA EA 33 3.98 17.83 -27.51
N ALA EA 34 4.22 18.48 -26.39
CA ALA EA 34 3.17 18.67 -25.39
C ALA EA 34 2.07 19.57 -25.92
N ILE EA 35 0.86 19.38 -25.40
CA ILE EA 35 -0.28 20.17 -25.84
C ILE EA 35 -0.09 21.64 -25.48
N LYS EA 36 0.54 21.90 -24.33
CA LYS EA 36 0.73 23.28 -23.88
C LYS EA 36 1.59 24.07 -24.86
N ILE EA 37 2.60 23.43 -25.45
CA ILE EA 37 3.53 24.12 -26.34
C ILE EA 37 3.27 23.69 -27.78
N LYS EA 38 2.04 23.28 -28.08
CA LYS EA 38 1.73 22.65 -29.35
C LYS EA 38 2.00 23.53 -30.56
N ASN EA 39 1.96 24.86 -30.41
CA ASN EA 39 2.10 25.74 -31.56
C ASN EA 39 3.16 26.83 -31.36
N GLN EA 40 4.02 26.71 -30.36
CA GLN EA 40 5.09 27.68 -30.20
C GLN EA 40 6.22 27.40 -31.18
N THR EA 41 7.19 28.32 -31.23
CA THR EA 41 8.29 28.23 -32.17
C THR EA 41 9.61 28.47 -31.46
N LEU EA 42 10.66 27.86 -31.99
CA LEU EA 42 12.02 28.09 -31.55
C LEU EA 42 12.87 28.39 -32.77
N THR EA 43 13.62 29.49 -32.72
CA THR EA 43 14.36 29.96 -33.88
C THR EA 43 15.81 30.23 -33.54
N TRP EA 44 16.68 29.95 -34.51
CA TRP EA 44 18.08 30.35 -34.49
C TRP EA 44 18.29 31.40 -35.57
N THR EA 45 18.78 32.56 -35.18
CA THR EA 45 18.98 33.69 -36.08
C THR EA 45 20.46 33.98 -36.23
N ARG EA 46 20.90 34.16 -37.47
CA ARG EA 46 22.28 34.50 -37.79
C ARG EA 46 22.31 35.88 -38.42
N THR EA 47 22.95 36.82 -37.74
CA THR EA 47 23.09 38.16 -38.27
C THR EA 47 24.04 38.15 -39.46
N PRO EA 48 23.96 39.17 -40.33
CA PRO EA 48 24.87 39.23 -41.48
C PRO EA 48 26.34 39.27 -41.08
N GLU EA 49 26.66 39.69 -39.86
CA GLU EA 49 28.03 39.65 -39.39
C GLU EA 49 28.50 38.25 -39.04
N GLY EA 50 27.59 37.27 -38.97
CA GLY EA 50 27.97 35.91 -38.67
C GLY EA 50 27.72 35.45 -37.24
N ALA EA 51 26.96 36.20 -36.46
CA ALA EA 51 26.68 35.86 -35.07
C ALA EA 51 25.38 35.11 -34.97
N TRP EA 52 25.39 33.98 -34.25
CA TRP EA 52 24.22 33.14 -34.07
C TRP EA 52 23.61 33.38 -32.70
N SER EA 53 22.28 33.34 -32.63
CA SER EA 53 21.57 33.48 -31.36
C SER EA 53 20.29 32.67 -31.44
N CYS EA 54 19.70 32.40 -30.28
CA CYS EA 54 18.49 31.60 -30.19
C CYS EA 54 17.38 32.40 -29.51
N ALA EA 55 16.14 32.14 -29.93
CA ALA EA 55 14.98 32.75 -29.31
C ALA EA 55 13.83 31.75 -29.37
N THR EA 56 12.83 31.97 -28.52
CA THR EA 56 11.68 31.09 -28.48
C THR EA 56 10.49 31.85 -27.90
N THR EA 57 9.30 31.45 -28.33
CA THR EA 57 8.06 32.06 -27.87
C THR EA 57 7.38 31.25 -26.76
N VAL EA 58 8.03 30.19 -26.29
CA VAL EA 58 7.49 29.35 -25.22
C VAL EA 58 7.55 30.14 -23.93
N GLU EA 59 6.83 29.67 -22.90
CA GLU EA 59 6.81 30.37 -21.62
C GLU EA 59 8.20 30.36 -20.98
N ALA EA 60 8.41 31.31 -20.07
CA ALA EA 60 9.74 31.49 -19.47
C ALA EA 60 10.16 30.26 -18.67
N LYS EA 61 9.23 29.66 -17.93
CA LYS EA 61 9.57 28.52 -17.08
C LYS EA 61 9.92 27.28 -17.89
N PHE EA 62 9.62 27.25 -19.18
CA PHE EA 62 10.06 26.15 -20.05
C PHE EA 62 11.34 26.47 -20.81
N LYS EA 63 11.83 27.70 -20.72
CA LYS EA 63 12.99 28.11 -21.51
C LYS EA 63 14.28 27.59 -20.89
N PRO EA 64 15.12 26.90 -21.66
CA PRO EA 64 16.48 26.60 -21.17
C PRO EA 64 17.31 27.88 -21.10
N ALA EA 65 18.43 27.78 -20.38
CA ALA EA 65 19.27 28.95 -20.15
C ALA EA 65 19.82 29.52 -21.44
N GLY EA 66 20.00 28.68 -22.47
CA GLY EA 66 20.55 29.16 -23.72
C GLY EA 66 19.64 30.13 -24.45
N CYS EA 67 18.35 29.82 -24.53
CA CYS EA 67 17.38 30.63 -25.25
C CYS EA 67 16.52 31.46 -24.31
N ALA EA 68 17.12 31.94 -23.22
CA ALA EA 68 16.40 32.75 -22.25
C ALA EA 68 16.23 34.19 -22.71
N SER EA 69 16.85 34.59 -23.81
CA SER EA 69 16.73 35.95 -24.33
C SER EA 69 15.46 36.10 -25.16
N SER FA 1 30.55 -7.71 -29.24
CA SER FA 1 31.85 -8.12 -29.78
C SER FA 1 32.09 -7.50 -31.15
N THR FA 2 31.65 -8.19 -32.19
CA THR FA 2 31.80 -7.73 -33.56
C THR FA 2 30.43 -7.66 -34.23
N ALA FA 3 30.39 -6.95 -35.37
CA ALA FA 3 29.15 -6.86 -36.13
C ALA FA 3 28.79 -8.20 -36.74
N ALA FA 4 29.79 -8.96 -37.19
CA ALA FA 4 29.54 -10.26 -37.80
C ALA FA 4 28.93 -11.22 -36.79
N VAL FA 5 29.49 -11.28 -35.59
CA VAL FA 5 28.98 -12.15 -34.53
C VAL FA 5 29.01 -11.39 -33.22
N THR FA 6 27.91 -11.43 -32.48
CA THR FA 6 27.79 -10.76 -31.19
C THR FA 6 27.73 -11.79 -30.07
N GLY FA 7 27.89 -11.31 -28.84
CA GLY FA 7 27.86 -12.18 -27.68
C GLY FA 7 26.49 -12.55 -27.19
N GLN FA 8 25.43 -12.03 -27.83
CA GLN FA 8 24.06 -12.31 -27.42
C GLN FA 8 23.27 -12.84 -28.60
N THR FA 9 22.46 -13.88 -28.36
CA THR FA 9 21.66 -14.46 -29.43
C THR FA 9 20.50 -13.56 -29.80
N GLY FA 10 19.99 -12.78 -28.86
CA GLY FA 10 18.86 -11.91 -29.12
C GLY FA 10 19.17 -10.63 -29.84
N LEU FA 11 20.43 -10.36 -30.13
CA LEU FA 11 20.85 -9.16 -30.86
C LEU FA 11 21.55 -9.58 -32.14
N THR FA 12 21.10 -9.03 -33.27
CA THR FA 12 21.70 -9.30 -34.56
C THR FA 12 21.91 -8.00 -35.31
N ILE FA 13 22.89 -7.99 -36.21
CA ILE FA 13 23.22 -6.82 -36.99
C ILE FA 13 23.36 -7.21 -38.45
N THR FA 14 22.59 -6.56 -39.32
CA THR FA 14 22.74 -6.68 -40.76
C THR FA 14 23.64 -5.54 -41.22
N TYR FA 15 24.89 -5.88 -41.55
CA TYR FA 15 25.93 -4.93 -41.96
C TYR FA 15 25.97 -4.84 -43.47
N PRO FA 16 25.90 -3.64 -44.04
CA PRO FA 16 25.90 -3.51 -45.50
C PRO FA 16 27.22 -3.94 -46.10
N ALA FA 17 27.14 -4.50 -47.31
CA ALA FA 17 28.32 -4.90 -48.05
C ALA FA 17 28.54 -4.10 -49.32
N SER FA 18 27.58 -3.26 -49.72
CA SER FA 18 27.70 -2.42 -50.89
C SER FA 18 27.13 -1.05 -50.58
N ALA FA 19 27.15 -0.17 -51.57
CA ALA FA 19 26.67 1.19 -51.40
C ALA FA 19 25.17 1.34 -51.59
N THR FA 20 24.47 0.25 -51.91
CA THR FA 20 23.04 0.30 -52.17
C THR FA 20 22.21 -0.45 -51.14
N GLU FA 21 22.82 -0.99 -50.10
CA GLU FA 21 22.11 -1.76 -49.10
C GLU FA 21 22.05 -0.99 -47.78
N SER FA 22 21.07 -1.36 -46.96
CA SER FA 22 20.78 -0.68 -45.71
C SER FA 22 21.33 -1.48 -44.53
N ALA FA 23 21.61 -0.77 -43.44
CA ALA FA 23 22.09 -1.41 -42.22
C ALA FA 23 20.95 -1.60 -41.24
N ALA FA 24 21.11 -2.55 -40.34
CA ALA FA 24 20.05 -2.84 -39.39
C ALA FA 24 20.61 -3.38 -38.08
N ILE FA 25 20.03 -2.96 -36.97
CA ILE FA 25 20.33 -3.49 -35.65
C ILE FA 25 19.01 -3.97 -35.07
N GLN FA 26 18.88 -5.28 -34.88
CA GLN FA 26 17.62 -5.88 -34.45
C GLN FA 26 17.81 -6.58 -33.12
N GLY FA 27 16.88 -6.34 -32.20
CA GLY FA 27 16.90 -7.00 -30.90
C GLY FA 27 15.58 -7.68 -30.59
N THR FA 28 15.65 -8.93 -30.16
CA THR FA 28 14.48 -9.72 -29.83
C THR FA 28 14.35 -9.81 -28.32
N PHE FA 29 13.15 -9.54 -27.81
CA PHE FA 29 12.92 -9.57 -26.37
C PHE FA 29 13.00 -11.00 -25.83
N GLY FA 30 12.95 -11.11 -24.52
CA GLY FA 30 12.97 -12.41 -23.88
C GLY FA 30 13.66 -12.33 -22.53
N ASN FA 31 13.95 -13.51 -21.99
CA ASN FA 31 14.65 -13.65 -20.72
C ASN FA 31 13.90 -12.94 -19.61
N SER FA 32 14.32 -11.72 -19.27
CA SER FA 32 13.68 -10.94 -18.23
C SER FA 32 12.57 -10.05 -18.75
N ALA FA 33 12.24 -10.14 -20.03
CA ALA FA 33 11.14 -9.36 -20.58
C ALA FA 33 9.80 -9.95 -20.16
N ALA FA 34 8.76 -9.15 -20.31
CA ALA FA 34 7.42 -9.61 -20.00
C ALA FA 34 6.99 -10.70 -20.96
N ILE FA 35 6.11 -11.59 -20.47
CA ILE FA 35 5.65 -12.70 -21.29
C ILE FA 35 4.86 -12.21 -22.49
N LYS FA 36 4.15 -11.09 -22.34
CA LYS FA 36 3.34 -10.57 -23.43
C LYS FA 36 4.20 -10.18 -24.63
N ILE FA 37 5.38 -9.63 -24.38
CA ILE FA 37 6.26 -9.14 -25.44
C ILE FA 37 7.45 -10.09 -25.59
N LYS FA 38 7.23 -11.37 -25.29
CA LYS FA 38 8.34 -12.32 -25.15
C LYS FA 38 9.14 -12.45 -26.44
N ASN FA 39 8.46 -12.52 -27.59
CA ASN FA 39 9.13 -12.84 -28.85
C ASN FA 39 9.04 -11.70 -29.87
N GLN FA 40 8.72 -10.49 -29.43
CA GLN FA 40 8.68 -9.37 -30.35
C GLN FA 40 10.10 -8.83 -30.60
N THR FA 41 10.21 -7.96 -31.60
CA THR FA 41 11.50 -7.42 -32.01
C THR FA 41 11.42 -5.90 -32.13
N LEU FA 42 12.57 -5.27 -31.93
CA LEU FA 42 12.74 -3.84 -32.13
C LEU FA 42 13.97 -3.61 -32.98
N THR FA 43 13.84 -2.83 -34.04
CA THR FA 43 14.93 -2.67 -35.01
C THR FA 43 15.20 -1.20 -35.30
N TRP FA 44 16.48 -0.88 -35.41
CA TRP FA 44 16.95 0.40 -35.93
C TRP FA 44 17.50 0.16 -37.33
N THR FA 45 16.91 0.81 -38.32
CA THR FA 45 17.32 0.65 -39.71
C THR FA 45 17.91 1.94 -40.24
N ARG FA 46 18.95 1.80 -41.06
CA ARG FA 46 19.69 2.92 -41.62
C ARG FA 46 19.70 2.79 -43.13
N THR FA 47 19.10 3.77 -43.81
CA THR FA 47 19.07 3.78 -45.26
C THR FA 47 20.47 4.06 -45.82
N PRO FA 48 20.71 3.72 -47.08
CA PRO FA 48 22.03 3.98 -47.68
C PRO FA 48 22.42 5.45 -47.66
N GLU FA 49 21.45 6.37 -47.60
CA GLU FA 49 21.77 7.79 -47.52
C GLU FA 49 22.22 8.22 -46.13
N GLY FA 50 22.10 7.35 -45.13
CA GLY FA 50 22.54 7.66 -43.79
C GLY FA 50 21.45 8.07 -42.81
N ALA FA 51 20.19 7.82 -43.13
CA ALA FA 51 19.09 8.20 -42.25
C ALA FA 51 18.69 7.02 -41.37
N TRP FA 52 18.62 7.26 -40.07
CA TRP FA 52 18.26 6.24 -39.09
C TRP FA 52 16.80 6.37 -38.69
N SER FA 53 16.16 5.22 -38.49
CA SER FA 53 14.77 5.20 -38.02
C SER FA 53 14.57 3.95 -37.19
N CYS FA 54 13.51 3.96 -36.39
CA CYS FA 54 13.21 2.86 -35.48
C CYS FA 54 11.83 2.28 -35.78
N ALA FA 55 11.71 0.97 -35.59
CA ALA FA 55 10.43 0.29 -35.75
C ALA FA 55 10.37 -0.86 -34.76
N THR FA 56 9.16 -1.34 -34.50
CA THR FA 56 8.96 -2.43 -33.58
C THR FA 56 7.65 -3.13 -33.88
N THR FA 57 7.58 -4.42 -33.55
CA THR FA 57 6.40 -5.24 -33.76
C THR FA 57 5.53 -5.35 -32.52
N VAL FA 58 5.90 -4.67 -31.44
CA VAL FA 58 5.09 -4.70 -30.22
C VAL FA 58 3.78 -3.95 -30.46
N GLU FA 59 2.79 -4.25 -29.63
CA GLU FA 59 1.48 -3.62 -29.74
C GLU FA 59 1.60 -2.11 -29.60
N ALA FA 60 0.58 -1.40 -30.10
CA ALA FA 60 0.64 0.05 -30.17
C ALA FA 60 0.70 0.68 -28.79
N LYS FA 61 -0.06 0.14 -27.83
CA LYS FA 61 -0.10 0.75 -26.51
C LYS FA 61 1.22 0.66 -25.76
N PHE FA 62 2.11 -0.25 -26.16
CA PHE FA 62 3.43 -0.35 -25.56
C PHE FA 62 4.49 0.42 -26.32
N LYS FA 63 4.16 1.00 -27.46
CA LYS FA 63 5.15 1.68 -28.29
C LYS FA 63 5.47 3.06 -27.69
N PRO FA 64 6.74 3.39 -27.50
CA PRO FA 64 7.11 4.77 -27.16
C PRO FA 64 6.88 5.69 -28.36
N ALA FA 65 6.81 6.98 -28.07
CA ALA FA 65 6.51 7.96 -29.11
C ALA FA 65 7.58 8.00 -30.20
N GLY FA 66 8.79 7.53 -29.93
CA GLY FA 66 9.85 7.58 -30.91
C GLY FA 66 9.82 6.49 -31.95
N CYS FA 67 9.17 5.37 -31.67
CA CYS FA 67 9.11 4.23 -32.57
C CYS FA 67 7.68 3.89 -32.96
N ALA FA 68 6.87 4.91 -33.21
CA ALA FA 68 5.48 4.72 -33.62
C ALA FA 68 5.36 4.69 -35.14
N SER FA 69 6.07 3.74 -35.74
CA SER FA 69 6.07 3.59 -37.19
C SER FA 69 5.65 2.17 -37.58
N SER GA 1 34.96 12.51 0.29
CA SER GA 1 35.09 11.08 0.05
C SER GA 1 35.82 10.83 -1.27
N THR GA 2 36.81 9.95 -1.23
CA THR GA 2 37.58 9.58 -2.41
C THR GA 2 37.48 8.08 -2.63
N ALA GA 3 38.07 7.62 -3.74
CA ALA GA 3 38.12 6.19 -4.00
C ALA GA 3 38.97 5.47 -2.98
N ALA GA 4 40.09 6.08 -2.57
CA ALA GA 4 40.98 5.45 -1.60
C ALA GA 4 40.28 5.28 -0.26
N VAL GA 5 39.61 6.32 0.23
CA VAL GA 5 38.89 6.27 1.49
C VAL GA 5 37.55 6.97 1.32
N THR GA 6 36.48 6.33 1.77
CA THR GA 6 35.14 6.89 1.71
C THR GA 6 34.66 7.27 3.10
N GLY GA 7 33.59 8.05 3.14
CA GLY GA 7 33.01 8.47 4.40
C GLY GA 7 32.12 7.46 5.08
N GLN GA 8 31.91 6.30 4.47
CA GLN GA 8 31.04 5.26 5.02
C GLN GA 8 31.82 3.96 5.11
N THR GA 9 31.65 3.26 6.24
CA THR GA 9 32.33 1.98 6.43
C THR GA 9 31.71 0.87 5.59
N GLY GA 10 30.44 1.00 5.22
CA GLY GA 10 29.77 0.00 4.44
C GLY GA 10 30.01 0.06 2.95
N LEU GA 11 30.81 1.02 2.48
CA LEU GA 11 31.12 1.17 1.07
C LEU GA 11 32.63 1.05 0.87
N THR GA 12 33.03 0.21 -0.08
CA THR GA 12 34.43 -0.05 -0.37
C THR GA 12 34.67 0.06 -1.86
N ILE GA 13 35.78 0.68 -2.24
CA ILE GA 13 36.16 0.85 -3.63
C ILE GA 13 37.49 0.15 -3.86
N THR GA 14 37.51 -0.83 -4.76
CA THR GA 14 38.73 -1.48 -5.21
C THR GA 14 39.09 -0.83 -6.54
N TYR GA 15 40.07 0.06 -6.51
CA TYR GA 15 40.51 0.87 -7.65
C TYR GA 15 41.70 0.21 -8.32
N PRO GA 16 41.64 -0.01 -9.64
CA PRO GA 16 42.77 -0.64 -10.32
C PRO GA 16 43.99 0.25 -10.33
N ALA GA 17 45.16 -0.40 -10.28
CA ALA GA 17 46.44 0.29 -10.36
C ALA GA 17 47.23 -0.07 -11.61
N SER GA 18 46.78 -1.09 -12.37
CA SER GA 18 47.43 -1.50 -13.60
C SER GA 18 46.36 -1.75 -14.66
N ALA GA 19 46.80 -2.11 -15.85
CA ALA GA 19 45.88 -2.34 -16.96
C ALA GA 19 45.30 -3.75 -16.99
N THR GA 20 45.68 -4.60 -16.05
CA THR GA 20 45.26 -6.00 -16.07
C THR GA 20 44.29 -6.36 -14.95
N GLU GA 21 44.07 -5.48 -13.97
CA GLU GA 21 43.18 -5.80 -12.87
C GLU GA 21 41.84 -5.10 -13.04
N SER GA 22 40.87 -5.53 -12.24
CA SER GA 22 39.47 -5.13 -12.37
C SER GA 22 39.09 -4.19 -11.24
N ALA GA 23 38.11 -3.33 -11.51
CA ALA GA 23 37.61 -2.39 -10.50
C ALA GA 23 36.38 -2.96 -9.82
N ALA GA 24 36.10 -2.48 -8.62
CA ALA GA 24 34.96 -3.00 -7.86
C ALA GA 24 34.39 -1.93 -6.94
N ILE GA 25 33.07 -1.93 -6.81
CA ILE GA 25 32.36 -1.09 -5.85
C ILE GA 25 31.49 -2.04 -5.02
N GLN GA 26 31.78 -2.16 -3.74
CA GLN GA 26 31.11 -3.12 -2.87
C GLN GA 26 30.37 -2.37 -1.77
N GLY GA 27 29.13 -2.79 -1.51
CA GLY GA 27 28.35 -2.24 -0.43
C GLY GA 27 27.79 -3.32 0.47
N THR GA 28 28.01 -3.18 1.78
CA THR GA 28 27.55 -4.15 2.77
C THR GA 28 26.34 -3.57 3.49
N PHE GA 29 25.27 -4.34 3.56
CA PHE GA 29 24.05 -3.88 4.19
C PHE GA 29 24.25 -3.70 5.69
N GLY GA 30 23.31 -3.00 6.30
CA GLY GA 30 23.36 -2.78 7.74
C GLY GA 30 22.54 -1.55 8.11
N ASN GA 31 22.72 -1.14 9.36
CA ASN GA 31 22.04 0.04 9.91
C ASN GA 31 20.52 -0.10 9.80
N SER GA 32 19.94 0.52 8.78
CA SER GA 32 18.50 0.48 8.58
C SER GA 32 18.05 -0.64 7.66
N ALA GA 33 18.97 -1.53 7.26
CA ALA GA 33 18.58 -2.67 6.44
C ALA GA 33 17.88 -3.72 7.29
N ALA GA 34 17.20 -4.64 6.61
CA ALA GA 34 16.51 -5.72 7.30
C ALA GA 34 17.50 -6.64 8.00
N ILE GA 35 17.04 -7.26 9.09
CA ILE GA 35 17.90 -8.15 9.85
C ILE GA 35 18.31 -9.36 9.03
N LYS GA 36 17.43 -9.83 8.15
CA LYS GA 36 17.74 -11.02 7.35
C LYS GA 36 18.95 -10.79 6.46
N ILE GA 37 19.07 -9.60 5.87
CA ILE GA 37 20.16 -9.29 4.95
C ILE GA 37 21.15 -8.37 5.63
N LYS GA 38 21.25 -8.46 6.96
CA LYS GA 38 22.00 -7.48 7.73
C LYS GA 38 23.47 -7.43 7.35
N ASN GA 39 24.04 -8.54 6.87
CA ASN GA 39 25.47 -8.60 6.60
C ASN GA 39 25.82 -9.08 5.20
N GLN GA 40 24.86 -9.09 4.28
CA GLN GA 40 25.16 -9.46 2.90
C GLN GA 40 25.81 -8.29 2.16
N THR GA 41 26.31 -8.57 0.96
CA THR GA 41 27.01 -7.58 0.16
C THR GA 41 26.47 -7.56 -1.26
N LEU GA 42 26.54 -6.39 -1.88
CA LEU GA 42 26.21 -6.22 -3.29
C LEU GA 42 27.37 -5.49 -3.97
N THR GA 43 27.84 -6.03 -5.07
CA THR GA 43 29.04 -5.51 -5.73
C THR GA 43 28.80 -5.27 -7.21
N TRP GA 44 29.35 -4.15 -7.69
CA TRP GA 44 29.45 -3.86 -9.11
C TRP GA 44 30.91 -4.02 -9.52
N THR GA 45 31.20 -4.95 -10.41
CA THR GA 45 32.56 -5.22 -10.84
C THR GA 45 32.74 -4.82 -12.31
N ARG GA 46 33.91 -4.28 -12.60
CA ARG GA 46 34.26 -3.80 -13.94
C ARG GA 46 35.52 -4.51 -14.40
N THR GA 47 35.39 -5.24 -15.51
CA THR GA 47 36.52 -5.97 -16.08
C THR GA 47 37.51 -4.98 -16.69
N PRO GA 48 38.75 -5.41 -16.92
CA PRO GA 48 39.73 -4.51 -17.56
C PRO GA 48 39.30 -4.03 -18.94
N GLU GA 49 38.45 -4.80 -19.64
CA GLU GA 49 37.93 -4.35 -20.92
C GLU GA 49 36.88 -3.26 -20.79
N GLY GA 50 36.40 -2.97 -19.59
CA GLY GA 50 35.42 -1.93 -19.37
C GLY GA 50 33.98 -2.38 -19.26
N ALA GA 51 33.73 -3.66 -19.02
CA ALA GA 51 32.38 -4.20 -18.91
C ALA GA 51 31.97 -4.27 -17.45
N TRP GA 52 30.80 -3.70 -17.14
CA TRP GA 52 30.28 -3.66 -15.78
C TRP GA 52 29.24 -4.77 -15.58
N SER GA 53 29.21 -5.30 -14.37
CA SER GA 53 28.23 -6.31 -14.01
C SER GA 53 27.97 -6.25 -12.51
N CYS GA 54 26.86 -6.83 -12.09
CA CYS GA 54 26.46 -6.81 -10.69
C CYS GA 54 26.34 -8.22 -10.13
N ALA GA 55 26.60 -8.34 -8.83
CA ALA GA 55 26.44 -9.60 -8.11
C ALA GA 55 26.03 -9.29 -6.68
N THR GA 56 25.44 -10.28 -6.02
CA THR GA 56 25.02 -10.11 -4.64
C THR GA 56 24.97 -11.47 -3.97
N THR GA 57 25.05 -11.45 -2.63
CA THR GA 57 25.06 -12.66 -1.83
C THR GA 57 23.75 -12.89 -1.10
N VAL GA 58 22.71 -12.09 -1.38
CA VAL GA 58 21.41 -12.27 -0.75
C VAL GA 58 20.74 -13.50 -1.36
N GLU GA 59 19.65 -13.94 -0.75
CA GLU GA 59 18.92 -15.09 -1.27
C GLU GA 59 18.32 -14.77 -2.63
N ALA GA 60 17.97 -15.84 -3.36
CA ALA GA 60 17.47 -15.67 -4.73
C ALA GA 60 16.16 -14.88 -4.76
N LYS GA 61 15.27 -15.13 -3.80
CA LYS GA 61 13.98 -14.46 -3.79
C LYS GA 61 14.08 -12.96 -3.52
N PHE GA 62 15.24 -12.48 -3.04
CA PHE GA 62 15.44 -11.06 -2.83
C PHE GA 62 16.20 -10.40 -3.97
N LYS GA 63 16.77 -11.18 -4.88
CA LYS GA 63 17.59 -10.62 -5.95
C LYS GA 63 16.71 -9.99 -7.02
N PRO GA 64 16.94 -8.73 -7.39
CA PRO GA 64 16.29 -8.18 -8.57
C PRO GA 64 16.84 -8.83 -9.83
N ALA GA 65 16.08 -8.68 -10.92
CA ALA GA 65 16.46 -9.33 -12.17
C ALA GA 65 17.81 -8.85 -12.69
N GLY GA 66 18.21 -7.63 -12.33
CA GLY GA 66 19.49 -7.11 -12.80
C GLY GA 66 20.69 -7.84 -12.23
N CYS GA 67 20.67 -8.12 -10.93
CA CYS GA 67 21.80 -8.73 -10.25
C CYS GA 67 21.65 -10.23 -10.06
N ALA GA 68 20.63 -10.84 -10.67
CA ALA GA 68 20.39 -12.28 -10.53
C ALA GA 68 21.28 -13.01 -11.52
N SER GA 69 22.57 -13.08 -11.19
CA SER GA 69 23.54 -13.75 -12.03
C SER GA 69 23.94 -15.10 -11.44
N SER HA 1 4.79 28.10 -6.44
CA SER HA 1 5.00 29.18 -7.38
C SER HA 1 6.49 29.44 -7.62
N THR HA 2 7.08 30.28 -6.78
CA THR HA 2 8.50 30.62 -6.86
C THR HA 2 9.19 30.28 -5.54
N ALA HA 3 10.52 30.26 -5.59
CA ALA HA 3 11.29 30.02 -4.37
C ALA HA 3 11.17 31.19 -3.39
N ALA HA 4 11.12 32.41 -3.92
CA ALA HA 4 11.01 33.59 -3.05
C ALA HA 4 9.68 33.60 -2.30
N VAL HA 5 8.59 33.33 -3.01
CA VAL HA 5 7.27 33.28 -2.40
C VAL HA 5 6.52 32.07 -2.95
N THR HA 6 5.93 31.28 -2.07
CA THR HA 6 5.17 30.11 -2.45
C THR HA 6 3.69 30.33 -2.17
N GLY HA 7 2.86 29.46 -2.73
CA GLY HA 7 1.43 29.56 -2.56
C GLY HA 7 0.89 29.01 -1.26
N GLN HA 8 1.75 28.46 -0.41
CA GLN HA 8 1.32 27.88 0.85
C GLN HA 8 2.13 28.50 1.98
N THR HA 9 1.45 28.83 3.08
CA THR HA 9 2.13 29.41 4.23
C THR HA 9 2.95 28.39 5.00
N GLY HA 10 2.60 27.11 4.91
CA GLY HA 10 3.32 26.06 5.61
C GLY HA 10 4.58 25.58 4.95
N LEU HA 11 4.92 26.13 3.78
CA LEU HA 11 6.13 25.75 3.07
C LEU HA 11 7.01 26.98 2.87
N THR HA 12 8.27 26.88 3.28
CA THR HA 12 9.23 27.96 3.15
C THR HA 12 10.49 27.45 2.47
N ILE HA 13 11.09 28.32 1.66
CA ILE HA 13 12.31 28.01 0.93
C ILE HA 13 13.37 29.03 1.32
N THR HA 14 14.49 28.56 1.87
CA THR HA 14 15.65 29.38 2.14
C THR HA 14 16.62 29.13 0.99
N TYR HA 15 16.69 30.10 0.06
CA TYR HA 15 17.47 30.03 -1.16
C TYR HA 15 18.82 30.71 -0.96
N PRO HA 16 19.92 30.03 -1.28
CA PRO HA 16 21.24 30.65 -1.09
C PRO HA 16 21.45 31.82 -2.02
N ALA HA 17 22.21 32.81 -1.53
CA ALA HA 17 22.61 33.95 -2.32
C ALA HA 17 24.11 34.03 -2.55
N SER HA 18 24.90 33.23 -1.85
CA SER HA 18 26.34 33.19 -2.04
C SER HA 18 26.79 31.73 -2.07
N ALA HA 19 28.06 31.53 -2.44
CA ALA HA 19 28.59 30.18 -2.58
C ALA HA 19 28.89 29.51 -1.24
N THR HA 20 28.82 30.25 -0.12
CA THR HA 20 29.21 29.72 1.17
C THR HA 20 28.02 29.57 2.13
N GLU HA 21 26.79 29.51 1.61
CA GLU HA 21 25.62 29.35 2.45
C GLU HA 21 24.75 28.22 1.91
N SER HA 22 23.98 27.63 2.82
CA SER HA 22 23.21 26.43 2.54
C SER HA 22 21.80 26.78 2.06
N ALA HA 23 21.09 25.75 1.60
CA ALA HA 23 19.71 25.89 1.14
C ALA HA 23 18.80 25.04 2.02
N ALA HA 24 17.53 25.43 2.10
CA ALA HA 24 16.61 24.73 2.99
C ALA HA 24 15.20 24.72 2.41
N ILE HA 25 14.51 23.59 2.59
CA ILE HA 25 13.09 23.45 2.27
C ILE HA 25 12.40 22.99 3.55
N GLN HA 26 11.57 23.86 4.12
CA GLN HA 26 10.95 23.60 5.41
C GLN HA 26 9.44 23.52 5.27
N GLY HA 27 8.84 22.50 5.87
CA GLY HA 27 7.39 22.35 5.91
C GLY HA 27 6.90 22.24 7.34
N THR HA 28 5.80 22.93 7.62
CA THR HA 28 5.21 22.95 8.95
C THR HA 28 3.88 22.22 8.94
N PHE HA 29 3.74 21.23 9.81
CA PHE HA 29 2.51 20.43 9.85
C PHE HA 29 1.33 21.28 10.31
N GLY HA 30 0.17 20.98 9.75
CA GLY HA 30 -1.04 21.70 10.11
C GLY HA 30 -2.20 21.26 9.25
N ASN HA 31 -3.29 22.02 9.35
CA ASN HA 31 -4.51 21.78 8.58
C ASN HA 31 -5.06 20.38 8.83
N SER HA 32 -4.80 19.46 7.91
CA SER HA 32 -5.31 18.10 8.02
C SER HA 32 -4.33 17.15 8.72
N ALA HA 33 -3.22 17.68 9.24
CA ALA HA 33 -2.29 16.85 9.99
C ALA HA 33 -2.88 16.53 11.37
N ALA HA 34 -2.27 15.54 12.02
CA ALA HA 34 -2.71 15.16 13.36
C ALA HA 34 -2.46 16.28 14.35
N ILE HA 35 -3.30 16.34 15.38
CA ILE HA 35 -3.18 17.38 16.40
C ILE HA 35 -1.85 17.28 17.13
N LYS HA 36 -1.40 16.04 17.39
CA LYS HA 36 -0.17 15.85 18.15
C LYS HA 36 1.04 16.42 17.42
N ILE HA 37 1.12 16.22 16.10
CA ILE HA 37 2.29 16.61 15.34
C ILE HA 37 2.10 17.99 14.73
N LYS HA 38 1.01 18.67 15.11
CA LYS HA 38 0.76 20.00 14.57
C LYS HA 38 1.84 20.98 15.01
N ASN HA 39 2.16 21.92 14.12
CA ASN HA 39 3.14 22.98 14.29
C ASN HA 39 4.58 22.49 14.30
N GLN HA 40 4.81 21.18 14.18
CA GLN HA 40 6.17 20.68 14.05
C GLN HA 40 6.66 20.89 12.62
N THR HA 41 7.98 20.79 12.43
CA THR HA 41 8.60 21.10 11.15
C THR HA 41 9.44 19.93 10.67
N LEU HA 42 9.46 19.77 9.34
CA LEU HA 42 10.34 18.82 8.66
C LEU HA 42 11.11 19.59 7.59
N THR HA 43 12.43 19.46 7.60
CA THR HA 43 13.26 20.26 6.72
C THR HA 43 14.25 19.39 5.95
N TRP HA 44 14.43 19.73 4.69
CA TRP HA 44 15.50 19.21 3.85
C TRP HA 44 16.55 20.30 3.69
N THR HA 45 17.76 20.03 4.16
CA THR HA 45 18.84 21.00 4.10
C THR HA 45 19.93 20.52 3.14
N ARG HA 46 20.47 21.47 2.38
CA ARG HA 46 21.50 21.20 1.38
C ARG HA 46 22.73 22.03 1.71
N THR HA 47 23.85 21.36 1.97
CA THR HA 47 25.09 22.03 2.27
C THR HA 47 25.65 22.69 1.01
N PRO HA 48 26.54 23.67 1.16
CA PRO HA 48 27.09 24.35 -0.03
C PRO HA 48 27.85 23.43 -0.97
N GLU HA 49 28.34 22.28 -0.49
CA GLU HA 49 29.00 21.32 -1.36
C GLU HA 49 28.02 20.45 -2.13
N GLY HA 50 26.73 20.54 -1.85
CA GLY HA 50 25.72 19.82 -2.60
C GLY HA 50 25.17 18.58 -1.95
N ALA HA 51 25.33 18.41 -0.64
CA ALA HA 51 24.83 17.23 0.07
C ALA HA 51 23.49 17.55 0.71
N TRP HA 52 22.51 16.69 0.45
CA TRP HA 52 21.16 16.85 0.97
C TRP HA 52 20.95 15.94 2.18
N SER HA 53 20.19 16.42 3.16
CA SER HA 53 19.85 15.62 4.32
C SER HA 53 18.50 16.09 4.85
N CYS HA 54 17.87 15.24 5.66
CA CYS HA 54 16.56 15.53 6.21
C CYS HA 54 16.61 15.55 7.73
N ALA HA 55 15.75 16.36 8.32
CA ALA HA 55 15.61 16.43 9.76
C ALA HA 55 14.16 16.79 10.09
N THR HA 56 13.76 16.48 11.31
CA THR HA 56 12.39 16.79 11.74
C THR HA 56 12.36 16.89 13.26
N THR HA 57 11.43 17.72 13.75
CA THR HA 57 11.30 17.98 15.18
C THR HA 57 10.20 17.15 15.83
N VAL HA 58 9.60 16.21 15.11
CA VAL HA 58 8.55 15.38 15.67
C VAL HA 58 9.18 14.38 16.64
N GLU HA 59 8.34 13.67 17.39
CA GLU HA 59 8.83 12.69 18.34
C GLU HA 59 9.53 11.54 17.60
N ALA HA 60 10.39 10.83 18.33
CA ALA HA 60 11.22 9.80 17.71
C ALA HA 60 10.38 8.68 17.11
N LYS HA 61 9.33 8.25 17.82
CA LYS HA 61 8.52 7.14 17.34
C LYS HA 61 7.75 7.46 16.07
N PHE HA 62 7.57 8.74 15.73
CA PHE HA 62 6.93 9.13 14.49
C PHE HA 62 7.91 9.33 13.34
N LYS HA 63 9.21 9.28 13.61
CA LYS HA 63 10.20 9.58 12.59
C LYS HA 63 10.40 8.38 11.67
N PRO HA 64 10.32 8.57 10.36
CA PRO HA 64 10.73 7.50 9.43
C PRO HA 64 12.24 7.30 9.50
N ALA HA 65 12.66 6.12 9.04
CA ALA HA 65 14.06 5.73 9.16
C ALA HA 65 15.00 6.65 8.37
N GLY HA 66 14.48 7.39 7.40
CA GLY HA 66 15.33 8.23 6.57
C GLY HA 66 15.59 9.62 7.12
N CYS HA 67 14.76 10.08 8.05
CA CYS HA 67 14.90 11.42 8.61
C CYS HA 67 15.31 11.39 10.07
N ALA HA 68 15.80 10.26 10.57
CA ALA HA 68 16.29 10.19 11.93
C ALA HA 68 17.62 10.93 12.05
N SER HA 69 17.73 11.76 13.08
CA SER HA 69 18.93 12.55 13.30
C SER HA 69 20.07 11.68 13.81
N SER IA 1 -10.53 1.41 -21.43
CA SER IA 1 -10.13 1.24 -22.82
C SER IA 1 -9.39 2.47 -23.33
N THR IA 2 -10.14 3.45 -23.84
CA THR IA 2 -9.57 4.69 -24.35
C THR IA 2 -10.18 5.88 -23.61
N ALA IA 3 -9.52 7.03 -23.76
CA ALA IA 3 -10.04 8.24 -23.14
C ALA IA 3 -11.33 8.69 -23.82
N ALA IA 4 -11.42 8.52 -25.14
CA ALA IA 4 -12.63 8.93 -25.86
C ALA IA 4 -13.83 8.10 -25.44
N VAL IA 5 -13.66 6.78 -25.32
CA VAL IA 5 -14.74 5.90 -24.88
C VAL IA 5 -14.15 4.87 -23.91
N THR IA 6 -14.81 4.71 -22.77
CA THR IA 6 -14.40 3.74 -21.77
C THR IA 6 -15.39 2.59 -21.71
N GLY IA 7 -14.98 1.51 -21.05
CA GLY IA 7 -15.82 0.35 -20.92
C GLY IA 7 -16.87 0.43 -19.83
N GLN IA 8 -16.91 1.53 -19.08
CA GLN IA 8 -17.85 1.70 -17.99
C GLN IA 8 -18.63 2.99 -18.18
N THR IA 9 -19.94 2.91 -18.02
CA THR IA 9 -20.80 4.08 -18.19
C THR IA 9 -20.64 5.08 -17.05
N GLY IA 10 -20.21 4.62 -15.87
CA GLY IA 10 -20.05 5.50 -14.73
C GLY IA 10 -18.77 6.28 -14.68
N LEU IA 11 -17.89 6.10 -15.66
CA LEU IA 11 -16.62 6.81 -15.73
C LEU IA 11 -16.56 7.59 -17.03
N THR IA 12 -16.28 8.89 -16.93
CA THR IA 12 -16.17 9.77 -18.09
C THR IA 12 -14.85 10.51 -18.04
N ILE IA 13 -14.27 10.74 -19.22
CA ILE IA 13 -13.01 11.43 -19.36
C ILE IA 13 -13.20 12.63 -20.28
N THR IA 14 -12.94 13.82 -19.76
CA THR IA 14 -12.94 15.05 -20.55
C THR IA 14 -11.49 15.36 -20.90
N TYR IA 15 -11.14 15.19 -22.17
CA TYR IA 15 -9.78 15.32 -22.67
C TYR IA 15 -9.58 16.70 -23.28
N PRO IA 16 -8.47 17.37 -22.99
CA PRO IA 16 -8.25 18.71 -23.55
C PRO IA 16 -7.82 18.63 -25.01
N ALA IA 17 -8.55 19.35 -25.87
CA ALA IA 17 -8.23 19.43 -27.29
C ALA IA 17 -7.38 20.65 -27.63
N SER IA 18 -7.12 21.52 -26.65
CA SER IA 18 -6.31 22.72 -26.86
C SER IA 18 -5.47 22.95 -25.62
N ALA IA 19 -4.66 24.00 -25.67
CA ALA IA 19 -3.73 24.33 -24.58
C ALA IA 19 -4.34 25.23 -23.53
N THR IA 20 -5.61 25.62 -23.68
CA THR IA 20 -6.26 26.54 -22.75
C THR IA 20 -7.50 25.93 -22.10
N GLU IA 21 -7.61 24.60 -22.07
CA GLU IA 21 -8.75 23.94 -21.46
C GLU IA 21 -8.25 22.85 -20.52
N SER IA 22 -9.08 22.58 -19.51
CA SER IA 22 -8.73 21.65 -18.44
C SER IA 22 -9.10 20.22 -18.81
N ALA IA 23 -8.59 19.27 -18.03
CA ALA IA 23 -8.91 17.87 -18.19
C ALA IA 23 -9.68 17.37 -16.97
N ALA IA 24 -10.51 16.35 -17.17
CA ALA IA 24 -11.37 15.88 -16.09
C ALA IA 24 -11.52 14.37 -16.13
N ILE IA 25 -11.55 13.76 -14.95
CA ILE IA 25 -11.84 12.34 -14.77
C ILE IA 25 -12.99 12.29 -13.78
N GLN IA 26 -14.19 11.94 -14.25
CA GLN IA 26 -15.38 11.97 -13.42
C GLN IA 26 -15.92 10.56 -13.24
N GLY IA 27 -16.25 10.22 -11.99
CA GLY IA 27 -16.87 8.93 -11.70
C GLY IA 27 -18.18 9.10 -10.96
N THR IA 28 -19.24 8.45 -11.45
CA THR IA 28 -20.55 8.52 -10.85
C THR IA 28 -20.83 7.22 -10.10
N PHE IA 29 -21.21 7.35 -8.84
CA PHE IA 29 -21.45 6.17 -8.02
C PHE IA 29 -22.64 5.38 -8.52
N GLY IA 30 -22.78 4.17 -8.03
CA GLY IA 30 -23.88 3.32 -8.41
C GLY IA 30 -23.53 1.86 -8.22
N ASN IA 31 -24.39 1.00 -8.78
CA ASN IA 31 -24.22 -0.45 -8.72
C ASN IA 31 -24.15 -0.94 -7.29
N SER IA 32 -22.94 -1.20 -6.80
CA SER IA 32 -22.74 -1.70 -5.44
C SER IA 32 -22.53 -0.59 -4.41
N ALA IA 33 -22.61 0.67 -4.82
CA ALA IA 33 -22.46 1.77 -3.89
C ALA IA 33 -23.71 1.89 -3.01
N ALA IA 34 -23.58 2.65 -1.93
CA ALA IA 34 -24.68 2.85 -1.01
C ALA IA 34 -25.81 3.63 -1.68
N ILE IA 35 -27.03 3.39 -1.22
CA ILE IA 35 -28.20 4.05 -1.79
C ILE IA 35 -28.15 5.56 -1.55
N LYS IA 36 -27.62 5.98 -0.40
CA LYS IA 36 -27.58 7.40 -0.08
C LYS IA 36 -26.71 8.16 -1.07
N ILE IA 37 -25.64 7.55 -1.55
CA ILE IA 37 -24.70 8.21 -2.45
C ILE IA 37 -24.85 7.65 -3.85
N LYS IA 38 -26.06 7.16 -4.17
CA LYS IA 38 -26.25 6.37 -5.38
C LYS IA 38 -25.91 7.15 -6.65
N ASN IA 39 -26.16 8.46 -6.68
CA ASN IA 39 -26.00 9.22 -7.91
C ASN IA 39 -25.05 10.42 -7.77
N GLN IA 40 -24.24 10.46 -6.73
CA GLN IA 40 -23.27 11.53 -6.61
C GLN IA 40 -22.05 11.26 -7.49
N THR IA 41 -21.22 12.28 -7.66
CA THR IA 41 -20.05 12.20 -8.53
C THR IA 41 -18.80 12.63 -7.78
N LEU IA 42 -17.67 12.06 -8.19
CA LEU IA 42 -16.36 12.44 -7.71
C LEU IA 42 -15.46 12.70 -8.90
N THR IA 43 -14.83 13.87 -8.94
CA THR IA 43 -14.09 14.29 -10.12
C THR IA 43 -12.67 14.72 -9.75
N TRP IA 44 -11.73 14.38 -10.62
CA TRP IA 44 -10.36 14.88 -10.58
C TRP IA 44 -10.19 15.82 -11.76
N THR IA 45 -9.87 17.09 -11.47
CA THR IA 45 -9.71 18.09 -12.50
C THR IA 45 -8.27 18.57 -12.55
N ARG IA 46 -7.77 18.76 -13.78
CA ARG IA 46 -6.40 19.19 -14.03
C ARG IA 46 -6.45 20.50 -14.81
N THR IA 47 -5.87 21.56 -14.23
CA THR IA 47 -5.81 22.85 -14.87
C THR IA 47 -4.84 22.82 -16.04
N PRO IA 48 -4.95 23.78 -16.97
CA PRO IA 48 -4.01 23.82 -18.10
C PRO IA 48 -2.55 23.93 -17.68
N GLU IA 49 -2.27 24.45 -16.49
CA GLU IA 49 -0.90 24.52 -15.99
C GLU IA 49 -0.39 23.19 -15.45
N GLY IA 50 -1.24 22.19 -15.34
CA GLY IA 50 -0.83 20.89 -14.87
C GLY IA 50 -1.06 20.60 -13.40
N ALA IA 51 -1.97 21.32 -12.75
CA ALA IA 51 -2.25 21.13 -11.34
C ALA IA 51 -3.50 20.28 -11.18
N TRP IA 52 -3.39 19.18 -10.44
CA TRP IA 52 -4.49 18.25 -10.22
C TRP IA 52 -5.17 18.57 -8.89
N SER IA 53 -6.49 18.42 -8.86
CA SER IA 53 -7.25 18.61 -7.64
C SER IA 53 -8.49 17.72 -7.71
N CYS IA 54 -9.11 17.50 -6.56
CA CYS IA 54 -10.26 16.62 -6.45
C CYS IA 54 -11.45 17.35 -5.86
N ALA IA 55 -12.64 16.93 -6.28
CA ALA IA 55 -13.89 17.48 -5.75
C ALA IA 55 -14.94 16.39 -5.78
N THR IA 56 -16.00 16.58 -4.99
CA THR IA 56 -17.08 15.62 -4.94
C THR IA 56 -18.35 16.31 -4.47
N THR IA 57 -19.49 15.81 -4.94
CA THR IA 57 -20.80 16.35 -4.59
C THR IA 57 -21.46 15.61 -3.45
N VAL IA 58 -20.77 14.63 -2.84
CA VAL IA 58 -21.31 13.87 -1.74
C VAL IA 58 -21.36 14.78 -0.51
N GLU IA 59 -22.12 14.38 0.51
CA GLU IA 59 -22.23 15.18 1.72
C GLU IA 59 -20.88 15.27 2.43
N ALA IA 60 -20.72 16.34 3.20
CA ALA IA 60 -19.46 16.59 3.91
C ALA IA 60 -19.15 15.52 4.95
N LYS IA 61 -20.15 14.78 5.41
CA LYS IA 61 -19.91 13.72 6.37
C LYS IA 61 -19.02 12.64 5.78
N PHE IA 62 -19.26 12.27 4.53
CA PHE IA 62 -18.55 11.18 3.87
C PHE IA 62 -17.33 11.65 3.09
N LYS IA 63 -17.05 12.94 3.06
CA LYS IA 63 -15.92 13.45 2.30
C LYS IA 63 -14.62 13.09 2.99
N PRO IA 64 -13.67 12.44 2.32
CA PRO IA 64 -12.34 12.30 2.88
C PRO IA 64 -11.61 13.63 2.93
N ALA IA 65 -10.56 13.68 3.76
CA ALA IA 65 -9.84 14.92 3.97
C ALA IA 65 -9.18 15.45 2.70
N GLY IA 66 -8.95 14.58 1.71
CA GLY IA 66 -8.27 15.02 0.50
C GLY IA 66 -9.17 15.67 -0.54
N CYS IA 67 -10.49 15.56 -0.39
CA CYS IA 67 -11.43 16.12 -1.35
C CYS IA 67 -12.45 17.02 -0.69
N ALA IA 68 -12.07 17.65 0.43
CA ALA IA 68 -12.97 18.57 1.12
C ALA IA 68 -12.85 19.97 0.50
N SER IA 69 -13.35 20.06 -0.74
CA SER IA 69 -13.31 21.30 -1.49
C SER IA 69 -14.60 21.52 -2.26
N SER JA 1 7.54 -22.09 -0.79
CA SER JA 1 6.36 -22.24 -1.64
C SER JA 1 6.53 -21.49 -2.96
N THR JA 2 6.36 -22.20 -4.07
CA THR JA 2 6.47 -21.63 -5.40
C THR JA 2 5.13 -21.74 -6.11
N ALA JA 3 5.04 -21.06 -7.25
CA ALA JA 3 3.82 -21.13 -8.05
C ALA JA 3 3.58 -22.54 -8.57
N ALA JA 4 4.65 -23.23 -8.99
CA ALA JA 4 4.50 -24.60 -9.48
C ALA JA 4 4.05 -25.54 -8.37
N VAL JA 5 4.64 -25.41 -7.18
CA VAL JA 5 4.36 -26.29 -6.05
C VAL JA 5 4.08 -25.40 -4.85
N THR JA 6 2.81 -25.23 -4.50
CA THR JA 6 2.44 -24.50 -3.30
C THR JA 6 2.51 -25.42 -2.08
N GLY JA 7 2.59 -24.80 -0.91
CA GLY JA 7 2.67 -25.57 0.32
C GLY JA 7 1.35 -26.07 0.85
N GLN JA 8 0.24 -25.77 0.18
CA GLN JA 8 -1.08 -26.17 0.63
C GLN JA 8 -1.81 -26.86 -0.51
N THR JA 9 -2.52 -27.94 -0.19
CA THR JA 9 -3.26 -28.67 -1.22
C THR JA 9 -4.50 -27.91 -1.67
N GLY JA 10 -5.02 -27.02 -0.83
CA GLY JA 10 -6.21 -26.26 -1.17
C GLY JA 10 -5.98 -25.05 -2.04
N LEU JA 11 -4.73 -24.75 -2.38
CA LEU JA 11 -4.39 -23.61 -3.22
C LEU JA 11 -3.68 -24.10 -4.46
N THR JA 12 -4.16 -23.65 -5.62
CA THR JA 12 -3.59 -24.03 -6.91
C THR JA 12 -3.30 -22.80 -7.73
N ILE JA 13 -2.16 -22.80 -8.41
CA ILE JA 13 -1.74 -21.69 -9.26
C ILE JA 13 -1.58 -22.20 -10.67
N THR JA 14 -2.35 -21.62 -11.59
CA THR JA 14 -2.21 -21.87 -13.02
C THR JA 14 -1.40 -20.73 -13.62
N TYR JA 15 -0.16 -21.03 -14.01
CA TYR JA 15 0.80 -20.04 -14.48
C TYR JA 15 0.86 -20.04 -16.00
N PRO JA 16 0.85 -18.88 -16.64
CA PRO JA 16 0.89 -18.84 -18.11
C PRO JA 16 2.30 -19.11 -18.63
N ALA JA 17 2.40 -20.09 -19.52
CA ALA JA 17 3.66 -20.41 -20.18
C ALA JA 17 3.81 -19.73 -21.53
N SER JA 18 2.78 -19.01 -21.99
CA SER JA 18 2.82 -18.32 -23.27
C SER JA 18 2.12 -16.97 -23.11
N ALA JA 19 2.08 -16.20 -24.19
CA ALA JA 19 1.52 -14.87 -24.18
C ALA JA 19 0.04 -14.83 -24.51
N THR JA 20 -0.60 -15.98 -24.72
CA THR JA 20 -1.99 -16.03 -25.10
C THR JA 20 -2.89 -16.72 -24.08
N GLU JA 21 -2.33 -17.23 -22.98
CA GLU JA 21 -3.12 -17.91 -21.98
C GLU JA 21 -3.23 -17.07 -20.71
N SER JA 22 -4.19 -17.43 -19.87
CA SER JA 22 -4.55 -16.66 -18.69
C SER JA 22 -3.98 -17.30 -17.43
N ALA JA 23 -3.81 -16.48 -16.40
CA ALA JA 23 -3.32 -16.96 -15.11
C ALA JA 23 -4.49 -17.14 -14.15
N ALA JA 24 -4.29 -18.01 -13.15
CA ALA JA 24 -5.36 -18.31 -12.23
C ALA JA 24 -4.81 -18.62 -10.84
N ILE JA 25 -5.52 -18.16 -9.82
CA ILE JA 25 -5.25 -18.48 -8.43
C ILE JA 25 -6.54 -19.04 -7.86
N GLN JA 26 -6.59 -20.35 -7.63
CA GLN JA 26 -7.81 -21.03 -7.20
C GLN JA 26 -7.64 -21.54 -5.78
N GLY JA 27 -8.65 -21.31 -4.94
CA GLY JA 27 -8.66 -21.84 -3.59
C GLY JA 27 -9.93 -22.59 -3.28
N THR JA 28 -9.80 -23.86 -2.91
CA THR JA 28 -10.92 -24.69 -2.53
C THR JA 28 -11.07 -24.65 -1.02
N PHE JA 29 -12.31 -24.49 -0.54
CA PHE JA 29 -12.55 -24.43 0.89
C PHE JA 29 -12.35 -25.80 1.53
N GLY JA 30 -12.32 -25.80 2.85
CA GLY JA 30 -12.18 -27.05 3.59
C GLY JA 30 -11.63 -26.78 4.98
N ASN JA 31 -11.25 -27.88 5.64
CA ASN JA 31 -10.69 -27.84 6.98
C ASN JA 31 -11.60 -27.10 7.96
N SER JA 32 -11.31 -25.84 8.22
CA SER JA 32 -12.06 -25.03 9.17
C SER JA 32 -13.23 -24.30 8.52
N ALA JA 33 -13.51 -24.56 7.24
CA ALA JA 33 -14.65 -23.94 6.59
C ALA JA 33 -15.95 -24.57 7.04
N ALA JA 34 -17.04 -23.86 6.79
CA ALA JA 34 -18.36 -24.39 7.10
C ALA JA 34 -18.67 -25.60 6.24
N ILE JA 35 -19.50 -26.51 6.77
CA ILE JA 35 -19.81 -27.73 6.06
C ILE JA 35 -20.57 -27.42 4.77
N LYS JA 36 -21.37 -26.35 4.77
CA LYS JA 36 -22.15 -26.00 3.59
C LYS JA 36 -21.25 -25.69 2.39
N ILE JA 37 -20.15 -24.98 2.63
CA ILE JA 37 -19.27 -24.55 1.56
C ILE JA 37 -17.98 -25.37 1.58
N LYS JA 38 -18.07 -26.61 2.06
CA LYS JA 38 -16.87 -27.40 2.34
C LYS JA 38 -16.02 -27.64 1.10
N ASN JA 39 -16.64 -27.74 -0.08
CA ASN JA 39 -15.89 -28.12 -1.27
C ASN JA 39 -16.05 -27.13 -2.42
N GLN JA 40 -16.49 -25.90 -2.14
CA GLN JA 40 -16.59 -24.90 -3.18
C GLN JA 40 -15.22 -24.25 -3.42
N THR JA 41 -15.15 -23.45 -4.49
CA THR JA 41 -13.90 -22.83 -4.89
C THR JA 41 -14.10 -21.34 -5.13
N LEU JA 42 -13.04 -20.57 -4.89
CA LEU JA 42 -12.97 -19.15 -5.22
C LEU JA 42 -11.72 -18.92 -6.05
N THR JA 43 -11.88 -18.28 -7.20
CA THR JA 43 -10.77 -18.14 -8.14
C THR JA 43 -10.58 -16.68 -8.53
N TRP JA 44 -9.31 -16.30 -8.66
CA TRP JA 44 -8.90 -15.02 -9.23
C TRP JA 44 -8.25 -15.31 -10.57
N THR JA 45 -8.86 -14.84 -11.65
CA THR JA 45 -8.35 -15.09 -12.99
C THR JA 45 -7.85 -13.80 -13.61
N ARG JA 46 -6.74 -13.91 -14.34
CA ARG JA 46 -6.08 -12.79 -14.99
C ARG JA 46 -5.99 -13.06 -16.47
N THR JA 47 -6.62 -12.19 -17.27
CA THR JA 47 -6.61 -12.31 -18.72
C THR JA 47 -5.22 -12.00 -19.26
N PRO JA 48 -4.92 -12.43 -20.49
CA PRO JA 48 -3.61 -12.09 -21.07
C PRO JA 48 -3.34 -10.60 -21.19
N GLU JA 49 -4.38 -9.77 -21.21
CA GLU JA 49 -4.20 -8.33 -21.25
C GLU JA 49 -3.85 -7.74 -19.89
N GLY JA 50 -3.90 -8.53 -18.83
CA GLY JA 50 -3.56 -8.06 -17.50
C GLY JA 50 -4.72 -7.63 -16.63
N ALA JA 51 -5.94 -8.06 -16.94
CA ALA JA 51 -7.12 -7.68 -16.17
C ALA JA 51 -7.47 -8.81 -15.21
N TRP JA 52 -7.62 -8.46 -13.93
CA TRP JA 52 -7.94 -9.42 -12.89
C TRP JA 52 -9.44 -9.40 -12.58
N SER JA 53 -9.98 -10.56 -12.24
CA SER JA 53 -11.38 -10.67 -11.85
C SER JA 53 -11.54 -11.87 -10.93
N CYS JA 54 -12.65 -11.90 -10.21
CA CYS JA 54 -12.90 -12.93 -9.21
C CYS JA 54 -14.21 -13.65 -9.50
N ALA JA 55 -14.21 -14.96 -9.28
CA ALA JA 55 -15.40 -15.79 -9.44
C ALA JA 55 -15.50 -16.75 -8.26
N THR JA 56 -16.72 -17.19 -7.96
CA THR JA 56 -16.96 -18.06 -6.83
C THR JA 56 -18.11 -19.00 -7.16
N THR JA 57 -18.03 -20.23 -6.66
CA THR JA 57 -19.04 -21.25 -6.91
C THR JA 57 -19.98 -21.46 -5.73
N VAL JA 58 -19.89 -20.63 -4.69
CA VAL JA 58 -20.79 -20.73 -3.56
C VAL JA 58 -22.14 -20.10 -3.95
N GLU JA 59 -23.16 -20.29 -3.12
CA GLU JA 59 -24.46 -19.72 -3.40
C GLU JA 59 -24.39 -18.19 -3.39
N ALA JA 60 -25.42 -17.59 -3.99
CA ALA JA 60 -25.41 -16.13 -4.18
C ALA JA 60 -25.46 -15.40 -2.85
N LYS JA 61 -26.21 -15.93 -1.87
CA LYS JA 61 -26.34 -15.25 -0.59
C LYS JA 61 -25.03 -15.20 0.19
N PHE JA 62 -24.08 -16.07 -0.13
CA PHE JA 62 -22.77 -16.04 0.51
C PHE JA 62 -21.74 -15.22 -0.25
N LYS JA 63 -22.06 -14.78 -1.46
CA LYS JA 63 -21.09 -14.07 -2.29
C LYS JA 63 -20.96 -12.62 -1.83
N PRO JA 64 -19.75 -12.13 -1.57
CA PRO JA 64 -19.56 -10.71 -1.36
C PRO JA 64 -19.77 -9.94 -2.67
N ALA JA 65 -19.95 -8.62 -2.52
CA ALA JA 65 -20.23 -7.79 -3.69
C ALA JA 65 -19.10 -7.81 -4.70
N GLY JA 66 -17.87 -8.10 -4.25
CA GLY JA 66 -16.74 -8.11 -5.17
C GLY JA 66 -16.82 -9.23 -6.19
N CYS JA 67 -17.18 -10.43 -5.75
CA CYS JA 67 -17.22 -11.61 -6.62
C CYS JA 67 -18.64 -12.03 -6.94
N ALA JA 68 -19.54 -11.05 -7.12
CA ALA JA 68 -20.92 -11.35 -7.45
C ALA JA 68 -21.08 -11.93 -8.85
N SER JA 69 -20.08 -11.78 -9.71
CA SER JA 69 -20.14 -12.30 -11.06
C SER JA 69 -20.08 -13.83 -11.07
N SER KA 1 6.12 1.93 26.27
CA SER KA 1 6.28 0.49 26.14
C SER KA 1 7.13 0.14 24.94
N THR KA 2 8.23 -0.57 25.18
CA THR KA 2 9.15 -0.99 24.13
C THR KA 2 9.20 -2.51 24.08
N ALA KA 3 9.86 -3.02 23.03
CA ALA KA 3 10.04 -4.46 22.91
C ALA KA 3 10.92 -5.01 24.01
N ALA KA 4 11.95 -4.25 24.40
CA ALA KA 4 12.85 -4.70 25.46
C ALA KA 4 12.12 -4.81 26.80
N VAL KA 5 11.31 -3.80 27.14
CA VAL KA 5 10.54 -3.81 28.37
C VAL KA 5 9.15 -3.25 28.08
N THR KA 6 8.13 -3.95 28.53
CA THR KA 6 6.75 -3.53 28.35
C THR KA 6 6.15 -3.08 29.68
N GLY KA 7 5.02 -2.39 29.59
CA GLY KA 7 4.35 -1.90 30.77
C GLY KA 7 3.51 -2.93 31.52
N GLN KA 8 3.43 -4.15 31.01
CA GLN KA 8 2.64 -5.20 31.63
C GLN KA 8 3.50 -6.43 31.86
N THR KA 9 3.36 -7.03 33.04
CA THR KA 9 4.16 -8.22 33.36
C THR KA 9 3.65 -9.46 32.62
N GLY KA 10 2.37 -9.48 32.28
CA GLY KA 10 1.79 -10.63 31.61
C GLY KA 10 2.12 -10.75 30.14
N LEU KA 11 2.77 -9.74 29.56
CA LEU KA 11 3.14 -9.73 28.15
C LEU KA 11 4.65 -9.64 28.03
N THR KA 12 5.23 -10.53 27.24
CA THR KA 12 6.67 -10.52 27.00
C THR KA 12 6.93 -10.71 25.51
N ILE KA 13 8.08 -10.21 25.06
CA ILE KA 13 8.46 -10.29 23.66
C ILE KA 13 9.91 -10.75 23.56
N THR KA 14 10.13 -11.81 22.80
CA THR KA 14 11.47 -12.26 22.45
C THR KA 14 11.81 -11.68 21.08
N TYR KA 15 12.80 -10.80 21.04
CA TYR KA 15 13.20 -10.05 19.85
C TYR KA 15 14.43 -10.70 19.23
N PRO KA 16 14.47 -10.87 17.92
CA PRO KA 16 15.63 -11.50 17.28
C PRO KA 16 16.79 -10.53 17.18
N ALA KA 17 17.93 -10.92 17.75
CA ALA KA 17 19.15 -10.15 17.66
C ALA KA 17 20.04 -10.57 16.49
N SER KA 18 19.67 -11.63 15.78
CA SER KA 18 20.44 -12.11 14.63
C SER KA 18 19.46 -12.50 13.53
N ALA KA 19 20.00 -12.97 12.42
CA ALA KA 19 19.20 -13.33 11.26
C ALA KA 19 18.78 -14.79 11.25
N THR KA 20 19.12 -15.57 12.28
CA THR KA 20 18.82 -16.99 12.33
C THR KA 20 18.00 -17.38 13.55
N GLU KA 21 17.29 -16.44 14.15
CA GLU KA 21 16.47 -16.72 15.32
C GLU KA 21 15.07 -16.14 15.12
N SER KA 22 14.11 -16.75 15.82
CA SER KA 22 12.70 -16.42 15.66
C SER KA 22 12.28 -15.37 16.67
N ALA KA 23 11.19 -14.67 16.34
CA ALA KA 23 10.60 -13.68 17.23
C ALA KA 23 9.35 -14.27 17.89
N ALA KA 24 9.01 -13.74 19.06
CA ALA KA 24 7.88 -14.28 19.81
C ALA KA 24 7.18 -13.19 20.60
N ILE KA 25 5.86 -13.26 20.62
CA ILE KA 25 5.02 -12.40 21.46
C ILE KA 25 4.18 -13.33 22.32
N GLN KA 26 4.46 -13.36 23.63
CA GLN KA 26 3.81 -14.30 24.54
C GLN KA 26 2.98 -13.52 25.56
N GLY KA 27 1.76 -14.00 25.81
CA GLY KA 27 0.91 -13.42 26.82
C GLY KA 27 0.40 -14.47 27.78
N THR KA 28 0.58 -14.22 29.08
CA THR KA 28 0.15 -15.14 30.13
C THR KA 28 -1.14 -14.61 30.75
N PHE KA 29 -2.15 -15.47 30.83
CA PHE KA 29 -3.43 -15.07 31.37
C PHE KA 29 -3.33 -14.75 32.85
N GLY KA 30 -4.26 -13.94 33.34
CA GLY KA 30 -4.28 -13.57 34.73
C GLY KA 30 -5.27 -12.45 34.97
N ASN KA 31 -5.16 -11.84 36.16
CA ASN KA 31 -5.98 -10.70 36.53
C ASN KA 31 -7.47 -11.02 36.41
N SER KA 32 -8.09 -10.59 35.32
CA SER KA 32 -9.52 -10.79 35.10
C SER KA 32 -9.82 -12.03 34.27
N ALA KA 33 -8.82 -12.86 34.00
CA ALA KA 33 -9.06 -14.10 33.29
C ALA KA 33 -9.75 -15.11 34.19
N ALA KA 34 -10.31 -16.14 33.57
CA ALA KA 34 -10.96 -17.21 34.32
C ALA KA 34 -9.94 -17.98 35.16
N ILE KA 35 -10.42 -18.55 36.26
CA ILE KA 35 -9.55 -19.28 37.17
C ILE KA 35 -8.99 -20.53 36.48
N LYS KA 36 -9.79 -21.16 35.62
CA LYS KA 36 -9.35 -22.38 34.96
C LYS KA 36 -8.14 -22.14 34.07
N ILE KA 37 -8.04 -20.97 33.46
CA ILE KA 37 -6.94 -20.66 32.54
C ILE KA 37 -6.05 -19.58 33.15
N LYS KA 38 -6.00 -19.51 34.48
CA LYS KA 38 -5.35 -18.41 35.19
C LYS KA 38 -3.85 -18.32 34.93
N ASN KA 39 -3.21 -19.36 34.40
CA ASN KA 39 -1.77 -19.31 34.23
C ASN KA 39 -1.29 -19.86 32.89
N GLN KA 40 -2.19 -20.11 31.94
CA GLN KA 40 -1.77 -20.57 30.63
C GLN KA 40 -1.22 -19.42 29.80
N THR KA 41 -0.62 -19.76 28.66
CA THR KA 41 0.02 -18.78 27.79
C THR KA 41 -0.50 -18.92 26.37
N LEU KA 42 -0.50 -17.80 25.65
CA LEU KA 42 -0.79 -17.78 24.22
C LEU KA 42 0.33 -17.01 23.53
N THR KA 43 0.92 -17.62 22.50
CA THR KA 43 2.11 -17.07 21.87
C THR KA 43 1.94 -16.97 20.35
N TRP KA 44 2.50 -15.90 19.80
CA TRP KA 44 2.65 -15.74 18.36
C TRP KA 44 4.13 -15.86 18.03
N THR KA 45 4.47 -16.78 17.15
CA THR KA 45 5.85 -17.06 16.79
C THR KA 45 6.09 -16.70 15.33
N ARG KA 46 7.20 -16.00 15.08
CA ARG KA 46 7.58 -15.58 13.74
C ARG KA 46 8.91 -16.25 13.39
N THR KA 47 8.90 -17.11 12.38
CA THR KA 47 10.10 -17.78 11.93
C THR KA 47 11.03 -16.79 11.24
N PRO KA 48 12.32 -17.13 11.12
CA PRO KA 48 13.25 -16.21 10.43
C PRO KA 48 12.87 -15.91 8.99
N GLU KA 49 12.07 -16.76 8.36
CA GLU KA 49 11.60 -16.50 7.00
C GLU KA 49 10.43 -15.52 6.96
N GLY KA 50 9.90 -15.12 8.10
CA GLY KA 50 8.80 -14.17 8.15
C GLY KA 50 7.42 -14.76 8.26
N ALA KA 51 7.29 -16.03 8.64
CA ALA KA 51 6.00 -16.69 8.75
C ALA KA 51 5.52 -16.63 10.20
N TRP KA 52 4.28 -16.18 10.39
CA TRP KA 52 3.68 -16.05 11.70
C TRP KA 52 2.74 -17.21 11.98
N SER KA 53 2.72 -17.67 13.23
CA SER KA 53 1.84 -18.74 13.65
C SER KA 53 1.46 -18.51 15.11
N CYS KA 54 0.38 -19.17 15.53
CA CYS KA 54 -0.13 -19.03 16.88
C CYS KA 54 -0.15 -20.37 17.58
N ALA KA 55 0.09 -20.34 18.90
CA ALA KA 55 0.01 -21.53 19.73
C ALA KA 55 -0.51 -21.13 21.10
N THR KA 56 -1.06 -22.11 21.82
CA THR KA 56 -1.58 -21.86 23.16
C THR KA 56 -1.56 -23.16 23.96
N THR KA 57 -1.43 -23.01 25.28
CA THR KA 57 -1.36 -24.14 26.18
C THR KA 57 -2.68 -24.41 26.91
N VAL KA 58 -3.76 -23.74 26.50
CA VAL KA 58 -5.07 -23.96 27.11
C VAL KA 58 -5.62 -25.29 26.63
N GLU KA 59 -6.72 -25.73 27.25
CA GLU KA 59 -7.34 -26.99 26.84
C GLU KA 59 -7.89 -26.87 25.42
N ALA KA 60 -8.11 -28.03 24.80
CA ALA KA 60 -8.51 -28.05 23.39
C ALA KA 60 -9.88 -27.40 23.18
N LYS KA 61 -10.81 -27.62 24.10
CA LYS KA 61 -12.15 -27.07 23.94
C LYS KA 61 -12.19 -25.55 24.01
N PHE KA 62 -11.18 -24.93 24.62
CA PHE KA 62 -11.12 -23.47 24.69
C PHE KA 62 -10.36 -22.85 23.52
N LYS KA 63 -9.69 -23.67 22.71
CA LYS KA 63 -8.87 -23.14 21.63
C LYS KA 63 -9.74 -22.66 20.48
N PRO KA 64 -9.55 -21.44 19.99
CA PRO KA 64 -10.20 -21.03 18.74
C PRO KA 64 -9.60 -21.77 17.56
N ALA KA 65 -10.34 -21.75 16.45
CA ALA KA 65 -9.92 -22.49 15.26
C ALA KA 65 -8.57 -22.01 14.71
N GLY KA 66 -8.17 -20.79 15.03
CA GLY KA 66 -6.92 -20.25 14.50
C GLY KA 66 -5.68 -20.61 15.27
N CYS KA 67 -5.81 -21.25 16.44
CA CYS KA 67 -4.67 -21.62 17.27
C CYS KA 67 -4.79 -23.07 17.72
N ALA KA 68 -5.18 -23.95 16.81
CA ALA KA 68 -5.34 -25.37 17.10
C ALA KA 68 -4.04 -26.15 16.93
N SER KA 69 -2.97 -25.51 16.49
CA SER KA 69 -1.69 -26.19 16.30
C SER KA 69 -0.74 -25.92 17.47
N SER LA 1 -25.59 15.47 15.11
CA SER LA 1 -24.84 15.36 16.35
C SER LA 1 -23.34 15.52 16.10
N THR LA 2 -22.75 16.55 16.70
CA THR LA 2 -21.33 16.85 16.57
C THR LA 2 -20.66 16.73 17.93
N ALA LA 3 -19.33 16.79 17.90
CA ALA LA 3 -18.57 16.77 19.16
C ALA LA 3 -18.82 18.03 19.97
N ALA LA 4 -18.97 19.18 19.29
CA ALA LA 4 -19.22 20.43 20.01
C ALA LA 4 -20.57 20.40 20.72
N VAL LA 5 -21.61 19.90 20.05
CA VAL LA 5 -22.93 19.79 20.65
C VAL LA 5 -23.56 18.48 20.17
N THR LA 6 -24.10 17.70 21.10
CA THR LA 6 -24.74 16.43 20.79
C THR LA 6 -26.25 16.56 20.94
N GLY LA 7 -26.96 15.59 20.38
CA GLY LA 7 -28.41 15.58 20.45
C GLY LA 7 -28.99 15.10 21.75
N GLN LA 8 -28.16 14.66 22.69
CA GLN LA 8 -28.62 14.16 23.97
C GLN LA 8 -27.95 14.94 25.09
N THR LA 9 -28.72 15.32 26.10
CA THR LA 9 -28.19 16.08 27.22
C THR LA 9 -27.36 15.21 28.16
N GLY LA 10 -27.53 13.90 28.12
CA GLY LA 10 -26.80 12.99 28.98
C GLY LA 10 -25.45 12.57 28.47
N LEU LA 11 -25.00 13.08 27.33
CA LEU LA 11 -23.72 12.72 26.75
C LEU LA 11 -22.94 13.99 26.45
N THR LA 12 -21.70 14.06 26.92
CA THR LA 12 -20.83 15.20 26.71
C THR LA 12 -19.50 14.75 26.14
N ILE LA 13 -18.92 15.59 25.28
CA ILE LA 13 -17.63 15.31 24.66
C ILE LA 13 -16.68 16.45 24.99
N THR LA 14 -15.56 16.13 25.62
CA THR LA 14 -14.47 17.07 25.83
C THR LA 14 -13.43 16.82 24.74
N TYR LA 15 -13.36 17.73 23.77
CA TYR LA 15 -12.53 17.61 22.59
C TYR LA 15 -11.24 18.39 22.76
N PRO LA 16 -10.09 17.79 22.49
CA PRO LA 16 -8.83 18.52 22.65
C PRO LA 16 -8.71 19.66 21.65
N ALA LA 17 -8.03 20.73 22.08
CA ALA LA 17 -7.74 21.86 21.22
C ALA LA 17 -6.24 22.04 20.97
N SER LA 18 -5.39 21.40 21.77
CA SER LA 18 -3.95 21.47 21.60
C SER LA 18 -3.38 20.06 21.69
N ALA LA 19 -2.06 19.96 21.64
CA ALA LA 19 -1.37 18.68 21.65
C ALA LA 19 -1.13 18.13 23.06
N THR LA 20 -1.53 18.86 24.10
CA THR LA 20 -1.30 18.43 25.47
C THR LA 20 -2.59 18.11 26.22
N GLU LA 21 -3.75 18.34 25.63
CA GLU LA 21 -5.01 18.07 26.30
C GLU LA 21 -5.48 16.65 26.02
N SER LA 22 -6.39 16.19 26.87
CA SER LA 22 -6.91 14.83 26.81
C SER LA 22 -8.37 14.83 26.40
N ALA LA 23 -8.76 13.86 25.59
CA ALA LA 23 -10.14 13.77 25.14
C ALA LA 23 -10.99 13.00 26.14
N ALA LA 24 -12.29 13.24 26.12
CA ALA LA 24 -13.18 12.58 27.06
C ALA LA 24 -14.56 12.41 26.47
N ILE LA 25 -15.17 11.26 26.74
CA ILE LA 25 -16.56 10.96 26.39
C ILE LA 25 -17.26 10.59 27.68
N GLN LA 26 -18.14 11.44 28.17
CA GLN LA 26 -18.79 11.25 29.46
C GLN LA 26 -20.28 11.02 29.25
N GLY LA 27 -20.83 10.02 29.93
CA GLY LA 27 -22.25 9.75 29.88
C GLY LA 27 -22.85 9.66 31.27
N THR LA 28 -23.87 10.47 31.54
CA THR LA 28 -24.55 10.48 32.83
C THR LA 28 -25.82 9.66 32.73
N PHE LA 29 -26.02 8.76 33.69
CA PHE LA 29 -27.19 7.90 33.67
C PHE LA 29 -28.45 8.71 33.94
N GLY LA 30 -29.59 8.12 33.56
CA GLY LA 30 -30.86 8.76 33.78
C GLY LA 30 -31.93 8.14 32.91
N ASN LA 31 -33.09 8.80 32.89
CA ASN LA 31 -34.23 8.39 32.09
C ASN LA 31 -34.68 6.97 32.44
N SER LA 32 -34.28 5.99 31.65
CA SER LA 32 -34.66 4.60 31.86
C SER LA 32 -33.66 3.83 32.72
N ALA LA 33 -32.66 4.50 33.26
CA ALA LA 33 -31.71 3.85 34.15
C ALA LA 33 -32.36 3.60 35.51
N ALA LA 34 -31.71 2.74 36.30
CA ALA LA 34 -32.20 2.43 37.64
C ALA LA 34 -32.10 3.65 38.54
N ILE LA 35 -32.97 3.70 39.55
CA ILE LA 35 -32.97 4.82 40.48
C ILE LA 35 -31.68 4.88 41.28
N LYS LA 36 -31.12 3.72 41.62
CA LYS LA 36 -29.90 3.68 42.42
C LYS LA 36 -28.75 4.38 41.73
N ILE LA 37 -28.70 4.32 40.40
CA ILE LA 37 -27.58 4.87 39.63
C ILE LA 37 -28.06 6.06 38.80
N LYS LA 38 -29.10 6.73 39.27
CA LYS LA 38 -29.80 7.72 38.46
C LYS LA 38 -28.93 8.90 38.05
N ASN LA 39 -27.84 9.17 38.78
CA ASN LA 39 -27.02 10.34 38.48
C ASN LA 39 -25.52 10.04 38.43
N GLN LA 40 -25.12 8.77 38.34
CA GLN LA 40 -23.71 8.46 38.21
C GLN LA 40 -23.26 8.68 36.76
N THR LA 41 -21.94 8.65 36.56
CA THR LA 41 -21.36 8.91 35.25
C THR LA 41 -20.38 7.79 34.88
N LEU LA 42 -20.25 7.56 33.58
CA LEU LA 42 -19.26 6.66 33.03
C LEU LA 42 -18.48 7.41 31.95
N THR LA 43 -17.16 7.41 32.04
CA THR LA 43 -16.33 8.21 31.16
C THR LA 43 -15.25 7.38 30.50
N TRP LA 44 -15.01 7.65 29.23
CA TRP LA 44 -13.88 7.14 28.47
C TRP LA 44 -12.91 8.29 28.25
N THR LA 45 -11.70 8.18 28.80
CA THR LA 45 -10.71 9.24 28.70
C THR LA 45 -9.55 8.77 27.84
N ARG LA 46 -9.04 9.69 27.02
CA ARG LA 46 -7.95 9.42 26.10
C ARG LA 46 -6.80 10.40 26.39
N THR LA 47 -5.65 9.85 26.75
CA THR LA 47 -4.48 10.65 27.04
C THR LA 47 -3.92 11.26 25.75
N PRO LA 48 -3.11 12.31 25.85
CA PRO LA 48 -2.53 12.91 24.64
C PRO LA 48 -1.70 11.94 23.82
N GLU LA 49 -1.14 10.91 24.44
CA GLU LA 49 -0.37 9.90 23.70
C GLU LA 49 -1.26 8.93 22.94
N GLY LA 50 -2.56 8.94 23.18
CA GLY LA 50 -3.49 8.10 22.46
C GLY LA 50 -3.92 6.83 23.16
N ALA LA 51 -3.95 6.83 24.49
CA ALA LA 51 -4.36 5.66 25.26
C ALA LA 51 -5.75 5.88 25.83
N TRP LA 52 -6.65 4.94 25.58
CA TRP LA 52 -8.04 5.01 26.03
C TRP LA 52 -8.22 4.19 27.29
N SER LA 53 -9.01 4.71 28.22
CA SER LA 53 -9.33 3.98 29.45
C SER LA 53 -10.72 4.38 29.91
N CYS LA 54 -11.33 3.53 30.73
CA CYS LA 54 -12.68 3.74 31.21
C CYS LA 54 -12.69 3.90 32.72
N ALA LA 55 -13.65 4.71 33.20
CA ALA LA 55 -13.85 4.90 34.62
C ALA LA 55 -15.33 5.17 34.88
N THR LA 56 -15.75 4.98 36.12
CA THR LA 56 -17.13 5.21 36.48
C THR LA 56 -17.22 5.51 37.97
N THR LA 57 -18.26 6.24 38.35
CA THR LA 57 -18.51 6.61 39.74
C THR LA 57 -19.57 5.73 40.39
N VAL LA 58 -19.99 4.67 39.71
CA VAL LA 58 -21.01 3.76 40.25
C VAL LA 58 -20.34 2.90 41.31
N GLU LA 59 -21.15 2.18 42.09
CA GLU LA 59 -20.61 1.34 43.16
C GLU LA 59 -19.78 0.21 42.58
N ALA LA 60 -18.93 -0.36 43.42
CA ALA LA 60 -17.98 -1.39 42.97
C ALA LA 60 -18.72 -2.64 42.50
N LYS LA 61 -19.78 -3.03 43.19
CA LYS LA 61 -20.51 -4.24 42.84
C LYS LA 61 -21.25 -4.13 41.52
N PHE LA 62 -21.40 -2.92 40.98
CA PHE LA 62 -22.03 -2.72 39.68
C PHE LA 62 -21.03 -2.55 38.55
N LYS LA 63 -19.76 -2.34 38.87
CA LYS LA 63 -18.75 -2.09 37.84
C LYS LA 63 -18.44 -3.38 37.08
N PRO LA 64 -18.45 -3.35 35.74
CA PRO LA 64 -17.90 -4.48 34.99
C PRO LA 64 -16.39 -4.52 35.14
N ALA LA 65 -15.82 -5.69 34.83
CA ALA LA 65 -14.38 -5.89 35.01
C ALA LA 65 -13.56 -4.93 34.15
N GLY LA 66 -14.10 -4.48 33.02
CA GLY LA 66 -13.36 -3.61 32.13
C GLY LA 66 -13.11 -2.23 32.72
N CYS LA 67 -14.12 -1.65 33.37
CA CYS LA 67 -14.07 -0.28 33.84
C CYS LA 67 -13.66 -0.17 35.30
N ALA LA 68 -13.32 -1.29 35.95
CA ALA LA 68 -12.86 -1.24 37.33
C ALA LA 68 -11.51 -0.52 37.41
N SER LA 69 -11.40 0.38 38.37
CA SER LA 69 -10.18 1.17 38.54
C SER LA 69 -9.23 0.50 39.53
N SER MA 1 -18.09 -35.68 27.33
CA SER MA 1 -19.35 -35.27 26.73
C SER MA 1 -19.13 -34.62 25.37
N THR MA 2 -19.24 -35.43 24.31
CA THR MA 2 -19.05 -34.96 22.95
C THR MA 2 -20.29 -35.30 22.13
N ALA MA 3 -20.33 -34.74 20.91
CA ALA MA 3 -21.47 -34.98 20.03
C ALA MA 3 -21.56 -36.46 19.65
N ALA MA 4 -20.41 -37.09 19.38
CA ALA MA 4 -20.42 -38.50 19.01
C ALA MA 4 -20.90 -39.38 20.17
N VAL MA 5 -20.43 -39.10 21.38
CA VAL MA 5 -20.79 -39.89 22.57
C VAL MA 5 -21.26 -38.90 23.62
N THR MA 6 -22.57 -38.83 23.83
CA THR MA 6 -23.13 -37.97 24.87
C THR MA 6 -22.92 -38.60 26.25
N GLY MA 7 -23.12 -37.77 27.27
CA GLY MA 7 -22.92 -38.24 28.64
C GLY MA 7 -23.92 -39.32 29.05
N GLN MA 8 -25.18 -39.15 28.68
CA GLN MA 8 -26.24 -40.05 29.08
C GLN MA 8 -26.94 -40.63 27.86
N THR MA 9 -27.60 -41.78 28.08
CA THR MA 9 -28.25 -42.48 26.98
C THR MA 9 -29.53 -41.80 26.52
N GLY MA 10 -30.11 -40.92 27.33
CA GLY MA 10 -31.34 -40.25 26.96
C GLY MA 10 -31.19 -39.14 25.95
N LEU MA 11 -29.96 -38.75 25.64
CA LEU MA 11 -29.69 -37.68 24.68
C LEU MA 11 -28.89 -38.24 23.51
N THR MA 12 -29.34 -37.93 22.29
CA THR MA 12 -28.71 -38.41 21.08
C THR MA 12 -28.48 -37.22 20.14
N ILE MA 13 -27.31 -37.18 19.52
CA ILE MA 13 -26.96 -36.12 18.58
C ILE MA 13 -26.70 -36.74 17.22
N THR MA 14 -27.49 -36.35 16.23
CA THR MA 14 -27.25 -36.72 14.84
C THR MA 14 -26.51 -35.56 14.18
N TYR MA 15 -25.21 -35.76 13.94
CA TYR MA 15 -24.31 -34.75 13.42
C TYR MA 15 -24.12 -34.93 11.92
N PRO MA 16 -24.36 -33.91 11.11
CA PRO MA 16 -24.19 -34.06 9.67
C PRO MA 16 -22.73 -34.26 9.29
N ALA MA 17 -22.52 -35.06 8.24
CA ALA MA 17 -21.19 -35.30 7.71
C ALA MA 17 -20.98 -34.70 6.33
N SER MA 18 -22.04 -34.27 5.66
CA SER MA 18 -21.96 -33.64 4.34
C SER MA 18 -22.80 -32.36 4.36
N ALA MA 19 -22.83 -31.69 3.22
CA ALA MA 19 -23.51 -30.40 3.10
C ALA MA 19 -24.99 -30.54 2.82
N THR MA 20 -25.51 -31.77 2.69
CA THR MA 20 -26.91 -31.99 2.38
C THR MA 20 -27.69 -32.66 3.51
N GLU MA 21 -27.04 -33.03 4.60
CA GLU MA 21 -27.72 -33.67 5.71
C GLU MA 21 -28.17 -32.65 6.74
N SER MA 22 -29.07 -33.09 7.62
CA SER MA 22 -29.67 -32.25 8.64
C SER MA 22 -29.21 -32.70 10.02
N ALA MA 23 -29.02 -31.73 10.92
CA ALA MA 23 -28.60 -32.03 12.27
C ALA MA 23 -29.81 -32.28 13.17
N ALA MA 24 -29.58 -33.01 14.25
CA ALA MA 24 -30.68 -33.34 15.15
C ALA MA 24 -30.19 -33.49 16.58
N ILE MA 25 -30.99 -33.00 17.53
CA ILE MA 25 -30.76 -33.19 18.95
C ILE MA 25 -32.03 -33.81 19.52
N GLN MA 26 -31.96 -35.09 19.90
CA GLN MA 26 -33.13 -35.83 20.32
C GLN MA 26 -33.00 -36.20 21.79
N GLY MA 27 -34.07 -35.99 22.56
CA GLY MA 27 -34.09 -36.38 23.95
C GLY MA 27 -35.30 -37.24 24.27
N THR MA 28 -35.05 -38.42 24.81
CA THR MA 28 -36.11 -39.34 25.21
C THR MA 28 -36.37 -39.19 26.71
N PHE MA 29 -37.64 -39.04 27.07
CA PHE MA 29 -37.99 -38.86 28.47
C PHE MA 29 -37.72 -40.15 29.25
N GLY MA 30 -37.74 -40.01 30.58
CA GLY MA 30 -37.54 -41.15 31.44
C GLY MA 30 -37.03 -40.71 32.80
N ASN MA 31 -36.59 -41.70 33.58
CA ASN MA 31 -36.04 -41.48 34.91
C ASN MA 31 -37.04 -40.78 35.81
N SER MA 32 -36.91 -39.47 35.96
CA SER MA 32 -37.79 -38.69 36.83
C SER MA 32 -38.96 -38.07 36.08
N ALA MA 33 -39.15 -38.41 34.82
CA ALA MA 33 -40.30 -37.93 34.07
C ALA MA 33 -41.57 -38.67 34.51
N ALA MA 34 -42.71 -38.12 34.12
CA ALA MA 34 -43.98 -38.74 34.44
C ALA MA 34 -44.13 -40.07 33.71
N ILE MA 35 -44.92 -40.97 34.31
CA ILE MA 35 -45.13 -42.28 33.71
C ILE MA 35 -45.85 -42.17 32.38
N LYS MA 36 -46.77 -41.22 32.26
CA LYS MA 36 -47.55 -41.07 31.03
C LYS MA 36 -46.64 -40.73 29.84
N ILE MA 37 -45.59 -39.95 30.07
CA ILE MA 37 -44.70 -39.52 28.99
C ILE MA 37 -43.36 -40.24 29.11
N LYS MA 38 -43.38 -41.44 29.68
CA LYS MA 38 -42.14 -42.10 30.06
C LYS MA 38 -41.22 -42.38 28.86
N ASN MA 39 -41.79 -42.71 27.70
CA ASN MA 39 -40.96 -43.12 26.56
C ASN MA 39 -41.17 -42.24 25.34
N GLN MA 40 -41.73 -41.05 25.51
CA GLN MA 40 -41.87 -40.13 24.39
C GLN MA 40 -40.53 -39.44 24.11
N THR MA 41 -40.51 -38.58 23.10
CA THR MA 41 -39.27 -37.94 22.70
C THR MA 41 -39.54 -36.52 22.22
N LEU MA 42 -38.51 -35.67 22.35
CA LEU MA 42 -38.56 -34.29 21.88
C LEU MA 42 -37.29 -34.03 21.07
N THR MA 43 -37.44 -33.50 19.87
CA THR MA 43 -36.32 -33.34 18.96
C THR MA 43 -36.23 -31.91 18.44
N TRP MA 44 -35.00 -31.42 18.34
CA TRP MA 44 -34.67 -30.17 17.66
C TRP MA 44 -33.93 -30.52 16.38
N THR MA 45 -34.54 -30.21 15.23
CA THR MA 45 -33.94 -30.52 13.94
C THR MA 45 -33.51 -29.26 13.22
N ARG MA 46 -32.36 -29.35 12.55
CA ARG MA 46 -31.77 -28.22 11.84
C ARG MA 46 -31.57 -28.62 10.38
N THR MA 47 -32.22 -27.89 9.49
CA THR MA 47 -32.09 -28.13 8.06
C THR MA 47 -30.70 -27.73 7.58
N PRO MA 48 -30.26 -28.25 6.43
CA PRO MA 48 -28.93 -27.85 5.92
C PRO MA 48 -28.81 -26.37 5.64
N GLU MA 49 -29.92 -25.66 5.41
CA GLU MA 49 -29.87 -24.22 5.23
C GLU MA 49 -29.59 -23.48 6.52
N GLY MA 50 -29.83 -24.11 7.68
CA GLY MA 50 -29.52 -23.49 8.95
C GLY MA 50 -30.75 -23.03 9.73
N ALA MA 51 -31.88 -23.69 9.51
CA ALA MA 51 -33.12 -23.35 10.18
C ALA MA 51 -33.43 -24.41 11.24
N TRP MA 52 -33.70 -23.96 12.46
CA TRP MA 52 -33.99 -24.84 13.58
C TRP MA 52 -35.50 -24.91 13.82
N SER MA 53 -35.97 -26.10 14.18
CA SER MA 53 -37.37 -26.29 14.51
C SER MA 53 -37.47 -27.41 15.54
N CYS MA 54 -38.60 -27.48 16.23
CA CYS MA 54 -38.82 -28.43 17.30
C CYS MA 54 -40.05 -29.29 17.02
N ALA MA 55 -39.94 -30.57 17.32
CA ALA MA 55 -41.05 -31.52 17.19
C ALA MA 55 -41.09 -32.38 18.43
N THR MA 56 -42.28 -32.93 18.72
CA THR MA 56 -42.46 -33.75 19.90
C THR MA 56 -43.57 -34.77 19.64
N THR MA 57 -43.40 -35.96 20.20
CA THR MA 57 -44.37 -37.04 20.04
C THR MA 57 -45.30 -37.19 21.24
N VAL MA 58 -45.29 -36.23 22.17
CA VAL MA 58 -46.14 -36.29 23.35
C VAL MA 58 -47.55 -35.90 22.91
N GLU MA 59 -48.53 -36.11 23.78
CA GLU MA 59 -49.90 -35.74 23.47
C GLU MA 59 -50.01 -34.23 23.23
N ALA MA 60 -51.08 -33.85 22.54
CA ALA MA 60 -51.26 -32.45 22.14
C ALA MA 60 -51.40 -31.54 23.34
N LYS MA 61 -52.15 -31.97 24.36
CA LYS MA 61 -52.39 -31.13 25.53
C LYS MA 61 -51.14 -30.87 26.35
N PHE MA 62 -50.11 -31.70 26.23
CA PHE MA 62 -48.85 -31.49 26.93
C PHE MA 62 -47.85 -30.67 26.13
N LYS MA 63 -48.14 -30.38 24.87
CA LYS MA 63 -47.19 -29.66 24.03
C LYS MA 63 -47.22 -28.17 24.34
N PRO MA 64 -46.06 -27.55 24.59
CA PRO MA 64 -46.02 -26.09 24.66
C PRO MA 64 -46.22 -25.48 23.28
N ALA MA 65 -46.53 -24.18 23.28
CA ALA MA 65 -46.82 -23.49 22.03
C ALA MA 65 -45.64 -23.50 21.07
N GLY MA 66 -44.42 -23.63 21.57
CA GLY MA 66 -43.26 -23.63 20.68
C GLY MA 66 -43.20 -24.84 19.77
N CYS MA 67 -43.49 -26.03 20.31
CA CYS MA 67 -43.35 -27.28 19.57
C CYS MA 67 -44.69 -27.87 19.17
N ALA MA 68 -45.65 -27.02 18.80
CA ALA MA 68 -46.96 -27.49 18.36
C ALA MA 68 -46.89 -27.83 16.87
N SER MA 69 -46.20 -28.93 16.58
CA SER MA 69 -46.02 -29.40 15.21
C SER MA 69 -46.10 -30.92 15.14
N SER NA 1 -23.83 -11.13 51.46
CA SER NA 1 -22.78 -10.12 51.45
C SER NA 1 -21.65 -10.49 50.50
N THR NA 2 -20.65 -11.20 51.02
CA THR NA 2 -19.50 -11.63 50.24
C THR NA 2 -19.35 -13.14 50.35
N ALA NA 3 -18.59 -13.72 49.41
CA ALA NA 3 -18.31 -15.15 49.46
C ALA NA 3 -17.44 -15.51 50.66
N ALA NA 4 -16.50 -14.62 51.02
CA ALA NA 4 -15.62 -14.89 52.16
C ALA NA 4 -16.41 -14.94 53.46
N VAL NA 5 -17.31 -13.98 53.66
CA VAL NA 5 -18.15 -13.93 54.86
C VAL NA 5 -19.55 -13.52 54.45
N THR NA 6 -20.55 -14.27 54.91
CA THR NA 6 -21.95 -13.99 54.61
C THR NA 6 -22.65 -13.47 55.85
N GLY NA 7 -23.85 -12.93 55.64
CA GLY NA 7 -24.64 -12.39 56.74
C GLY NA 7 -25.39 -13.42 57.55
N GLN NA 8 -25.33 -14.69 57.17
CA GLN NA 8 -26.04 -15.75 57.87
C GLN NA 8 -25.05 -16.85 58.27
N THR NA 9 -25.19 -17.34 59.50
CA THR NA 9 -24.30 -18.40 59.98
C THR NA 9 -24.64 -19.73 59.34
N GLY NA 10 -25.88 -19.90 58.88
CA GLY NA 10 -26.30 -21.16 58.29
C GLY NA 10 -25.93 -21.34 56.84
N LEU NA 11 -25.28 -20.36 56.22
CA LEU NA 11 -24.87 -20.46 54.83
C LEU NA 11 -23.37 -20.26 54.74
N THR NA 12 -22.68 -21.22 54.12
CA THR NA 12 -21.23 -21.15 53.93
C THR NA 12 -20.91 -21.37 52.46
N ILE NA 13 -19.81 -20.78 52.02
CA ILE NA 13 -19.35 -20.91 50.65
C ILE NA 13 -17.88 -21.28 50.64
N THR NA 14 -17.55 -22.39 49.99
CA THR NA 14 -16.17 -22.78 49.73
C THR NA 14 -15.83 -22.28 48.32
N TYR NA 15 -15.01 -21.24 48.26
CA TYR NA 15 -14.60 -20.56 47.03
C TYR NA 15 -13.24 -21.06 46.58
N PRO NA 16 -13.10 -21.56 45.36
CA PRO NA 16 -11.80 -22.07 44.92
C PRO NA 16 -10.77 -20.96 44.79
N ALA NA 17 -9.52 -21.33 45.08
CA ALA NA 17 -8.39 -20.43 44.90
C ALA NA 17 -7.44 -20.88 43.81
N SER NA 18 -7.62 -22.08 43.27
CA SER NA 18 -6.79 -22.59 42.19
C SER NA 18 -7.71 -23.21 41.13
N ALA NA 19 -7.10 -23.71 40.07
CA ALA NA 19 -7.85 -24.28 38.95
C ALA NA 19 -8.13 -25.77 39.10
N THR NA 20 -7.75 -26.38 40.22
CA THR NA 20 -7.90 -27.81 40.42
C THR NA 20 -8.78 -28.15 41.62
N GLU NA 21 -9.57 -27.20 42.11
CA GLU NA 21 -10.43 -27.45 43.25
C GLU NA 21 -11.85 -26.99 42.93
N SER NA 22 -12.80 -27.55 43.68
CA SER NA 22 -14.22 -27.38 43.42
C SER NA 22 -14.80 -26.29 44.32
N ALA NA 23 -15.92 -25.74 43.87
CA ALA NA 23 -16.66 -24.74 44.64
C ALA NA 23 -17.86 -25.38 45.31
N ALA NA 24 -18.32 -24.75 46.39
CA ALA NA 24 -19.43 -25.33 47.14
C ALA NA 24 -20.26 -24.23 47.80
N ILE NA 25 -21.58 -24.41 47.80
CA ILE NA 25 -22.51 -23.57 48.53
C ILE NA 25 -23.30 -24.49 49.45
N GLN NA 26 -23.13 -24.34 50.76
CA GLN NA 26 -23.74 -25.24 51.74
C GLN NA 26 -24.68 -24.46 52.64
N GLY NA 27 -25.86 -25.02 52.87
CA GLY NA 27 -26.81 -24.43 53.78
C GLY NA 27 -27.30 -25.42 54.83
N THR NA 28 -27.22 -25.04 56.09
CA THR NA 28 -27.63 -25.89 57.20
C THR NA 28 -28.99 -25.44 57.71
N PHE NA 29 -29.92 -26.39 57.83
CA PHE NA 29 -31.27 -26.06 58.26
C PHE NA 29 -31.26 -25.61 59.73
N GLY NA 30 -32.34 -24.93 60.10
CA GLY NA 30 -32.49 -24.47 61.47
C GLY NA 30 -33.51 -23.35 61.53
N ASN NA 31 -33.54 -22.69 62.69
CA ASN NA 31 -34.43 -21.57 62.94
C ASN NA 31 -35.89 -21.97 62.75
N SER NA 32 -36.45 -21.68 61.58
CA SER NA 32 -37.84 -21.99 61.27
C SER NA 32 -38.01 -23.33 60.56
N ALA NA 33 -36.94 -24.11 60.45
CA ALA NA 33 -37.04 -25.43 59.86
C ALA NA 33 -37.69 -26.40 60.84
N ALA NA 34 -38.11 -27.55 60.30
CA ALA NA 34 -38.71 -28.58 61.14
C ALA NA 34 -37.65 -29.17 62.08
N ILE NA 35 -38.13 -29.69 63.22
CA ILE NA 35 -37.23 -30.26 64.21
C ILE NA 35 -36.54 -31.50 63.66
N LYS NA 36 -37.25 -32.27 62.83
CA LYS NA 36 -36.67 -33.51 62.29
C LYS NA 36 -35.44 -33.24 61.45
N ILE NA 37 -35.40 -32.12 60.73
CA ILE NA 37 -34.28 -31.81 59.85
C ILE NA 37 -33.52 -30.60 60.40
N LYS NA 38 -33.54 -30.42 61.72
CA LYS NA 38 -33.04 -29.19 62.33
C LYS NA 38 -31.54 -28.98 62.13
N ASN NA 39 -30.79 -30.02 61.75
CA ASN NA 39 -29.35 -29.86 61.62
C ASN NA 39 -28.77 -30.49 60.36
N GLN NA 40 -29.60 -30.87 59.40
CA GLN NA 40 -29.08 -31.43 58.16
C GLN NA 40 -28.59 -30.30 57.24
N THR NA 41 -27.91 -30.68 56.16
CA THR NA 41 -27.32 -29.73 55.24
C THR NA 41 -27.73 -30.06 53.81
N LEU NA 42 -27.78 -29.02 52.99
CA LEU NA 42 -27.99 -29.15 51.55
C LEU NA 42 -26.91 -28.36 50.84
N THR NA 43 -26.23 -29.00 49.89
CA THR NA 43 -25.06 -28.40 49.27
C THR NA 43 -25.14 -28.49 47.75
N TRP NA 44 -24.75 -27.39 47.10
CA TRP NA 44 -24.54 -27.34 45.65
C TRP NA 44 -23.04 -27.32 45.41
N THR NA 45 -22.53 -28.34 44.72
CA THR NA 45 -21.11 -28.44 44.45
C THR NA 45 -20.84 -28.28 42.96
N ARG NA 46 -19.74 -27.61 42.65
CA ARG NA 46 -19.34 -27.30 41.28
C ARG NA 46 -17.95 -27.84 41.05
N THR NA 47 -17.82 -28.77 40.11
CA THR NA 47 -16.54 -29.36 39.78
C THR NA 47 -15.66 -28.34 39.05
N PRO NA 48 -14.35 -28.55 39.02
CA PRO NA 48 -13.47 -27.61 38.31
C PRO NA 48 -13.81 -27.47 36.83
N GLU NA 49 -14.39 -28.50 36.21
CA GLU NA 49 -14.80 -28.39 34.81
C GLU NA 49 -15.99 -27.47 34.63
N GLY NA 50 -16.78 -27.24 35.68
CA GLY NA 50 -17.90 -26.32 35.60
C GLY NA 50 -19.26 -26.99 35.63
N ALA NA 51 -19.36 -28.12 36.32
CA ALA NA 51 -20.61 -28.87 36.41
C ALA NA 51 -21.18 -28.73 37.82
N TRP NA 52 -22.45 -28.35 37.89
CA TRP NA 52 -23.12 -28.14 39.17
C TRP NA 52 -24.01 -29.34 39.50
N SER NA 53 -24.03 -29.72 40.78
CA SER NA 53 -24.88 -30.80 41.24
C SER NA 53 -25.29 -30.53 42.67
N CYS NA 54 -26.35 -31.20 43.12
CA CYS NA 54 -26.91 -30.99 44.44
C CYS NA 54 -26.85 -32.27 45.25
N ALA NA 55 -26.71 -32.11 46.57
CA ALA NA 55 -26.73 -33.23 47.49
C ALA NA 55 -27.32 -32.75 48.82
N THR NA 56 -27.81 -33.69 49.61
CA THR NA 56 -28.38 -33.37 50.90
C THR NA 56 -28.29 -34.59 51.81
N THR NA 57 -28.32 -34.34 53.12
CA THR NA 57 -28.21 -35.38 54.12
C THR NA 57 -29.53 -35.68 54.81
N VAL NA 58 -30.64 -35.12 54.32
CA VAL NA 58 -31.96 -35.42 54.87
C VAL NA 58 -32.35 -36.82 54.44
N GLU NA 59 -33.43 -37.34 55.04
CA GLU NA 59 -33.90 -38.68 54.70
C GLU NA 59 -34.39 -38.72 53.26
N ALA NA 60 -34.46 -39.94 52.71
CA ALA NA 60 -34.82 -40.10 51.30
C ALA NA 60 -36.23 -39.60 51.01
N LYS NA 61 -37.16 -39.85 51.93
CA LYS NA 61 -38.55 -39.45 51.71
C LYS NA 61 -38.74 -37.95 51.72
N PHE NA 62 -37.76 -37.18 52.19
CA PHE NA 62 -37.82 -35.72 52.16
C PHE NA 62 -37.09 -35.13 50.96
N LYS NA 63 -36.26 -35.91 50.28
CA LYS NA 63 -35.47 -35.38 49.19
C LYS NA 63 -36.34 -35.10 47.97
N PRO NA 64 -36.21 -33.93 47.35
CA PRO NA 64 -36.86 -33.71 46.05
C PRO NA 64 -36.14 -34.50 44.97
N ALA NA 65 -36.81 -34.61 43.82
CA ALA NA 65 -36.27 -35.41 42.72
C ALA NA 65 -34.95 -34.88 42.19
N GLY NA 66 -34.63 -33.62 42.44
CA GLY NA 66 -33.41 -33.03 41.92
C GLY NA 66 -32.16 -33.26 42.74
N CYS NA 67 -32.30 -33.74 43.98
CA CYS NA 67 -31.16 -33.95 44.87
C CYS NA 67 -31.13 -35.37 45.40
N ALA NA 68 -31.43 -36.34 44.54
CA ALA NA 68 -31.40 -37.75 44.91
C ALA NA 68 -29.97 -38.28 44.76
N SER NA 69 -29.12 -37.82 45.68
CA SER NA 69 -27.70 -38.19 45.70
C SER NA 69 -27.02 -37.85 44.38
N SER OA 1 -54.31 -0.45 40.23
CA SER OA 1 -54.17 0.59 39.23
C SER OA 1 -52.72 1.03 39.07
N THR OA 2 -52.37 2.15 39.70
CA THR OA 2 -51.01 2.68 39.66
C THR OA 2 -50.41 2.68 41.06
N ALA OA 3 -49.09 2.92 41.11
CA ALA OA 3 -48.42 3.02 42.40
C ALA OA 3 -48.79 4.31 43.13
N ALA OA 4 -48.99 5.39 42.38
CA ALA OA 4 -49.35 6.66 43.00
C ALA OA 4 -50.73 6.58 43.67
N VAL OA 5 -51.71 6.01 42.98
CA VAL OA 5 -53.05 5.83 43.52
C VAL OA 5 -53.53 4.43 43.16
N THR OA 6 -54.05 3.71 44.15
CA THR OA 6 -54.58 2.37 43.95
C THR OA 6 -56.09 2.36 44.06
N GLY OA 7 -56.70 1.30 43.56
CA GLY OA 7 -58.14 1.16 43.60
C GLY OA 7 -58.72 0.73 44.91
N GLN OA 8 -57.89 0.46 45.91
CA GLN OA 8 -58.35 0.00 47.21
C GLN OA 8 -57.86 0.95 48.29
N THR OA 9 -58.74 1.27 49.24
CA THR OA 9 -58.38 2.18 50.32
C THR OA 9 -57.36 1.54 51.26
N GLY OA 10 -57.46 0.23 51.47
CA GLY OA 10 -56.62 -0.46 52.42
C GLY OA 10 -55.22 -0.79 51.95
N LEU OA 11 -54.87 -0.44 50.72
CA LEU OA 11 -53.54 -0.71 50.17
C LEU OA 11 -52.86 0.61 49.83
N THR OA 12 -51.64 0.78 50.32
CA THR OA 12 -50.86 1.99 50.07
C THR OA 12 -49.46 1.61 49.62
N ILE OA 13 -48.90 2.44 48.74
CA ILE OA 13 -47.56 2.23 48.19
C ILE OA 13 -46.74 3.48 48.45
N THR OA 14 -45.62 3.32 49.14
CA THR OA 14 -44.63 4.38 49.32
C THR OA 14 -43.53 4.12 48.30
N TYR OA 15 -43.51 4.91 47.24
CA TYR OA 15 -42.60 4.77 46.11
C TYR OA 15 -41.41 5.69 46.27
N PRO OA 16 -40.19 5.18 46.21
CA PRO OA 16 -39.02 6.05 46.37
C PRO OA 16 -38.86 7.02 45.21
N ALA OA 17 -38.34 8.20 45.51
CA ALA OA 17 -38.05 9.21 44.51
C ALA OA 17 -36.57 9.48 44.31
N SER OA 18 -35.71 8.95 45.18
CA SER OA 18 -34.28 9.12 45.05
C SER OA 18 -33.59 7.82 45.43
N ALA OA 19 -32.25 7.82 45.36
CA ALA OA 19 -31.47 6.62 45.59
C ALA OA 19 -31.29 6.29 47.06
N THR OA 20 -31.74 7.16 47.98
CA THR OA 20 -31.55 6.94 49.41
C THR OA 20 -32.84 6.59 50.15
N GLU OA 21 -33.96 6.46 49.45
CA GLU OA 21 -35.24 6.16 50.08
C GLU OA 21 -35.59 4.68 49.90
N SER OA 22 -36.51 4.23 50.74
CA SER OA 22 -36.94 2.83 50.78
C SER OA 22 -38.38 2.73 50.30
N ALA OA 23 -38.68 1.63 49.59
CA ALA OA 23 -40.02 1.39 49.10
C ALA OA 23 -40.85 0.63 50.13
N ALA OA 24 -42.15 0.81 50.08
CA ALA OA 24 -43.04 0.17 51.05
C ALA OA 24 -44.36 -0.20 50.41
N ILE OA 25 -44.86 -1.38 50.75
CA ILE OA 25 -46.19 -1.84 50.35
C ILE OA 25 -46.93 -2.18 51.63
N GLN OA 26 -47.93 -1.37 51.98
CA GLN OA 26 -48.63 -1.50 53.24
C GLN OA 26 -50.08 -1.88 52.99
N GLY OA 27 -50.59 -2.84 53.75
CA GLY OA 27 -51.98 -3.22 53.68
C GLY OA 27 -52.63 -3.24 55.05
N THR OA 28 -53.76 -2.55 55.18
CA THR OA 28 -54.50 -2.48 56.43
C THR OA 28 -55.71 -3.40 56.34
N PHE OA 29 -55.90 -4.22 57.36
CA PHE OA 29 -56.99 -5.19 57.35
C PHE OA 29 -58.33 -4.46 57.47
N GLY OA 30 -59.40 -5.23 57.33
CA GLY OA 30 -60.74 -4.70 57.43
C GLY OA 30 -61.68 -5.48 56.53
N ASN OA 31 -62.87 -4.90 56.33
CA ASN OA 31 -63.90 -5.49 55.48
C ASN OA 31 -64.29 -6.88 55.98
N SER OA 32 -63.80 -7.92 55.32
CA SER OA 32 -64.12 -9.30 55.69
C SER OA 32 -63.12 -9.90 56.67
N ALA OA 33 -62.14 -9.14 57.13
CA ALA OA 33 -61.19 -9.64 58.10
C ALA OA 33 -61.84 -9.78 59.47
N ALA OA 34 -61.15 -10.50 60.35
CA ALA OA 34 -61.65 -10.71 61.70
C ALA OA 34 -61.68 -9.40 62.48
N ILE OA 35 -62.59 -9.32 63.45
CA ILE OA 35 -62.74 -8.11 64.25
C ILE OA 35 -61.49 -7.85 65.07
N LYS OA 36 -60.85 -8.92 65.56
CA LYS OA 36 -59.68 -8.76 66.42
C LYS OA 36 -58.54 -8.06 65.69
N ILE OA 37 -58.38 -8.33 64.39
CA ILE OA 37 -57.29 -7.79 63.60
C ILE OA 37 -57.80 -6.72 62.65
N LYS OA 38 -58.90 -6.06 63.02
CA LYS OA 38 -59.63 -5.22 62.08
C LYS OA 38 -58.77 -4.07 61.56
N ASN OA 39 -57.98 -3.43 62.44
CA ASN OA 39 -57.25 -2.23 62.06
C ASN OA 39 -55.74 -2.41 62.12
N GLN OA 40 -55.25 -3.65 62.08
CA GLN OA 40 -53.82 -3.87 62.03
C GLN OA 40 -53.29 -3.72 60.61
N THR OA 41 -51.97 -3.70 60.47
CA THR OA 41 -51.32 -3.50 59.19
C THR OA 41 -50.24 -4.54 58.97
N LEU OA 42 -49.99 -4.86 57.70
CA LEU OA 42 -48.90 -5.72 57.29
C LEU OA 42 -48.15 -5.02 56.15
N THR OA 43 -46.84 -4.91 56.29
CA THR OA 43 -46.05 -4.12 55.36
C THR OA 43 -44.86 -4.91 54.84
N TRP OA 44 -44.52 -4.66 53.57
CA TRP OA 44 -43.29 -5.14 52.95
C TRP OA 44 -42.39 -3.93 52.70
N THR OA 45 -41.18 -3.97 53.24
CA THR OA 45 -40.24 -2.87 53.12
C THR OA 45 -39.04 -3.30 52.28
N ARG OA 46 -38.64 -2.44 51.35
CA ARG OA 46 -37.50 -2.67 50.48
C ARG OA 46 -36.48 -1.57 50.73
N THR OA 47 -35.31 -1.96 51.25
CA THR OA 47 -34.23 -1.01 51.49
C THR OA 47 -33.67 -0.51 50.16
N PRO OA 48 -32.99 0.64 50.18
CA PRO OA 48 -32.40 1.14 48.92
C PRO OA 48 -31.40 0.19 48.30
N GLU OA 49 -30.77 -0.69 49.09
CA GLU OA 49 -29.89 -1.69 48.52
C GLU OA 49 -30.64 -2.76 47.73
N GLY OA 50 -31.92 -2.95 48.01
CA GLY OA 50 -32.74 -3.89 47.26
C GLY OA 50 -33.09 -5.14 48.02
N ALA OA 51 -33.21 -5.03 49.34
CA ALA OA 51 -33.55 -6.15 50.20
C ALA OA 51 -34.99 -6.00 50.70
N TRP OA 52 -35.78 -7.06 50.53
CA TRP OA 52 -37.18 -7.06 50.93
C TRP OA 52 -37.35 -7.76 52.28
N SER OA 53 -38.23 -7.21 53.11
CA SER OA 53 -38.53 -7.81 54.40
C SER OA 53 -40.00 -7.54 54.72
N CYS OA 54 -40.55 -8.33 55.63
CA CYS OA 54 -41.95 -8.23 56.01
C CYS OA 54 -42.07 -7.90 57.49
N ALA OA 55 -43.11 -7.14 57.83
CA ALA OA 55 -43.42 -6.83 59.22
C ALA OA 55 -44.92 -6.68 59.37
N THR OA 56 -45.39 -6.83 60.61
CA THR OA 56 -46.81 -6.70 60.88
C THR OA 56 -47.01 -6.30 62.34
N THR OA 57 -48.11 -5.59 62.60
CA THR OA 57 -48.46 -5.14 63.94
C THR OA 57 -49.49 -6.04 64.60
N VAL OA 58 -49.81 -7.18 63.99
CA VAL OA 58 -50.76 -8.13 64.54
C VAL OA 58 -50.11 -8.81 65.74
N GLU OA 59 -50.91 -9.50 66.56
CA GLU OA 59 -50.38 -10.17 67.74
C GLU OA 59 -49.44 -11.29 67.34
N ALA OA 60 -48.61 -11.72 68.30
CA ALA OA 60 -47.55 -12.67 68.01
C ALA OA 60 -48.10 -14.03 67.57
N LYS OA 61 -49.16 -14.50 68.23
CA LYS OA 61 -49.69 -15.82 67.91
C LYS OA 61 -50.36 -15.87 66.53
N PHE OA 62 -50.66 -14.73 65.93
CA PHE OA 62 -51.24 -14.70 64.59
C PHE OA 62 -50.20 -14.55 63.49
N LYS OA 63 -48.96 -14.21 63.83
CA LYS OA 63 -47.95 -13.99 62.83
C LYS OA 63 -47.50 -15.31 62.21
N PRO OA 64 -47.35 -15.38 60.89
CA PRO OA 64 -46.68 -16.53 60.27
C PRO OA 64 -45.19 -16.47 60.52
N ALA OA 65 -44.52 -17.59 60.21
CA ALA OA 65 -43.08 -17.67 60.45
C ALA OA 65 -42.30 -16.66 59.61
N GLY OA 66 -42.83 -16.28 58.44
CA GLY OA 66 -42.11 -15.35 57.58
C GLY OA 66 -42.02 -13.95 58.16
N CYS OA 67 -43.11 -13.46 58.75
CA CYS OA 67 -43.18 -12.09 59.25
C CYS OA 67 -43.07 -12.02 60.76
N ALA OA 68 -42.24 -12.87 61.36
CA ALA OA 68 -42.07 -12.91 62.81
C ALA OA 68 -41.05 -11.90 63.32
N SER OA 69 -40.69 -10.90 62.52
CA SER OA 69 -39.72 -9.90 62.94
C SER OA 69 -40.13 -8.51 62.46
N SER PA 1 -63.24 -31.47 29.67
CA SER PA 1 -62.76 -31.78 28.33
C SER PA 1 -62.20 -30.54 27.64
N THR PA 2 -63.06 -29.84 26.90
CA THR PA 2 -62.66 -28.63 26.18
C THR PA 2 -63.53 -27.47 26.62
N ALA PA 3 -63.05 -26.25 26.31
CA ALA PA 3 -63.84 -25.06 26.61
C ALA PA 3 -65.09 -24.99 25.76
N ALA PA 4 -65.01 -25.46 24.51
CA ALA PA 4 -66.17 -25.43 23.62
C ALA PA 4 -67.27 -26.36 24.13
N VAL PA 5 -66.90 -27.58 24.49
CA VAL PA 5 -67.85 -28.55 25.03
C VAL PA 5 -67.21 -29.25 26.23
N THR PA 6 -67.95 -29.32 27.33
CA THR PA 6 -67.48 -29.98 28.55
C THR PA 6 -68.25 -31.28 28.77
N GLY PA 7 -67.68 -32.14 29.60
CA GLY PA 7 -68.30 -33.41 29.90
C GLY PA 7 -69.48 -33.35 30.84
N GLN PA 8 -69.75 -32.19 31.43
CA GLN PA 8 -70.83 -32.02 32.38
C GLN PA 8 -71.81 -30.98 31.86
N THR PA 9 -73.11 -31.28 31.94
CA THR PA 9 -74.12 -30.35 31.46
C THR PA 9 -74.30 -29.15 32.39
N GLY PA 10 -73.88 -29.26 33.64
CA GLY PA 10 -74.01 -28.19 34.60
C GLY PA 10 -72.88 -27.18 34.61
N LEU PA 11 -71.91 -27.30 33.72
CA LEU PA 11 -70.78 -26.39 33.65
C LEU PA 11 -70.67 -25.84 32.24
N THR PA 12 -70.65 -24.52 32.11
CA THR PA 12 -70.55 -23.85 30.82
C THR PA 12 -69.37 -22.87 30.84
N ILE PA 13 -68.72 -22.75 29.69
CA ILE PA 13 -67.59 -21.84 29.52
C ILE PA 13 -67.90 -20.89 28.38
N THR PA 14 -67.85 -19.60 28.65
CA THR PA 14 -67.95 -18.55 27.64
C THR PA 14 -66.56 -18.04 27.35
N TYR PA 15 -66.07 -18.29 26.14
CA TYR PA 15 -64.69 -18.02 25.74
C TYR PA 15 -64.62 -16.78 24.88
N PRO PA 16 -63.74 -15.83 25.19
CA PRO PA 16 -63.63 -14.64 24.35
C PRO PA 16 -63.08 -14.96 22.97
N ALA PA 17 -63.52 -14.18 21.98
CA ALA PA 17 -63.10 -14.43 20.61
C ALA PA 17 -62.63 -13.16 19.90
N SER PA 18 -63.12 -12.00 20.34
CA SER PA 18 -62.85 -10.75 19.65
C SER PA 18 -62.01 -9.78 20.47
N ALA PA 19 -61.31 -10.28 21.49
CA ALA PA 19 -60.36 -9.52 22.29
C ALA PA 19 -60.99 -8.34 23.01
N THR PA 20 -62.31 -8.28 23.10
CA THR PA 20 -62.97 -7.18 23.79
C THR PA 20 -64.14 -7.64 24.66
N GLU PA 21 -64.35 -8.94 24.80
CA GLU PA 21 -65.43 -9.47 25.61
C GLU PA 21 -64.86 -10.23 26.81
N SER PA 22 -65.71 -10.45 27.80
CA SER PA 22 -65.31 -11.10 29.03
C SER PA 22 -65.43 -12.61 28.92
N ALA PA 23 -64.62 -13.32 29.70
CA ALA PA 23 -64.68 -14.76 29.79
C ALA PA 23 -65.52 -15.16 31.00
N ALA PA 24 -66.19 -16.31 30.91
CA ALA PA 24 -67.08 -16.71 31.98
C ALA PA 24 -66.97 -18.21 32.23
N ILE PA 25 -67.01 -18.58 33.50
CA ILE PA 25 -67.08 -19.98 33.93
C ILE PA 25 -68.31 -20.08 34.82
N GLN PA 26 -69.38 -20.69 34.31
CA GLN PA 26 -70.65 -20.73 35.02
C GLN PA 26 -70.97 -22.17 35.42
N GLY PA 27 -71.47 -22.35 36.62
CA GLY PA 27 -71.89 -23.66 37.10
C GLY PA 27 -73.24 -23.59 37.76
N THR PA 28 -74.15 -24.44 37.29
CA THR PA 28 -75.50 -24.52 37.82
C THR PA 28 -75.60 -25.71 38.77
N PHE PA 29 -76.15 -25.47 39.95
CA PHE PA 29 -76.25 -26.53 40.95
C PHE PA 29 -77.23 -27.61 40.49
N GLY PA 30 -77.22 -28.72 41.22
CA GLY PA 30 -78.11 -29.82 40.91
C GLY PA 30 -77.55 -31.13 41.41
N ASN PA 31 -78.18 -32.22 40.97
CA ASN PA 31 -77.78 -33.57 41.32
C ASN PA 31 -77.80 -33.78 42.82
N SER PA 32 -76.62 -33.72 43.45
CA SER PA 32 -76.51 -33.95 44.90
C SER PA 32 -76.63 -32.66 45.71
N ALA PA 33 -76.87 -31.53 45.06
CA ALA PA 33 -77.03 -30.28 45.79
C ALA PA 33 -78.35 -30.26 46.53
N ALA PA 34 -78.47 -29.30 47.46
CA ALA PA 34 -79.70 -29.16 48.23
C ALA PA 34 -80.85 -28.72 47.34
N ILE PA 35 -82.07 -29.07 47.75
CA ILE PA 35 -83.25 -28.74 46.97
C ILE PA 35 -83.46 -27.22 46.93
N LYS PA 36 -83.13 -26.54 48.02
CA LYS PA 36 -83.33 -25.09 48.09
C LYS PA 36 -82.50 -24.36 47.04
N ILE PA 37 -81.28 -24.81 46.81
CA ILE PA 37 -80.37 -24.15 45.87
C ILE PA 37 -80.22 -24.98 44.62
N LYS PA 38 -81.27 -25.75 44.28
CA LYS PA 38 -81.15 -26.76 43.24
C LYS PA 38 -80.85 -26.16 41.87
N ASN PA 39 -81.38 -24.96 41.57
CA ASN PA 39 -81.26 -24.41 40.22
C ASN PA 39 -80.56 -23.06 40.19
N GLN PA 40 -79.83 -22.70 41.25
CA GLN PA 40 -79.07 -21.46 41.22
C GLN PA 40 -77.75 -21.66 40.47
N THR PA 41 -77.05 -20.55 40.24
CA THR PA 41 -75.81 -20.56 39.49
C THR PA 41 -74.73 -19.79 40.21
N LEU PA 42 -73.48 -20.21 39.99
CA LEU PA 42 -72.30 -19.49 40.48
C LEU PA 42 -71.36 -19.31 39.31
N THR PA 43 -70.89 -18.08 39.11
CA THR PA 43 -70.11 -17.74 37.93
C THR PA 43 -68.84 -17.01 38.31
N TRP PA 44 -67.78 -17.26 37.55
CA TRP PA 44 -66.53 -16.51 37.59
C TRP PA 44 -66.41 -15.73 36.30
N THR PA 45 -66.24 -14.41 36.41
CA THR PA 45 -66.16 -13.53 35.26
C THR PA 45 -64.79 -12.88 35.19
N ARG PA 46 -64.19 -12.90 34.00
CA ARG PA 46 -62.89 -12.31 33.75
C ARG PA 46 -63.06 -11.18 32.75
N THR PA 47 -62.74 -9.96 33.18
CA THR PA 47 -62.84 -8.79 32.31
C THR PA 47 -61.77 -8.85 31.23
N PRO PA 48 -61.96 -8.11 30.13
CA PRO PA 48 -60.93 -8.11 29.08
C PRO PA 48 -59.57 -7.65 29.55
N GLU PA 49 -59.51 -6.81 30.59
CA GLU PA 49 -58.23 -6.40 31.15
C GLU PA 49 -57.54 -7.52 31.90
N GLY PA 50 -58.28 -8.54 32.32
CA GLY PA 50 -57.71 -9.67 33.00
C GLY PA 50 -58.01 -9.79 34.49
N ALA PA 51 -59.12 -9.22 34.95
CA ALA PA 51 -59.49 -9.26 36.37
C ALA PA 51 -60.60 -10.27 36.58
N TRP PA 52 -60.39 -11.17 37.55
CA TRP PA 52 -61.35 -12.21 37.87
C TRP PA 52 -62.21 -11.79 39.06
N SER PA 53 -63.50 -12.17 38.99
CA SER PA 53 -64.43 -11.89 40.07
C SER PA 53 -65.46 -13.02 40.12
N CYS PA 54 -66.13 -13.15 41.26
CA CYS PA 54 -67.11 -14.20 41.46
C CYS PA 54 -68.48 -13.60 41.78
N ALA PA 55 -69.53 -14.25 41.30
CA ALA PA 55 -70.88 -13.85 41.60
C ALA PA 55 -71.76 -15.10 41.70
N THR PA 56 -72.89 -14.96 42.38
CA THR PA 56 -73.81 -16.07 42.52
C THR PA 56 -75.21 -15.55 42.78
N THR PA 57 -76.21 -16.32 42.33
CA THR PA 57 -77.61 -15.97 42.50
C THR PA 57 -78.23 -16.63 43.72
N VAL PA 58 -77.45 -17.34 44.53
CA VAL PA 58 -77.98 -17.96 45.73
C VAL PA 58 -78.32 -16.88 46.75
N GLU PA 59 -79.12 -17.26 47.76
CA GLU PA 59 -79.54 -16.32 48.78
C GLU PA 59 -78.34 -15.79 49.55
N ALA PA 60 -78.55 -14.64 50.21
CA ALA PA 60 -77.44 -13.92 50.83
C ALA PA 60 -76.81 -14.73 51.96
N LYS PA 61 -77.62 -15.39 52.78
CA LYS PA 61 -77.08 -16.12 53.92
C LYS PA 61 -76.28 -17.35 53.54
N PHE PA 62 -76.41 -17.83 52.30
CA PHE PA 62 -75.61 -18.95 51.82
C PHE PA 62 -74.34 -18.51 51.11
N LYS PA 63 -74.17 -17.22 50.86
CA LYS PA 63 -73.03 -16.74 50.10
C LYS PA 63 -71.77 -16.74 50.96
N PRO PA 64 -70.65 -17.25 50.47
CA PRO PA 64 -69.38 -17.06 51.17
C PRO PA 64 -68.92 -15.62 51.06
N ALA PA 65 -67.96 -15.27 51.92
CA ALA PA 65 -67.46 -13.89 51.94
C ALA PA 65 -66.82 -13.50 50.62
N GLY PA 66 -66.24 -14.46 49.90
CA GLY PA 66 -65.59 -14.13 48.64
C GLY PA 66 -66.55 -13.70 47.55
N CYS PA 67 -67.70 -14.37 47.45
CA CYS PA 67 -68.67 -14.10 46.39
C CYS PA 67 -69.85 -13.29 46.88
N ALA PA 68 -69.64 -12.37 47.82
CA ALA PA 68 -70.71 -11.53 48.34
C ALA PA 68 -70.89 -10.28 47.50
N SER PA 69 -71.24 -10.49 46.24
CA SER PA 69 -71.45 -9.40 45.30
C SER PA 69 -72.66 -9.65 44.41
N SER QA 1 -44.14 -47.96 55.74
CA SER QA 1 -45.18 -48.33 54.79
C SER QA 1 -44.95 -47.67 53.44
N THR QA 2 -44.96 -48.48 52.38
CA THR QA 2 -44.77 -48.00 51.03
C THR QA 2 -45.90 -48.49 50.14
N ALA QA 3 -45.89 -48.05 48.88
CA ALA QA 3 -46.90 -48.48 47.93
C ALA QA 3 -46.80 -49.98 47.66
N ALA QA 4 -45.57 -50.50 47.59
CA ALA QA 4 -45.37 -51.93 47.34
C ALA QA 4 -45.95 -52.77 48.47
N VAL QA 5 -45.67 -52.40 49.71
CA VAL QA 5 -46.17 -53.11 50.89
C VAL QA 5 -46.58 -52.08 51.93
N THR QA 6 -47.84 -52.14 52.37
CA THR QA 6 -48.32 -51.24 53.40
C THR QA 6 -48.24 -51.91 54.77
N GLY QA 7 -48.37 -51.10 55.82
CA GLY QA 7 -48.33 -51.61 57.17
C GLY QA 7 -49.62 -52.24 57.66
N GLN QA 8 -50.68 -52.21 56.85
CA GLN QA 8 -51.97 -52.75 57.25
C GLN QA 8 -52.45 -53.72 56.19
N THR QA 9 -53.03 -54.84 56.64
CA THR QA 9 -53.51 -55.85 55.71
C THR QA 9 -54.79 -55.41 55.01
N GLY QA 10 -55.57 -54.53 55.64
CA GLY QA 10 -56.82 -54.06 55.08
C GLY QA 10 -56.71 -53.00 54.01
N LEU QA 11 -55.50 -52.51 53.72
CA LEU QA 11 -55.28 -51.49 52.71
C LEU QA 11 -54.29 -52.02 51.69
N THR QA 12 -54.65 -51.91 50.41
CA THR QA 12 -53.78 -52.35 49.32
C THR QA 12 -53.72 -51.27 48.25
N ILE QA 13 -52.58 -51.23 47.56
CA ILE QA 13 -52.32 -50.24 46.52
C ILE QA 13 -51.95 -50.98 45.25
N THR QA 14 -52.67 -50.72 44.17
CA THR QA 14 -52.33 -51.19 42.84
C THR QA 14 -51.64 -50.04 42.11
N TYR QA 15 -50.32 -50.13 41.98
CA TYR QA 15 -49.47 -49.10 41.42
C TYR QA 15 -49.20 -49.38 39.95
N PRO QA 16 -49.47 -48.43 39.06
CA PRO QA 16 -49.23 -48.68 37.64
C PRO QA 16 -47.75 -48.82 37.32
N ALA QA 17 -47.45 -49.66 36.33
CA ALA QA 17 -46.10 -49.84 35.84
C ALA QA 17 -45.88 -49.32 34.43
N SER QA 18 -46.95 -49.00 33.70
CA SER QA 18 -46.86 -48.45 32.36
C SER QA 18 -47.85 -47.31 32.23
N ALA QA 19 -47.84 -46.67 31.06
CA ALA QA 19 -48.69 -45.51 30.82
C ALA QA 19 -50.12 -45.88 30.42
N THR QA 20 -50.41 -47.17 30.25
CA THR QA 20 -51.72 -47.59 29.77
C THR QA 20 -52.57 -48.25 30.84
N GLU QA 21 -52.11 -48.31 32.08
CA GLU QA 21 -52.85 -48.94 33.16
C GLU QA 21 -53.21 -47.92 34.24
N SER QA 22 -54.17 -48.29 35.06
CA SER QA 22 -54.75 -47.41 36.07
C SER QA 22 -54.19 -47.73 37.45
N ALA QA 23 -54.38 -46.78 38.36
CA ALA QA 23 -53.95 -46.92 39.75
C ALA QA 23 -55.16 -47.14 40.65
N ALA QA 24 -54.94 -47.81 41.77
CA ALA QA 24 -56.05 -48.13 42.66
C ALA QA 24 -55.60 -48.09 44.12
N ILE QA 25 -56.48 -47.59 44.98
CA ILE QA 25 -56.29 -47.60 46.43
C ILE QA 25 -57.51 -48.29 47.01
N GLN QA 26 -57.36 -49.51 47.48
CA GLN QA 26 -58.49 -50.32 47.95
C GLN QA 26 -58.38 -50.54 49.45
N GLY QA 27 -59.50 -50.43 50.15
CA GLY QA 27 -59.54 -50.68 51.57
C GLY QA 27 -60.74 -51.51 52.00
N THR QA 28 -60.47 -52.64 52.63
CA THR QA 28 -61.50 -53.49 53.19
C THR QA 28 -61.81 -53.03 54.62
N PHE QA 29 -62.99 -53.39 55.11
CA PHE QA 29 -63.37 -53.10 56.49
C PHE QA 29 -62.97 -54.26 57.39
N GLY QA 30 -63.05 -54.02 58.70
CA GLY QA 30 -62.71 -55.07 59.64
C GLY QA 30 -62.79 -54.57 61.07
N ASN QA 31 -62.40 -55.46 61.98
CA ASN QA 31 -62.42 -55.31 63.44
C ASN QA 31 -63.45 -54.29 63.95
N SER QA 32 -63.05 -53.03 64.08
CA SER QA 32 -63.93 -52.00 64.65
C SER QA 32 -65.13 -51.68 63.76
N ALA QA 33 -65.15 -52.14 62.52
CA ALA QA 33 -66.28 -51.87 61.65
C ALA QA 33 -67.49 -52.69 62.08
N ALA QA 34 -68.65 -52.28 61.60
CA ALA QA 34 -69.88 -53.00 61.89
C ALA QA 34 -69.87 -54.37 61.23
N ILE QA 35 -70.62 -55.31 61.82
CA ILE QA 35 -70.67 -56.67 61.30
C ILE QA 35 -71.29 -56.69 59.90
N LYS QA 36 -72.26 -55.81 59.65
CA LYS QA 36 -72.93 -55.80 58.35
C LYS QA 36 -71.95 -55.46 57.22
N ILE QA 37 -71.06 -54.50 57.46
CA ILE QA 37 -70.14 -54.03 56.43
C ILE QA 37 -68.76 -54.63 56.66
N LYS QA 38 -68.69 -55.77 57.34
CA LYS QA 38 -67.43 -56.30 57.84
C LYS QA 38 -66.43 -56.57 56.72
N ASN QA 39 -66.89 -57.16 55.62
CA ASN QA 39 -65.98 -57.61 54.56
C ASN QA 39 -66.18 -56.86 53.25
N GLN QA 40 -66.82 -55.69 53.28
CA GLN QA 40 -66.96 -54.90 52.07
C GLN QA 40 -65.69 -54.09 51.81
N THR QA 41 -65.62 -53.50 50.62
CA THR QA 41 -64.44 -52.74 50.20
C THR QA 41 -64.85 -51.38 49.66
N LEU QA 42 -63.95 -50.41 49.82
CA LEU QA 42 -64.08 -49.09 49.22
C LEU QA 42 -62.80 -48.79 48.46
N THR QA 43 -62.93 -48.35 47.21
CA THR QA 43 -61.78 -48.19 46.34
C THR QA 43 -61.79 -46.82 45.67
N TRP QA 44 -60.59 -46.27 45.49
CA TRP QA 44 -60.36 -45.07 44.69
C TRP QA 44 -59.57 -45.49 43.46
N THR QA 45 -60.12 -45.19 42.28
CA THR QA 45 -59.52 -45.59 41.01
C THR QA 45 -59.08 -44.34 40.23
N ARG QA 46 -57.86 -44.38 39.72
CA ARG QA 46 -57.29 -43.29 38.94
C ARG QA 46 -57.01 -43.81 37.52
N THR QA 47 -57.71 -43.24 36.54
CA THR QA 47 -57.53 -43.63 35.16
C THR QA 47 -56.17 -43.18 34.66
N PRO QA 48 -55.67 -43.79 33.58
CA PRO QA 48 -54.36 -43.37 33.05
C PRO QA 48 -54.31 -41.90 32.65
N GLU QA 49 -55.44 -41.30 32.29
CA GLU QA 49 -55.46 -39.89 31.96
C GLU QA 49 -55.30 -39.01 33.19
N GLY QA 50 -55.57 -39.53 34.37
CA GLY QA 50 -55.41 -38.80 35.62
C GLY QA 50 -56.69 -38.39 36.32
N ALA QA 51 -57.78 -39.12 36.15
CA ALA QA 51 -59.06 -38.80 36.78
C ALA QA 51 -59.32 -39.77 37.91
N TRP QA 52 -59.67 -39.22 39.08
CA TRP QA 52 -59.94 -40.03 40.26
C TRP QA 52 -61.44 -40.21 40.45
N SER QA 53 -61.83 -41.40 40.89
CA SER QA 53 -63.21 -41.72 41.17
C SER QA 53 -63.27 -42.68 42.34
N CYS QA 54 -64.43 -42.74 42.99
CA CYS QA 54 -64.63 -43.59 44.15
C CYS QA 54 -65.74 -44.60 43.90
N ALA QA 55 -65.59 -45.80 44.46
CA ALA QA 55 -66.60 -46.83 44.35
C ALA QA 55 -66.58 -47.66 45.63
N THR QA 56 -67.68 -48.36 45.88
CA THR QA 56 -67.78 -49.21 47.05
C THR QA 56 -68.80 -50.31 46.80
N THR QA 57 -68.56 -51.46 47.43
CA THR QA 57 -69.44 -52.61 47.31
C THR QA 57 -70.49 -52.68 48.41
N VAL QA 58 -70.52 -51.69 49.31
CA VAL QA 58 -71.50 -51.65 50.39
C VAL QA 58 -72.85 -51.33 49.79
N GLU QA 59 -73.92 -51.54 50.56
CA GLU QA 59 -75.26 -51.23 50.08
C GLU QA 59 -75.42 -49.73 49.85
N ALA QA 60 -76.30 -49.39 48.92
CA ALA QA 60 -76.56 -47.98 48.61
C ALA QA 60 -77.17 -47.24 49.80
N LYS QA 61 -77.75 -47.97 50.76
CA LYS QA 61 -78.30 -47.33 51.94
C LYS QA 61 -77.21 -46.65 52.76
N PHE QA 62 -76.05 -47.27 52.87
CA PHE QA 62 -74.93 -46.71 53.61
C PHE QA 62 -73.98 -45.90 52.73
N LYS QA 63 -74.24 -45.84 51.43
CA LYS QA 63 -73.32 -45.16 50.53
C LYS QA 63 -73.42 -43.65 50.71
N PRO QA 64 -72.30 -42.96 50.92
CA PRO QA 64 -72.33 -41.49 50.88
C PRO QA 64 -72.54 -40.99 49.45
N ALA QA 65 -72.96 -39.74 49.35
CA ALA QA 65 -73.28 -39.17 48.04
C ALA QA 65 -72.05 -39.11 47.14
N GLY QA 66 -70.85 -39.05 47.72
CA GLY QA 66 -69.66 -38.97 46.90
C GLY QA 66 -69.37 -40.23 46.11
N CYS QA 67 -69.58 -41.40 46.73
CA CYS QA 67 -69.24 -42.68 46.11
C CYS QA 67 -70.47 -43.44 45.64
N ALA QA 68 -71.59 -42.75 45.42
CA ALA QA 68 -72.81 -43.39 44.94
C ALA QA 68 -72.75 -43.53 43.42
N SER QA 69 -71.95 -44.49 42.98
CA SER QA 69 -71.78 -44.75 41.56
C SER QA 69 -72.47 -46.04 41.15
N SER RA 1 -51.59 -19.54 77.87
CA SER RA 1 -51.71 -20.98 77.69
C SER RA 1 -50.75 -21.48 76.62
N THR RA 2 -49.53 -21.80 77.02
CA THR RA 2 -48.50 -22.30 76.12
C THR RA 2 -48.24 -23.77 76.40
N ALA RA 3 -47.40 -24.37 75.55
CA ALA RA 3 -47.04 -25.77 75.74
C ALA RA 3 -46.27 -25.99 77.04
N ALA RA 4 -45.37 -25.04 77.36
CA ALA RA 4 -44.60 -25.16 78.61
C ALA RA 4 -45.49 -25.06 79.83
N VAL RA 5 -46.43 -24.12 79.82
CA VAL RA 5 -47.34 -23.89 80.95
C VAL RA 5 -48.76 -23.88 80.41
N THR RA 6 -49.52 -24.93 80.72
CA THR RA 6 -50.90 -25.00 80.30
C THR RA 6 -51.80 -24.25 81.29
N GLY RA 7 -53.06 -24.08 80.90
CA GLY RA 7 -53.99 -23.33 81.74
C GLY RA 7 -54.30 -24.04 83.05
N GLN RA 8 -54.45 -25.36 83.02
CA GLN RA 8 -54.86 -26.12 84.19
C GLN RA 8 -53.86 -27.24 84.46
N THR RA 9 -53.85 -27.68 85.72
CA THR RA 9 -52.91 -28.71 86.14
C THR RA 9 -53.26 -30.09 85.59
N GLY RA 10 -54.49 -30.29 85.14
CA GLY RA 10 -54.89 -31.59 84.63
C GLY RA 10 -54.39 -31.91 83.23
N LEU RA 11 -53.79 -30.94 82.55
CA LEU RA 11 -53.28 -31.13 81.20
C LEU RA 11 -51.78 -30.87 81.20
N THR RA 12 -51.02 -31.82 80.66
CA THR RA 12 -49.57 -31.72 80.57
C THR RA 12 -49.13 -31.99 79.14
N ILE RA 13 -48.09 -31.30 78.69
CA ILE RA 13 -47.56 -31.48 77.35
C ILE RA 13 -46.07 -31.71 77.43
N THR RA 14 -45.62 -32.84 76.90
CA THR RA 14 -44.20 -33.14 76.75
C THR RA 14 -43.81 -32.76 75.33
N TYR RA 15 -43.08 -31.66 75.20
CA TYR RA 15 -42.67 -31.08 73.93
C TYR RA 15 -41.26 -31.53 73.59
N PRO RA 16 -41.03 -32.13 72.43
CA PRO RA 16 -39.69 -32.60 72.09
C PRO RA 16 -38.71 -31.45 71.91
N ALA RA 17 -37.46 -31.71 72.27
CA ALA RA 17 -36.39 -30.74 72.11
C ALA RA 17 -35.35 -31.16 71.06
N SER RA 18 -35.38 -32.41 70.61
CA SER RA 18 -34.47 -32.91 69.59
C SER RA 18 -35.25 -33.74 68.59
N ALA RA 19 -34.57 -34.16 67.53
CA ALA RA 19 -35.21 -34.92 66.46
C ALA RA 19 -35.51 -36.36 66.86
N THR RA 20 -35.01 -36.83 68.00
CA THR RA 20 -35.18 -38.21 68.42
C THR RA 20 -36.16 -38.37 69.57
N GLU RA 21 -36.91 -37.34 69.91
CA GLU RA 21 -37.86 -37.39 71.02
C GLU RA 21 -39.29 -37.43 70.49
N SER RA 22 -40.19 -37.93 71.34
CA SER RA 22 -41.59 -38.12 70.98
C SER RA 22 -42.44 -37.14 71.79
N ALA RA 23 -43.40 -36.51 71.11
CA ALA RA 23 -44.26 -35.55 71.78
C ALA RA 23 -45.40 -36.27 72.49
N ALA RA 24 -45.96 -35.61 73.50
CA ALA RA 24 -47.04 -36.23 74.27
C ALA RA 24 -47.99 -35.16 74.79
N ILE RA 25 -49.28 -35.49 74.78
CA ILE RA 25 -50.34 -34.67 75.38
C ILE RA 25 -51.09 -35.56 76.34
N GLN RA 26 -50.96 -35.30 77.63
CA GLN RA 26 -51.56 -36.14 78.67
C GLN RA 26 -52.62 -35.36 79.43
N GLY RA 27 -53.76 -36.01 79.67
CA GLY RA 27 -54.81 -35.42 80.47
C GLY RA 27 -55.26 -36.35 81.58
N THR RA 28 -55.21 -35.86 82.81
CA THR RA 28 -55.62 -36.63 83.97
C THR RA 28 -57.04 -36.22 84.37
N PHE RA 29 -57.90 -37.21 84.57
CA PHE RA 29 -59.29 -36.94 84.90
C PHE RA 29 -59.40 -36.31 86.29
N GLY RA 30 -60.58 -35.81 86.60
CA GLY RA 30 -60.83 -35.20 87.90
C GLY RA 30 -61.97 -34.22 87.82
N ASN RA 31 -62.09 -33.44 88.88
CA ASN RA 31 -63.12 -32.40 88.99
C ASN RA 31 -64.52 -32.98 88.85
N SER RA 32 -65.12 -32.83 87.67
CA SER RA 32 -66.47 -33.30 87.42
C SER RA 32 -66.51 -34.74 86.91
N ALA RA 33 -65.37 -35.41 86.80
CA ALA RA 33 -65.34 -36.77 86.33
C ALA RA 33 -65.88 -37.73 87.39
N ALA RA 34 -66.17 -38.95 86.96
CA ALA RA 34 -66.71 -39.96 87.86
C ALA RA 34 -65.65 -40.40 88.87
N ILE RA 35 -66.12 -40.92 90.00
CA ILE RA 35 -65.22 -41.35 91.07
C ILE RA 35 -64.37 -42.54 90.60
N LYS RA 36 -64.95 -43.43 89.80
CA LYS RA 36 -64.24 -44.63 89.38
C LYS RA 36 -63.01 -44.29 88.53
N ILE RA 37 -63.10 -43.23 87.73
CA ILE RA 37 -62.01 -42.85 86.83
C ILE RA 37 -61.40 -41.54 87.30
N LYS RA 38 -61.41 -41.31 88.61
CA LYS RA 38 -61.03 -40.00 89.14
C LYS RA 38 -59.60 -39.64 88.81
N ASN RA 39 -58.67 -40.60 88.90
CA ASN RA 39 -57.26 -40.30 88.75
C ASN RA 39 -56.61 -41.04 87.59
N GLN RA 40 -57.39 -41.47 86.60
CA GLN RA 40 -56.82 -42.10 85.43
C GLN RA 40 -56.33 -41.03 84.44
N THR RA 41 -55.62 -41.48 83.41
CA THR RA 41 -55.03 -40.58 82.42
C THR RA 41 -55.33 -41.07 81.01
N LEU RA 42 -55.38 -40.12 80.08
CA LEU RA 42 -55.49 -40.40 78.66
C LEU RA 42 -54.44 -39.59 77.92
N THR RA 43 -53.66 -40.25 77.06
CA THR RA 43 -52.52 -39.61 76.43
C THR RA 43 -52.53 -39.82 74.93
N TRP RA 44 -52.19 -38.76 74.20
CA TRP RA 44 -51.92 -38.81 72.78
C TRP RA 44 -50.41 -38.68 72.59
N THR RA 45 -49.78 -39.71 72.04
CA THR RA 45 -48.34 -39.72 71.84
C THR RA 45 -48.02 -39.66 70.35
N ARG RA 46 -46.98 -38.89 70.01
CA ARG RA 46 -46.54 -38.69 68.64
C ARG RA 46 -45.09 -39.13 68.52
N THR RA 47 -44.84 -40.13 67.67
CA THR RA 47 -43.51 -40.63 67.46
C THR RA 47 -42.67 -39.60 66.69
N PRO RA 48 -41.34 -39.71 66.75
CA PRO RA 48 -40.50 -38.78 65.99
C PRO RA 48 -40.77 -38.79 64.50
N GLU RA 49 -41.24 -39.92 63.95
CA GLU RA 49 -41.58 -39.98 62.54
C GLU RA 49 -42.83 -39.16 62.21
N GLY RA 50 -43.68 -38.89 63.21
CA GLY RA 50 -44.85 -38.07 62.99
C GLY RA 50 -46.16 -38.85 63.01
N ALA RA 51 -46.20 -39.94 63.76
CA ALA RA 51 -47.38 -40.78 63.86
C ALA RA 51 -48.03 -40.59 65.22
N TRP RA 52 -49.33 -40.28 65.23
CA TRP RA 52 -50.08 -40.05 66.44
C TRP RA 52 -50.84 -41.30 66.84
N SER RA 53 -50.94 -41.54 68.15
CA SER RA 53 -51.72 -42.65 68.67
C SER RA 53 -52.24 -42.29 70.05
N CYS RA 54 -53.27 -43.00 70.48
CA CYS RA 54 -53.93 -42.73 71.76
C CYS RA 54 -53.82 -43.93 72.68
N ALA RA 55 -53.75 -43.65 73.98
CA ALA RA 55 -53.70 -44.69 74.99
C ALA RA 55 -54.36 -44.16 76.25
N THR RA 56 -54.78 -45.07 77.12
CA THR RA 56 -55.42 -44.69 78.37
C THR RA 56 -55.29 -45.81 79.38
N THR RA 57 -55.31 -45.43 80.66
CA THR RA 57 -55.22 -46.38 81.76
C THR RA 57 -56.59 -46.76 82.32
N VAL RA 58 -57.68 -46.25 81.74
CA VAL RA 58 -59.00 -46.61 82.19
C VAL RA 58 -59.29 -48.07 81.85
N GLU RA 59 -60.19 -48.68 82.61
CA GLU RA 59 -60.57 -50.07 82.37
C GLU RA 59 -61.10 -50.26 80.95
N ALA RA 60 -61.02 -51.50 80.48
CA ALA RA 60 -61.41 -51.81 79.11
C ALA RA 60 -62.89 -51.59 78.85
N LYS RA 61 -63.73 -51.65 79.88
CA LYS RA 61 -65.17 -51.41 79.69
C LYS RA 61 -65.43 -50.00 79.20
N PHE RA 62 -64.73 -49.02 79.76
CA PHE RA 62 -64.94 -47.62 79.42
C PHE RA 62 -64.07 -47.14 78.27
N LYS RA 63 -63.18 -47.99 77.76
CA LYS RA 63 -62.30 -47.57 76.68
C LYS RA 63 -63.09 -47.44 75.37
N PRO RA 64 -63.00 -46.30 74.69
CA PRO RA 64 -63.58 -46.21 73.35
C PRO RA 64 -62.79 -47.04 72.35
N ALA RA 65 -63.43 -47.33 71.21
CA ALA RA 65 -62.81 -48.18 70.20
C ALA RA 65 -61.54 -47.57 69.63
N GLY RA 66 -61.38 -46.25 69.69
CA GLY RA 66 -60.21 -45.60 69.12
C GLY RA 66 -58.98 -45.59 69.98
N CYS RA 67 -59.10 -45.91 71.27
CA CYS RA 67 -57.96 -45.90 72.19
C CYS RA 67 -57.75 -47.26 72.87
N ALA RA 68 -58.28 -48.33 72.29
CA ALA RA 68 -58.09 -49.67 72.84
C ALA RA 68 -56.77 -50.21 72.32
N SER RA 69 -55.69 -49.68 72.87
CA SER RA 69 -54.34 -50.07 72.46
C SER RA 69 -53.43 -50.24 73.67
#